data_6MF0
#
_entry.id   6MF0
#
_cell.length_a   72.005
_cell.length_b   135.863
_cell.length_c   196.107
_cell.angle_alpha   90.000
_cell.angle_beta   90.151
_cell.angle_gamma   90.000
#
_symmetry.space_group_name_H-M   'P 1 21 1'
#
loop_
_entity.id
_entity.type
_entity.pdbx_description
1 polymer 'Coagulation factor VIII chimera'
2 branched alpha-D-mannopyranose-(1-3)-[alpha-D-mannopyranose-(1-6)]beta-D-mannopyranose-(1-4)-2-acetamido-2-deoxy-beta-D-glucopyranose-(1-4)-2-acetamido-2-deoxy-beta-D-glucopyranose
3 branched beta-D-mannopyranose-(1-4)-2-acetamido-2-deoxy-beta-D-glucopyranose-(1-4)-2-acetamido-2-deoxy-beta-D-glucopyranose
4 branched 2-acetamido-2-deoxy-beta-D-glucopyranose-(1-4)-alpha-D-mannopyranose-(1-6)-[alpha-D-mannopyranose-(1-3)]beta-D-mannopyranose-(1-4)-2-acetamido-2-deoxy-beta-D-glucopyranose-(1-4)-[alpha-L-fucopyranose-(1-6)]2-acetamido-2-deoxy-beta-D-glucopyranose
5 branched alpha-D-mannopyranose-(1-2)-alpha-D-mannopyranose-(1-3)-[alpha-D-mannopyranose-(1-6)]beta-D-mannopyranose-(1-4)-2-acetamido-2-deoxy-beta-D-glucopyranose-(1-4)-2-acetamido-2-deoxy-beta-D-glucopyranose
6 non-polymer 'CALCIUM ION'
7 non-polymer 'ZINC ION'
8 non-polymer 'COPPER (I) ION'
9 water water
#
_entity_poly.entity_id   1
_entity_poly.type   'polypeptide(L)'
_entity_poly.pdbx_seq_one_letter_code
;MQLELSTCVFLCLLPLGFSAIRRYYLGAVELSWDYRQSELLRELHVDTRFPATAPGALPLGPSVLYKKTVFVEFTDQLFS
VARPRPPWMGLLGPTIQAEVYDTVVVTLKNMASHPVSLHAVGVSFWKSSEGAEYEDHTSQREKEDDKVLPGKSQTYVWQV
LKENGPTASDPPCLTYSYLSHVDLVKDLNSGLIGALLVCREGSLTRERTQNLHEFVLLFAVFDEGKSWHSARNDSWTRAM
DPAPARAQPAMHTVNGYVNRSLPGLIGCHKKSVYWHVIGMGTSPEVHSIFLEGHTFLVRHHRQASLEISPLTFLTAQTFL
MDLGQFLLFCHISSHHHGGMEAHVRVESCAEEPQLRRKADEEEDYDDNLYDSDMDVVRLDGDDVSPFIQIRSVAKKHPKT
WVHYIAAEEEDWDYAPLVLAPDDRSYKSQYLNNGPQRIGRKYKKVRFMAYTDETFKTREAIQHESGILGPLLYGEVGDTL
LIIFKNQASRPYNIYPHGITDVRPLYSRRLPKGVKHLKDFPILPGEIFKYKWTVTVEDGPTKSDPRCLTRYYSSFVNMER
DLASGLIGPLLICYKESVDQRGNQIMSDKRNVILFSVFDENRSWYLTENIQRFLPNPAGVQLEDPEFQASNIMHSINGYV
FDSLQLSVCLHEVAYWYILSIGAQTDFLSVFFSGYTFKHKMVYEDTLTLFPFSGETVFMSMENPGLWILGCHNSDFRNRG
MTALLKVSSCDKNTGDYYEDSYEDISAYLLSKNNAIEPRSFAQNSRPPSASAPKPPVLRRHQRDISLPTFQPEEDKMDYD
DIFSTETKGEDFDIYGEDENQDPRSFQKRTRHYFIAAVEQLWDYGMSESPRALRNRAQNGEVPRFKKVVFREFADGSFTQ
PSYRGELNKHLGLLGPYIRAEVEDNIMVTFKNQASRPYSFYSSLISYPDDQEQGAEPRHNFVQPNETRTYFWKVQHHMAP
TEDEFDCKAWAYFSDVDLEKDVHSGLIGPLLICRANTLNAAHGRQVTVQEFALFFTIFDETKSWYFTENVERNCRAPCHL
QMEDPTLKENYRFHAINGYVMDTLPGLVMAQNQRIRWYLLSMGSNENIHSIHFSGHVFSVRKKEEYKMAVYNLYPGVFET
VEMLPSKVGIWRIECLIGEHLQAGMSTTFLVYSKKCQTPLGMASGHIRDFQITASGQYGQWAPKLARLHYSGSINAWSTK
EPFSWIKVDLLAPMIIHGIKTQGARQKFSSLYISQFIIMYSLDGKKWQTYRGNSTGTLMVFFGNVDSSGIKHNIFNPPII
ARYIRLHPTHYSIRSTLRMELMGCDLNSCSMPLGMESKAISDAQITASSYFTNMFATWSPSKARLHLQGRSNAWRPQVNN
PKEWLQVDFQKTMKVTGVTTQGVKSLLTSMYVKEFLISSSQDGHQWTLFFQNGKVKVFQGNQDSFTPVVNSLDPPLLTRY
LRIHPQSWVHQIALRMEVLGCEAQDLY
;
_entity_poly.pdbx_strand_id   A,B
#
loop_
_chem_comp.id
_chem_comp.type
_chem_comp.name
_chem_comp.formula
BMA D-saccharide, beta linking beta-D-mannopyranose 'C6 H12 O6'
CA non-polymer 'CALCIUM ION' 'Ca 2'
CU1 non-polymer 'COPPER (I) ION' 'Cu 1'
FUC L-saccharide, alpha linking alpha-L-fucopyranose 'C6 H12 O5'
MAN D-saccharide, alpha linking alpha-D-mannopyranose 'C6 H12 O6'
NAG D-saccharide, beta linking 2-acetamido-2-deoxy-beta-D-glucopyranose 'C8 H15 N O6'
ZN non-polymer 'ZINC ION' 'Zn 2'
#
# COMPACT_ATOMS: atom_id res chain seq x y z
N ALA A 20 -31.71 -23.08 -17.01
CA ALA A 20 -30.80 -23.97 -16.30
C ALA A 20 -30.25 -25.05 -17.22
N ILE A 21 -30.11 -24.72 -18.50
CA ILE A 21 -29.37 -25.54 -19.47
C ILE A 21 -28.20 -24.70 -19.96
N ARG A 22 -27.02 -24.93 -19.39
CA ARG A 22 -25.85 -24.16 -19.75
C ARG A 22 -25.14 -24.81 -20.92
N ARG A 23 -24.94 -24.06 -22.00
CA ARG A 23 -24.40 -24.58 -23.26
C ARG A 23 -22.96 -24.14 -23.42
N TYR A 24 -22.08 -25.09 -23.75
CA TYR A 24 -20.68 -24.77 -23.89
C TYR A 24 -20.13 -25.40 -25.16
N TYR A 25 -19.28 -24.66 -25.85
CA TYR A 25 -18.80 -25.03 -27.17
C TYR A 25 -17.28 -25.08 -27.14
N LEU A 26 -16.74 -26.05 -26.42
CA LEU A 26 -15.31 -26.28 -26.43
C LEU A 26 -14.88 -26.90 -27.74
N GLY A 27 -13.60 -26.71 -28.05
CA GLY A 27 -12.92 -27.43 -29.12
C GLY A 27 -11.46 -27.65 -28.81
N ALA A 28 -10.92 -28.83 -29.14
CA ALA A 28 -9.53 -29.14 -28.83
C ALA A 28 -8.65 -28.58 -29.94
N VAL A 29 -7.89 -27.55 -29.62
CA VAL A 29 -7.09 -26.78 -30.57
C VAL A 29 -5.63 -27.02 -30.26
N GLU A 30 -4.82 -27.09 -31.30
CA GLU A 30 -3.39 -27.18 -31.10
C GLU A 30 -2.78 -25.79 -31.17
N LEU A 31 -1.75 -25.57 -30.39
CA LEU A 31 -1.05 -24.30 -30.56
C LEU A 31 0.38 -24.43 -30.09
N SER A 32 1.15 -23.42 -30.43
CA SER A 32 2.52 -23.28 -30.00
C SER A 32 2.56 -22.61 -28.63
N TRP A 33 3.47 -23.05 -27.80
CA TRP A 33 3.56 -22.53 -26.46
C TRP A 33 5.01 -22.59 -26.03
N ASP A 34 5.52 -21.49 -25.52
CA ASP A 34 6.85 -21.45 -24.96
C ASP A 34 6.83 -21.30 -23.46
N TYR A 35 5.63 -21.12 -22.88
CA TYR A 35 5.36 -21.04 -21.46
C TYR A 35 5.56 -19.62 -20.94
N ARG A 36 6.62 -18.94 -21.34
CA ARG A 36 6.78 -17.58 -20.82
C ARG A 36 6.06 -16.55 -21.66
N GLN A 37 6.14 -16.64 -22.99
CA GLN A 37 5.44 -15.67 -23.83
C GLN A 37 3.93 -15.82 -23.71
N SER A 38 3.33 -15.07 -22.80
CA SER A 38 1.90 -14.79 -22.94
C SER A 38 1.63 -14.32 -24.35
N GLU A 39 0.39 -14.48 -24.81
CA GLU A 39 -0.12 -13.90 -26.05
C GLU A 39 0.27 -14.70 -27.30
N LEU A 40 0.98 -15.83 -27.17
CA LEU A 40 0.91 -16.87 -28.18
C LEU A 40 -0.49 -17.45 -28.28
N LEU A 41 -1.31 -17.17 -27.28
CA LEU A 41 -2.73 -17.46 -27.24
C LEU A 41 -3.54 -16.52 -28.09
N ARG A 42 -2.93 -15.76 -28.97
CA ARG A 42 -3.73 -14.97 -29.87
C ARG A 42 -4.29 -15.80 -31.02
N GLU A 43 -4.12 -17.12 -31.00
CA GLU A 43 -5.08 -18.00 -31.68
C GLU A 43 -6.47 -17.49 -31.31
N LEU A 44 -7.19 -16.98 -32.31
CA LEU A 44 -8.16 -15.90 -32.19
C LEU A 44 -7.86 -14.92 -33.33
N HIS A 45 -6.60 -14.88 -33.74
CA HIS A 45 -6.06 -13.84 -34.62
C HIS A 45 -4.73 -14.35 -35.18
N VAL A 46 -4.64 -14.49 -36.51
CA VAL A 46 -3.42 -15.01 -37.12
C VAL A 46 -2.26 -14.05 -36.86
N ASP A 47 -1.69 -14.12 -35.66
CA ASP A 47 -0.54 -13.29 -35.33
C ASP A 47 0.66 -13.83 -36.12
N THR A 48 0.76 -13.37 -37.37
CA THR A 48 1.76 -13.87 -38.30
C THR A 48 3.03 -13.05 -38.13
N ARG A 49 4.10 -13.72 -37.70
CA ARG A 49 5.38 -13.06 -37.46
C ARG A 49 6.21 -13.07 -38.74
N PHE A 50 6.90 -11.96 -38.99
CA PHE A 50 7.53 -11.65 -40.26
C PHE A 50 9.04 -11.81 -40.27
N PRO A 51 9.80 -11.13 -39.37
CA PRO A 51 11.20 -10.77 -39.67
C PRO A 51 12.10 -11.88 -40.18
N ALA A 52 12.87 -12.47 -39.26
CA ALA A 52 13.50 -13.75 -39.49
C ALA A 52 12.94 -14.84 -38.59
N THR A 53 12.20 -14.46 -37.55
CA THR A 53 11.50 -15.34 -36.62
C THR A 53 12.46 -16.22 -35.82
N ALA A 54 12.26 -16.30 -34.51
CA ALA A 54 12.93 -17.27 -33.65
C ALA A 54 11.89 -18.17 -32.98
N PRO A 55 11.15 -19.01 -33.75
CA PRO A 55 10.32 -20.02 -33.11
C PRO A 55 10.39 -21.37 -33.83
N GLY A 56 9.21 -21.91 -34.16
CA GLY A 56 9.09 -23.21 -34.80
C GLY A 56 8.42 -24.22 -33.90
N ALA A 57 7.20 -24.62 -34.22
CA ALA A 57 6.43 -25.52 -33.36
C ALA A 57 7.12 -26.87 -33.17
N LEU A 58 8.33 -26.85 -32.59
CA LEU A 58 9.10 -28.04 -32.25
C LEU A 58 10.07 -27.68 -31.11
N PRO A 59 11.41 -27.44 -31.31
CA PRO A 59 12.09 -26.49 -30.40
C PRO A 59 12.78 -25.35 -31.13
N LEU A 60 13.74 -24.69 -30.46
CA LEU A 60 14.58 -23.66 -31.07
C LEU A 60 15.82 -23.33 -30.24
N GLY A 61 15.66 -22.53 -29.18
CA GLY A 61 16.78 -22.09 -28.38
C GLY A 61 16.58 -20.68 -27.86
N PRO A 62 16.60 -19.69 -28.77
CA PRO A 62 16.16 -18.34 -28.39
C PRO A 62 14.66 -18.23 -28.14
N SER A 63 14.13 -19.09 -27.24
CA SER A 63 12.84 -19.00 -26.53
C SER A 63 12.08 -20.33 -26.52
N VAL A 64 12.47 -21.28 -27.36
CA VAL A 64 11.81 -22.57 -27.59
C VAL A 64 10.35 -22.37 -27.96
N LEU A 65 9.65 -23.46 -28.29
CA LEU A 65 8.24 -23.37 -28.67
C LEU A 65 7.67 -24.78 -28.73
N TYR A 66 6.72 -25.10 -27.87
CA TYR A 66 6.25 -26.47 -27.72
C TYR A 66 4.90 -26.68 -28.38
N LYS A 67 4.64 -27.94 -28.77
CA LYS A 67 3.34 -28.31 -29.30
C LYS A 67 2.40 -28.61 -28.14
N LYS A 68 1.31 -27.87 -28.10
CA LYS A 68 0.33 -27.99 -27.04
C LYS A 68 -1.03 -28.03 -27.69
N THR A 69 -1.89 -28.80 -27.05
CA THR A 69 -3.30 -28.91 -27.40
C THR A 69 -4.09 -28.57 -26.15
N VAL A 70 -4.91 -27.54 -26.22
CA VAL A 70 -5.62 -27.01 -25.07
C VAL A 70 -7.10 -26.94 -25.40
N PHE A 71 -7.90 -26.64 -24.39
CA PHE A 71 -9.33 -26.47 -24.60
C PHE A 71 -9.61 -25.01 -24.87
N VAL A 72 -10.39 -24.74 -25.90
CA VAL A 72 -10.79 -23.37 -26.17
C VAL A 72 -12.29 -23.32 -26.36
N GLU A 73 -12.87 -22.16 -26.03
CA GLU A 73 -14.29 -21.92 -26.15
C GLU A 73 -14.62 -21.30 -27.50
N PHE A 74 -15.92 -21.12 -27.74
CA PHE A 74 -16.39 -20.60 -29.02
C PHE A 74 -17.72 -19.90 -28.79
N THR A 75 -18.09 -19.09 -29.77
CA THR A 75 -19.30 -18.31 -29.65
C THR A 75 -20.55 -19.15 -29.92
N ASP A 76 -20.41 -20.17 -30.76
CA ASP A 76 -21.56 -20.77 -31.41
C ASP A 76 -21.32 -22.25 -31.59
N GLN A 77 -22.39 -22.94 -31.99
CA GLN A 77 -22.43 -24.34 -32.39
C GLN A 77 -21.86 -24.57 -33.73
N LEU A 78 -21.29 -23.53 -34.34
CA LEU A 78 -20.59 -23.68 -35.61
C LEU A 78 -19.14 -23.22 -35.54
N PHE A 79 -18.60 -23.04 -34.34
CA PHE A 79 -17.16 -23.03 -34.11
C PHE A 79 -16.42 -22.06 -35.02
N SER A 80 -17.11 -21.02 -35.49
CA SER A 80 -16.46 -20.03 -36.35
C SER A 80 -15.52 -19.15 -35.57
N VAL A 81 -15.98 -18.59 -34.44
CA VAL A 81 -15.29 -17.51 -33.74
C VAL A 81 -15.00 -17.95 -32.31
N ALA A 82 -13.72 -17.97 -31.95
CA ALA A 82 -13.30 -18.31 -30.59
C ALA A 82 -13.53 -17.14 -29.64
N ARG A 83 -13.75 -17.47 -28.38
CA ARG A 83 -13.95 -16.49 -27.34
C ARG A 83 -12.69 -15.67 -27.12
N PRO A 84 -12.78 -14.53 -26.44
CA PRO A 84 -11.59 -13.92 -25.83
C PRO A 84 -11.20 -14.65 -24.55
N ARG A 85 -9.92 -15.08 -24.46
CA ARG A 85 -9.57 -15.69 -23.18
C ARG A 85 -8.68 -14.73 -22.37
N PRO A 86 -8.80 -14.71 -21.04
CA PRO A 86 -8.14 -13.69 -20.23
C PRO A 86 -6.63 -13.77 -20.33
N PRO A 87 -5.91 -12.76 -19.83
CA PRO A 87 -4.46 -12.93 -19.73
C PRO A 87 -4.11 -14.11 -18.85
N TRP A 88 -4.77 -14.23 -17.70
CA TRP A 88 -4.34 -15.08 -16.60
C TRP A 88 -4.64 -16.56 -16.79
N MET A 89 -5.60 -16.93 -17.63
CA MET A 89 -5.96 -18.34 -17.72
C MET A 89 -4.87 -19.19 -18.36
N GLY A 90 -4.05 -18.61 -19.23
CA GLY A 90 -3.01 -19.39 -19.87
C GLY A 90 -3.55 -20.54 -20.68
N LEU A 91 -3.07 -21.73 -20.36
CA LEU A 91 -3.42 -22.93 -21.09
C LEU A 91 -4.82 -23.37 -20.68
N LEU A 92 -5.30 -22.93 -19.52
CA LEU A 92 -6.49 -23.48 -18.89
C LEU A 92 -7.70 -23.41 -19.80
N GLY A 93 -8.45 -24.50 -19.86
CA GLY A 93 -9.67 -24.53 -20.61
C GLY A 93 -10.68 -23.55 -20.07
N PRO A 94 -11.72 -23.28 -20.84
CA PRO A 94 -12.80 -22.44 -20.33
C PRO A 94 -13.36 -23.00 -19.05
N THR A 95 -13.59 -22.13 -18.08
CA THR A 95 -14.23 -22.54 -16.86
C THR A 95 -15.72 -22.77 -17.12
N ILE A 96 -16.22 -23.94 -16.73
CA ILE A 96 -17.64 -24.27 -16.85
C ILE A 96 -18.28 -24.16 -15.48
N GLN A 97 -19.39 -23.44 -15.41
CA GLN A 97 -20.11 -23.20 -14.17
C GLN A 97 -21.53 -23.71 -14.28
N ALA A 98 -22.05 -24.21 -13.16
CA ALA A 98 -23.41 -24.70 -13.11
C ALA A 98 -23.87 -24.72 -11.66
N GLU A 99 -25.14 -24.37 -11.44
CA GLU A 99 -25.72 -24.56 -10.12
C GLU A 99 -26.29 -25.96 -10.01
N VAL A 100 -26.68 -26.33 -8.78
CA VAL A 100 -27.47 -27.53 -8.57
C VAL A 100 -28.74 -27.46 -9.42
N TYR A 101 -29.06 -28.57 -10.06
CA TYR A 101 -30.27 -28.82 -10.84
C TYR A 101 -30.20 -28.26 -12.24
N ASP A 102 -29.16 -27.54 -12.62
CA ASP A 102 -29.04 -27.13 -14.01
C ASP A 102 -28.69 -28.35 -14.83
N THR A 103 -28.40 -28.13 -16.10
CA THR A 103 -27.80 -29.15 -16.93
C THR A 103 -26.78 -28.48 -17.82
N VAL A 104 -25.62 -29.04 -17.87
CA VAL A 104 -24.62 -28.60 -18.82
C VAL A 104 -24.78 -29.40 -20.10
N VAL A 105 -24.59 -28.75 -21.23
CA VAL A 105 -24.58 -29.42 -22.52
C VAL A 105 -23.38 -28.87 -23.25
N VAL A 106 -22.28 -29.56 -23.17
CA VAL A 106 -21.06 -29.18 -23.86
C VAL A 106 -21.08 -29.84 -25.22
N THR A 107 -20.60 -29.11 -26.22
CA THR A 107 -20.30 -29.70 -27.52
C THR A 107 -18.81 -29.53 -27.74
N LEU A 108 -18.10 -30.64 -27.78
CA LEU A 108 -16.67 -30.65 -28.06
C LEU A 108 -16.49 -30.93 -29.54
N LYS A 109 -15.54 -30.25 -30.17
CA LYS A 109 -15.23 -30.45 -31.57
C LYS A 109 -13.73 -30.63 -31.68
N ASN A 110 -13.29 -31.80 -32.10
CA ASN A 110 -11.88 -32.09 -32.04
C ASN A 110 -11.21 -31.57 -33.29
N MET A 111 -10.22 -30.71 -33.09
CA MET A 111 -9.47 -30.09 -34.16
C MET A 111 -8.00 -30.28 -33.95
N ALA A 112 -7.61 -31.50 -33.61
CA ALA A 112 -6.25 -31.76 -33.20
C ALA A 112 -5.72 -32.99 -33.89
N SER A 113 -4.40 -33.13 -33.85
CA SER A 113 -3.74 -34.36 -34.25
C SER A 113 -4.47 -35.56 -33.69
N HIS A 114 -4.53 -35.65 -32.38
CA HIS A 114 -4.91 -36.83 -31.63
C HIS A 114 -6.36 -36.75 -31.19
N PRO A 115 -6.91 -37.86 -30.70
CA PRO A 115 -8.28 -37.83 -30.19
C PRO A 115 -8.33 -37.29 -28.77
N VAL A 116 -9.52 -36.84 -28.40
CA VAL A 116 -9.75 -36.24 -27.09
C VAL A 116 -11.17 -36.55 -26.67
N SER A 117 -11.35 -36.78 -25.38
CA SER A 117 -12.65 -36.90 -24.75
C SER A 117 -12.86 -35.74 -23.80
N LEU A 118 -14.03 -35.71 -23.18
CA LEU A 118 -14.40 -34.69 -22.20
C LEU A 118 -14.95 -35.42 -20.99
N HIS A 119 -14.13 -35.59 -19.98
CA HIS A 119 -14.50 -36.32 -18.78
C HIS A 119 -14.64 -35.35 -17.63
N ALA A 120 -15.86 -35.13 -17.15
CA ALA A 120 -16.07 -34.17 -16.08
C ALA A 120 -15.92 -34.84 -14.71
N VAL A 121 -15.49 -34.07 -13.74
CA VAL A 121 -15.31 -34.55 -12.38
C VAL A 121 -16.33 -33.87 -11.50
N GLY A 122 -16.99 -34.64 -10.65
CA GLY A 122 -17.88 -34.02 -9.69
C GLY A 122 -19.22 -33.56 -10.19
N VAL A 123 -19.65 -34.03 -11.36
CA VAL A 123 -21.04 -33.93 -11.82
C VAL A 123 -21.53 -35.32 -12.16
N SER A 124 -22.79 -35.48 -12.53
CA SER A 124 -23.30 -36.79 -12.95
C SER A 124 -23.52 -36.81 -14.44
N PHE A 125 -23.26 -37.97 -15.06
CA PHE A 125 -23.51 -38.15 -16.48
C PHE A 125 -23.96 -39.57 -16.75
N TRP A 126 -24.29 -39.85 -18.01
CA TRP A 126 -25.14 -40.98 -18.33
C TRP A 126 -24.42 -42.15 -18.99
N LYS A 127 -23.09 -42.10 -19.12
CA LYS A 127 -22.27 -43.11 -19.79
C LYS A 127 -22.23 -42.88 -21.28
N SER A 128 -23.26 -42.21 -21.80
CA SER A 128 -23.24 -41.61 -23.12
C SER A 128 -22.40 -40.36 -23.16
N SER A 129 -21.91 -39.97 -21.99
CA SER A 129 -21.42 -38.64 -21.70
C SER A 129 -20.23 -38.72 -20.77
N GLU A 130 -19.77 -39.92 -20.46
CA GLU A 130 -18.73 -40.12 -19.48
C GLU A 130 -17.34 -39.79 -20.01
N GLY A 131 -17.21 -39.66 -21.32
CA GLY A 131 -15.95 -39.36 -21.95
C GLY A 131 -14.79 -40.22 -21.48
N ALA A 132 -15.04 -41.46 -21.06
CA ALA A 132 -13.97 -42.40 -20.74
C ALA A 132 -14.33 -43.78 -21.28
N GLU A 133 -13.32 -44.55 -21.67
CA GLU A 133 -13.51 -45.88 -22.24
C GLU A 133 -12.84 -46.96 -21.41
N TYR A 134 -13.57 -48.03 -21.12
CA TYR A 134 -13.02 -49.19 -20.43
C TYR A 134 -14.06 -50.30 -20.52
N GLU A 135 -13.75 -51.45 -19.93
CA GLU A 135 -14.64 -52.62 -20.08
C GLU A 135 -15.93 -52.39 -19.30
N ASP A 136 -16.83 -51.59 -19.90
CA ASP A 136 -18.02 -51.12 -19.18
C ASP A 136 -19.32 -51.78 -19.62
N HIS A 137 -19.28 -52.71 -20.58
CA HIS A 137 -20.45 -53.45 -21.10
C HIS A 137 -21.48 -52.53 -21.72
N THR A 138 -20.96 -51.59 -22.51
CA THR A 138 -21.65 -50.39 -22.93
C THR A 138 -21.84 -50.46 -24.44
N SER A 139 -23.07 -50.20 -24.89
CA SER A 139 -23.35 -50.09 -26.31
C SER A 139 -22.35 -49.17 -26.99
N GLN A 140 -21.99 -49.50 -28.24
CA GLN A 140 -21.02 -48.69 -28.97
C GLN A 140 -21.52 -47.26 -29.15
N ARG A 141 -22.83 -47.06 -29.25
CA ARG A 141 -23.36 -45.70 -29.27
C ARG A 141 -22.99 -44.97 -27.98
N GLU A 142 -23.18 -45.62 -26.83
CA GLU A 142 -22.70 -45.05 -25.57
C GLU A 142 -21.19 -45.08 -25.45
N LYS A 143 -20.45 -45.46 -26.48
CA LYS A 143 -19.00 -45.37 -26.47
C LYS A 143 -18.46 -44.33 -27.42
N GLU A 144 -19.33 -43.57 -28.09
CA GLU A 144 -18.83 -42.46 -28.89
C GLU A 144 -18.16 -41.44 -28.00
N ASP A 145 -18.83 -41.04 -26.93
CA ASP A 145 -18.25 -40.14 -25.95
C ASP A 145 -16.85 -40.55 -25.56
N ASP A 146 -16.58 -41.84 -25.50
CA ASP A 146 -15.33 -42.30 -24.91
C ASP A 146 -14.11 -41.81 -25.66
N LYS A 147 -14.24 -41.52 -26.96
CA LYS A 147 -13.13 -41.03 -27.77
C LYS A 147 -13.70 -40.28 -28.96
N VAL A 148 -13.31 -39.02 -29.11
CA VAL A 148 -13.75 -38.19 -30.23
C VAL A 148 -12.55 -37.97 -31.13
N LEU A 149 -12.68 -38.40 -32.38
CA LEU A 149 -11.60 -38.38 -33.33
C LEU A 149 -11.53 -37.03 -34.02
N PRO A 150 -10.40 -36.71 -34.63
CA PRO A 150 -10.26 -35.45 -35.37
C PRO A 150 -11.39 -35.24 -36.37
N GLY A 151 -11.90 -34.01 -36.42
CA GLY A 151 -13.23 -33.79 -36.96
C GLY A 151 -14.25 -34.24 -35.94
N LYS A 152 -15.41 -34.69 -36.42
CA LYS A 152 -16.43 -35.21 -35.51
C LYS A 152 -16.79 -34.21 -34.41
N SER A 153 -17.56 -34.64 -33.44
CA SER A 153 -18.00 -33.67 -32.46
C SER A 153 -18.23 -34.36 -31.11
N GLN A 154 -19.48 -34.74 -30.85
CA GLN A 154 -19.97 -35.24 -29.57
C GLN A 154 -20.42 -34.07 -28.72
N THR A 155 -21.73 -34.00 -28.53
CA THR A 155 -22.31 -33.31 -27.40
C THR A 155 -22.17 -34.23 -26.20
N TYR A 156 -22.22 -33.65 -25.00
CA TYR A 156 -21.94 -34.45 -23.80
C TYR A 156 -23.08 -34.47 -22.78
N VAL A 157 -23.55 -33.35 -22.26
CA VAL A 157 -24.62 -33.33 -21.26
C VAL A 157 -24.16 -33.89 -19.92
N TRP A 158 -24.20 -33.02 -18.90
CA TRP A 158 -23.85 -33.29 -17.53
C TRP A 158 -25.02 -32.85 -16.65
N GLN A 159 -25.11 -33.40 -15.46
CA GLN A 159 -26.40 -33.40 -14.78
C GLN A 159 -26.50 -32.49 -13.57
N VAL A 160 -25.46 -32.39 -12.74
CA VAL A 160 -25.43 -31.65 -11.47
C VAL A 160 -26.69 -31.89 -10.64
N LEU A 161 -26.79 -33.08 -10.04
CA LEU A 161 -27.91 -33.41 -9.20
C LEU A 161 -27.70 -32.85 -7.79
N LYS A 162 -28.70 -33.04 -6.93
CA LYS A 162 -28.59 -32.55 -5.57
C LYS A 162 -27.41 -33.16 -4.85
N GLU A 163 -27.21 -34.48 -4.98
CA GLU A 163 -26.02 -35.02 -4.34
C GLU A 163 -24.72 -34.53 -4.97
N ASN A 164 -24.78 -33.75 -6.05
CA ASN A 164 -23.56 -33.25 -6.68
C ASN A 164 -23.07 -31.95 -6.10
N GLY A 165 -23.97 -31.18 -5.49
CA GLY A 165 -23.70 -29.84 -5.07
C GLY A 165 -23.12 -29.73 -3.69
N PRO A 166 -22.81 -28.51 -3.27
CA PRO A 166 -22.05 -28.32 -2.05
C PRO A 166 -22.93 -28.48 -0.82
N THR A 167 -22.28 -28.69 0.30
CA THR A 167 -22.93 -28.80 1.59
C THR A 167 -23.07 -27.41 2.21
N ALA A 168 -23.55 -27.35 3.45
CA ALA A 168 -23.65 -26.05 4.12
C ALA A 168 -22.28 -25.45 4.36
N SER A 169 -21.31 -26.27 4.77
CA SER A 169 -19.98 -25.79 5.08
C SER A 169 -19.14 -25.49 3.86
N ASP A 170 -19.53 -26.01 2.70
CA ASP A 170 -18.69 -25.89 1.52
C ASP A 170 -18.70 -24.45 1.01
N PRO A 171 -17.70 -24.08 0.22
CA PRO A 171 -17.71 -22.80 -0.48
C PRO A 171 -19.02 -22.60 -1.22
N PRO A 172 -19.35 -21.39 -1.63
CA PRO A 172 -20.56 -21.23 -2.43
C PRO A 172 -20.48 -21.94 -3.78
N CYS A 173 -19.32 -22.51 -4.09
CA CYS A 173 -19.05 -23.02 -5.43
C CYS A 173 -17.80 -23.90 -5.42
N LEU A 174 -17.99 -25.20 -5.60
CA LEU A 174 -16.92 -26.19 -5.46
C LEU A 174 -16.01 -26.16 -6.67
N THR A 175 -14.73 -26.41 -6.43
CA THR A 175 -13.71 -26.37 -7.47
C THR A 175 -13.43 -27.78 -7.93
N TYR A 176 -13.84 -28.07 -9.15
CA TYR A 176 -13.65 -29.34 -9.81
C TYR A 176 -12.98 -29.08 -11.14
N SER A 177 -12.83 -30.10 -11.97
CA SER A 177 -12.22 -29.89 -13.25
C SER A 177 -12.77 -30.89 -14.26
N TYR A 178 -12.33 -30.73 -15.49
CA TYR A 178 -12.65 -31.66 -16.54
C TYR A 178 -11.43 -31.73 -17.44
N LEU A 179 -11.29 -32.83 -18.15
CA LEU A 179 -10.11 -33.06 -18.94
C LEU A 179 -10.44 -34.01 -20.09
N SER A 180 -9.52 -34.09 -21.04
CA SER A 180 -9.49 -35.18 -21.98
C SER A 180 -9.05 -36.44 -21.25
N HIS A 181 -9.75 -37.53 -21.50
CA HIS A 181 -9.51 -38.75 -20.75
C HIS A 181 -9.20 -39.91 -21.68
N VAL A 182 -8.56 -39.64 -22.81
CA VAL A 182 -8.17 -40.73 -23.67
C VAL A 182 -6.78 -41.23 -23.32
N ASP A 183 -5.85 -40.35 -23.02
CA ASP A 183 -4.58 -40.85 -22.51
C ASP A 183 -4.08 -39.81 -21.51
N LEU A 184 -4.56 -39.95 -20.27
CA LEU A 184 -4.22 -39.06 -19.18
C LEU A 184 -2.78 -38.59 -19.24
N VAL A 185 -1.82 -39.51 -19.26
CA VAL A 185 -0.42 -39.09 -19.31
C VAL A 185 -0.23 -38.11 -20.46
N LYS A 186 -0.66 -38.50 -21.66
CA LYS A 186 -0.58 -37.60 -22.80
C LYS A 186 -1.45 -36.36 -22.59
N ASP A 187 -2.74 -36.57 -22.32
CA ASP A 187 -3.72 -35.49 -22.38
C ASP A 187 -3.44 -34.39 -21.38
N LEU A 188 -3.25 -34.74 -20.11
CA LEU A 188 -2.87 -33.72 -19.14
C LEU A 188 -1.57 -33.05 -19.56
N ASN A 189 -0.55 -33.85 -19.85
CA ASN A 189 0.75 -33.25 -20.15
C ASN A 189 0.76 -32.41 -21.40
N SER A 190 -0.36 -32.26 -22.07
CA SER A 190 -0.41 -31.50 -23.30
C SER A 190 -1.32 -30.29 -23.23
N GLY A 191 -2.18 -30.19 -22.21
CA GLY A 191 -2.88 -28.96 -21.91
C GLY A 191 -4.38 -29.09 -21.89
N LEU A 192 -4.86 -30.33 -21.86
CA LEU A 192 -6.29 -30.60 -21.87
C LEU A 192 -6.76 -30.74 -20.43
N ILE A 193 -7.17 -29.62 -19.86
CA ILE A 193 -7.66 -29.53 -18.49
C ILE A 193 -8.29 -28.16 -18.29
N GLY A 194 -9.58 -28.12 -17.93
CA GLY A 194 -10.24 -26.89 -17.60
C GLY A 194 -10.97 -27.01 -16.27
N ALA A 195 -11.49 -25.89 -15.80
CA ALA A 195 -12.12 -25.83 -14.49
C ALA A 195 -13.60 -26.17 -14.57
N LEU A 196 -14.09 -26.83 -13.54
CA LEU A 196 -15.50 -27.15 -13.43
C LEU A 196 -15.98 -26.61 -12.10
N LEU A 197 -16.95 -25.71 -12.13
CA LEU A 197 -17.43 -25.06 -10.93
C LEU A 197 -18.88 -25.45 -10.69
N VAL A 198 -19.11 -26.15 -9.60
CA VAL A 198 -20.43 -26.71 -9.29
C VAL A 198 -20.92 -25.99 -8.04
N CYS A 199 -21.73 -24.96 -8.22
CA CYS A 199 -22.18 -24.13 -7.12
C CYS A 199 -23.59 -24.53 -6.71
N ARG A 200 -23.93 -24.27 -5.45
CA ARG A 200 -25.30 -24.40 -4.99
C ARG A 200 -26.15 -23.28 -5.55
N GLU A 201 -27.45 -23.53 -5.63
CA GLU A 201 -28.41 -22.77 -6.43
C GLU A 201 -28.52 -21.31 -6.00
N GLY A 202 -28.04 -20.39 -6.84
CA GLY A 202 -27.65 -19.05 -6.48
C GLY A 202 -26.27 -18.72 -7.03
N SER A 203 -26.03 -19.12 -8.29
CA SER A 203 -24.89 -18.65 -9.08
C SER A 203 -25.21 -17.32 -9.75
N LEU A 204 -25.95 -16.46 -9.07
CA LEU A 204 -26.45 -15.23 -9.67
C LEU A 204 -26.78 -14.19 -8.61
N THR A 205 -26.09 -14.24 -7.47
CA THR A 205 -26.27 -13.26 -6.42
C THR A 205 -25.24 -12.14 -6.58
N ARG A 206 -25.69 -10.90 -6.40
CA ARG A 206 -24.81 -9.76 -6.65
C ARG A 206 -23.66 -9.77 -5.67
N GLU A 207 -22.61 -10.52 -5.99
CA GLU A 207 -21.41 -10.38 -5.19
C GLU A 207 -20.87 -8.97 -5.38
N ARG A 208 -20.42 -8.36 -4.28
CA ARG A 208 -19.73 -7.08 -4.38
C ARG A 208 -18.53 -7.25 -5.30
N THR A 209 -18.74 -7.11 -6.61
CA THR A 209 -17.72 -7.47 -7.59
C THR A 209 -16.53 -6.49 -7.67
N GLN A 210 -16.15 -5.97 -6.51
CA GLN A 210 -14.82 -5.49 -6.19
C GLN A 210 -13.86 -6.37 -5.49
N ASN A 211 -14.30 -7.05 -4.49
CA ASN A 211 -13.57 -8.13 -4.03
C ASN A 211 -13.62 -9.27 -5.03
N LEU A 212 -13.73 -10.49 -4.49
CA LEU A 212 -13.94 -11.69 -5.28
C LEU A 212 -12.92 -11.84 -6.39
N HIS A 213 -13.14 -11.14 -7.51
CA HIS A 213 -12.26 -11.26 -8.66
C HIS A 213 -12.14 -12.73 -9.08
N GLU A 214 -11.60 -13.57 -8.20
CA GLU A 214 -11.58 -15.03 -8.37
C GLU A 214 -10.73 -15.45 -9.56
N PHE A 215 -9.78 -16.33 -9.33
CA PHE A 215 -8.85 -16.72 -10.37
C PHE A 215 -8.61 -18.22 -10.26
N VAL A 216 -9.00 -18.97 -11.28
CA VAL A 216 -8.60 -20.37 -11.32
C VAL A 216 -7.08 -20.44 -11.32
N LEU A 217 -6.52 -21.33 -10.51
CA LEU A 217 -5.07 -21.43 -10.31
C LEU A 217 -4.56 -22.82 -10.63
N LEU A 218 -4.44 -23.14 -11.91
CA LEU A 218 -3.86 -24.44 -12.25
C LEU A 218 -2.41 -24.48 -11.79
N PHE A 219 -2.07 -25.50 -11.02
CA PHE A 219 -0.70 -25.71 -10.57
C PHE A 219 -0.15 -26.97 -11.22
N ALA A 220 0.03 -26.90 -12.53
CA ALA A 220 0.29 -28.06 -13.37
C ALA A 220 1.76 -28.18 -13.70
N VAL A 221 2.35 -29.32 -13.39
CA VAL A 221 3.57 -29.77 -14.01
C VAL A 221 3.22 -30.36 -15.38
N PHE A 222 3.96 -29.96 -16.41
CA PHE A 222 3.81 -30.55 -17.74
C PHE A 222 5.08 -31.27 -18.13
N ASP A 223 4.95 -32.52 -18.54
CA ASP A 223 6.10 -33.32 -18.99
C ASP A 223 6.07 -33.35 -20.52
N GLU A 224 6.61 -32.30 -21.13
CA GLU A 224 6.68 -32.22 -22.58
C GLU A 224 7.45 -33.37 -23.19
N GLY A 225 8.19 -34.13 -22.40
CA GLY A 225 8.87 -35.31 -22.86
C GLY A 225 8.00 -36.53 -22.74
N LYS A 226 6.71 -36.33 -22.98
CA LYS A 226 5.66 -37.34 -22.97
C LYS A 226 4.30 -36.66 -22.96
N SER A 227 4.13 -35.63 -23.76
CA SER A 227 2.79 -35.25 -24.13
C SER A 227 2.51 -36.00 -25.42
N TRP A 228 1.29 -35.85 -25.94
CA TRP A 228 0.98 -36.41 -27.26
C TRP A 228 2.13 -36.14 -28.19
N HIS A 229 2.29 -34.88 -28.57
CA HIS A 229 3.43 -34.47 -29.36
C HIS A 229 4.70 -34.61 -28.51
N SER A 230 5.64 -35.45 -28.94
CA SER A 230 7.00 -35.42 -28.38
C SER A 230 7.98 -36.29 -29.16
N ALA A 231 8.23 -37.52 -28.73
CA ALA A 231 9.08 -38.43 -29.49
C ALA A 231 8.16 -39.17 -30.42
N ALA A 247 12.97 -37.26 -21.49
CA ALA A 247 13.55 -36.99 -22.79
C ALA A 247 13.85 -35.50 -22.98
N GLN A 248 12.79 -34.70 -23.02
CA GLN A 248 12.80 -33.26 -23.19
C GLN A 248 12.78 -32.59 -21.80
N PRO A 249 11.99 -31.52 -21.51
CA PRO A 249 11.90 -31.10 -20.11
C PRO A 249 10.50 -31.11 -19.54
N ALA A 250 10.41 -30.78 -18.26
CA ALA A 250 9.17 -30.85 -17.51
C ALA A 250 8.98 -29.53 -16.76
N MET A 251 7.91 -28.82 -17.09
CA MET A 251 7.71 -27.43 -16.67
C MET A 251 6.73 -27.39 -15.51
N HIS A 252 7.20 -26.99 -14.34
CA HIS A 252 6.30 -26.67 -13.24
C HIS A 252 5.73 -25.30 -13.52
N THR A 253 4.43 -25.23 -13.77
CA THR A 253 3.84 -23.97 -14.22
C THR A 253 2.71 -23.56 -13.30
N VAL A 254 2.28 -22.32 -13.46
CA VAL A 254 0.99 -21.87 -12.97
C VAL A 254 0.18 -21.48 -14.19
N ASN A 255 -0.93 -22.16 -14.42
CA ASN A 255 -1.75 -21.94 -15.61
C ASN A 255 -0.93 -22.05 -16.88
N GLY A 256 0.25 -22.66 -16.80
CA GLY A 256 1.06 -22.87 -17.96
C GLY A 256 2.19 -21.89 -18.19
N TYR A 257 2.39 -20.93 -17.29
CA TYR A 257 3.50 -20.00 -17.38
C TYR A 257 4.56 -20.36 -16.35
N VAL A 258 5.83 -20.15 -16.68
CA VAL A 258 6.92 -20.38 -15.74
C VAL A 258 7.55 -19.07 -15.32
N ASN A 259 8.31 -19.13 -14.24
CA ASN A 259 9.14 -18.04 -13.76
C ASN A 259 8.38 -16.71 -13.77
N ARG A 260 7.43 -16.58 -12.84
CA ARG A 260 6.78 -15.29 -12.51
C ARG A 260 6.05 -14.64 -13.68
N SER A 261 5.96 -15.31 -14.81
CA SER A 261 5.46 -14.67 -16.03
C SER A 261 3.95 -14.66 -16.14
N LEU A 262 3.24 -15.23 -15.20
CA LEU A 262 1.80 -15.27 -15.37
C LEU A 262 1.25 -13.86 -15.25
N PRO A 263 0.58 -13.34 -16.27
CA PRO A 263 -0.04 -12.02 -16.22
C PRO A 263 -1.45 -12.02 -15.66
N GLY A 264 -1.80 -10.94 -14.96
CA GLY A 264 -3.19 -10.61 -14.77
C GLY A 264 -3.74 -10.83 -13.38
N LEU A 265 -2.94 -11.27 -12.41
CA LEU A 265 -3.44 -11.61 -11.10
C LEU A 265 -3.57 -10.38 -10.21
N ILE A 266 -4.67 -9.65 -10.38
CA ILE A 266 -4.90 -8.40 -9.69
C ILE A 266 -6.07 -8.53 -8.73
N GLY A 267 -5.89 -8.03 -7.52
CA GLY A 267 -6.94 -8.05 -6.53
C GLY A 267 -7.05 -6.69 -5.89
N CYS A 268 -8.26 -6.39 -5.43
CA CYS A 268 -8.55 -5.09 -4.84
C CYS A 268 -8.17 -5.06 -3.37
N HIS A 269 -7.65 -3.92 -2.94
CA HIS A 269 -6.95 -3.73 -1.67
C HIS A 269 -7.75 -4.22 -0.47
N LYS A 270 -8.38 -3.34 0.30
CA LYS A 270 -8.98 -3.80 1.54
C LYS A 270 -10.16 -4.75 1.29
N LYS A 271 -10.00 -5.65 0.33
CA LYS A 271 -10.98 -6.69 0.03
C LYS A 271 -10.27 -8.04 -0.02
N SER A 272 -10.98 -9.10 -0.41
CA SER A 272 -10.43 -10.45 -0.41
C SER A 272 -10.60 -11.10 -1.78
N VAL A 273 -9.69 -12.01 -2.12
CA VAL A 273 -9.70 -12.67 -3.42
C VAL A 273 -9.79 -14.18 -3.22
N TYR A 274 -10.65 -14.82 -4.01
CA TYR A 274 -10.82 -16.26 -3.95
C TYR A 274 -9.94 -16.96 -4.98
N TRP A 275 -9.61 -18.21 -4.70
CA TRP A 275 -8.71 -18.98 -5.56
C TRP A 275 -9.25 -20.38 -5.74
N HIS A 276 -9.74 -20.68 -6.93
CA HIS A 276 -10.11 -22.03 -7.29
C HIS A 276 -8.84 -22.76 -7.73
N VAL A 277 -8.34 -23.64 -6.87
CA VAL A 277 -7.01 -24.21 -7.03
C VAL A 277 -7.14 -25.64 -7.52
N ILE A 278 -6.42 -25.97 -8.59
CA ILE A 278 -6.35 -27.31 -9.18
C ILE A 278 -4.88 -27.65 -9.35
N GLY A 279 -4.43 -28.73 -8.71
CA GLY A 279 -3.11 -29.25 -9.02
C GLY A 279 -3.16 -30.14 -10.24
N MET A 280 -2.03 -30.29 -10.92
CA MET A 280 -1.96 -31.23 -12.04
C MET A 280 -0.54 -31.69 -12.27
N GLY A 281 -0.41 -32.86 -12.87
CA GLY A 281 0.85 -33.55 -13.03
C GLY A 281 0.54 -34.99 -13.28
N THR A 282 1.39 -35.70 -14.02
CA THR A 282 1.07 -37.08 -14.33
C THR A 282 1.95 -38.06 -13.58
N SER A 283 2.74 -37.58 -12.64
CA SER A 283 3.41 -38.47 -11.68
C SER A 283 3.02 -38.02 -10.28
N PRO A 284 3.60 -38.60 -9.23
CA PRO A 284 3.52 -38.01 -7.89
C PRO A 284 3.92 -36.54 -7.81
N GLU A 285 4.91 -36.20 -6.96
CA GLU A 285 5.33 -34.81 -6.73
C GLU A 285 4.27 -33.96 -6.04
N VAL A 286 4.68 -33.24 -5.01
CA VAL A 286 3.80 -32.35 -4.27
C VAL A 286 4.31 -30.92 -4.43
N HIS A 287 3.43 -29.98 -4.14
CA HIS A 287 3.76 -28.58 -4.24
C HIS A 287 3.31 -27.89 -2.98
N SER A 288 4.22 -27.18 -2.34
CA SER A 288 3.93 -26.39 -1.15
C SER A 288 3.84 -24.93 -1.59
N ILE A 289 2.61 -24.44 -1.74
CA ILE A 289 2.35 -23.19 -2.43
C ILE A 289 2.12 -22.08 -1.41
N PHE A 290 2.82 -20.96 -1.61
CA PHE A 290 2.86 -19.87 -0.63
C PHE A 290 2.49 -18.57 -1.30
N LEU A 291 2.16 -17.57 -0.48
CA LEU A 291 1.94 -16.23 -0.98
C LEU A 291 2.63 -15.25 -0.04
N GLU A 292 3.71 -14.64 -0.54
CA GLU A 292 4.65 -13.82 0.21
C GLU A 292 4.10 -13.24 1.50
N GLY A 293 3.11 -12.36 1.42
CA GLY A 293 2.75 -11.69 2.65
C GLY A 293 1.43 -12.09 3.26
N HIS A 294 1.04 -13.36 3.12
CA HIS A 294 -0.36 -13.70 3.13
C HIS A 294 -0.61 -15.10 3.66
N THR A 295 -1.84 -15.29 4.13
CA THR A 295 -2.36 -16.53 4.68
C THR A 295 -3.52 -16.96 3.80
N PHE A 296 -3.75 -18.27 3.71
CA PHE A 296 -4.91 -18.82 3.00
C PHE A 296 -5.96 -19.30 3.99
N LEU A 297 -7.22 -19.04 3.68
CA LEU A 297 -8.33 -19.63 4.43
C LEU A 297 -8.96 -20.71 3.57
N VAL A 298 -8.93 -21.95 4.06
CA VAL A 298 -9.47 -23.10 3.34
C VAL A 298 -10.25 -23.97 4.30
N ARG A 299 -11.17 -24.75 3.73
CA ARG A 299 -12.29 -25.29 4.49
C ARG A 299 -12.67 -24.20 5.48
N HIS A 300 -12.09 -24.19 6.67
CA HIS A 300 -12.23 -22.99 7.50
C HIS A 300 -11.00 -22.79 8.38
N HIS A 301 -9.82 -22.92 7.79
CA HIS A 301 -8.57 -22.93 8.55
C HIS A 301 -7.58 -21.93 7.98
N ARG A 302 -6.89 -21.23 8.88
CA ARG A 302 -5.77 -20.40 8.46
C ARG A 302 -4.62 -21.33 8.06
N GLN A 303 -4.30 -21.39 6.78
CA GLN A 303 -3.18 -22.18 6.30
C GLN A 303 -2.14 -21.29 5.64
N ALA A 304 -0.87 -21.60 5.88
CA ALA A 304 0.25 -20.78 5.41
C ALA A 304 0.66 -21.12 3.99
N SER A 305 0.85 -22.39 3.70
CA SER A 305 1.02 -22.88 2.34
C SER A 305 -0.26 -23.54 1.86
N LEU A 306 -0.35 -23.76 0.56
CA LEU A 306 -1.32 -24.72 0.04
C LEU A 306 -0.57 -26.01 -0.22
N GLU A 307 -0.99 -27.08 0.42
CA GLU A 307 -0.41 -28.40 0.19
C GLU A 307 -1.14 -29.02 -0.99
N ILE A 308 -0.50 -29.09 -2.15
CA ILE A 308 -1.15 -29.63 -3.34
C ILE A 308 -0.21 -30.55 -4.09
N SER A 309 -0.81 -31.30 -5.00
CA SER A 309 -0.29 -32.56 -5.50
C SER A 309 -1.30 -33.11 -6.49
N PRO A 310 -0.86 -33.70 -7.64
CA PRO A 310 -1.78 -33.97 -8.76
C PRO A 310 -3.20 -33.48 -8.59
N LEU A 311 -4.20 -34.32 -8.39
CA LEU A 311 -5.56 -33.80 -8.51
C LEU A 311 -6.15 -33.41 -7.15
N THR A 312 -5.48 -32.44 -6.55
CA THR A 312 -5.94 -31.72 -5.38
C THR A 312 -6.85 -30.59 -5.85
N PHE A 313 -7.92 -30.34 -5.10
CA PHE A 313 -8.85 -29.28 -5.45
C PHE A 313 -9.16 -28.51 -4.18
N LEU A 314 -9.10 -27.19 -4.25
CA LEU A 314 -9.34 -26.33 -3.11
C LEU A 314 -10.23 -25.18 -3.55
N THR A 315 -10.89 -24.57 -2.60
CA THR A 315 -11.25 -23.16 -2.73
C THR A 315 -10.63 -22.48 -1.54
N ALA A 316 -9.55 -21.78 -1.79
CA ALA A 316 -8.91 -20.94 -0.80
C ALA A 316 -9.33 -19.51 -1.08
N GLN A 317 -9.49 -18.75 -0.02
CA GLN A 317 -9.69 -17.32 -0.12
C GLN A 317 -8.63 -16.62 0.71
N THR A 318 -8.19 -15.47 0.23
CA THR A 318 -7.24 -14.64 0.94
C THR A 318 -7.70 -13.20 0.84
N PHE A 319 -7.18 -12.39 1.74
CA PHE A 319 -7.66 -11.03 2.01
C PHE A 319 -6.47 -10.10 2.05
N LEU A 320 -6.58 -8.95 1.38
CA LEU A 320 -5.43 -8.17 0.95
C LEU A 320 -5.36 -6.84 1.71
N MET A 321 -4.49 -6.77 2.70
CA MET A 321 -4.41 -5.54 3.48
C MET A 321 -3.28 -4.64 3.05
N ASP A 322 -2.26 -5.18 2.39
CA ASP A 322 -1.09 -4.42 2.02
C ASP A 322 -1.11 -4.22 0.52
N LEU A 323 -1.15 -2.96 0.08
CA LEU A 323 -0.91 -2.65 -1.32
C LEU A 323 0.45 -3.19 -1.76
N GLY A 324 0.55 -3.64 -3.01
CA GLY A 324 1.86 -4.02 -3.49
C GLY A 324 1.84 -5.27 -4.35
N GLN A 325 2.99 -5.92 -4.42
CA GLN A 325 3.18 -7.07 -5.28
C GLN A 325 3.87 -8.17 -4.49
N PHE A 326 3.29 -9.36 -4.53
CA PHE A 326 3.70 -10.42 -3.66
C PHE A 326 3.86 -11.69 -4.46
N LEU A 327 4.87 -12.46 -4.10
CA LEU A 327 5.25 -13.62 -4.90
C LEU A 327 4.40 -14.80 -4.47
N LEU A 328 3.64 -15.33 -5.40
CA LEU A 328 3.01 -16.63 -5.25
C LEU A 328 3.97 -17.68 -5.78
N PHE A 329 4.22 -18.73 -5.02
CA PHE A 329 5.34 -19.58 -5.44
C PHE A 329 5.38 -20.89 -4.67
N CYS A 330 5.85 -21.96 -5.34
CA CYS A 330 6.12 -23.22 -4.68
C CYS A 330 7.47 -23.17 -3.99
N HIS A 331 7.51 -23.74 -2.79
CA HIS A 331 8.62 -23.52 -1.88
C HIS A 331 9.50 -24.75 -1.67
N ILE A 332 9.46 -25.72 -2.58
CA ILE A 332 10.20 -26.95 -2.32
C ILE A 332 11.69 -26.68 -2.53
N SER A 333 12.50 -27.22 -1.61
CA SER A 333 13.93 -26.95 -1.60
C SER A 333 14.52 -27.11 -3.00
N SER A 334 14.09 -28.14 -3.72
CA SER A 334 14.57 -28.39 -5.07
C SER A 334 14.18 -27.25 -5.99
N HIS A 335 15.10 -26.29 -6.21
CA HIS A 335 14.80 -25.10 -7.00
C HIS A 335 14.19 -25.42 -8.37
N HIS A 336 14.34 -26.66 -8.87
CA HIS A 336 13.53 -27.08 -10.02
C HIS A 336 12.07 -26.74 -9.76
N HIS A 337 11.52 -27.27 -8.67
CA HIS A 337 10.34 -26.65 -8.04
C HIS A 337 10.62 -25.17 -7.91
N GLY A 338 10.27 -24.41 -8.94
CA GLY A 338 10.72 -23.06 -9.10
C GLY A 338 10.35 -22.56 -10.48
N GLY A 339 9.28 -23.13 -11.00
CA GLY A 339 8.57 -22.54 -12.11
C GLY A 339 7.25 -22.03 -11.57
N MET A 340 6.63 -22.83 -10.71
CA MET A 340 5.55 -22.40 -9.83
C MET A 340 5.99 -21.17 -9.08
N GLU A 341 5.87 -20.03 -9.75
CA GLU A 341 6.20 -18.71 -9.24
C GLU A 341 5.41 -17.77 -10.12
N ALA A 342 4.49 -17.01 -9.53
CA ALA A 342 3.69 -16.04 -10.25
C ALA A 342 3.53 -14.81 -9.38
N HIS A 343 3.32 -13.67 -10.00
CA HIS A 343 3.13 -12.45 -9.23
C HIS A 343 1.65 -12.22 -8.96
N VAL A 344 1.36 -11.63 -7.81
CA VAL A 344 0.04 -11.07 -7.54
C VAL A 344 0.24 -9.62 -7.16
N ARG A 345 -0.42 -8.73 -7.89
CA ARG A 345 -0.42 -7.30 -7.63
C ARG A 345 -1.71 -6.93 -6.94
N VAL A 346 -1.63 -6.17 -5.86
CA VAL A 346 -2.83 -5.70 -5.19
C VAL A 346 -2.83 -4.18 -5.25
N GLU A 347 -4.02 -3.62 -5.50
CA GLU A 347 -4.15 -2.27 -6.02
C GLU A 347 -5.42 -1.65 -5.47
N SER A 348 -5.37 -0.34 -5.23
CA SER A 348 -6.58 0.39 -4.91
C SER A 348 -7.54 0.29 -6.09
N CYS A 349 -8.84 0.41 -5.83
CA CYS A 349 -9.74 0.15 -6.93
C CYS A 349 -10.72 1.28 -7.22
N ALA A 350 -11.82 1.38 -6.48
CA ALA A 350 -12.74 2.50 -6.66
C ALA A 350 -13.59 2.71 -5.41
N GLU A 351 -14.83 2.23 -5.44
CA GLU A 351 -15.68 2.13 -4.25
C GLU A 351 -16.13 0.67 -4.05
N LYS A 396 -6.84 -11.35 28.73
CA LYS A 396 -7.29 -10.02 29.13
C LYS A 396 -6.67 -8.97 28.21
N HIS A 397 -5.94 -7.98 28.78
CA HIS A 397 -5.33 -7.00 27.89
C HIS A 397 -4.06 -7.58 27.29
N PRO A 398 -3.83 -7.36 26.00
CA PRO A 398 -2.79 -8.11 25.28
C PRO A 398 -1.39 -7.84 25.80
N LYS A 399 -0.71 -8.91 26.18
CA LYS A 399 0.62 -8.87 26.73
C LYS A 399 1.61 -8.30 25.72
N THR A 400 2.75 -7.84 26.23
CA THR A 400 3.93 -7.63 25.41
C THR A 400 5.03 -8.51 25.97
N TRP A 401 5.49 -9.46 25.17
CA TRP A 401 6.53 -10.40 25.57
C TRP A 401 7.88 -9.92 25.09
N VAL A 402 8.91 -10.08 25.93
CA VAL A 402 10.24 -9.57 25.64
C VAL A 402 11.22 -10.73 25.66
N HIS A 403 12.01 -10.86 24.60
CA HIS A 403 13.01 -11.90 24.50
C HIS A 403 14.32 -11.29 24.06
N TYR A 404 15.39 -11.70 24.72
CA TYR A 404 16.73 -11.38 24.30
C TYR A 404 17.29 -12.67 23.69
N ILE A 405 17.54 -12.65 22.39
CA ILE A 405 17.94 -13.84 21.64
C ILE A 405 19.23 -13.56 20.90
N ALA A 406 20.14 -14.52 20.92
CA ALA A 406 21.41 -14.42 20.25
C ALA A 406 21.55 -15.54 19.25
N ALA A 407 21.84 -15.19 18.00
CA ALA A 407 22.51 -16.14 17.14
C ALA A 407 23.90 -16.33 17.72
N GLU A 408 24.31 -17.57 17.93
CA GLU A 408 25.67 -17.77 18.41
C GLU A 408 26.05 -19.22 18.20
N GLU A 409 27.34 -19.44 18.02
CA GLU A 409 27.83 -20.72 17.57
C GLU A 409 28.11 -21.65 18.74
N GLU A 410 27.99 -22.94 18.48
CA GLU A 410 28.23 -23.97 19.47
C GLU A 410 28.62 -25.24 18.73
N ASP A 411 29.11 -26.21 19.47
CA ASP A 411 29.31 -27.55 18.93
C ASP A 411 28.05 -28.36 19.20
N TRP A 412 27.44 -28.87 18.14
CA TRP A 412 26.16 -29.57 18.24
C TRP A 412 26.37 -31.06 18.06
N ASP A 413 25.80 -31.84 18.97
CA ASP A 413 25.92 -33.29 18.93
C ASP A 413 24.58 -33.85 18.48
N TYR A 414 24.60 -34.62 17.40
CA TYR A 414 23.36 -35.22 16.93
C TYR A 414 22.96 -36.43 17.76
N ALA A 415 23.90 -37.07 18.43
CA ALA A 415 23.63 -38.26 19.23
C ALA A 415 24.45 -38.21 20.50
N PRO A 416 23.98 -37.49 21.51
CA PRO A 416 24.67 -37.43 22.80
C PRO A 416 24.31 -38.54 23.78
N LEU A 417 23.58 -39.57 23.35
CA LEU A 417 23.08 -40.62 24.22
C LEU A 417 23.56 -41.99 23.75
N VAL A 418 24.28 -42.69 24.62
CA VAL A 418 24.87 -44.01 24.35
C VAL A 418 23.81 -45.02 23.96
N LEU A 419 23.47 -45.07 22.68
CA LEU A 419 22.50 -46.03 22.19
C LEU A 419 23.00 -46.64 20.89
N ALA A 420 24.28 -46.98 20.84
CA ALA A 420 24.92 -47.36 19.58
C ALA A 420 24.58 -48.78 19.14
N PRO A 421 24.88 -49.85 19.94
CA PRO A 421 25.00 -51.21 19.40
C PRO A 421 24.27 -51.60 18.12
N ASP A 422 22.96 -51.34 18.04
CA ASP A 422 22.14 -51.69 16.88
C ASP A 422 22.81 -51.30 15.56
N ASP A 423 23.51 -52.23 14.90
CA ASP A 423 24.20 -51.82 13.68
C ASP A 423 24.49 -52.94 12.68
N ARG A 424 23.46 -53.51 12.12
CA ARG A 424 23.47 -53.89 10.71
C ARG A 424 22.56 -52.93 9.94
N SER A 425 22.35 -51.72 10.49
CA SER A 425 21.37 -50.74 10.02
C SER A 425 21.89 -49.30 10.16
N TYR A 426 22.49 -48.79 9.08
CA TYR A 426 22.85 -47.40 8.79
C TYR A 426 23.53 -46.58 9.88
N LYS A 427 23.07 -46.73 11.12
CA LYS A 427 23.47 -45.90 12.26
C LYS A 427 24.94 -45.51 12.25
N SER A 428 25.81 -46.45 11.90
CA SER A 428 27.24 -46.14 11.84
C SER A 428 27.53 -45.00 10.88
N GLN A 429 27.00 -45.09 9.65
CA GLN A 429 27.43 -44.19 8.59
C GLN A 429 27.28 -42.73 9.01
N TYR A 430 26.14 -42.36 9.57
CA TYR A 430 25.88 -40.96 9.88
C TYR A 430 26.59 -40.47 11.13
N LEU A 431 27.20 -41.35 11.91
CA LEU A 431 27.66 -40.94 13.23
C LEU A 431 29.03 -41.49 13.60
N ASN A 432 29.94 -41.66 12.65
CA ASN A 432 31.26 -42.14 12.98
C ASN A 432 32.34 -41.22 12.44
N ASN A 433 33.51 -41.26 13.08
CA ASN A 433 34.66 -40.43 12.74
C ASN A 433 35.74 -41.24 12.06
N GLY A 434 36.41 -40.64 11.10
CA GLY A 434 37.49 -41.29 10.41
C GLY A 434 37.76 -40.74 9.02
N PRO A 435 38.32 -41.59 8.16
CA PRO A 435 38.84 -41.17 6.85
C PRO A 435 38.14 -39.99 6.17
N GLN A 436 36.83 -40.00 6.10
CA GLN A 436 36.14 -38.86 5.53
C GLN A 436 34.73 -38.77 6.09
N ARG A 437 34.63 -38.86 7.41
CA ARG A 437 33.38 -38.64 8.12
C ARG A 437 33.68 -37.68 9.28
N ILE A 438 33.00 -36.54 9.28
CA ILE A 438 32.85 -35.77 10.52
C ILE A 438 32.05 -36.57 11.52
N GLY A 439 31.09 -37.34 11.03
CA GLY A 439 30.23 -38.13 11.86
C GLY A 439 29.06 -37.36 12.42
N ARG A 440 29.18 -36.98 13.71
CA ARG A 440 28.04 -36.65 14.56
C ARG A 440 28.17 -35.34 15.34
N LYS A 441 29.37 -34.84 15.59
CA LYS A 441 29.57 -33.56 16.24
C LYS A 441 29.91 -32.56 15.14
N TYR A 442 28.93 -31.78 14.73
CA TYR A 442 29.14 -30.67 13.81
C TYR A 442 28.99 -29.37 14.58
N LYS A 443 29.86 -28.40 14.29
CA LYS A 443 29.70 -27.07 14.82
C LYS A 443 28.60 -26.36 14.06
N LYS A 444 27.64 -25.81 14.79
CA LYS A 444 26.52 -25.13 14.20
C LYS A 444 26.28 -23.84 14.97
N VAL A 445 25.36 -23.05 14.45
CA VAL A 445 24.92 -21.83 15.12
C VAL A 445 23.44 -21.99 15.41
N ARG A 446 23.02 -21.54 16.59
CA ARG A 446 21.64 -21.73 17.02
C ARG A 446 21.02 -20.39 17.39
N PHE A 447 19.76 -20.41 17.77
CA PHE A 447 19.17 -19.28 18.46
C PHE A 447 19.24 -19.56 19.95
N MET A 448 19.67 -18.57 20.74
CA MET A 448 19.82 -18.81 22.17
C MET A 448 19.28 -17.65 22.99
N ALA A 449 18.36 -17.97 23.88
CA ALA A 449 17.68 -16.97 24.68
C ALA A 449 18.56 -16.51 25.85
N TYR A 450 18.68 -15.21 26.03
CA TYR A 450 19.34 -14.61 27.18
C TYR A 450 18.35 -13.77 27.97
N THR A 451 18.79 -13.30 29.14
CA THR A 451 17.91 -12.70 30.13
C THR A 451 17.80 -11.18 30.04
N ASP A 452 18.78 -10.50 29.45
CA ASP A 452 18.75 -9.05 29.42
C ASP A 452 19.58 -8.57 28.25
N GLU A 453 19.58 -7.25 28.08
CA GLU A 453 20.31 -6.60 27.00
C GLU A 453 21.80 -6.88 27.05
N THR A 454 22.31 -7.43 28.14
CA THR A 454 23.74 -7.63 28.28
C THR A 454 24.22 -8.88 27.55
N PHE A 455 23.35 -9.87 27.37
CA PHE A 455 23.68 -11.14 26.70
C PHE A 455 24.88 -11.83 27.34
N LYS A 456 25.13 -11.55 28.61
CA LYS A 456 26.19 -12.23 29.33
C LYS A 456 25.67 -13.40 30.17
N THR A 457 24.36 -13.62 30.20
CA THR A 457 23.79 -14.74 30.93
C THR A 457 22.56 -15.30 30.22
N ARG A 458 22.46 -16.63 30.17
CA ARG A 458 21.43 -17.30 29.40
C ARG A 458 20.21 -17.63 30.22
N GLU A 459 19.04 -17.49 29.59
CA GLU A 459 17.81 -17.92 30.22
C GLU A 459 17.75 -19.45 30.18
N ALA A 460 16.63 -19.98 30.65
CA ALA A 460 16.49 -21.42 30.90
C ALA A 460 16.46 -22.19 29.59
N ILE A 461 17.50 -22.98 29.34
CA ILE A 461 17.48 -23.99 28.30
C ILE A 461 16.46 -25.04 28.69
N GLN A 462 16.26 -26.05 27.85
CA GLN A 462 15.45 -27.20 28.28
C GLN A 462 15.74 -28.38 27.38
N HIS A 463 16.17 -29.50 27.96
CA HIS A 463 16.35 -30.71 27.20
C HIS A 463 15.01 -31.11 26.60
N GLU A 464 15.06 -31.62 25.37
CA GLU A 464 13.98 -32.20 24.58
C GLU A 464 13.76 -31.33 23.35
N SER A 465 13.85 -30.02 23.50
CA SER A 465 13.74 -29.16 22.33
C SER A 465 15.08 -28.92 21.67
N GLY A 466 16.09 -29.73 21.98
CA GLY A 466 17.46 -29.47 21.58
C GLY A 466 17.61 -28.89 20.19
N ILE A 467 18.61 -28.03 20.00
CA ILE A 467 18.91 -27.29 18.77
C ILE A 467 17.91 -26.20 18.49
N LEU A 468 16.63 -26.40 18.72
CA LEU A 468 15.73 -25.37 18.27
C LEU A 468 15.69 -24.23 19.28
N GLY A 469 15.70 -23.01 18.76
CA GLY A 469 15.72 -21.81 19.55
C GLY A 469 14.53 -21.68 20.48
N PRO A 470 14.46 -20.58 21.21
CA PRO A 470 13.48 -20.48 22.31
C PRO A 470 12.04 -20.42 21.82
N LEU A 471 11.15 -21.06 22.59
CA LEU A 471 9.74 -21.10 22.24
C LEU A 471 9.15 -19.70 22.34
N LEU A 472 8.60 -19.19 21.24
CA LEU A 472 8.12 -17.82 21.16
C LEU A 472 6.60 -17.82 21.06
N TYR A 473 5.93 -17.66 22.19
CA TYR A 473 4.49 -17.65 22.25
C TYR A 473 3.95 -16.26 21.97
N GLY A 474 2.70 -16.19 21.52
CA GLY A 474 2.09 -14.89 21.37
C GLY A 474 0.65 -14.94 20.94
N GLU A 475 -0.27 -14.61 21.82
CA GLU A 475 -1.68 -14.62 21.46
C GLU A 475 -2.01 -13.45 20.57
N VAL A 476 -3.11 -13.60 19.85
CA VAL A 476 -3.71 -12.57 19.00
C VAL A 476 -3.94 -11.30 19.79
N GLY A 477 -3.28 -10.22 19.39
CA GLY A 477 -3.30 -8.96 20.08
C GLY A 477 -1.97 -8.60 20.71
N ASP A 478 -1.19 -9.59 21.12
CA ASP A 478 0.05 -9.34 21.85
C ASP A 478 1.08 -8.68 20.95
N THR A 479 2.21 -8.32 21.55
CA THR A 479 3.39 -7.87 20.83
C THR A 479 4.58 -8.65 21.36
N LEU A 480 5.52 -8.99 20.48
CA LEU A 480 6.79 -9.57 20.90
C LEU A 480 7.91 -8.62 20.55
N LEU A 481 8.67 -8.21 21.57
CA LEU A 481 9.90 -7.46 21.39
C LEU A 481 11.05 -8.44 21.29
N ILE A 482 11.55 -8.64 20.08
CA ILE A 482 12.67 -9.53 19.83
C ILE A 482 13.91 -8.65 19.75
N ILE A 483 14.48 -8.36 20.92
CA ILE A 483 15.84 -7.83 20.96
C ILE A 483 16.76 -8.91 20.43
N PHE A 484 17.40 -8.65 19.29
CA PHE A 484 18.26 -9.64 18.65
C PHE A 484 19.70 -9.18 18.69
N LYS A 485 20.60 -10.04 19.17
CA LYS A 485 22.02 -9.79 19.09
C LYS A 485 22.68 -10.95 18.37
N ASN A 486 23.54 -10.66 17.41
CA ASN A 486 24.32 -11.70 16.75
C ASN A 486 25.57 -11.99 17.59
N GLN A 487 26.27 -13.07 17.24
CA GLN A 487 27.46 -13.49 17.99
C GLN A 487 28.14 -14.64 17.24
N ALA A 488 28.20 -14.58 15.90
CA ALA A 488 28.56 -15.76 15.12
C ALA A 488 29.81 -15.59 14.26
N SER A 489 29.84 -16.15 13.02
CA SER A 489 30.93 -15.96 12.06
C SER A 489 30.45 -15.76 10.62
N ARG A 490 29.21 -15.28 10.43
CA ARG A 490 28.58 -14.79 9.21
C ARG A 490 27.46 -13.85 9.65
N PRO A 491 27.04 -12.87 8.85
CA PRO A 491 25.92 -12.02 9.27
C PRO A 491 24.59 -12.77 9.16
N TYR A 492 23.90 -12.93 10.30
CA TYR A 492 22.59 -13.57 10.39
C TYR A 492 21.51 -12.53 10.72
N ASN A 493 20.45 -12.96 11.40
CA ASN A 493 19.14 -12.33 11.20
C ASN A 493 18.04 -13.14 11.87
N ILE A 494 16.86 -12.56 12.12
CA ILE A 494 15.80 -13.36 12.72
C ILE A 494 14.44 -12.81 12.32
N TYR A 495 13.62 -13.66 11.73
CA TYR A 495 12.41 -13.14 11.17
C TYR A 495 11.36 -14.23 11.21
N PRO A 496 10.12 -13.89 11.54
CA PRO A 496 9.12 -14.93 11.75
C PRO A 496 8.23 -15.13 10.54
N HIS A 497 8.09 -16.37 10.10
CA HIS A 497 7.07 -16.70 9.12
C HIS A 497 5.81 -17.04 9.89
N GLY A 498 4.77 -16.22 9.72
CA GLY A 498 3.56 -16.32 10.50
C GLY A 498 2.91 -14.99 10.83
N ILE A 499 3.72 -14.00 11.21
CA ILE A 499 3.23 -12.66 11.56
C ILE A 499 3.41 -11.75 10.36
N THR A 500 2.35 -11.04 9.99
CA THR A 500 2.46 -10.03 8.94
C THR A 500 3.19 -8.80 9.44
N ASP A 501 2.81 -8.29 10.59
CA ASP A 501 3.27 -7.00 11.09
C ASP A 501 4.57 -7.16 11.85
N VAL A 502 5.70 -7.06 11.16
CA VAL A 502 7.01 -7.15 11.78
C VAL A 502 7.84 -5.99 11.22
N ARG A 503 7.82 -4.88 11.92
CA ARG A 503 8.61 -3.72 11.59
C ARG A 503 9.75 -3.63 12.58
N PRO A 504 10.67 -2.69 12.40
CA PRO A 504 11.58 -2.38 13.50
C PRO A 504 10.78 -1.79 14.65
N LEU A 505 11.35 -1.87 15.85
CA LEU A 505 10.79 -1.16 16.98
C LEU A 505 11.07 0.33 16.84
N TYR A 506 10.17 1.15 17.39
CA TYR A 506 10.31 2.61 17.35
C TYR A 506 10.09 3.14 15.92
N SER A 507 11.02 2.91 15.00
CA SER A 507 10.81 3.39 13.65
C SER A 507 9.91 2.44 12.88
N ARG A 508 9.28 2.96 11.82
CA ARG A 508 8.56 2.10 10.90
C ARG A 508 9.30 1.98 9.57
N ARG A 509 10.45 2.62 9.44
CA ARG A 509 11.18 2.65 8.19
C ARG A 509 12.52 1.95 8.33
N LEU A 510 12.93 1.31 7.26
CA LEU A 510 13.99 0.33 7.26
C LEU A 510 15.34 1.01 7.03
N PRO A 511 16.45 0.38 7.47
CA PRO A 511 17.71 1.12 7.66
C PRO A 511 18.41 1.67 6.43
N LYS A 512 18.59 0.86 5.37
CA LYS A 512 19.25 1.33 4.15
C LYS A 512 18.31 1.11 2.98
N GLY A 513 18.90 0.89 1.80
CA GLY A 513 18.18 0.43 0.61
C GLY A 513 17.60 -0.94 0.85
N VAL A 514 16.79 -1.03 1.90
CA VAL A 514 16.28 -2.28 2.42
C VAL A 514 14.82 -2.39 2.01
N LYS A 515 14.52 -3.29 1.07
CA LYS A 515 13.15 -3.49 0.64
C LYS A 515 12.29 -4.11 1.72
N HIS A 516 12.90 -4.82 2.66
CA HIS A 516 12.18 -5.77 3.49
C HIS A 516 13.06 -6.12 4.67
N LEU A 517 12.47 -6.12 5.86
CA LEU A 517 13.25 -6.47 7.04
C LEU A 517 13.71 -7.91 7.00
N LYS A 518 13.10 -8.73 6.13
CA LYS A 518 13.36 -10.16 6.14
C LYS A 518 14.76 -10.48 5.64
N ASP A 519 15.16 -9.85 4.55
CA ASP A 519 16.45 -10.13 3.93
C ASP A 519 17.55 -9.16 4.36
N PHE A 520 17.26 -8.25 5.31
CA PHE A 520 18.26 -7.32 5.83
C PHE A 520 19.08 -7.95 6.96
N PRO A 521 20.40 -8.00 6.84
CA PRO A 521 21.23 -8.73 7.79
C PRO A 521 21.67 -7.92 8.99
N ILE A 522 22.14 -8.65 10.02
CA ILE A 522 22.67 -8.11 11.26
C ILE A 522 24.13 -8.53 11.35
N LEU A 523 24.95 -7.66 11.90
CA LEU A 523 26.36 -7.59 11.58
C LEU A 523 27.24 -7.90 12.80
N PRO A 524 28.62 -7.55 12.80
CA PRO A 524 29.52 -7.85 13.94
C PRO A 524 29.00 -8.39 15.27
N GLY A 525 27.80 -8.05 15.68
CA GLY A 525 27.47 -8.25 17.06
C GLY A 525 26.70 -7.01 17.36
N GLU A 526 26.23 -6.43 16.27
CA GLU A 526 25.21 -5.41 16.38
C GLU A 526 23.97 -6.04 17.00
N ILE A 527 23.10 -5.18 17.49
CA ILE A 527 21.80 -5.59 17.99
C ILE A 527 20.75 -4.89 17.15
N PHE A 528 19.69 -5.60 16.80
CA PHE A 528 18.51 -4.99 16.24
C PHE A 528 17.32 -5.25 17.15
N LYS A 529 16.37 -4.32 17.17
CA LYS A 529 15.18 -4.42 18.02
C LYS A 529 13.94 -4.42 17.16
N TYR A 530 13.22 -5.55 17.14
CA TYR A 530 12.08 -5.77 16.26
C TYR A 530 10.78 -5.76 17.06
N LYS A 531 9.72 -5.28 16.42
CA LYS A 531 8.36 -5.32 16.99
C LYS A 531 7.52 -6.23 16.10
N TRP A 532 7.38 -7.48 16.52
CA TRP A 532 6.38 -8.38 15.95
C TRP A 532 5.05 -8.16 16.65
N THR A 533 3.99 -7.86 15.89
CA THR A 533 2.66 -7.67 16.45
C THR A 533 1.73 -8.74 15.90
N VAL A 534 1.18 -9.58 16.78
CA VAL A 534 0.30 -10.65 16.32
C VAL A 534 -1.11 -10.08 16.16
N THR A 535 -1.61 -10.07 14.93
CA THR A 535 -2.94 -9.55 14.67
C THR A 535 -3.93 -10.71 14.56
N VAL A 536 -5.21 -10.37 14.36
CA VAL A 536 -6.23 -11.41 14.26
C VAL A 536 -5.96 -12.31 13.06
N GLU A 537 -5.69 -11.70 11.92
CA GLU A 537 -5.56 -12.44 10.68
C GLU A 537 -4.34 -13.34 10.67
N ASP A 538 -3.56 -13.34 11.74
CA ASP A 538 -2.54 -14.34 11.94
C ASP A 538 -3.06 -15.55 12.71
N GLY A 539 -4.14 -15.39 13.46
CA GLY A 539 -4.55 -16.42 14.40
C GLY A 539 -5.52 -17.45 13.88
N PRO A 540 -5.77 -18.45 14.72
CA PRO A 540 -6.77 -19.49 14.43
C PRO A 540 -8.18 -18.99 14.18
N THR A 541 -9.06 -19.92 13.82
CA THR A 541 -10.31 -19.62 13.17
C THR A 541 -11.41 -20.51 13.71
N LYS A 542 -11.66 -20.47 15.01
CA LYS A 542 -12.71 -21.26 15.64
C LYS A 542 -12.56 -22.73 15.28
N SER A 543 -12.58 -23.04 13.99
CA SER A 543 -12.48 -24.38 13.43
C SER A 543 -11.08 -24.99 13.54
N ASP A 544 -10.06 -24.28 14.03
CA ASP A 544 -8.74 -24.89 14.19
C ASP A 544 -8.20 -24.59 15.59
N PRO A 545 -7.01 -25.07 15.99
CA PRO A 545 -6.72 -25.20 17.42
C PRO A 545 -6.35 -23.89 18.12
N ARG A 546 -6.55 -23.93 19.44
CA ARG A 546 -6.21 -22.80 20.32
C ARG A 546 -4.92 -22.14 19.87
N CYS A 547 -3.90 -22.94 19.57
CA CYS A 547 -2.63 -22.44 19.06
C CYS A 547 -2.37 -23.05 17.69
N LEU A 548 -1.63 -22.34 16.87
CA LEU A 548 -1.21 -22.92 15.61
C LEU A 548 0.28 -22.66 15.41
N THR A 549 0.94 -23.64 14.79
CA THR A 549 2.38 -23.85 14.91
C THR A 549 3.15 -23.14 13.80
N ARG A 550 4.04 -22.23 14.18
CA ARG A 550 4.89 -21.52 13.22
C ARG A 550 6.34 -21.62 13.65
N TYR A 551 7.18 -20.74 13.13
CA TYR A 551 8.61 -20.88 13.30
C TYR A 551 9.29 -19.60 12.82
N TYR A 552 10.49 -19.36 13.34
CA TYR A 552 11.33 -18.27 12.89
C TYR A 552 12.65 -18.83 12.38
N SER A 553 13.40 -18.00 11.65
CA SER A 553 14.75 -18.34 11.20
C SER A 553 15.42 -17.13 10.57
N SER A 554 16.75 -17.16 10.55
CA SER A 554 17.52 -16.22 9.78
C SER A 554 17.16 -16.34 8.30
N PHE A 555 17.12 -15.22 7.60
CA PHE A 555 16.71 -15.21 6.21
C PHE A 555 17.73 -14.56 5.27
N VAL A 556 18.90 -14.17 5.75
CA VAL A 556 19.88 -13.61 4.84
C VAL A 556 20.15 -14.60 3.73
N ASN A 557 20.10 -15.89 4.06
CA ASN A 557 20.19 -16.99 3.11
C ASN A 557 19.47 -18.17 3.75
N MET A 558 18.14 -18.11 3.72
CA MET A 558 17.24 -19.17 4.15
C MET A 558 17.83 -20.58 4.09
N GLU A 559 18.15 -21.06 2.88
CA GLU A 559 18.76 -22.37 2.71
C GLU A 559 19.88 -22.63 3.70
N ARG A 560 21.03 -22.00 3.48
CA ARG A 560 22.20 -22.40 4.25
C ARG A 560 22.17 -21.90 5.68
N ASP A 561 21.34 -20.90 6.00
CA ASP A 561 21.23 -20.48 7.39
C ASP A 561 20.50 -21.51 8.21
N LEU A 562 19.29 -21.85 7.79
CA LEU A 562 18.55 -22.94 8.42
C LEU A 562 19.39 -24.20 8.48
N ALA A 563 20.13 -24.47 7.41
CA ALA A 563 20.99 -25.65 7.40
C ALA A 563 22.09 -25.54 8.43
N SER A 564 22.58 -24.33 8.67
CA SER A 564 23.53 -24.16 9.75
C SER A 564 22.87 -24.32 11.11
N GLY A 565 21.55 -24.22 11.16
CA GLY A 565 20.83 -24.47 12.39
C GLY A 565 20.09 -23.30 12.98
N LEU A 566 19.72 -22.31 12.17
CA LEU A 566 18.99 -21.16 12.68
C LEU A 566 17.50 -21.39 12.47
N ILE A 567 16.86 -21.93 13.50
CA ILE A 567 15.47 -22.36 13.45
C ILE A 567 14.96 -22.38 14.88
N GLY A 568 13.67 -22.12 15.04
CA GLY A 568 13.04 -22.17 16.34
C GLY A 568 11.55 -21.96 16.23
N PRO A 569 10.80 -22.42 17.23
CA PRO A 569 9.34 -22.50 17.12
C PRO A 569 8.59 -21.27 17.61
N LEU A 570 7.50 -20.95 16.92
CA LEU A 570 6.66 -19.80 17.27
C LEU A 570 5.19 -20.18 17.27
N LEU A 571 4.57 -20.21 18.45
CA LEU A 571 3.15 -20.43 18.53
C LEU A 571 2.40 -19.11 18.39
N ILE A 572 1.15 -19.21 17.93
CA ILE A 572 0.27 -18.05 17.72
C ILE A 572 -1.13 -18.49 18.10
N CYS A 573 -1.71 -17.85 19.10
CA CYS A 573 -2.79 -18.51 19.82
C CYS A 573 -4.02 -17.63 20.01
N TYR A 574 -4.92 -18.04 20.90
CA TYR A 574 -6.15 -17.30 21.14
C TYR A 574 -6.34 -17.05 22.63
N LYS A 575 -7.02 -15.94 22.94
CA LYS A 575 -7.15 -15.26 24.23
C LYS A 575 -7.76 -16.05 25.39
N GLU A 576 -8.96 -15.69 25.80
CA GLU A 576 -9.56 -16.26 27.01
C GLU A 576 -10.18 -17.64 26.76
N SER A 587 4.24 -27.91 31.13
CA SER A 587 2.86 -28.41 31.21
C SER A 587 1.84 -27.36 30.77
N ASP A 588 2.30 -26.11 30.60
CA ASP A 588 1.43 -25.10 30.01
C ASP A 588 1.39 -25.29 28.50
N LYS A 589 2.28 -24.63 27.75
CA LYS A 589 2.48 -24.88 26.33
C LYS A 589 3.68 -25.80 26.17
N ARG A 590 3.46 -26.95 25.53
CA ARG A 590 4.20 -28.16 25.86
C ARG A 590 5.26 -28.56 24.85
N ASN A 591 5.11 -29.73 24.23
CA ASN A 591 6.20 -30.31 23.43
C ASN A 591 6.26 -29.69 22.04
N VAL A 592 7.47 -29.40 21.58
CA VAL A 592 7.70 -28.93 20.22
C VAL A 592 8.51 -29.99 19.50
N ILE A 593 8.01 -30.46 18.35
CA ILE A 593 8.68 -31.50 17.59
C ILE A 593 9.08 -30.94 16.23
N LEU A 594 10.38 -30.84 15.99
CA LEU A 594 10.93 -30.33 14.74
C LEU A 594 11.52 -31.47 13.93
N PHE A 595 10.89 -31.80 12.81
CA PHE A 595 11.43 -32.75 11.85
C PHE A 595 12.29 -31.96 10.87
N SER A 596 13.59 -32.21 10.89
CA SER A 596 14.56 -31.34 10.21
C SER A 596 15.70 -32.18 9.66
N VAL A 597 15.80 -32.27 8.34
CA VAL A 597 17.03 -32.73 7.74
C VAL A 597 17.98 -31.55 7.66
N PHE A 598 19.02 -31.56 8.47
CA PHE A 598 20.08 -30.57 8.38
C PHE A 598 21.14 -31.10 7.41
N ASP A 599 21.30 -30.41 6.30
CA ASP A 599 22.29 -30.76 5.27
C ASP A 599 23.57 -30.04 5.63
N GLU A 600 24.41 -30.69 6.41
CA GLU A 600 25.64 -30.06 6.85
C GLU A 600 26.61 -29.82 5.71
N ASN A 601 26.28 -30.28 4.50
CA ASN A 601 27.03 -29.94 3.30
C ASN A 601 26.68 -28.57 2.76
N ARG A 602 25.96 -27.76 3.52
CA ARG A 602 25.57 -26.42 3.10
C ARG A 602 25.84 -25.43 4.23
N SER A 603 25.74 -25.90 5.48
CA SER A 603 26.13 -25.13 6.65
C SER A 603 27.42 -24.38 6.40
N TRP A 604 27.37 -23.07 6.58
CA TRP A 604 28.52 -22.19 6.43
C TRP A 604 29.78 -22.81 7.02
N TYR A 605 29.62 -23.62 8.05
CA TYR A 605 30.71 -24.16 8.84
C TYR A 605 31.17 -25.52 8.35
N LEU A 606 30.68 -25.97 7.19
CA LEU A 606 31.17 -27.20 6.60
C LEU A 606 32.68 -27.23 6.63
N THR A 607 33.29 -26.15 6.16
CA THR A 607 34.75 -26.06 6.10
C THR A 607 35.34 -26.10 7.49
N GLU A 608 34.81 -25.30 8.42
CA GLU A 608 35.34 -25.31 9.78
C GLU A 608 35.25 -26.70 10.38
N ASN A 609 34.13 -27.37 10.19
CA ASN A 609 33.98 -28.73 10.72
C ASN A 609 35.01 -29.67 10.12
N ILE A 610 35.31 -29.52 8.83
CA ILE A 610 36.25 -30.45 8.19
C ILE A 610 37.62 -30.34 8.83
N GLN A 611 38.12 -29.11 8.99
CA GLN A 611 39.44 -28.95 9.59
C GLN A 611 39.51 -29.63 10.95
N ARG A 612 38.55 -29.34 11.84
CA ARG A 612 38.65 -29.83 13.21
C ARG A 612 38.38 -31.32 13.34
N PHE A 613 37.61 -31.90 12.42
CA PHE A 613 37.01 -33.21 12.66
C PHE A 613 37.44 -34.28 11.67
N LEU A 614 38.42 -34.03 10.83
CA LEU A 614 38.78 -35.02 9.82
C LEU A 614 40.19 -35.56 10.05
N PRO A 615 40.51 -36.74 9.50
CA PRO A 615 41.85 -37.29 9.72
C PRO A 615 42.92 -36.42 9.10
N ASN A 616 42.66 -35.95 7.91
CA ASN A 616 43.53 -35.11 7.12
C ASN A 616 42.58 -34.24 6.32
N PRO A 617 42.48 -32.97 6.61
CA PRO A 617 41.71 -32.08 5.73
C PRO A 617 42.12 -32.20 4.26
N ALA A 618 43.21 -32.93 4.01
CA ALA A 618 43.60 -33.27 2.64
C ALA A 618 42.47 -33.98 1.90
N GLY A 619 42.05 -35.16 2.39
CA GLY A 619 40.96 -35.89 1.77
C GLY A 619 39.73 -35.03 1.53
N VAL A 620 39.61 -34.46 0.34
CA VAL A 620 38.67 -33.37 0.14
C VAL A 620 37.34 -34.03 -0.20
N GLN A 621 37.25 -34.62 -1.38
CA GLN A 621 36.09 -35.37 -1.85
C GLN A 621 34.84 -34.51 -2.02
N LEU A 622 34.37 -33.92 -0.92
CA LEU A 622 33.26 -32.98 -0.91
C LEU A 622 32.04 -33.48 -1.69
N GLU A 623 32.22 -33.88 -2.94
CA GLU A 623 31.17 -34.58 -3.67
C GLU A 623 31.42 -36.08 -3.75
N ASP A 624 32.33 -36.62 -2.92
CA ASP A 624 32.25 -38.06 -2.74
C ASP A 624 30.87 -38.30 -2.18
N PRO A 625 29.98 -38.93 -2.94
CA PRO A 625 28.56 -38.89 -2.57
C PRO A 625 28.28 -39.60 -1.27
N GLU A 626 29.18 -40.46 -0.81
CA GLU A 626 29.03 -41.00 0.53
C GLU A 626 29.37 -39.94 1.58
N PHE A 627 30.50 -39.26 1.43
CA PHE A 627 30.85 -38.20 2.37
C PHE A 627 29.79 -37.11 2.38
N GLN A 628 29.43 -36.63 1.19
CA GLN A 628 28.38 -35.63 1.09
C GLN A 628 27.14 -36.09 1.82
N ALA A 629 26.61 -37.22 1.42
CA ALA A 629 25.47 -37.76 2.13
C ALA A 629 25.79 -38.27 3.43
N SER A 630 26.97 -38.07 4.00
CA SER A 630 27.23 -38.50 5.36
C SER A 630 26.95 -37.40 6.36
N ASN A 631 26.76 -36.17 5.89
CA ASN A 631 26.44 -35.03 6.73
C ASN A 631 25.02 -34.54 6.45
N ILE A 632 24.15 -35.43 5.99
CA ILE A 632 22.74 -35.10 5.77
C ILE A 632 21.95 -35.70 6.93
N MET A 633 22.22 -35.22 8.14
CA MET A 633 21.58 -35.70 9.37
C MET A 633 20.06 -35.57 9.37
N HIS A 634 19.37 -36.70 9.35
CA HIS A 634 17.92 -36.74 9.38
C HIS A 634 17.48 -36.61 10.83
N SER A 635 17.19 -35.38 11.24
CA SER A 635 17.06 -35.06 12.65
C SER A 635 15.61 -34.95 13.09
N ILE A 636 15.37 -35.26 14.35
CA ILE A 636 14.19 -34.80 15.07
C ILE A 636 14.68 -33.93 16.21
N ASN A 637 14.08 -32.75 16.32
CA ASN A 637 14.73 -31.64 16.99
C ASN A 637 16.19 -31.59 16.54
N GLY A 638 17.11 -32.00 17.38
CA GLY A 638 18.45 -31.87 16.90
C GLY A 638 19.14 -33.19 16.98
N TYR A 639 18.39 -34.18 17.46
CA TYR A 639 18.92 -35.50 17.72
C TYR A 639 18.42 -36.48 16.66
N VAL A 640 19.15 -37.60 16.52
CA VAL A 640 18.89 -38.59 15.48
C VAL A 640 19.08 -40.00 16.04
N PHE A 641 18.77 -40.98 15.19
CA PHE A 641 18.66 -42.40 15.51
C PHE A 641 18.31 -42.61 16.98
N ASP A 642 17.23 -42.00 17.44
CA ASP A 642 16.65 -42.22 18.76
C ASP A 642 17.31 -41.45 19.91
N SER A 643 18.12 -40.42 19.69
CA SER A 643 18.67 -39.69 20.83
C SER A 643 17.67 -38.77 21.50
N LEU A 644 16.62 -38.36 20.82
CA LEU A 644 15.57 -37.55 21.44
C LEU A 644 14.60 -38.53 22.07
N GLN A 645 14.77 -38.80 23.35
CA GLN A 645 13.80 -39.55 24.11
C GLN A 645 13.02 -38.52 24.92
N LEU A 646 11.70 -38.61 24.94
CA LEU A 646 10.96 -37.61 25.68
C LEU A 646 9.89 -38.25 26.55
N SER A 647 9.91 -37.87 27.84
CA SER A 647 9.08 -38.45 28.89
C SER A 647 7.74 -37.74 28.99
N VAL A 648 6.66 -38.51 28.98
CA VAL A 648 5.36 -38.02 29.38
C VAL A 648 4.84 -38.91 30.51
N CYS A 649 3.79 -38.44 31.17
CA CYS A 649 3.15 -39.15 32.25
C CYS A 649 1.82 -39.74 31.80
N LEU A 650 1.50 -40.91 32.34
CA LEU A 650 0.27 -41.57 31.93
C LEU A 650 -0.95 -40.72 32.23
N HIS A 651 -1.77 -40.52 31.19
CA HIS A 651 -2.94 -39.67 31.11
C HIS A 651 -2.58 -38.19 31.02
N GLU A 652 -1.30 -37.84 30.95
CA GLU A 652 -0.97 -36.47 30.62
C GLU A 652 -1.67 -36.10 29.33
N VAL A 653 -2.64 -35.21 29.41
CA VAL A 653 -3.26 -34.65 28.22
C VAL A 653 -2.33 -33.57 27.68
N ALA A 654 -1.72 -33.85 26.52
CA ALA A 654 -0.60 -33.08 25.99
C ALA A 654 -0.86 -32.63 24.57
N TYR A 655 -0.51 -31.38 24.30
CA TYR A 655 -0.44 -30.81 22.96
C TYR A 655 0.93 -31.06 22.35
N TRP A 656 0.97 -31.21 21.02
CA TRP A 656 2.21 -31.43 20.29
C TRP A 656 2.29 -30.46 19.13
N TYR A 657 3.33 -29.64 19.11
CA TYR A 657 3.55 -28.63 18.08
C TYR A 657 4.66 -29.16 17.18
N ILE A 658 4.37 -29.31 15.89
CA ILE A 658 5.08 -30.20 14.98
C ILE A 658 5.44 -29.48 13.69
N LEU A 659 6.73 -29.45 13.36
CA LEU A 659 7.19 -28.73 12.18
C LEU A 659 8.05 -29.59 11.28
N SER A 660 8.07 -29.22 10.00
CA SER A 660 8.94 -29.84 8.99
C SER A 660 9.71 -28.69 8.33
N ILE A 661 10.85 -28.34 8.89
CA ILE A 661 11.72 -27.33 8.30
C ILE A 661 13.08 -27.97 8.19
N GLY A 662 13.60 -28.04 6.98
CA GLY A 662 14.88 -28.64 6.73
C GLY A 662 15.12 -28.60 5.25
N ALA A 663 16.03 -29.44 4.77
CA ALA A 663 16.16 -29.63 3.33
C ALA A 663 14.93 -30.34 2.78
N GLN A 664 14.84 -31.65 2.98
CA GLN A 664 13.57 -32.38 3.02
C GLN A 664 12.83 -32.59 1.70
N THR A 665 12.19 -31.56 1.14
CA THR A 665 11.59 -31.70 -0.19
C THR A 665 10.31 -32.54 -0.24
N ASP A 666 10.33 -33.76 0.29
CA ASP A 666 9.14 -34.60 0.28
C ASP A 666 8.33 -34.43 1.57
N PHE A 667 7.04 -34.75 1.49
CA PHE A 667 6.25 -34.70 2.71
C PHE A 667 6.76 -35.72 3.71
N LEU A 668 6.41 -35.52 4.97
CA LEU A 668 6.63 -36.51 6.02
C LEU A 668 5.29 -37.04 6.49
N SER A 669 5.19 -38.35 6.71
CA SER A 669 3.95 -38.94 7.21
C SER A 669 4.25 -39.40 8.64
N VAL A 670 3.93 -38.57 9.62
CA VAL A 670 4.46 -38.76 10.96
C VAL A 670 3.48 -39.58 11.80
N PHE A 671 4.03 -40.43 12.65
CA PHE A 671 3.23 -41.27 13.51
C PHE A 671 3.84 -41.31 14.90
N PHE A 672 2.97 -41.45 15.89
CA PHE A 672 3.36 -42.00 17.19
C PHE A 672 2.86 -43.42 17.25
N SER A 673 3.72 -44.36 17.66
CA SER A 673 3.28 -45.71 17.99
C SER A 673 2.06 -45.70 18.87
N GLY A 674 1.43 -46.86 19.03
CA GLY A 674 0.38 -47.04 20.01
C GLY A 674 -0.58 -45.88 20.24
N TYR A 675 -0.49 -44.80 19.48
CA TYR A 675 -1.24 -43.61 19.85
C TYR A 675 -2.06 -43.09 18.68
N THR A 676 -2.93 -42.14 19.04
CA THR A 676 -3.99 -41.60 18.19
C THR A 676 -4.19 -40.15 18.61
N PHE A 677 -3.68 -39.23 17.81
CA PHE A 677 -3.82 -37.82 18.13
C PHE A 677 -5.10 -37.28 17.54
N LYS A 678 -5.48 -36.09 17.99
CA LYS A 678 -6.61 -35.39 17.41
C LYS A 678 -6.09 -34.35 16.43
N HIS A 679 -6.43 -34.53 15.17
CA HIS A 679 -6.15 -33.52 14.16
C HIS A 679 -7.34 -32.58 14.03
N LYS A 680 -7.95 -32.51 12.85
CA LYS A 680 -8.93 -31.45 12.62
C LYS A 680 -10.23 -31.61 13.41
N MET A 681 -10.14 -31.83 14.72
CA MET A 681 -11.28 -32.22 15.55
C MET A 681 -11.79 -33.58 15.14
N VAL A 682 -10.83 -34.47 14.93
CA VAL A 682 -11.05 -35.81 14.44
C VAL A 682 -9.84 -36.60 14.84
N TYR A 683 -10.03 -37.84 15.24
CA TYR A 683 -8.91 -38.67 15.64
C TYR A 683 -8.33 -39.31 14.39
N GLU A 684 -7.05 -39.09 14.14
CA GLU A 684 -6.41 -39.78 13.06
C GLU A 684 -5.18 -40.45 13.65
N ASP A 685 -4.29 -40.87 12.80
CA ASP A 685 -3.35 -41.92 13.17
C ASP A 685 -1.98 -41.72 12.57
N THR A 686 -1.88 -41.18 11.36
CA THR A 686 -0.68 -40.55 10.83
C THR A 686 -1.02 -39.13 10.40
N LEU A 687 -0.01 -38.27 10.39
CA LEU A 687 -0.18 -36.84 10.14
C LEU A 687 0.80 -36.41 9.07
N THR A 688 0.32 -36.16 7.86
CA THR A 688 1.22 -35.87 6.75
C THR A 688 1.60 -34.39 6.74
N LEU A 689 2.89 -34.11 6.56
CA LEU A 689 3.44 -32.76 6.68
C LEU A 689 4.28 -32.41 5.46
N PHE A 690 3.88 -31.37 4.76
CA PHE A 690 4.71 -30.91 3.66
C PHE A 690 5.89 -30.12 4.21
N PRO A 691 6.90 -29.90 3.39
CA PRO A 691 8.00 -29.02 3.81
C PRO A 691 7.53 -27.62 4.18
N PHE A 692 8.29 -27.02 5.10
CA PHE A 692 8.02 -25.70 5.69
C PHE A 692 6.60 -25.58 6.22
N SER A 693 6.11 -26.66 6.81
CA SER A 693 4.74 -26.72 7.28
C SER A 693 4.71 -27.12 8.74
N GLY A 694 3.70 -26.63 9.44
CA GLY A 694 3.53 -26.94 10.85
C GLY A 694 2.10 -27.19 11.24
N GLU A 695 1.87 -28.20 12.09
CA GLU A 695 0.54 -28.57 12.56
C GLU A 695 0.52 -28.83 14.05
N THR A 696 -0.62 -28.50 14.67
CA THR A 696 -0.90 -28.81 16.07
C THR A 696 -1.80 -30.04 16.17
N VAL A 697 -1.35 -31.03 16.92
CA VAL A 697 -2.15 -32.21 17.24
C VAL A 697 -2.27 -32.27 18.75
N PHE A 698 -3.20 -33.08 19.22
CA PHE A 698 -3.52 -33.05 20.64
C PHE A 698 -3.95 -34.45 21.09
N MET A 699 -3.29 -34.97 22.12
CA MET A 699 -3.50 -36.36 22.46
C MET A 699 -3.33 -36.57 23.95
N SER A 700 -3.99 -37.61 24.45
CA SER A 700 -3.93 -38.03 25.84
C SER A 700 -3.15 -39.33 25.96
N MET A 701 -2.13 -39.35 26.82
CA MET A 701 -1.19 -40.47 26.87
C MET A 701 -1.80 -41.63 27.63
N GLU A 702 -2.62 -42.41 26.94
CA GLU A 702 -3.33 -43.49 27.62
C GLU A 702 -2.68 -44.84 27.47
N ASN A 703 -1.53 -44.90 26.81
CA ASN A 703 -0.89 -46.18 26.50
C ASN A 703 0.44 -46.25 27.21
N PRO A 704 0.49 -46.85 28.40
CA PRO A 704 1.78 -47.13 29.01
C PRO A 704 2.65 -47.92 28.05
N GLY A 705 3.94 -47.65 28.07
CA GLY A 705 4.86 -48.34 27.19
C GLY A 705 5.94 -47.46 26.61
N LEU A 706 6.92 -48.06 25.96
CA LEU A 706 7.88 -47.29 25.18
C LEU A 706 7.41 -47.29 23.74
N TRP A 707 7.33 -46.11 23.15
CA TRP A 707 6.85 -45.95 21.80
C TRP A 707 7.88 -45.19 20.98
N ILE A 708 7.75 -45.23 19.65
CA ILE A 708 8.60 -44.42 18.80
C ILE A 708 7.73 -43.42 18.06
N LEU A 709 8.06 -42.15 18.25
CA LEU A 709 7.72 -41.11 17.31
C LEU A 709 8.60 -41.26 16.09
N GLY A 710 8.05 -41.04 14.92
CA GLY A 710 8.85 -41.22 13.73
C GLY A 710 8.07 -41.02 12.45
N CYS A 711 8.65 -41.58 11.40
CA CYS A 711 8.59 -40.99 10.08
C CYS A 711 7.71 -41.74 9.09
N HIS A 712 7.58 -43.06 9.19
CA HIS A 712 6.72 -43.85 8.31
C HIS A 712 7.28 -43.86 6.89
N ASN A 713 7.95 -42.77 6.50
CA ASN A 713 8.63 -42.73 5.21
C ASN A 713 9.79 -43.71 5.28
N SER A 714 9.52 -44.89 4.72
CA SER A 714 10.46 -45.93 4.30
C SER A 714 11.91 -45.66 4.69
N ASP A 715 12.56 -44.75 3.97
CA ASP A 715 14.01 -44.66 3.97
C ASP A 715 14.56 -43.38 4.58
N PHE A 716 13.72 -42.44 5.05
CA PHE A 716 14.11 -41.72 6.25
C PHE A 716 13.99 -42.74 7.36
N ARG A 717 13.85 -42.32 8.61
CA ARG A 717 13.63 -43.28 9.69
C ARG A 717 14.80 -44.28 9.72
N ASN A 718 15.03 -44.98 8.60
CA ASN A 718 16.28 -45.69 8.40
C ASN A 718 17.47 -44.76 8.57
N ARG A 719 17.33 -43.52 8.10
CA ARG A 719 18.44 -42.59 8.04
C ARG A 719 18.56 -41.71 9.28
N GLY A 720 17.76 -41.97 10.31
CA GLY A 720 18.02 -41.46 11.64
C GLY A 720 16.81 -40.88 12.35
N MET A 721 15.83 -40.45 11.58
CA MET A 721 14.70 -39.68 12.05
C MET A 721 13.77 -40.45 12.96
N THR A 722 14.16 -40.76 14.21
CA THR A 722 13.32 -41.64 15.01
C THR A 722 12.76 -40.90 16.21
N ALA A 723 13.27 -41.13 17.44
CA ALA A 723 12.79 -40.58 18.73
C ALA A 723 11.78 -41.44 19.49
N LEU A 724 11.78 -41.31 20.82
CA LEU A 724 11.13 -42.23 21.76
C LEU A 724 10.15 -41.52 22.68
N LEU A 725 9.12 -42.25 23.13
CA LEU A 725 8.01 -41.61 23.83
C LEU A 725 7.92 -41.94 25.31
N LYS A 726 8.52 -43.04 25.81
CA LYS A 726 8.52 -43.37 27.24
C LYS A 726 7.39 -42.76 28.06
N VAL A 727 6.28 -43.46 28.26
CA VAL A 727 5.20 -42.83 29.00
C VAL A 727 5.35 -43.13 30.50
N SER A 728 4.64 -44.15 31.00
CA SER A 728 4.68 -44.57 32.39
C SER A 728 3.92 -43.64 33.33
N SER A 729 3.20 -44.23 34.28
CA SER A 729 2.48 -43.51 35.31
C SER A 729 3.45 -42.97 36.34
N CYS A 730 3.01 -41.94 37.05
CA CYS A 730 3.92 -41.16 37.86
C CYS A 730 3.19 -40.50 39.00
N LYS A 828 -20.98 -53.64 24.62
CA LYS A 828 -21.14 -54.58 25.72
C LYS A 828 -20.29 -55.84 25.52
N ARG A 829 -20.13 -56.24 24.26
CA ARG A 829 -19.54 -57.53 23.89
C ARG A 829 -18.03 -57.50 24.00
N THR A 830 -17.43 -58.66 23.79
CA THR A 830 -16.00 -58.76 23.48
C THR A 830 -15.94 -59.49 22.16
N ARG A 831 -15.65 -58.76 21.10
CA ARG A 831 -15.66 -59.34 19.77
C ARG A 831 -14.31 -59.98 19.52
N HIS A 832 -14.29 -61.31 19.44
CA HIS A 832 -13.08 -62.10 19.31
C HIS A 832 -12.92 -62.53 17.86
N TYR A 833 -11.77 -62.21 17.26
CA TYR A 833 -11.44 -62.60 15.89
C TYR A 833 -10.23 -63.51 15.91
N PHE A 834 -10.25 -64.54 15.07
CA PHE A 834 -9.18 -65.53 14.99
C PHE A 834 -8.52 -65.36 13.62
N ILE A 835 -7.27 -64.90 13.63
CA ILE A 835 -6.60 -64.33 12.47
C ILE A 835 -5.17 -64.85 12.40
N ALA A 836 -4.71 -65.16 11.20
CA ALA A 836 -3.38 -65.68 11.06
C ALA A 836 -2.72 -65.04 9.85
N ALA A 837 -1.40 -65.08 9.83
CA ALA A 837 -0.64 -64.59 8.68
C ALA A 837 -0.12 -65.80 7.92
N VAL A 838 -0.60 -65.96 6.69
CA VAL A 838 -0.37 -67.18 5.92
C VAL A 838 0.16 -66.81 4.55
N GLU A 839 0.93 -67.71 3.95
CA GLU A 839 1.56 -67.40 2.69
C GLU A 839 0.71 -67.91 1.53
N GLN A 840 0.85 -67.26 0.38
CA GLN A 840 0.14 -67.67 -0.82
C GLN A 840 0.93 -67.27 -2.06
N LEU A 841 0.51 -67.84 -3.18
CA LEU A 841 0.87 -67.28 -4.46
C LEU A 841 -0.12 -66.19 -4.82
N TRP A 842 0.30 -65.29 -5.70
CA TRP A 842 -0.51 -64.15 -6.07
C TRP A 842 -0.03 -63.66 -7.42
N ASP A 843 -0.88 -63.72 -8.43
CA ASP A 843 -0.75 -62.91 -9.62
C ASP A 843 -1.66 -61.71 -9.45
N TYR A 844 -1.16 -60.52 -9.72
CA TYR A 844 -2.09 -59.48 -9.30
C TYR A 844 -3.31 -59.36 -10.25
N GLY A 845 -3.41 -60.31 -11.18
CA GLY A 845 -4.35 -60.26 -12.26
C GLY A 845 -3.70 -60.75 -13.53
N MET A 846 -4.23 -61.85 -14.05
CA MET A 846 -3.77 -62.38 -15.32
C MET A 846 -4.40 -61.67 -16.50
N SER A 847 -5.68 -61.32 -16.38
CA SER A 847 -6.55 -61.08 -17.51
C SER A 847 -6.12 -59.87 -18.35
N GLU A 848 -5.92 -60.12 -19.66
CA GLU A 848 -5.62 -59.19 -20.75
C GLU A 848 -4.12 -59.08 -21.04
N SER A 849 -3.28 -59.38 -20.05
CA SER A 849 -1.82 -59.27 -20.14
C SER A 849 -1.37 -57.82 -20.25
N VAL A 862 2.20 -65.29 -17.11
CA VAL A 862 1.61 -64.78 -15.87
C VAL A 862 2.44 -65.23 -14.67
N PRO A 863 3.46 -64.45 -14.34
CA PRO A 863 4.26 -64.76 -13.15
C PRO A 863 3.44 -64.64 -11.87
N ARG A 864 3.67 -65.56 -10.94
CA ARG A 864 3.00 -65.58 -9.65
C ARG A 864 4.02 -65.32 -8.55
N PHE A 865 3.57 -64.64 -7.50
CA PHE A 865 4.47 -64.15 -6.46
C PHE A 865 4.08 -64.67 -5.10
N LYS A 866 5.07 -64.98 -4.28
CA LYS A 866 4.79 -65.44 -2.94
C LYS A 866 4.58 -64.23 -2.04
N LYS A 867 3.42 -64.18 -1.41
CA LYS A 867 3.09 -63.13 -0.47
C LYS A 867 2.64 -63.76 0.82
N VAL A 868 2.41 -62.91 1.82
CA VAL A 868 1.95 -63.34 3.14
C VAL A 868 0.87 -62.37 3.57
N VAL A 869 -0.26 -62.89 4.08
CA VAL A 869 -1.47 -62.09 4.23
C VAL A 869 -2.24 -62.48 5.49
N PHE A 870 -3.05 -61.54 5.98
CA PHE A 870 -3.93 -61.80 7.11
C PHE A 870 -5.22 -62.41 6.62
N ARG A 871 -5.60 -63.55 7.18
CA ARG A 871 -6.90 -64.14 6.90
C ARG A 871 -7.58 -64.57 8.19
N GLU A 872 -8.89 -64.62 8.14
CA GLU A 872 -9.70 -64.99 9.27
C GLU A 872 -9.94 -66.49 9.27
N PHE A 873 -9.87 -67.08 10.46
CA PHE A 873 -10.17 -68.49 10.65
C PHE A 873 -11.34 -68.63 11.61
N ALA A 874 -11.88 -69.83 11.69
CA ALA A 874 -13.05 -70.04 12.50
C ALA A 874 -12.70 -70.43 13.94
N ASP A 875 -11.88 -71.46 14.11
CA ASP A 875 -11.56 -71.99 15.42
C ASP A 875 -10.29 -71.36 15.97
N GLY A 876 -10.14 -71.45 17.29
CA GLY A 876 -8.81 -71.38 17.86
C GLY A 876 -7.89 -72.36 17.17
N SER A 877 -8.37 -73.59 16.96
CA SER A 877 -7.73 -74.58 16.11
C SER A 877 -7.67 -74.03 14.70
N PHE A 878 -6.62 -73.27 14.42
CA PHE A 878 -6.49 -72.59 13.15
C PHE A 878 -6.52 -73.60 12.03
N THR A 879 -7.71 -74.14 11.77
CA THR A 879 -7.89 -75.20 10.79
C THR A 879 -9.05 -74.94 9.85
N GLN A 880 -10.10 -74.24 10.31
CA GLN A 880 -11.22 -73.86 9.46
C GLN A 880 -11.02 -72.42 9.00
N PRO A 881 -10.64 -72.18 7.74
CA PRO A 881 -10.14 -70.86 7.36
C PRO A 881 -11.18 -69.86 6.91
N SER A 882 -12.47 -70.10 7.16
CA SER A 882 -13.50 -69.09 6.95
C SER A 882 -13.38 -68.43 5.59
N TYR A 883 -13.38 -69.25 4.54
CA TYR A 883 -13.26 -68.75 3.18
C TYR A 883 -14.29 -67.66 2.94
N ARG A 884 -13.96 -66.69 2.10
CA ARG A 884 -14.86 -65.56 1.90
C ARG A 884 -15.27 -65.41 0.44
N GLY A 885 -16.30 -64.60 0.26
CA GLY A 885 -16.88 -64.31 -1.04
C GLY A 885 -18.10 -63.46 -0.84
N GLU A 886 -18.59 -62.90 -1.95
CA GLU A 886 -19.74 -62.00 -1.99
C GLU A 886 -19.44 -60.75 -1.17
N LEU A 887 -19.71 -60.79 0.13
CA LEU A 887 -19.51 -59.62 0.97
C LEU A 887 -18.04 -59.22 1.11
N ASN A 888 -17.08 -60.09 0.78
CA ASN A 888 -15.68 -59.74 0.98
C ASN A 888 -14.79 -60.11 -0.20
N LYS A 889 -15.34 -60.51 -1.34
CA LYS A 889 -14.49 -60.86 -2.47
C LYS A 889 -13.47 -59.75 -2.71
N HIS A 890 -13.92 -58.50 -2.61
CA HIS A 890 -13.10 -57.33 -2.91
C HIS A 890 -11.89 -57.16 -2.00
N LEU A 891 -11.89 -57.80 -0.83
CA LEU A 891 -10.81 -57.56 0.13
C LEU A 891 -9.46 -57.79 -0.53
N GLY A 892 -9.36 -58.75 -1.42
CA GLY A 892 -8.10 -58.95 -2.07
C GLY A 892 -7.02 -59.27 -1.06
N LEU A 893 -5.83 -58.74 -1.33
CA LEU A 893 -4.65 -58.97 -0.52
C LEU A 893 -4.85 -58.53 0.92
N LEU A 894 -6.01 -57.95 1.20
CA LEU A 894 -6.31 -57.28 2.47
C LEU A 894 -6.80 -58.27 3.52
N GLY A 895 -6.53 -57.92 4.77
CA GLY A 895 -6.98 -58.73 5.86
C GLY A 895 -8.48 -58.63 6.02
N PRO A 896 -9.03 -59.41 6.93
CA PRO A 896 -10.47 -59.40 7.12
C PRO A 896 -10.92 -58.15 7.87
N TYR A 897 -12.17 -57.76 7.63
CA TYR A 897 -12.78 -56.71 8.43
C TYR A 897 -12.90 -57.11 9.88
N ILE A 898 -12.16 -56.44 10.76
CA ILE A 898 -12.32 -56.61 12.19
C ILE A 898 -13.04 -55.39 12.76
N ARG A 899 -14.27 -55.60 13.22
CA ARG A 899 -15.23 -54.56 13.52
C ARG A 899 -15.60 -54.57 14.99
N ALA A 900 -15.51 -53.43 15.67
CA ALA A 900 -16.04 -53.26 17.01
C ALA A 900 -16.94 -52.04 17.04
N GLU A 901 -17.87 -52.01 17.99
CA GLU A 901 -18.50 -50.76 18.39
C GLU A 901 -17.61 -50.13 19.46
N VAL A 902 -18.04 -49.03 20.07
CA VAL A 902 -17.22 -48.37 21.09
C VAL A 902 -17.66 -48.85 22.45
N GLU A 903 -16.68 -49.08 23.32
CA GLU A 903 -16.78 -49.63 24.66
C GLU A 903 -16.87 -51.14 24.68
N ASP A 904 -17.12 -51.82 23.56
CA ASP A 904 -16.91 -53.25 23.68
C ASP A 904 -15.42 -53.53 23.50
N ASN A 905 -15.03 -54.78 23.59
CA ASN A 905 -13.63 -55.13 23.65
C ASN A 905 -13.24 -55.87 22.37
N ILE A 906 -11.99 -55.73 21.98
CA ILE A 906 -11.45 -56.38 20.78
C ILE A 906 -10.46 -57.45 21.22
N MET A 907 -10.58 -58.64 20.64
CA MET A 907 -9.72 -59.75 21.02
C MET A 907 -9.27 -60.47 19.77
N VAL A 908 -8.02 -60.31 19.39
CA VAL A 908 -7.47 -60.97 18.21
C VAL A 908 -6.48 -62.01 18.70
N THR A 909 -6.77 -63.27 18.43
CA THR A 909 -5.75 -64.29 18.54
C THR A 909 -5.07 -64.39 17.17
N PHE A 910 -3.77 -64.15 17.14
CA PHE A 910 -3.01 -64.09 15.90
C PHE A 910 -2.01 -65.22 15.90
N LYS A 911 -2.00 -66.03 14.85
CA LYS A 911 -1.04 -67.10 14.74
C LYS A 911 -0.22 -66.89 13.49
N ASN A 912 1.08 -66.93 13.62
CA ASN A 912 1.98 -66.78 12.49
C ASN A 912 2.17 -68.14 11.85
N GLN A 913 1.70 -68.30 10.62
CA GLN A 913 2.29 -69.37 9.82
C GLN A 913 3.58 -68.81 9.27
N ALA A 914 3.77 -68.86 7.95
CA ALA A 914 4.79 -68.07 7.29
C ALA A 914 6.24 -68.38 7.69
N SER A 915 7.18 -68.05 6.80
CA SER A 915 8.58 -68.33 7.06
C SER A 915 9.13 -67.45 8.19
N ARG A 916 8.90 -66.15 8.10
CA ARG A 916 9.52 -65.16 8.97
C ARG A 916 8.71 -64.95 10.24
N PRO A 917 9.14 -64.09 11.16
CA PRO A 917 8.22 -63.60 12.18
C PRO A 917 7.53 -62.32 11.72
N TYR A 918 6.28 -62.19 12.15
CA TYR A 918 5.41 -61.10 11.76
C TYR A 918 4.61 -60.69 12.97
N SER A 919 3.86 -59.61 12.84
CA SER A 919 3.23 -59.00 14.00
C SER A 919 1.83 -58.57 13.66
N PHE A 920 0.98 -58.51 14.66
CA PHE A 920 -0.29 -57.80 14.55
C PHE A 920 -0.17 -56.53 15.36
N TYR A 921 -0.01 -55.40 14.68
CA TYR A 921 -0.06 -54.09 15.32
C TYR A 921 -1.15 -53.27 14.66
N SER A 922 -1.83 -52.44 15.43
CA SER A 922 -2.73 -51.48 14.81
C SER A 922 -2.44 -50.03 15.15
N SER A 923 -2.15 -49.72 16.41
CA SER A 923 -2.13 -48.39 17.03
C SER A 923 -3.47 -48.09 17.67
N LEU A 924 -4.44 -49.00 17.61
CA LEU A 924 -5.55 -48.94 18.54
C LEU A 924 -5.30 -49.82 19.74
N ILE A 925 -4.40 -50.79 19.58
CA ILE A 925 -3.93 -51.74 20.57
C ILE A 925 -3.50 -51.02 21.84
N SER A 926 -4.22 -51.21 22.92
CA SER A 926 -4.03 -50.45 24.15
C SER A 926 -3.56 -51.39 25.26
N TYR A 927 -2.33 -51.27 25.62
CA TYR A 927 -1.78 -52.05 26.69
C TYR A 927 -2.11 -51.39 28.03
N PRO A 928 -2.23 -52.18 29.09
CA PRO A 928 -2.64 -51.62 30.39
C PRO A 928 -1.45 -51.30 31.25
N ASP A 929 -1.65 -50.58 32.35
CA ASP A 929 -0.49 -50.20 33.16
C ASP A 929 0.02 -51.40 33.98
N ASP A 930 0.37 -52.45 33.25
CA ASP A 930 1.10 -53.55 33.84
C ASP A 930 2.59 -53.26 33.75
N GLN A 931 3.39 -54.21 34.24
CA GLN A 931 4.84 -54.15 34.27
C GLN A 931 5.36 -52.73 34.59
N GLU A 932 5.77 -52.54 35.84
CA GLU A 932 6.36 -51.29 36.27
C GLU A 932 7.86 -51.32 35.94
N GLN A 933 8.74 -50.94 36.87
CA GLN A 933 10.19 -50.96 36.69
C GLN A 933 10.70 -50.01 35.60
N GLY A 934 9.85 -49.65 34.64
CA GLY A 934 10.23 -48.67 33.64
C GLY A 934 9.20 -48.61 32.55
N ALA A 935 9.56 -47.95 31.46
CA ALA A 935 8.81 -48.11 30.24
C ALA A 935 9.31 -49.34 29.50
N GLU A 936 8.41 -49.97 28.75
CA GLU A 936 8.76 -51.21 28.09
C GLU A 936 8.30 -51.10 26.64
N PRO A 937 9.17 -51.37 25.67
CA PRO A 937 8.68 -51.55 24.31
C PRO A 937 7.72 -52.72 24.30
N ARG A 938 6.50 -52.48 23.88
CA ARG A 938 5.53 -53.55 23.88
C ARG A 938 5.97 -54.59 22.87
N HIS A 939 6.62 -55.63 23.38
CA HIS A 939 6.97 -56.89 22.73
C HIS A 939 6.39 -57.06 21.34
N ASN A 940 5.12 -57.40 21.24
CA ASN A 940 4.54 -57.75 19.94
C ASN A 940 5.30 -58.97 19.43
N PHE A 941 5.63 -59.02 18.14
CA PHE A 941 6.58 -59.97 17.57
C PHE A 941 6.18 -61.43 17.75
N VAL A 942 5.37 -61.97 16.84
CA VAL A 942 4.98 -63.38 16.89
C VAL A 942 6.01 -64.19 16.10
N GLN A 943 6.78 -65.01 16.81
CA GLN A 943 7.65 -65.97 16.14
C GLN A 943 6.79 -66.94 15.35
N PRO A 944 7.30 -67.48 14.23
CA PRO A 944 6.50 -68.43 13.46
C PRO A 944 5.90 -69.50 14.36
N ASN A 945 4.71 -69.94 13.99
CA ASN A 945 3.94 -70.93 14.74
C ASN A 945 3.50 -70.46 16.11
N GLU A 946 4.14 -69.44 16.67
CA GLU A 946 3.64 -68.95 17.94
C GLU A 946 2.27 -68.34 17.75
N THR A 947 1.58 -68.10 18.87
CA THR A 947 0.21 -67.68 18.71
C THR A 947 -0.13 -66.71 19.84
N ARG A 948 0.22 -65.45 19.62
CA ARG A 948 -0.02 -64.37 20.58
C ARG A 948 -1.44 -63.85 20.46
N THR A 949 -1.94 -63.30 21.57
CA THR A 949 -3.32 -62.82 21.67
C THR A 949 -3.35 -61.39 22.19
N TYR A 950 -4.17 -60.56 21.55
CA TYR A 950 -4.32 -59.15 21.87
C TYR A 950 -5.73 -58.89 22.36
N PHE A 951 -5.87 -58.13 23.45
CA PHE A 951 -7.15 -57.80 24.04
C PHE A 951 -7.10 -56.35 24.51
N TRP A 952 -8.13 -55.57 24.19
CA TRP A 952 -8.12 -54.16 24.57
C TRP A 952 -9.53 -53.60 24.41
N LYS A 953 -9.92 -52.73 25.34
CA LYS A 953 -11.21 -52.07 25.19
C LYS A 953 -11.07 -50.95 24.19
N VAL A 954 -12.18 -50.59 23.57
CA VAL A 954 -12.16 -49.57 22.53
C VAL A 954 -12.70 -48.26 23.10
N GLN A 955 -11.88 -47.22 23.04
CA GLN A 955 -12.15 -45.94 23.66
C GLN A 955 -12.94 -45.04 22.73
N HIS A 956 -13.70 -44.12 23.33
CA HIS A 956 -14.40 -43.11 22.55
C HIS A 956 -13.49 -42.43 21.54
N HIS A 957 -12.17 -42.42 21.79
CA HIS A 957 -11.22 -41.74 20.92
C HIS A 957 -10.75 -42.60 19.77
N MET A 958 -11.11 -43.87 19.76
CA MET A 958 -10.86 -44.76 18.63
C MET A 958 -12.02 -44.81 17.68
N ALA A 959 -12.99 -43.96 17.86
CA ALA A 959 -14.28 -44.17 17.24
C ALA A 959 -14.78 -42.86 16.67
N PRO A 960 -15.92 -42.86 15.97
CA PRO A 960 -16.35 -41.63 15.30
C PRO A 960 -16.75 -40.55 16.28
N THR A 961 -16.15 -39.39 16.09
CA THR A 961 -16.75 -38.13 16.50
C THR A 961 -18.23 -38.11 16.11
N GLU A 962 -19.05 -37.34 16.83
CA GLU A 962 -20.45 -37.24 16.46
C GLU A 962 -20.63 -36.65 15.07
N ASP A 963 -19.59 -36.04 14.52
CA ASP A 963 -19.67 -35.45 13.19
C ASP A 963 -19.16 -36.37 12.11
N GLU A 964 -18.65 -37.55 12.44
CA GLU A 964 -18.16 -38.49 11.44
C GLU A 964 -19.25 -39.50 11.10
N PHE A 965 -18.90 -40.48 10.27
CA PHE A 965 -19.80 -41.51 9.80
C PHE A 965 -19.96 -42.60 10.84
N ASP A 966 -21.04 -43.39 10.68
CA ASP A 966 -21.36 -44.43 11.65
C ASP A 966 -20.21 -45.36 11.99
N CYS A 967 -19.12 -45.30 11.23
CA CYS A 967 -18.12 -46.37 11.33
C CYS A 967 -16.81 -45.86 10.75
N LYS A 968 -15.77 -45.84 11.56
CA LYS A 968 -14.47 -45.29 11.19
C LYS A 968 -13.55 -46.45 10.81
N ALA A 969 -12.61 -46.18 9.91
CA ALA A 969 -11.66 -47.20 9.49
C ALA A 969 -10.27 -46.88 10.02
N TRP A 970 -9.57 -47.94 10.42
CA TRP A 970 -8.20 -47.88 10.90
C TRP A 970 -7.45 -49.06 10.30
N ALA A 971 -6.15 -48.90 10.12
CA ALA A 971 -5.38 -49.96 9.49
C ALA A 971 -4.67 -50.81 10.54
N TYR A 972 -4.09 -51.91 10.06
CA TYR A 972 -3.32 -52.83 10.88
C TYR A 972 -2.40 -53.63 9.96
N PHE A 973 -1.24 -54.01 10.49
CA PHE A 973 -0.20 -54.54 9.63
C PHE A 973 0.86 -55.16 10.51
N SER A 974 1.81 -55.83 9.86
CA SER A 974 3.00 -56.24 10.58
C SER A 974 3.86 -55.03 10.82
N ASP A 975 4.60 -55.06 11.92
CA ASP A 975 5.55 -54.01 12.15
C ASP A 975 6.86 -54.58 12.65
N VAL A 976 7.23 -55.77 12.16
CA VAL A 976 8.57 -56.27 12.42
C VAL A 976 9.54 -55.69 11.40
N ASP A 977 9.06 -55.32 10.22
CA ASP A 977 9.78 -54.44 9.30
C ASP A 977 8.71 -53.69 8.52
N LEU A 978 8.21 -52.61 9.12
CA LEU A 978 7.20 -51.73 8.56
C LEU A 978 7.15 -51.78 7.05
N GLU A 979 8.29 -51.51 6.40
CA GLU A 979 8.29 -51.39 4.95
C GLU A 979 8.27 -52.76 4.27
N LYS A 980 9.19 -53.64 4.67
CA LYS A 980 9.43 -54.86 3.91
C LYS A 980 8.22 -55.79 3.92
N ASP A 981 7.51 -55.86 5.05
CA ASP A 981 6.46 -56.87 5.14
C ASP A 981 5.06 -56.29 5.01
N VAL A 982 4.92 -55.02 4.66
CA VAL A 982 3.68 -54.61 4.02
C VAL A 982 3.72 -54.95 2.54
N HIS A 983 4.82 -54.62 1.87
CA HIS A 983 5.02 -55.02 0.48
C HIS A 983 4.87 -56.52 0.32
N SER A 984 5.21 -57.27 1.36
CA SER A 984 4.99 -58.70 1.34
C SER A 984 3.49 -59.02 1.42
N GLY A 985 2.72 -58.24 2.19
CA GLY A 985 1.27 -58.31 2.05
C GLY A 985 0.40 -58.27 3.29
N LEU A 986 0.97 -57.96 4.45
CA LEU A 986 0.26 -58.00 5.72
C LEU A 986 -0.40 -56.66 5.92
N ILE A 987 -1.72 -56.61 5.82
CA ILE A 987 -2.44 -55.34 5.90
C ILE A 987 -3.93 -55.62 5.98
N GLY A 988 -4.64 -54.82 6.77
CA GLY A 988 -6.08 -54.99 6.88
C GLY A 988 -6.83 -53.81 7.48
N PRO A 989 -8.14 -53.80 7.29
CA PRO A 989 -8.95 -52.72 7.87
C PRO A 989 -9.58 -53.13 9.18
N LEU A 990 -9.56 -52.20 10.12
CA LEU A 990 -10.05 -52.38 11.47
C LEU A 990 -11.17 -51.35 11.65
N LEU A 991 -12.38 -51.74 11.34
CA LEU A 991 -13.48 -50.79 11.48
C LEU A 991 -13.84 -50.62 12.94
N ILE A 992 -14.08 -49.39 13.34
CA ILE A 992 -14.58 -49.07 14.67
C ILE A 992 -15.90 -48.33 14.52
N CYS A 993 -16.98 -49.07 14.65
CA CYS A 993 -18.32 -48.55 14.50
C CYS A 993 -18.79 -47.83 15.76
N ARG A 994 -19.93 -47.17 15.66
CA ARG A 994 -20.37 -46.19 16.64
C ARG A 994 -21.66 -46.64 17.28
N ALA A 995 -21.67 -46.76 18.61
CA ALA A 995 -22.90 -46.80 19.39
C ALA A 995 -23.65 -48.12 19.26
N ASN A 996 -24.82 -48.10 18.65
CA ASN A 996 -25.56 -49.34 18.45
C ASN A 996 -25.77 -49.60 16.97
N THR A 997 -24.75 -49.29 16.18
CA THR A 997 -24.90 -49.35 14.74
C THR A 997 -24.54 -50.73 14.22
N LEU A 998 -23.55 -51.36 14.82
CA LEU A 998 -23.00 -52.60 14.35
C LEU A 998 -23.63 -53.71 15.17
N ASN A 999 -24.40 -54.56 14.52
CA ASN A 999 -25.29 -55.41 15.30
C ASN A 999 -25.72 -56.60 14.46
N ALA A 1000 -26.94 -57.08 14.70
CA ALA A 1000 -27.46 -58.32 14.14
C ALA A 1000 -26.62 -59.48 14.65
N ALA A 1001 -26.79 -60.66 14.07
CA ALA A 1001 -25.83 -61.74 14.24
C ALA A 1001 -24.75 -61.70 13.19
N HIS A 1002 -24.63 -60.58 12.47
CA HIS A 1002 -23.65 -60.39 11.41
C HIS A 1002 -22.38 -59.66 11.86
N GLY A 1003 -22.44 -58.93 12.98
CA GLY A 1003 -21.33 -58.10 13.42
C GLY A 1003 -20.89 -57.07 12.40
N ARG A 1004 -21.84 -56.30 11.90
CA ARG A 1004 -21.69 -55.58 10.65
C ARG A 1004 -22.82 -54.58 10.59
N GLN A 1005 -22.68 -53.54 9.77
CA GLN A 1005 -23.73 -52.52 9.79
C GLN A 1005 -25.02 -53.02 9.13
N VAL A 1006 -24.92 -53.56 7.92
CA VAL A 1006 -26.03 -54.12 7.11
C VAL A 1006 -27.00 -53.04 6.65
N THR A 1007 -27.04 -51.90 7.35
CA THR A 1007 -27.80 -50.77 6.85
C THR A 1007 -27.14 -50.13 5.64
N VAL A 1008 -25.83 -50.26 5.53
CA VAL A 1008 -25.06 -49.59 4.50
C VAL A 1008 -24.10 -50.60 3.89
N GLN A 1009 -23.95 -50.53 2.58
CA GLN A 1009 -22.94 -51.34 1.90
C GLN A 1009 -21.57 -50.73 2.13
N GLU A 1010 -20.63 -51.53 2.62
CA GLU A 1010 -19.31 -51.01 2.98
C GLU A 1010 -18.22 -51.74 2.22
N PHE A 1011 -17.26 -50.98 1.71
CA PHE A 1011 -16.08 -51.51 1.02
C PHE A 1011 -14.81 -50.85 1.50
N ALA A 1012 -13.70 -51.56 1.39
CA ALA A 1012 -12.39 -51.06 1.78
C ALA A 1012 -11.44 -51.14 0.60
N LEU A 1013 -10.80 -50.04 0.27
CA LEU A 1013 -9.92 -49.98 -0.89
C LEU A 1013 -8.55 -49.49 -0.46
N PHE A 1014 -7.55 -50.32 -0.66
CA PHE A 1014 -6.17 -50.05 -0.27
C PHE A 1014 -5.36 -49.84 -1.54
N PHE A 1015 -4.97 -48.60 -1.79
CA PHE A 1015 -4.25 -48.22 -3.00
C PHE A 1015 -2.77 -48.21 -2.69
N THR A 1016 -2.01 -48.98 -3.42
CA THR A 1016 -0.59 -48.92 -3.19
C THR A 1016 0.10 -49.64 -4.33
N ILE A 1017 1.39 -49.43 -4.40
CA ILE A 1017 2.19 -49.84 -5.53
C ILE A 1017 3.21 -50.83 -4.97
N PHE A 1018 2.87 -52.12 -5.00
CA PHE A 1018 3.69 -53.15 -4.38
C PHE A 1018 5.00 -53.31 -5.12
N ASP A 1019 6.10 -53.29 -4.39
CA ASP A 1019 7.44 -53.48 -4.92
C ASP A 1019 7.87 -54.87 -4.48
N GLU A 1020 7.73 -55.85 -5.36
CA GLU A 1020 8.08 -57.19 -4.95
C GLU A 1020 9.58 -57.36 -4.77
N THR A 1021 10.38 -56.38 -5.18
CA THR A 1021 11.79 -56.35 -4.84
C THR A 1021 12.02 -56.17 -3.36
N LYS A 1022 11.13 -55.46 -2.68
CA LYS A 1022 11.29 -55.27 -1.26
C LYS A 1022 10.64 -56.39 -0.44
N SER A 1023 9.85 -57.26 -1.06
CA SER A 1023 9.12 -58.30 -0.32
C SER A 1023 10.00 -59.51 -0.09
N TRP A 1024 10.49 -59.67 1.14
CA TRP A 1024 11.01 -60.92 1.68
C TRP A 1024 11.05 -62.07 0.68
N TYR A 1025 9.88 -62.52 0.24
CA TYR A 1025 9.78 -63.65 -0.66
C TYR A 1025 10.28 -63.31 -2.06
N PHE A 1026 11.14 -62.30 -2.16
CA PHE A 1026 11.58 -61.81 -3.46
C PHE A 1026 12.60 -62.74 -4.09
N THR A 1027 13.45 -63.37 -3.27
CA THR A 1027 14.41 -64.34 -3.77
C THR A 1027 13.72 -65.63 -4.19
N GLU A 1028 12.69 -66.05 -3.46
CA GLU A 1028 11.87 -67.18 -3.89
C GLU A 1028 11.22 -66.92 -5.23
N ASN A 1029 11.16 -65.68 -5.66
CA ASN A 1029 10.67 -65.36 -6.98
C ASN A 1029 11.83 -65.26 -7.99
N VAL A 1030 12.76 -66.20 -7.84
CA VAL A 1030 13.61 -66.65 -8.95
C VAL A 1030 12.76 -67.36 -9.98
N GLU A 1031 11.89 -68.27 -9.54
CA GLU A 1031 11.12 -69.25 -10.32
C GLU A 1031 10.75 -68.84 -11.74
N ARG A 1032 10.90 -67.57 -12.05
CA ARG A 1032 10.78 -67.04 -13.40
C ARG A 1032 11.87 -67.57 -14.31
N ASN A 1033 12.13 -66.90 -15.43
CA ASN A 1033 13.30 -67.21 -16.28
C ASN A 1033 14.03 -65.92 -16.62
N CYS A 1034 15.31 -66.04 -16.93
CA CYS A 1034 16.19 -64.87 -17.13
C CYS A 1034 15.85 -64.09 -18.41
N THR A 1046 17.20 -55.70 -16.89
CA THR A 1046 17.59 -55.83 -15.49
C THR A 1046 16.85 -54.77 -14.65
N LEU A 1047 15.68 -54.33 -15.10
CA LEU A 1047 14.92 -53.35 -14.34
C LEU A 1047 13.65 -53.93 -13.77
N LYS A 1048 13.28 -53.39 -12.60
CA LYS A 1048 12.29 -53.95 -11.69
C LYS A 1048 10.87 -53.61 -12.08
N GLU A 1049 10.67 -52.74 -13.07
CA GLU A 1049 9.37 -52.11 -13.24
C GLU A 1049 8.26 -53.11 -13.58
N ASN A 1050 8.58 -54.39 -13.80
CA ASN A 1050 7.57 -55.46 -13.83
C ASN A 1050 7.48 -56.20 -12.51
N TYR A 1051 8.33 -55.87 -11.54
CA TYR A 1051 8.18 -56.34 -10.17
C TYR A 1051 7.46 -55.33 -9.29
N ARG A 1052 6.94 -54.26 -9.88
CA ARG A 1052 6.11 -53.30 -9.19
C ARG A 1052 4.71 -53.32 -9.78
N PHE A 1053 3.70 -53.34 -8.92
CA PHE A 1053 2.31 -53.38 -9.34
C PHE A 1053 1.54 -52.24 -8.67
N HIS A 1054 0.92 -51.39 -9.48
CA HIS A 1054 0.03 -50.33 -9.04
C HIS A 1054 -1.35 -50.92 -8.83
N ALA A 1055 -1.65 -51.34 -7.60
CA ALA A 1055 -2.71 -52.32 -7.33
C ALA A 1055 -3.66 -51.88 -6.23
N ILE A 1056 -4.92 -51.63 -6.61
CA ILE A 1056 -6.02 -51.49 -5.66
C ILE A 1056 -6.25 -52.84 -4.99
N ASN A 1057 -5.98 -52.94 -3.70
CA ASN A 1057 -6.20 -54.17 -2.93
C ASN A 1057 -5.45 -55.35 -3.48
N GLY A 1058 -4.45 -55.13 -4.32
CA GLY A 1058 -3.66 -56.21 -4.84
C GLY A 1058 -4.06 -56.69 -6.22
N TYR A 1059 -5.10 -56.11 -6.81
CA TYR A 1059 -5.46 -56.39 -8.18
C TYR A 1059 -5.11 -55.20 -9.05
N VAL A 1060 -4.67 -55.49 -10.26
CA VAL A 1060 -4.21 -54.47 -11.18
C VAL A 1060 -4.95 -54.67 -12.48
N MET A 1061 -5.31 -53.55 -13.12
CA MET A 1061 -5.89 -53.52 -14.47
C MET A 1061 -7.33 -53.96 -14.54
N ASP A 1062 -8.22 -53.29 -13.79
CA ASP A 1062 -9.65 -53.59 -13.80
C ASP A 1062 -9.94 -55.03 -13.41
N THR A 1063 -9.06 -55.63 -12.61
CA THR A 1063 -9.12 -57.02 -12.22
C THR A 1063 -9.77 -57.28 -10.86
N LEU A 1064 -9.89 -56.28 -10.01
CA LEU A 1064 -10.42 -56.50 -8.64
C LEU A 1064 -11.91 -56.81 -8.65
N PRO A 1065 -12.33 -57.98 -8.16
CA PRO A 1065 -13.74 -58.36 -8.15
C PRO A 1065 -14.50 -57.92 -6.92
N GLY A 1066 -15.80 -58.17 -6.87
CA GLY A 1066 -16.53 -58.09 -5.64
C GLY A 1066 -17.26 -56.80 -5.37
N LEU A 1067 -17.35 -55.88 -6.33
CA LEU A 1067 -17.87 -54.54 -6.09
C LEU A 1067 -19.26 -54.38 -6.72
N VAL A 1068 -20.29 -54.80 -5.99
CA VAL A 1068 -21.66 -54.71 -6.49
C VAL A 1068 -22.50 -54.00 -5.44
N MET A 1069 -23.27 -52.99 -5.87
CA MET A 1069 -23.99 -52.10 -4.96
C MET A 1069 -25.38 -51.78 -5.48
N ALA A 1070 -26.35 -51.70 -4.57
CA ALA A 1070 -27.72 -51.48 -4.99
C ALA A 1070 -27.99 -50.02 -5.31
N GLN A 1071 -28.77 -49.83 -6.37
CA GLN A 1071 -29.33 -48.59 -6.89
C GLN A 1071 -29.27 -47.40 -5.95
N ASN A 1072 -30.20 -47.31 -5.00
CA ASN A 1072 -30.26 -46.18 -4.09
C ASN A 1072 -30.13 -46.72 -2.68
N GLN A 1073 -29.01 -46.43 -2.05
CA GLN A 1073 -28.50 -47.24 -0.96
C GLN A 1073 -27.12 -46.71 -0.59
N ARG A 1074 -27.00 -46.07 0.57
CA ARG A 1074 -25.73 -45.48 0.97
C ARG A 1074 -24.61 -46.50 0.83
N ILE A 1075 -23.41 -46.01 0.49
CA ILE A 1075 -22.21 -46.82 0.36
C ILE A 1075 -21.08 -46.09 1.07
N ARG A 1076 -20.40 -46.79 1.96
CA ARG A 1076 -19.31 -46.23 2.76
C ARG A 1076 -17.98 -46.84 2.32
N TRP A 1077 -17.02 -45.99 2.02
CA TRP A 1077 -15.74 -46.42 1.46
C TRP A 1077 -14.62 -46.06 2.41
N TYR A 1078 -13.93 -47.07 2.93
CA TYR A 1078 -12.71 -46.86 3.65
C TYR A 1078 -11.54 -46.90 2.67
N LEU A 1079 -10.79 -45.80 2.55
CA LEU A 1079 -9.73 -45.66 1.56
C LEU A 1079 -8.38 -45.58 2.25
N LEU A 1080 -7.46 -46.46 1.88
CA LEU A 1080 -6.15 -46.46 2.51
C LEU A 1080 -5.07 -46.42 1.44
N SER A 1081 -4.03 -45.65 1.68
CA SER A 1081 -2.76 -45.80 0.99
C SER A 1081 -1.63 -46.05 1.97
N MET A 1082 -0.60 -46.73 1.49
CA MET A 1082 0.54 -47.07 2.33
C MET A 1082 1.81 -47.02 1.49
N GLY A 1083 2.92 -46.76 2.16
CA GLY A 1083 4.21 -46.95 1.55
C GLY A 1083 5.07 -45.74 1.26
N SER A 1084 5.93 -45.92 0.26
CA SER A 1084 6.90 -44.93 -0.13
C SER A 1084 6.23 -43.67 -0.64
N ASN A 1085 7.03 -42.60 -0.66
CA ASN A 1085 6.48 -41.29 -0.98
C ASN A 1085 5.73 -41.26 -2.29
N GLU A 1086 6.04 -42.17 -3.19
CA GLU A 1086 5.36 -42.20 -4.47
C GLU A 1086 3.87 -42.37 -4.31
N ASN A 1087 3.43 -42.96 -3.20
CA ASN A 1087 2.05 -43.38 -3.00
C ASN A 1087 1.10 -42.26 -2.62
N ILE A 1088 1.09 -41.19 -3.41
CA ILE A 1088 0.18 -40.09 -3.12
C ILE A 1088 -1.01 -40.17 -4.05
N HIS A 1089 -1.77 -41.25 -3.97
CA HIS A 1089 -2.76 -41.56 -5.00
C HIS A 1089 -3.99 -40.66 -4.86
N SER A 1090 -4.64 -40.42 -6.00
CA SER A 1090 -5.69 -39.41 -6.13
C SER A 1090 -6.95 -40.09 -6.64
N ILE A 1091 -7.73 -40.67 -5.72
CA ILE A 1091 -8.77 -41.64 -6.04
C ILE A 1091 -10.03 -40.93 -6.53
N HIS A 1092 -10.60 -41.44 -7.63
CA HIS A 1092 -11.80 -40.89 -8.28
C HIS A 1092 -12.84 -41.98 -8.46
N PHE A 1093 -14.10 -41.67 -8.19
CA PHE A 1093 -15.21 -42.54 -8.53
C PHE A 1093 -15.89 -41.95 -9.74
N SER A 1094 -15.53 -42.43 -10.91
CA SER A 1094 -16.01 -41.81 -12.13
C SER A 1094 -17.52 -41.76 -12.13
N GLY A 1095 -18.07 -40.63 -12.53
CA GLY A 1095 -19.50 -40.46 -12.57
C GLY A 1095 -20.17 -40.31 -11.23
N HIS A 1096 -19.42 -40.34 -10.13
CA HIS A 1096 -19.99 -40.18 -8.80
C HIS A 1096 -19.19 -39.16 -8.01
N VAL A 1097 -19.79 -38.72 -6.92
CA VAL A 1097 -19.20 -37.85 -5.91
C VAL A 1097 -19.54 -38.44 -4.56
N PHE A 1098 -18.73 -38.13 -3.56
CA PHE A 1098 -18.93 -38.65 -2.23
C PHE A 1098 -18.81 -37.53 -1.22
N SER A 1099 -19.00 -37.85 0.05
CA SER A 1099 -18.92 -36.89 1.13
C SER A 1099 -17.92 -37.36 2.17
N VAL A 1100 -16.99 -36.50 2.51
CA VAL A 1100 -16.04 -36.71 3.59
C VAL A 1100 -16.52 -35.90 4.77
N ARG A 1101 -16.18 -36.34 5.98
CA ARG A 1101 -16.69 -35.69 7.19
C ARG A 1101 -15.57 -35.56 8.19
N LYS A 1102 -15.29 -34.33 8.60
CA LYS A 1102 -14.41 -34.09 9.75
C LYS A 1102 -14.90 -32.83 10.48
N LYS A 1103 -15.72 -33.03 11.52
CA LYS A 1103 -16.34 -31.96 12.31
C LYS A 1103 -17.41 -31.21 11.52
N GLU A 1104 -17.22 -31.00 10.22
CA GLU A 1104 -18.34 -30.70 9.33
C GLU A 1104 -18.19 -31.51 8.05
N GLU A 1105 -19.18 -31.44 7.17
CA GLU A 1105 -19.30 -32.36 6.05
C GLU A 1105 -19.09 -31.65 4.72
N TYR A 1106 -18.14 -32.12 3.94
CA TYR A 1106 -17.77 -31.49 2.68
C TYR A 1106 -17.94 -32.45 1.52
N LYS A 1107 -18.49 -31.94 0.42
CA LYS A 1107 -18.66 -32.72 -0.80
C LYS A 1107 -17.35 -32.75 -1.58
N MET A 1108 -17.05 -33.89 -2.19
CA MET A 1108 -15.83 -34.01 -2.98
C MET A 1108 -16.06 -34.96 -4.15
N ALA A 1109 -15.10 -34.95 -5.07
CA ALA A 1109 -15.10 -35.90 -6.17
C ALA A 1109 -13.80 -36.64 -6.34
N VAL A 1110 -12.71 -36.17 -5.74
CA VAL A 1110 -11.44 -36.87 -5.77
C VAL A 1110 -10.78 -36.71 -4.42
N TYR A 1111 -10.47 -37.82 -3.78
CA TYR A 1111 -9.79 -37.81 -2.49
C TYR A 1111 -8.30 -38.03 -2.71
N ASN A 1112 -7.48 -37.21 -2.06
CA ASN A 1112 -6.05 -37.16 -2.31
C ASN A 1112 -5.33 -37.97 -1.24
N LEU A 1113 -5.31 -39.28 -1.43
CA LEU A 1113 -4.84 -40.23 -0.43
C LEU A 1113 -3.38 -40.03 -0.05
N TYR A 1114 -3.10 -39.73 1.21
CA TYR A 1114 -1.67 -39.75 1.46
C TYR A 1114 -1.29 -40.97 2.27
N PRO A 1115 -0.08 -41.50 2.07
CA PRO A 1115 0.30 -42.75 2.73
C PRO A 1115 0.16 -42.65 4.23
N GLY A 1116 -0.35 -43.73 4.82
CA GLY A 1116 -0.60 -43.81 6.24
C GLY A 1116 -1.92 -43.26 6.69
N VAL A 1117 -2.67 -42.62 5.80
CA VAL A 1117 -3.95 -41.99 6.13
C VAL A 1117 -5.06 -42.88 5.60
N PHE A 1118 -6.15 -42.99 6.37
CA PHE A 1118 -7.20 -44.00 6.14
C PHE A 1118 -8.58 -43.38 6.17
N GLU A 1119 -8.97 -42.65 5.13
CA GLU A 1119 -10.20 -41.88 5.22
C GLU A 1119 -11.42 -42.78 5.01
N THR A 1120 -12.55 -42.28 5.50
CA THR A 1120 -13.85 -42.92 5.37
C THR A 1120 -14.79 -41.93 4.70
N VAL A 1121 -15.37 -42.35 3.58
CA VAL A 1121 -16.24 -41.48 2.82
C VAL A 1121 -17.50 -42.25 2.47
N GLU A 1122 -18.58 -41.53 2.23
CA GLU A 1122 -19.85 -42.14 1.87
C GLU A 1122 -20.41 -41.48 0.63
N MET A 1123 -21.00 -42.30 -0.25
CA MET A 1123 -21.61 -41.80 -1.46
C MET A 1123 -22.92 -42.53 -1.70
N LEU A 1124 -23.82 -41.87 -2.36
CA LEU A 1124 -24.90 -42.67 -2.86
C LEU A 1124 -24.75 -42.81 -4.37
N PRO A 1125 -24.97 -44.00 -4.93
CA PRO A 1125 -24.78 -44.19 -6.38
C PRO A 1125 -26.00 -43.70 -7.14
N SER A 1126 -25.81 -42.63 -7.91
CA SER A 1126 -26.91 -42.12 -8.68
C SER A 1126 -27.32 -43.12 -9.76
N LYS A 1127 -26.42 -43.37 -10.70
CA LYS A 1127 -26.75 -44.00 -11.97
C LYS A 1127 -26.39 -45.48 -11.95
N VAL A 1128 -27.33 -46.31 -12.44
CA VAL A 1128 -27.07 -47.73 -12.65
C VAL A 1128 -26.03 -47.93 -13.74
N GLY A 1129 -25.16 -48.93 -13.56
CA GLY A 1129 -24.25 -49.38 -14.61
C GLY A 1129 -22.96 -49.91 -14.01
N ILE A 1130 -21.94 -50.01 -14.87
CA ILE A 1130 -20.59 -50.42 -14.49
C ILE A 1130 -19.67 -49.22 -14.61
N TRP A 1131 -19.12 -48.78 -13.49
CA TRP A 1131 -18.41 -47.52 -13.35
C TRP A 1131 -16.97 -47.75 -12.88
N ARG A 1132 -16.10 -46.77 -13.16
CA ARG A 1132 -14.66 -46.90 -12.91
C ARG A 1132 -14.19 -46.19 -11.64
N ILE A 1133 -13.22 -46.81 -10.95
CA ILE A 1133 -12.47 -46.24 -9.85
C ILE A 1133 -11.02 -46.11 -10.33
N GLU A 1134 -10.54 -44.89 -10.49
CA GLU A 1134 -9.22 -44.65 -11.03
C GLU A 1134 -8.32 -44.10 -9.95
N CYS A 1135 -7.05 -43.91 -10.29
CA CYS A 1135 -6.21 -42.92 -9.64
C CYS A 1135 -5.78 -41.93 -10.71
N LEU A 1136 -6.24 -40.70 -10.62
CA LEU A 1136 -6.02 -39.76 -11.70
C LEU A 1136 -4.57 -39.33 -11.86
N ILE A 1137 -3.66 -39.80 -11.01
CA ILE A 1137 -2.24 -39.67 -11.32
C ILE A 1137 -2.04 -40.52 -12.56
N GLY A 1138 -1.81 -39.87 -13.71
CA GLY A 1138 -1.91 -40.56 -14.98
C GLY A 1138 -0.98 -41.74 -15.10
N GLU A 1139 0.26 -41.57 -14.64
CA GLU A 1139 1.21 -42.69 -14.64
C GLU A 1139 0.63 -43.87 -13.90
N HIS A 1140 0.16 -43.65 -12.67
CA HIS A 1140 -0.42 -44.74 -11.90
C HIS A 1140 -1.58 -45.41 -12.63
N LEU A 1141 -2.47 -44.61 -13.22
CA LEU A 1141 -3.61 -45.17 -13.93
C LEU A 1141 -3.15 -46.11 -15.03
N GLN A 1142 -2.33 -45.62 -15.95
CA GLN A 1142 -1.90 -46.48 -17.04
C GLN A 1142 -1.07 -47.65 -16.59
N ALA A 1143 -0.46 -47.60 -15.41
CA ALA A 1143 0.21 -48.79 -14.92
C ALA A 1143 -0.75 -49.81 -14.33
N GLY A 1144 -2.06 -49.62 -14.48
CA GLY A 1144 -3.06 -50.58 -14.06
C GLY A 1144 -3.95 -50.16 -12.91
N MET A 1145 -3.53 -49.19 -12.09
CA MET A 1145 -4.27 -48.80 -10.88
C MET A 1145 -5.70 -48.39 -11.18
N SER A 1146 -6.56 -49.37 -11.46
CA SER A 1146 -7.96 -49.14 -11.77
C SER A 1146 -8.77 -50.40 -11.49
N THR A 1147 -10.06 -50.21 -11.31
CA THR A 1147 -11.03 -51.29 -11.24
C THR A 1147 -12.38 -50.68 -11.57
N THR A 1148 -13.43 -51.48 -11.48
CA THR A 1148 -14.75 -50.96 -11.76
C THR A 1148 -15.67 -51.38 -10.62
N PHE A 1149 -16.85 -50.76 -10.54
CA PHE A 1149 -17.91 -51.30 -9.70
C PHE A 1149 -19.21 -51.34 -10.49
N LEU A 1150 -20.14 -52.15 -9.99
CA LEU A 1150 -21.45 -52.30 -10.59
C LEU A 1150 -22.49 -51.77 -9.62
N VAL A 1151 -23.31 -50.83 -10.06
CA VAL A 1151 -24.51 -50.48 -9.34
C VAL A 1151 -25.68 -51.03 -10.14
N TYR A 1152 -26.55 -51.77 -9.46
CA TYR A 1152 -27.69 -52.43 -10.08
C TYR A 1152 -28.97 -51.88 -9.46
N SER A 1153 -30.04 -51.96 -10.20
CA SER A 1153 -31.33 -51.64 -9.63
C SER A 1153 -31.87 -52.87 -8.94
N LYS A 1154 -32.30 -52.70 -7.68
CA LYS A 1154 -33.00 -53.77 -7.02
C LYS A 1154 -34.32 -54.08 -7.71
N LYS A 1155 -34.83 -53.17 -8.54
CA LYS A 1155 -36.09 -53.34 -9.25
C LYS A 1155 -35.92 -53.96 -10.64
N CYS A 1156 -34.75 -54.49 -10.98
CA CYS A 1156 -34.61 -55.19 -12.24
C CYS A 1156 -34.51 -56.68 -11.94
N GLN A 1157 -35.58 -57.22 -11.40
CA GLN A 1157 -35.79 -58.66 -11.35
C GLN A 1157 -36.74 -59.01 -12.48
N THR A 1158 -36.35 -59.93 -13.34
CA THR A 1158 -37.21 -60.39 -14.40
C THR A 1158 -36.90 -61.85 -14.65
N PRO A 1159 -37.86 -62.64 -15.11
CA PRO A 1159 -37.56 -64.02 -15.47
C PRO A 1159 -36.62 -64.05 -16.66
N LEU A 1160 -35.49 -64.71 -16.51
CA LEU A 1160 -34.47 -64.83 -17.54
C LEU A 1160 -34.88 -65.73 -18.69
N GLY A 1161 -36.15 -66.07 -18.82
CA GLY A 1161 -36.63 -66.89 -19.91
C GLY A 1161 -36.63 -68.38 -19.68
N MET A 1162 -36.53 -68.83 -18.43
CA MET A 1162 -36.37 -70.25 -18.20
C MET A 1162 -37.69 -70.98 -18.40
N ALA A 1163 -38.77 -70.46 -17.84
CA ALA A 1163 -40.07 -71.04 -18.12
C ALA A 1163 -40.54 -70.69 -19.53
N SER A 1164 -40.27 -69.47 -19.96
CA SER A 1164 -40.77 -68.98 -21.24
C SER A 1164 -40.06 -69.57 -22.43
N GLY A 1165 -39.12 -70.48 -22.26
CA GLY A 1165 -38.41 -71.00 -23.41
C GLY A 1165 -37.49 -70.03 -24.09
N HIS A 1166 -37.43 -68.77 -23.65
CA HIS A 1166 -36.41 -67.88 -24.16
C HIS A 1166 -35.04 -68.50 -23.99
N ILE A 1167 -34.83 -69.22 -22.90
CA ILE A 1167 -33.64 -70.03 -22.70
C ILE A 1167 -33.79 -71.29 -23.55
N ARG A 1168 -32.98 -71.40 -24.60
CA ARG A 1168 -33.09 -72.56 -25.47
C ARG A 1168 -32.61 -73.81 -24.75
N ASP A 1169 -33.25 -74.94 -25.07
CA ASP A 1169 -32.99 -76.22 -24.44
C ASP A 1169 -31.50 -76.48 -24.25
N PHE A 1170 -30.67 -76.11 -25.24
CA PHE A 1170 -29.31 -76.62 -25.26
C PHE A 1170 -28.43 -76.05 -24.16
N GLN A 1171 -28.89 -75.01 -23.47
CA GLN A 1171 -28.10 -74.34 -22.45
C GLN A 1171 -28.22 -75.01 -21.09
N ILE A 1172 -29.26 -75.81 -20.88
CA ILE A 1172 -29.45 -76.55 -19.64
C ILE A 1172 -28.64 -77.83 -19.70
N THR A 1173 -28.05 -78.22 -18.56
CA THR A 1173 -27.01 -79.23 -18.51
C THR A 1173 -26.89 -79.78 -17.09
N ALA A 1174 -26.85 -81.11 -16.95
CA ALA A 1174 -26.70 -81.71 -15.64
C ALA A 1174 -25.62 -82.78 -15.63
N SER A 1175 -25.94 -83.97 -15.14
CA SER A 1175 -24.91 -84.88 -14.66
C SER A 1175 -25.56 -86.20 -14.29
N GLY A 1176 -26.05 -86.93 -15.26
CA GLY A 1176 -27.01 -87.92 -14.85
C GLY A 1176 -28.41 -87.44 -15.06
N GLN A 1177 -29.30 -88.36 -15.39
CA GLN A 1177 -30.60 -87.93 -15.89
C GLN A 1177 -31.78 -88.80 -15.50
N TYR A 1178 -31.61 -89.80 -14.63
CA TYR A 1178 -32.64 -90.81 -14.41
C TYR A 1178 -32.99 -91.53 -15.70
N GLY A 1179 -33.76 -90.88 -16.54
CA GLY A 1179 -34.05 -91.39 -17.86
C GLY A 1179 -35.24 -90.60 -18.31
N GLN A 1180 -35.21 -90.03 -19.51
CA GLN A 1180 -36.28 -89.20 -20.05
C GLN A 1180 -36.65 -88.00 -19.18
N TRP A 1181 -36.27 -88.00 -17.90
CA TRP A 1181 -36.46 -86.84 -17.02
C TRP A 1181 -35.34 -85.81 -17.23
N ALA A 1182 -35.26 -85.28 -18.48
CA ALA A 1182 -34.08 -84.58 -18.98
C ALA A 1182 -33.99 -83.15 -18.47
N PRO A 1183 -32.78 -82.63 -18.28
CA PRO A 1183 -32.65 -81.23 -17.87
C PRO A 1183 -33.35 -80.27 -18.80
N LYS A 1184 -33.57 -80.64 -20.03
CA LYS A 1184 -34.28 -79.67 -20.86
C LYS A 1184 -35.74 -79.48 -20.43
N LEU A 1185 -36.11 -80.03 -19.28
CA LEU A 1185 -37.45 -79.99 -18.73
C LEU A 1185 -37.55 -79.16 -17.46
N ALA A 1186 -36.44 -78.59 -17.00
CA ALA A 1186 -36.34 -77.98 -15.69
C ALA A 1186 -37.04 -76.65 -15.67
N ARG A 1187 -38.09 -76.54 -16.44
CA ARG A 1187 -38.63 -75.26 -16.84
C ARG A 1187 -39.89 -75.01 -16.04
N LEU A 1188 -39.82 -74.07 -15.12
CA LEU A 1188 -40.90 -73.75 -14.19
C LEU A 1188 -42.26 -73.75 -14.87
N HIS A 1189 -43.20 -74.46 -14.27
CA HIS A 1189 -44.60 -74.64 -14.67
C HIS A 1189 -44.78 -75.70 -15.76
N TYR A 1190 -43.71 -76.22 -16.35
CA TYR A 1190 -43.83 -77.29 -17.35
C TYR A 1190 -44.69 -78.43 -16.84
N SER A 1191 -45.45 -79.04 -17.73
CA SER A 1191 -46.52 -79.97 -17.36
C SER A 1191 -46.39 -81.33 -18.03
N GLY A 1192 -47.16 -82.27 -17.50
CA GLY A 1192 -47.40 -83.59 -18.05
C GLY A 1192 -46.52 -84.64 -17.41
N SER A 1193 -46.93 -85.89 -17.62
CA SER A 1193 -46.03 -87.03 -17.75
C SER A 1193 -44.77 -86.90 -16.92
N ILE A 1194 -43.65 -87.06 -17.60
CA ILE A 1194 -42.37 -86.54 -17.13
C ILE A 1194 -42.32 -85.05 -17.48
N ASN A 1195 -42.00 -84.22 -16.48
CA ASN A 1195 -42.07 -82.77 -16.67
C ASN A 1195 -41.04 -82.00 -15.86
N ALA A 1196 -39.89 -82.61 -15.58
CA ALA A 1196 -38.87 -81.92 -14.79
C ALA A 1196 -37.54 -82.61 -15.02
N TRP A 1197 -36.50 -81.98 -14.49
CA TRP A 1197 -35.27 -82.70 -14.22
C TRP A 1197 -35.50 -83.75 -13.14
N SER A 1198 -34.70 -84.80 -13.16
CA SER A 1198 -34.65 -85.73 -12.03
C SER A 1198 -33.42 -86.61 -12.15
N THR A 1199 -32.72 -86.83 -11.04
CA THR A 1199 -31.61 -87.76 -11.05
C THR A 1199 -31.61 -88.59 -9.77
N LYS A 1200 -31.31 -89.88 -9.94
CA LYS A 1200 -31.14 -90.81 -8.83
C LYS A 1200 -29.73 -90.77 -8.27
N GLU A 1201 -28.83 -89.99 -8.85
CA GLU A 1201 -27.53 -89.84 -8.25
C GLU A 1201 -27.63 -89.00 -6.99
N PRO A 1202 -26.85 -89.30 -5.97
CA PRO A 1202 -26.83 -88.45 -4.78
C PRO A 1202 -26.23 -87.11 -5.13
N PHE A 1203 -24.92 -87.12 -5.36
CA PHE A 1203 -24.20 -85.93 -5.75
C PHE A 1203 -24.50 -85.63 -7.22
N SER A 1204 -25.31 -84.59 -7.46
CA SER A 1204 -25.65 -84.16 -8.81
C SER A 1204 -25.63 -82.64 -8.89
N TRP A 1205 -25.92 -82.12 -10.08
CA TRP A 1205 -26.10 -80.70 -10.31
C TRP A 1205 -26.74 -80.49 -11.68
N ILE A 1206 -27.50 -79.41 -11.79
CA ILE A 1206 -27.99 -78.89 -13.06
C ILE A 1206 -27.40 -77.51 -13.26
N LYS A 1207 -27.16 -77.14 -14.51
CA LYS A 1207 -26.34 -75.97 -14.82
C LYS A 1207 -26.91 -75.19 -15.99
N VAL A 1208 -27.11 -73.89 -15.83
CA VAL A 1208 -27.67 -73.09 -16.91
C VAL A 1208 -26.64 -72.08 -17.38
N ASP A 1209 -26.39 -72.07 -18.70
CA ASP A 1209 -25.52 -71.10 -19.36
C ASP A 1209 -26.40 -70.01 -19.96
N LEU A 1210 -26.44 -68.85 -19.31
CA LEU A 1210 -27.20 -67.70 -19.78
C LEU A 1210 -26.69 -67.14 -21.09
N LEU A 1211 -25.50 -67.53 -21.52
CA LEU A 1211 -24.81 -67.21 -22.76
C LEU A 1211 -23.97 -65.94 -22.67
N ALA A 1212 -24.15 -65.12 -21.64
CA ALA A 1212 -23.34 -63.92 -21.43
C ALA A 1212 -23.43 -63.53 -19.96
N PRO A 1213 -22.45 -62.79 -19.45
CA PRO A 1213 -22.54 -62.27 -18.07
C PRO A 1213 -23.89 -61.66 -17.76
N MET A 1214 -24.43 -61.99 -16.60
CA MET A 1214 -25.75 -61.52 -16.21
C MET A 1214 -25.80 -61.24 -14.73
N ILE A 1215 -26.83 -60.51 -14.31
CA ILE A 1215 -27.11 -60.26 -12.90
C ILE A 1215 -28.29 -61.13 -12.51
N ILE A 1216 -28.12 -61.97 -11.50
CA ILE A 1216 -29.16 -62.88 -11.04
C ILE A 1216 -29.53 -62.49 -9.61
N HIS A 1217 -30.81 -62.22 -9.38
CA HIS A 1217 -31.28 -61.87 -8.05
C HIS A 1217 -32.05 -62.98 -7.36
N GLY A 1218 -32.37 -64.07 -8.05
CA GLY A 1218 -33.13 -65.10 -7.38
C GLY A 1218 -33.23 -66.34 -8.21
N ILE A 1219 -33.89 -67.33 -7.62
CA ILE A 1219 -34.15 -68.61 -8.29
C ILE A 1219 -35.45 -69.19 -7.75
N LYS A 1220 -36.39 -69.42 -8.64
CA LYS A 1220 -37.66 -70.00 -8.26
C LYS A 1220 -37.62 -71.49 -8.56
N THR A 1221 -38.15 -72.30 -7.65
CA THR A 1221 -37.82 -73.72 -7.57
C THR A 1221 -39.06 -74.55 -7.30
N GLN A 1222 -39.24 -75.62 -8.09
CA GLN A 1222 -40.29 -76.61 -7.89
C GLN A 1222 -39.76 -78.04 -7.89
N GLY A 1223 -40.43 -78.89 -8.66
CA GLY A 1223 -40.26 -80.33 -8.61
C GLY A 1223 -41.62 -80.94 -8.84
N ALA A 1224 -41.65 -82.09 -9.50
CA ALA A 1224 -42.92 -82.60 -10.02
C ALA A 1224 -43.47 -83.74 -9.16
N ARG A 1225 -44.53 -84.36 -9.64
CA ARG A 1225 -45.12 -85.53 -9.02
C ARG A 1225 -45.06 -86.67 -10.02
N GLN A 1226 -44.75 -87.87 -9.53
CA GLN A 1226 -44.87 -89.09 -10.30
C GLN A 1226 -45.98 -89.90 -9.64
N LYS A 1227 -47.08 -90.05 -10.37
CA LYS A 1227 -48.35 -90.54 -9.84
C LYS A 1227 -48.63 -89.94 -8.46
N PHE A 1228 -48.22 -90.62 -7.39
CA PHE A 1228 -48.69 -90.24 -6.06
C PHE A 1228 -47.61 -89.96 -5.04
N SER A 1229 -46.35 -89.95 -5.44
CA SER A 1229 -45.27 -89.50 -4.57
C SER A 1229 -44.90 -88.07 -4.94
N SER A 1230 -44.27 -87.36 -4.01
CA SER A 1230 -43.86 -85.98 -4.25
C SER A 1230 -42.34 -85.93 -4.33
N LEU A 1231 -41.83 -85.48 -5.48
CA LEU A 1231 -40.40 -85.41 -5.74
C LEU A 1231 -39.96 -83.95 -5.73
N TYR A 1232 -38.88 -83.66 -5.00
CA TYR A 1232 -38.42 -82.28 -4.99
C TYR A 1232 -37.09 -82.15 -4.25
N ILE A 1233 -36.33 -81.12 -4.62
CA ILE A 1233 -35.14 -80.69 -3.90
C ILE A 1233 -35.57 -79.89 -2.68
N SER A 1234 -35.22 -80.37 -1.50
CA SER A 1234 -35.57 -79.64 -0.30
C SER A 1234 -34.45 -78.73 0.17
N GLN A 1235 -33.26 -78.87 -0.40
CA GLN A 1235 -32.10 -78.16 0.12
C GLN A 1235 -30.95 -78.25 -0.87
N PHE A 1236 -30.60 -77.12 -1.48
CA PHE A 1236 -29.55 -77.08 -2.48
C PHE A 1236 -28.52 -76.02 -2.11
N ILE A 1237 -27.47 -75.96 -2.94
CA ILE A 1237 -26.50 -74.89 -2.87
C ILE A 1237 -26.24 -74.47 -4.31
N ILE A 1238 -25.79 -73.24 -4.46
CA ILE A 1238 -25.64 -72.63 -5.78
C ILE A 1238 -24.17 -72.36 -6.03
N MET A 1239 -23.67 -72.84 -7.17
CA MET A 1239 -22.38 -72.43 -7.67
C MET A 1239 -22.57 -71.65 -8.96
N TYR A 1240 -21.63 -70.75 -9.21
CA TYR A 1240 -21.67 -69.93 -10.40
C TYR A 1240 -20.27 -69.78 -10.92
N SER A 1241 -20.18 -69.32 -12.15
CA SER A 1241 -18.88 -69.11 -12.75
C SER A 1241 -19.03 -68.06 -13.82
N LEU A 1242 -17.91 -67.40 -14.10
CA LEU A 1242 -17.84 -66.37 -15.12
C LEU A 1242 -17.29 -66.92 -16.43
N ASP A 1243 -16.24 -67.74 -16.39
CA ASP A 1243 -15.70 -68.30 -17.62
C ASP A 1243 -16.24 -69.69 -17.94
N GLY A 1244 -16.46 -70.52 -16.93
CA GLY A 1244 -16.98 -71.84 -17.23
C GLY A 1244 -16.16 -72.98 -16.64
N LYS A 1245 -14.98 -72.66 -16.10
CA LYS A 1245 -14.25 -73.54 -15.19
C LYS A 1245 -13.60 -72.73 -14.09
N LYS A 1246 -14.31 -71.73 -13.55
CA LYS A 1246 -13.87 -70.92 -12.42
C LYS A 1246 -14.95 -70.84 -11.36
N TRP A 1247 -15.54 -71.97 -11.02
CA TRP A 1247 -16.71 -71.98 -10.16
C TRP A 1247 -16.39 -71.50 -8.75
N GLN A 1248 -17.32 -70.77 -8.15
CA GLN A 1248 -17.22 -70.36 -6.78
C GLN A 1248 -18.55 -70.60 -6.11
N THR A 1249 -18.51 -70.99 -4.84
CA THR A 1249 -19.72 -71.33 -4.13
C THR A 1249 -20.42 -70.07 -3.64
N TYR A 1250 -21.74 -70.03 -3.76
CA TYR A 1250 -22.47 -68.83 -3.39
C TYR A 1250 -22.56 -68.76 -1.87
N ARG A 1251 -21.47 -68.32 -1.25
CA ARG A 1251 -21.42 -68.03 0.18
C ARG A 1251 -22.27 -66.82 0.51
N GLY A 1252 -23.47 -66.74 -0.06
CA GLY A 1252 -24.18 -65.47 -0.10
C GLY A 1252 -24.39 -64.88 1.27
N ASN A 1253 -24.19 -63.57 1.36
CA ASN A 1253 -24.44 -62.81 2.59
C ASN A 1253 -23.61 -63.36 3.73
N SER A 1254 -22.34 -63.67 3.43
CA SER A 1254 -21.39 -64.29 4.34
C SER A 1254 -21.87 -65.61 4.98
N THR A 1255 -22.84 -65.54 5.90
CA THR A 1255 -23.38 -66.60 6.77
C THR A 1255 -22.39 -67.65 7.33
N GLY A 1256 -21.73 -68.42 6.47
CA GLY A 1256 -20.81 -69.48 6.90
C GLY A 1256 -19.84 -69.95 5.83
N THR A 1257 -19.58 -71.26 5.75
CA THR A 1257 -18.73 -71.79 4.68
C THR A 1257 -19.34 -71.53 3.32
N LEU A 1258 -20.66 -71.37 3.26
CA LEU A 1258 -21.46 -71.27 2.05
C LEU A 1258 -22.90 -71.07 2.50
N MET A 1259 -23.72 -70.65 1.56
CA MET A 1259 -25.16 -70.51 1.78
C MET A 1259 -25.82 -71.82 1.35
N VAL A 1260 -26.42 -72.50 2.33
CA VAL A 1260 -27.35 -73.61 2.07
C VAL A 1260 -28.73 -73.02 1.92
N PHE A 1261 -29.33 -73.23 0.77
CA PHE A 1261 -30.66 -72.71 0.50
C PHE A 1261 -31.70 -73.78 0.80
N PHE A 1262 -32.88 -73.34 1.17
CA PHE A 1262 -33.99 -74.25 1.41
C PHE A 1262 -34.80 -74.39 0.14
N GLY A 1263 -34.84 -75.60 -0.39
CA GLY A 1263 -35.56 -75.90 -1.60
C GLY A 1263 -37.06 -75.91 -1.39
N ASN A 1264 -37.70 -77.01 -1.76
CA ASN A 1264 -39.14 -77.07 -1.73
C ASN A 1264 -39.62 -77.92 -0.55
N VAL A 1265 -40.94 -78.08 -0.49
CA VAL A 1265 -41.57 -79.05 0.40
C VAL A 1265 -42.48 -80.00 -0.36
N ASP A 1266 -42.64 -79.83 -1.66
CA ASP A 1266 -43.62 -80.61 -2.39
C ASP A 1266 -43.42 -80.39 -3.88
N SER A 1267 -44.22 -81.12 -4.65
CA SER A 1267 -44.45 -80.86 -6.06
C SER A 1267 -44.69 -79.37 -6.32
N SER A 1268 -45.89 -78.90 -5.97
CA SER A 1268 -46.43 -77.69 -6.59
C SER A 1268 -45.63 -76.42 -6.25
N GLY A 1269 -45.24 -76.25 -4.99
CA GLY A 1269 -44.85 -74.93 -4.53
C GLY A 1269 -43.58 -74.40 -5.20
N ILE A 1270 -43.53 -73.08 -5.39
CA ILE A 1270 -42.31 -72.39 -5.79
C ILE A 1270 -41.60 -71.90 -4.55
N LYS A 1271 -40.32 -72.17 -4.44
CA LYS A 1271 -39.49 -71.54 -3.41
C LYS A 1271 -38.60 -70.52 -4.08
N HIS A 1272 -38.73 -69.26 -3.66
CA HIS A 1272 -38.07 -68.13 -4.31
C HIS A 1272 -36.94 -67.63 -3.41
N ASN A 1273 -35.89 -68.42 -3.27
CA ASN A 1273 -34.68 -67.88 -2.67
C ASN A 1273 -34.19 -66.70 -3.51
N ILE A 1274 -33.51 -65.76 -2.85
CA ILE A 1274 -32.92 -64.60 -3.51
C ILE A 1274 -31.43 -64.53 -3.23
N PHE A 1275 -30.69 -63.90 -4.14
CA PHE A 1275 -29.25 -63.71 -4.03
C PHE A 1275 -29.00 -62.26 -3.61
N ASN A 1276 -28.63 -62.04 -2.35
CA ASN A 1276 -28.72 -60.65 -1.89
C ASN A 1276 -27.38 -59.96 -1.77
N PRO A 1277 -26.28 -60.65 -2.02
CA PRO A 1277 -25.26 -60.08 -2.87
C PRO A 1277 -25.35 -60.69 -4.25
N PRO A 1278 -26.21 -60.14 -5.11
CA PRO A 1278 -26.62 -60.84 -6.33
C PRO A 1278 -25.45 -61.43 -7.09
N ILE A 1279 -25.72 -62.50 -7.81
CA ILE A 1279 -24.69 -63.25 -8.48
C ILE A 1279 -24.42 -62.64 -9.83
N ILE A 1280 -23.17 -62.30 -10.08
CA ILE A 1280 -22.73 -61.86 -11.39
C ILE A 1280 -21.99 -63.03 -12.00
N ALA A 1281 -22.55 -63.56 -13.08
CA ALA A 1281 -22.11 -64.84 -13.63
C ALA A 1281 -22.74 -64.99 -15.00
N ARG A 1282 -22.33 -66.05 -15.68
CA ARG A 1282 -23.06 -66.54 -16.83
C ARG A 1282 -23.30 -68.04 -16.77
N TYR A 1283 -22.66 -68.76 -15.86
CA TYR A 1283 -23.01 -70.16 -15.58
C TYR A 1283 -23.41 -70.25 -14.13
N ILE A 1284 -24.64 -70.65 -13.86
CA ILE A 1284 -25.11 -70.91 -12.51
C ILE A 1284 -25.40 -72.40 -12.40
N ARG A 1285 -25.19 -72.96 -11.22
CA ARG A 1285 -25.17 -74.41 -11.09
C ARG A 1285 -25.70 -74.83 -9.73
N LEU A 1286 -26.81 -75.57 -9.73
CA LEU A 1286 -27.54 -75.90 -8.51
C LEU A 1286 -27.19 -77.32 -8.08
N HIS A 1287 -26.74 -77.46 -6.85
CA HIS A 1287 -26.28 -78.74 -6.35
C HIS A 1287 -27.25 -79.29 -5.33
N PRO A 1288 -28.07 -80.29 -5.66
CA PRO A 1288 -28.99 -80.86 -4.68
C PRO A 1288 -28.22 -81.46 -3.52
N THR A 1289 -28.56 -81.02 -2.31
CA THR A 1289 -28.00 -81.54 -1.08
C THR A 1289 -29.00 -82.29 -0.22
N HIS A 1290 -30.31 -82.11 -0.45
CA HIS A 1290 -31.34 -82.88 0.25
C HIS A 1290 -32.60 -82.91 -0.60
N TYR A 1291 -33.03 -84.10 -0.99
CA TYR A 1291 -34.20 -84.23 -1.84
C TYR A 1291 -35.20 -85.19 -1.23
N SER A 1292 -36.44 -85.11 -1.72
CA SER A 1292 -37.49 -86.08 -1.40
C SER A 1292 -37.60 -87.10 -2.53
N ILE A 1293 -37.24 -88.35 -2.22
CA ILE A 1293 -37.29 -89.49 -3.15
C ILE A 1293 -36.23 -89.38 -4.24
N ARG A 1294 -36.15 -88.22 -4.88
CA ARG A 1294 -35.29 -88.00 -6.03
C ARG A 1294 -35.06 -86.49 -6.15
N SER A 1295 -33.81 -86.07 -6.32
CA SER A 1295 -33.57 -84.71 -6.81
C SER A 1295 -34.43 -84.51 -8.03
N THR A 1296 -35.27 -83.49 -8.00
CA THR A 1296 -36.24 -83.25 -9.07
C THR A 1296 -36.67 -81.80 -9.07
N LEU A 1297 -36.56 -81.16 -10.22
CA LEU A 1297 -36.59 -79.70 -10.25
C LEU A 1297 -37.20 -79.17 -11.54
N ARG A 1298 -38.19 -78.30 -11.40
CA ARG A 1298 -38.50 -77.29 -12.40
C ARG A 1298 -38.17 -75.96 -11.76
N MET A 1299 -37.45 -75.10 -12.47
CA MET A 1299 -36.91 -73.90 -11.86
C MET A 1299 -37.06 -72.74 -12.83
N GLU A 1300 -37.01 -71.53 -12.28
CA GLU A 1300 -36.94 -70.32 -13.07
C GLU A 1300 -35.91 -69.42 -12.42
N LEU A 1301 -35.16 -68.71 -13.24
CA LEU A 1301 -34.07 -67.86 -12.79
C LEU A 1301 -34.47 -66.41 -12.92
N MET A 1302 -34.55 -65.72 -11.79
CA MET A 1302 -34.83 -64.30 -11.74
C MET A 1302 -33.53 -63.51 -11.90
N GLY A 1303 -33.55 -62.49 -12.74
CA GLY A 1303 -32.33 -61.77 -12.98
C GLY A 1303 -32.43 -60.53 -13.84
N CYS A 1304 -31.35 -60.22 -14.55
CA CYS A 1304 -31.22 -58.95 -15.25
C CYS A 1304 -29.88 -58.88 -15.99
N ASP A 1305 -29.81 -58.13 -17.09
CA ASP A 1305 -28.53 -57.83 -17.72
C ASP A 1305 -27.71 -56.92 -16.82
N LEU A 1306 -26.45 -56.68 -17.21
CA LEU A 1306 -25.54 -55.98 -16.32
C LEU A 1306 -25.95 -54.53 -16.11
N ASN A 1307 -26.49 -53.87 -17.13
CA ASN A 1307 -26.83 -52.47 -17.02
C ASN A 1307 -28.26 -52.25 -16.57
N SER A 1308 -28.93 -53.30 -16.12
CA SER A 1308 -30.25 -53.20 -15.49
C SER A 1308 -31.27 -52.56 -16.43
N CYS A 1309 -31.27 -53.03 -17.67
CA CYS A 1309 -32.26 -52.70 -18.71
C CYS A 1309 -32.94 -53.97 -19.18
N SER A 1310 -33.84 -54.47 -18.38
CA SER A 1310 -34.63 -55.60 -18.77
C SER A 1310 -36.08 -55.37 -18.47
N MET A 1311 -36.39 -54.38 -17.70
CA MET A 1311 -37.77 -54.21 -17.29
C MET A 1311 -38.59 -53.58 -18.40
N PRO A 1312 -39.89 -53.86 -18.42
CA PRO A 1312 -40.78 -53.19 -19.36
C PRO A 1312 -40.68 -51.68 -19.30
N LEU A 1313 -40.97 -51.02 -20.42
CA LEU A 1313 -41.13 -49.58 -20.48
C LEU A 1313 -42.58 -49.17 -20.36
N GLY A 1314 -43.40 -49.95 -19.67
CA GLY A 1314 -44.75 -49.54 -19.41
C GLY A 1314 -45.72 -49.61 -20.57
N MET A 1315 -45.80 -50.75 -21.24
CA MET A 1315 -46.94 -51.00 -22.13
C MET A 1315 -48.09 -51.62 -21.35
N GLU A 1316 -47.82 -52.71 -20.64
CA GLU A 1316 -48.87 -53.34 -19.85
C GLU A 1316 -49.30 -52.45 -18.69
N SER A 1317 -48.33 -51.97 -17.92
CA SER A 1317 -48.55 -50.94 -16.89
C SER A 1317 -48.77 -49.62 -17.62
N LYS A 1318 -50.02 -49.17 -17.74
CA LYS A 1318 -50.40 -48.14 -18.72
C LYS A 1318 -49.50 -46.91 -18.77
N ALA A 1319 -48.37 -46.96 -18.09
CA ALA A 1319 -47.34 -45.93 -18.05
C ALA A 1319 -47.00 -45.30 -19.39
N ILE A 1320 -47.47 -45.85 -20.49
CA ILE A 1320 -47.31 -45.20 -21.79
C ILE A 1320 -48.69 -44.79 -22.25
N SER A 1321 -49.06 -43.54 -21.98
CA SER A 1321 -50.41 -43.11 -22.30
C SER A 1321 -50.69 -43.33 -23.78
N ASP A 1322 -51.96 -43.65 -24.05
CA ASP A 1322 -52.44 -44.05 -25.36
C ASP A 1322 -52.10 -43.05 -26.45
N ALA A 1323 -51.68 -41.85 -26.07
CA ALA A 1323 -51.31 -40.86 -27.06
C ALA A 1323 -49.91 -41.09 -27.60
N GLN A 1324 -49.05 -41.76 -26.83
CA GLN A 1324 -47.72 -42.07 -27.29
C GLN A 1324 -47.72 -43.21 -28.30
N ILE A 1325 -48.75 -44.05 -28.30
CA ILE A 1325 -48.92 -45.13 -29.27
C ILE A 1325 -49.75 -44.62 -30.44
N THR A 1326 -49.22 -44.81 -31.65
CA THR A 1326 -49.74 -44.27 -32.88
C THR A 1326 -49.33 -45.21 -34.01
N ALA A 1327 -50.19 -45.37 -35.01
CA ALA A 1327 -49.93 -46.29 -36.11
C ALA A 1327 -50.36 -45.66 -37.43
N SER A 1328 -50.04 -46.36 -38.53
CA SER A 1328 -50.33 -45.84 -39.87
C SER A 1328 -51.81 -45.94 -40.22
N SER A 1329 -52.50 -46.98 -39.74
CA SER A 1329 -53.95 -47.06 -39.82
C SER A 1329 -54.39 -48.02 -38.72
N TYR A 1330 -55.70 -48.18 -38.58
CA TYR A 1330 -56.22 -48.95 -37.46
C TYR A 1330 -57.65 -49.34 -37.80
N PHE A 1331 -57.90 -50.61 -38.06
CA PHE A 1331 -59.25 -51.02 -38.45
C PHE A 1331 -60.25 -50.72 -37.35
N THR A 1332 -61.33 -50.04 -37.69
CA THR A 1332 -62.43 -49.87 -36.77
C THR A 1332 -63.72 -50.05 -37.55
N ASN A 1333 -64.70 -50.68 -36.91
CA ASN A 1333 -66.05 -50.82 -37.46
C ASN A 1333 -67.01 -50.40 -36.36
N MET A 1334 -68.25 -50.88 -36.44
CA MET A 1334 -69.25 -50.44 -35.48
C MET A 1334 -68.99 -51.01 -34.09
N PHE A 1335 -68.74 -52.31 -34.00
CA PHE A 1335 -68.55 -52.95 -32.70
C PHE A 1335 -67.08 -53.05 -32.28
N ALA A 1336 -66.16 -52.73 -33.17
CA ALA A 1336 -64.73 -52.82 -32.92
C ALA A 1336 -64.09 -51.44 -32.91
N THR A 1337 -62.84 -51.43 -32.48
CA THR A 1337 -61.96 -50.27 -32.33
C THR A 1337 -60.57 -50.78 -31.99
N TRP A 1338 -59.87 -51.36 -32.97
CA TRP A 1338 -58.56 -51.94 -32.73
C TRP A 1338 -57.48 -50.87 -32.89
N SER A 1339 -57.54 -49.90 -32.03
CA SER A 1339 -56.71 -48.71 -32.08
C SER A 1339 -55.37 -48.98 -31.42
N PRO A 1340 -54.29 -48.40 -31.98
CA PRO A 1340 -52.93 -48.55 -31.42
C PRO A 1340 -52.85 -48.54 -29.90
N SER A 1341 -53.39 -47.49 -29.29
CA SER A 1341 -53.67 -47.39 -27.85
C SER A 1341 -53.85 -48.73 -27.16
N LYS A 1342 -54.42 -49.70 -27.87
CA LYS A 1342 -54.74 -50.98 -27.27
C LYS A 1342 -53.67 -52.04 -27.47
N ALA A 1343 -52.56 -51.74 -28.16
CA ALA A 1343 -51.57 -52.76 -28.50
C ALA A 1343 -50.61 -53.09 -27.36
N ARG A 1344 -51.14 -53.29 -26.17
CA ARG A 1344 -50.33 -53.44 -24.98
C ARG A 1344 -50.35 -54.90 -24.56
N LEU A 1345 -49.17 -55.43 -24.22
CA LEU A 1345 -49.03 -56.83 -23.89
C LEU A 1345 -50.04 -57.23 -22.85
N HIS A 1346 -50.88 -58.21 -23.19
CA HIS A 1346 -51.87 -58.87 -22.34
C HIS A 1346 -53.18 -58.09 -22.17
N LEU A 1347 -53.35 -56.91 -22.73
CA LEU A 1347 -54.63 -56.21 -22.60
C LEU A 1347 -55.76 -57.13 -23.02
N GLN A 1348 -56.90 -57.03 -22.35
CA GLN A 1348 -57.99 -57.95 -22.58
C GLN A 1348 -59.27 -57.21 -22.94
N GLY A 1349 -60.29 -57.98 -23.25
CA GLY A 1349 -61.61 -57.46 -23.53
C GLY A 1349 -61.89 -57.32 -25.01
N ARG A 1350 -62.93 -56.55 -25.30
CA ARG A 1350 -63.31 -56.32 -26.69
C ARG A 1350 -62.25 -55.49 -27.41
N SER A 1351 -61.99 -55.84 -28.66
CA SER A 1351 -61.05 -55.13 -29.53
C SER A 1351 -59.74 -54.83 -28.82
N ASN A 1352 -59.09 -55.90 -28.36
CA ASN A 1352 -57.95 -55.77 -27.46
C ASN A 1352 -56.65 -56.08 -28.19
N ALA A 1353 -56.25 -55.15 -29.06
CA ALA A 1353 -54.97 -55.15 -29.77
C ALA A 1353 -55.02 -54.15 -30.90
N TRP A 1354 -53.94 -54.03 -31.66
CA TRP A 1354 -53.92 -53.13 -32.79
C TRP A 1354 -54.09 -53.91 -34.08
N ARG A 1355 -54.93 -53.39 -34.96
CA ARG A 1355 -55.22 -54.00 -36.25
C ARG A 1355 -55.19 -52.94 -37.33
N PRO A 1356 -54.26 -53.01 -38.28
CA PRO A 1356 -54.28 -52.07 -39.40
C PRO A 1356 -55.57 -52.20 -40.22
N GLN A 1357 -56.12 -51.05 -40.62
CA GLN A 1357 -57.38 -51.05 -41.35
C GLN A 1357 -57.36 -52.01 -42.52
N VAL A 1358 -56.18 -52.32 -43.05
CA VAL A 1358 -56.00 -53.40 -44.02
C VAL A 1358 -54.67 -54.05 -43.71
N ASN A 1359 -54.53 -55.30 -44.14
CA ASN A 1359 -53.29 -56.05 -43.93
C ASN A 1359 -52.39 -55.87 -45.15
N ASN A 1360 -51.19 -55.33 -44.92
CA ASN A 1360 -50.15 -55.26 -45.94
C ASN A 1360 -48.81 -54.95 -45.27
N PRO A 1361 -47.69 -55.41 -45.86
CA PRO A 1361 -46.41 -55.27 -45.15
C PRO A 1361 -45.92 -53.85 -45.03
N LYS A 1362 -46.62 -52.88 -45.58
CA LYS A 1362 -46.20 -51.50 -45.44
C LYS A 1362 -46.70 -50.85 -44.15
N GLU A 1363 -47.68 -51.44 -43.45
CA GLU A 1363 -48.24 -50.88 -42.23
C GLU A 1363 -47.24 -50.92 -41.07
N TRP A 1364 -47.46 -50.07 -40.07
CA TRP A 1364 -46.56 -50.01 -38.91
C TRP A 1364 -47.25 -49.50 -37.66
N LEU A 1365 -46.79 -50.03 -36.52
CA LEU A 1365 -47.17 -49.56 -35.18
C LEU A 1365 -45.97 -48.85 -34.55
N GLN A 1366 -46.25 -47.78 -33.81
CA GLN A 1366 -45.25 -46.80 -33.42
C GLN A 1366 -45.44 -46.41 -31.96
N VAL A 1367 -44.32 -46.09 -31.31
CA VAL A 1367 -44.31 -45.69 -29.90
C VAL A 1367 -43.33 -44.53 -29.73
N ASP A 1368 -43.84 -43.38 -29.27
CA ASP A 1368 -43.03 -42.21 -28.94
C ASP A 1368 -42.77 -42.25 -27.44
N PHE A 1369 -41.54 -42.60 -27.05
CA PHE A 1369 -41.18 -42.57 -25.65
C PHE A 1369 -41.13 -41.17 -25.08
N GLN A 1370 -41.20 -40.16 -25.94
CA GLN A 1370 -40.93 -38.75 -25.63
C GLN A 1370 -39.43 -38.58 -25.43
N LYS A 1371 -38.89 -39.11 -24.33
CA LYS A 1371 -37.46 -39.11 -24.05
C LYS A 1371 -36.72 -40.18 -24.85
N THR A 1372 -35.41 -39.98 -25.04
CA THR A 1372 -34.55 -41.05 -25.53
C THR A 1372 -34.47 -42.18 -24.50
N MET A 1373 -34.74 -43.41 -24.96
CA MET A 1373 -34.73 -44.61 -24.15
C MET A 1373 -33.70 -45.59 -24.70
N LYS A 1374 -33.23 -46.51 -23.86
CA LYS A 1374 -32.34 -47.57 -24.32
C LYS A 1374 -33.15 -48.84 -24.53
N VAL A 1375 -33.64 -49.04 -25.74
CA VAL A 1375 -34.48 -50.20 -26.02
C VAL A 1375 -33.60 -51.42 -26.23
N THR A 1376 -33.77 -52.44 -25.40
CA THR A 1376 -32.91 -53.61 -25.47
C THR A 1376 -33.66 -54.86 -25.88
N GLY A 1377 -34.97 -54.79 -26.07
CA GLY A 1377 -35.69 -55.89 -26.67
C GLY A 1377 -37.13 -55.50 -26.91
N VAL A 1378 -37.88 -56.44 -27.46
CA VAL A 1378 -39.30 -56.26 -27.69
C VAL A 1378 -40.02 -57.59 -27.53
N THR A 1379 -40.79 -57.72 -26.45
CA THR A 1379 -41.75 -58.81 -26.34
C THR A 1379 -42.99 -58.49 -27.15
N THR A 1380 -43.62 -59.52 -27.69
CA THR A 1380 -44.59 -59.30 -28.74
C THR A 1380 -45.61 -60.43 -28.77
N GLN A 1381 -46.87 -60.09 -29.01
CA GLN A 1381 -47.96 -61.04 -28.81
C GLN A 1381 -49.02 -60.85 -29.88
N GLY A 1382 -49.93 -61.82 -29.98
CA GLY A 1382 -51.05 -61.71 -30.90
C GLY A 1382 -52.36 -61.78 -30.13
N VAL A 1383 -53.47 -62.08 -30.81
CA VAL A 1383 -54.77 -62.01 -30.15
C VAL A 1383 -55.70 -63.08 -30.70
N LYS A 1384 -56.50 -63.68 -29.81
CA LYS A 1384 -57.70 -64.41 -30.20
C LYS A 1384 -58.86 -63.43 -30.22
N SER A 1385 -59.64 -63.48 -31.29
CA SER A 1385 -60.83 -62.66 -31.42
C SER A 1385 -61.83 -63.39 -32.26
N LEU A 1386 -63.12 -63.12 -32.03
CA LEU A 1386 -64.17 -63.72 -32.85
C LEU A 1386 -63.83 -65.18 -33.07
N LEU A 1387 -63.44 -65.82 -31.97
CA LEU A 1387 -62.82 -67.13 -31.88
C LEU A 1387 -61.93 -67.46 -33.08
N THR A 1388 -61.30 -66.43 -33.67
CA THR A 1388 -60.44 -66.59 -34.84
C THR A 1388 -59.14 -65.83 -34.58
N SER A 1389 -58.01 -66.52 -34.67
CA SER A 1389 -56.77 -66.04 -34.09
C SER A 1389 -55.85 -65.38 -35.11
N MET A 1390 -55.27 -64.25 -34.71
CA MET A 1390 -54.44 -63.40 -35.56
C MET A 1390 -53.17 -63.01 -34.83
N TYR A 1391 -52.05 -62.96 -35.54
CA TYR A 1391 -50.76 -62.65 -34.93
C TYR A 1391 -49.76 -62.41 -36.05
N VAL A 1392 -48.58 -61.91 -35.68
CA VAL A 1392 -47.59 -61.45 -36.65
C VAL A 1392 -46.37 -62.37 -36.60
N LYS A 1393 -46.14 -63.08 -37.70
CA LYS A 1393 -45.17 -64.16 -37.74
C LYS A 1393 -43.73 -63.64 -37.81
N GLU A 1394 -43.54 -62.50 -38.46
CA GLU A 1394 -42.22 -61.96 -38.76
C GLU A 1394 -42.38 -60.45 -38.83
N PHE A 1395 -41.39 -59.72 -38.34
CA PHE A 1395 -41.41 -58.26 -38.46
C PHE A 1395 -39.99 -57.73 -38.48
N LEU A 1396 -39.87 -56.43 -38.72
CA LEU A 1396 -38.61 -55.72 -38.56
C LEU A 1396 -38.89 -54.36 -37.91
N ILE A 1397 -37.83 -53.66 -37.55
CA ILE A 1397 -37.90 -52.56 -36.59
C ILE A 1397 -37.15 -51.34 -37.11
N SER A 1398 -37.79 -50.18 -37.05
CA SER A 1398 -37.17 -48.90 -37.36
C SER A 1398 -37.13 -48.02 -36.12
N SER A 1399 -36.16 -47.12 -36.08
CA SER A 1399 -35.92 -46.26 -34.93
C SER A 1399 -35.58 -44.85 -35.40
N SER A 1400 -35.83 -43.87 -34.52
CA SER A 1400 -35.71 -42.47 -34.89
C SER A 1400 -35.50 -41.61 -33.65
N GLN A 1401 -34.86 -40.47 -33.84
CA GLN A 1401 -34.73 -39.44 -32.82
C GLN A 1401 -35.68 -38.26 -33.00
N ASP A 1402 -36.25 -38.10 -34.21
CA ASP A 1402 -37.02 -36.91 -34.56
C ASP A 1402 -38.47 -37.19 -34.95
N GLY A 1403 -38.80 -38.40 -35.39
CA GLY A 1403 -40.13 -38.73 -35.87
C GLY A 1403 -40.35 -38.50 -37.34
N HIS A 1404 -39.39 -37.91 -38.05
CA HIS A 1404 -39.44 -37.76 -39.50
C HIS A 1404 -38.27 -38.42 -40.22
N GLN A 1405 -37.27 -38.94 -39.52
CA GLN A 1405 -36.18 -39.69 -40.11
C GLN A 1405 -36.17 -41.09 -39.52
N TRP A 1406 -35.67 -42.08 -40.27
CA TRP A 1406 -35.79 -43.47 -39.83
C TRP A 1406 -34.62 -44.30 -40.31
N THR A 1407 -34.28 -45.32 -39.52
CA THR A 1407 -33.31 -46.34 -39.90
C THR A 1407 -33.77 -47.71 -39.41
N LEU A 1408 -33.74 -48.70 -40.30
CA LEU A 1408 -34.05 -50.06 -39.95
C LEU A 1408 -32.89 -50.68 -39.17
N PHE A 1409 -33.22 -51.48 -38.16
CA PHE A 1409 -32.24 -52.15 -37.31
C PHE A 1409 -31.51 -53.23 -38.10
N PHE A 1410 -30.45 -52.84 -38.80
CA PHE A 1410 -29.65 -53.84 -39.48
C PHE A 1410 -29.00 -54.77 -38.45
N GLN A 1411 -28.48 -55.88 -38.95
CA GLN A 1411 -27.73 -56.81 -38.11
C GLN A 1411 -26.90 -57.70 -39.01
N ASN A 1412 -25.64 -57.92 -38.61
CA ASN A 1412 -24.67 -58.79 -39.26
C ASN A 1412 -24.73 -58.67 -40.77
N GLY A 1413 -25.09 -57.49 -41.25
CA GLY A 1413 -25.30 -57.32 -42.67
C GLY A 1413 -26.63 -56.70 -43.03
N LYS A 1414 -27.64 -57.53 -43.27
CA LYS A 1414 -28.69 -57.22 -44.22
C LYS A 1414 -30.06 -57.11 -43.53
N VAL A 1415 -30.27 -56.10 -42.68
CA VAL A 1415 -31.59 -55.79 -42.15
C VAL A 1415 -32.18 -56.94 -41.36
N LYS A 1416 -32.10 -56.90 -40.03
CA LYS A 1416 -32.65 -57.99 -39.23
C LYS A 1416 -34.14 -58.17 -39.49
N VAL A 1417 -34.55 -59.43 -39.64
CA VAL A 1417 -35.95 -59.83 -39.65
C VAL A 1417 -36.20 -60.67 -38.41
N PHE A 1418 -37.03 -60.17 -37.50
CA PHE A 1418 -37.27 -60.83 -36.23
C PHE A 1418 -38.36 -61.88 -36.35
N GLN A 1419 -38.17 -63.01 -35.66
CA GLN A 1419 -39.17 -64.07 -35.60
C GLN A 1419 -40.46 -63.59 -34.96
N GLY A 1420 -40.76 -64.02 -33.74
CA GLY A 1420 -41.96 -63.53 -33.09
C GLY A 1420 -43.29 -64.16 -33.44
N ASN A 1421 -43.93 -64.75 -32.44
CA ASN A 1421 -45.35 -65.11 -32.45
C ASN A 1421 -45.72 -66.15 -33.49
N GLN A 1422 -45.91 -67.38 -33.01
CA GLN A 1422 -46.55 -68.45 -33.76
C GLN A 1422 -47.96 -68.71 -33.29
N ASP A 1423 -48.37 -68.16 -32.15
CA ASP A 1423 -49.74 -68.32 -31.67
C ASP A 1423 -50.23 -67.00 -31.10
N SER A 1424 -51.54 -66.94 -30.90
CA SER A 1424 -52.23 -65.71 -30.52
C SER A 1424 -52.38 -65.53 -29.03
N PHE A 1425 -51.59 -66.23 -28.25
CA PHE A 1425 -51.63 -66.04 -26.81
C PHE A 1425 -50.25 -65.95 -26.18
N THR A 1426 -49.21 -66.53 -26.77
CA THR A 1426 -47.90 -66.62 -26.12
C THR A 1426 -47.06 -65.41 -26.44
N PRO A 1427 -46.63 -64.64 -25.45
CA PRO A 1427 -45.68 -63.57 -25.70
C PRO A 1427 -44.29 -64.12 -25.95
N VAL A 1428 -43.53 -63.41 -26.77
CA VAL A 1428 -42.20 -63.84 -27.16
C VAL A 1428 -41.26 -62.64 -27.17
N VAL A 1429 -40.14 -62.78 -26.47
CA VAL A 1429 -39.17 -61.71 -26.37
C VAL A 1429 -38.24 -61.80 -27.56
N ASN A 1430 -37.57 -60.69 -27.87
CA ASN A 1430 -36.75 -60.54 -29.06
C ASN A 1430 -35.70 -59.48 -28.78
N SER A 1431 -34.68 -59.84 -27.99
CA SER A 1431 -33.69 -58.89 -27.56
C SER A 1431 -32.96 -58.26 -28.74
N LEU A 1432 -32.69 -56.96 -28.63
CA LEU A 1432 -31.93 -56.21 -29.63
C LEU A 1432 -30.48 -56.15 -29.17
N ASP A 1433 -29.57 -56.72 -29.95
CA ASP A 1433 -28.29 -57.09 -29.35
C ASP A 1433 -27.18 -56.09 -29.64
N PRO A 1434 -27.31 -55.26 -30.65
CA PRO A 1434 -26.80 -53.90 -30.54
C PRO A 1434 -27.91 -52.97 -30.08
N PRO A 1435 -28.07 -52.77 -28.77
CA PRO A 1435 -29.35 -52.27 -28.25
C PRO A 1435 -29.63 -50.83 -28.66
N LEU A 1436 -30.89 -50.57 -29.01
CA LEU A 1436 -31.30 -49.30 -29.57
C LEU A 1436 -31.34 -48.19 -28.54
N LEU A 1437 -31.09 -46.97 -29.00
CA LEU A 1437 -31.35 -45.79 -28.20
C LEU A 1437 -32.61 -45.11 -28.74
N THR A 1438 -32.55 -43.86 -29.18
CA THR A 1438 -33.71 -43.20 -29.81
C THR A 1438 -34.95 -43.07 -28.95
N ARG A 1439 -35.81 -42.12 -29.32
CA ARG A 1439 -37.06 -41.90 -28.62
C ARG A 1439 -38.25 -42.39 -29.43
N TYR A 1440 -38.01 -42.96 -30.60
CA TYR A 1440 -39.04 -43.39 -31.51
C TYR A 1440 -38.76 -44.82 -31.93
N LEU A 1441 -39.78 -45.68 -31.85
CA LEU A 1441 -39.65 -47.08 -32.19
C LEU A 1441 -40.86 -47.49 -33.02
N ARG A 1442 -40.63 -48.12 -34.16
CA ARG A 1442 -41.70 -48.58 -35.05
C ARG A 1442 -41.60 -50.08 -35.28
N ILE A 1443 -42.76 -50.75 -35.33
CA ILE A 1443 -42.87 -52.18 -35.58
C ILE A 1443 -43.45 -52.40 -36.97
N HIS A 1444 -42.74 -53.15 -37.82
CA HIS A 1444 -43.16 -53.38 -39.19
C HIS A 1444 -43.50 -54.84 -39.43
N PRO A 1445 -44.76 -55.23 -39.27
CA PRO A 1445 -45.16 -56.61 -39.53
C PRO A 1445 -45.02 -56.95 -41.01
N GLN A 1446 -44.36 -58.07 -41.28
CA GLN A 1446 -44.07 -58.52 -42.64
C GLN A 1446 -44.87 -59.73 -43.05
N SER A 1447 -44.94 -60.77 -42.21
CA SER A 1447 -45.73 -61.96 -42.47
C SER A 1447 -46.59 -62.27 -41.27
N TRP A 1448 -47.85 -62.62 -41.49
CA TRP A 1448 -48.78 -62.79 -40.39
C TRP A 1448 -49.57 -64.09 -40.53
N VAL A 1449 -50.65 -64.21 -39.77
CA VAL A 1449 -51.55 -65.36 -39.79
C VAL A 1449 -52.95 -64.80 -39.64
N HIS A 1450 -53.82 -65.11 -40.61
CA HIS A 1450 -55.17 -64.54 -40.67
C HIS A 1450 -55.19 -63.02 -40.73
N GLN A 1451 -54.75 -62.34 -39.68
CA GLN A 1451 -54.80 -60.89 -39.61
C GLN A 1451 -53.58 -60.39 -38.87
N ILE A 1452 -53.11 -59.21 -39.27
CA ILE A 1452 -52.07 -58.53 -38.51
C ILE A 1452 -52.68 -57.99 -37.23
N ALA A 1453 -52.15 -58.39 -36.09
CA ALA A 1453 -52.69 -57.97 -34.82
C ALA A 1453 -51.58 -58.03 -33.80
N LEU A 1454 -51.30 -56.91 -33.17
CA LEU A 1454 -50.13 -56.74 -32.33
C LEU A 1454 -50.53 -56.36 -30.91
N ARG A 1455 -50.01 -57.10 -29.95
CA ARG A 1455 -49.82 -56.61 -28.59
C ARG A 1455 -48.35 -56.75 -28.25
N MET A 1456 -47.83 -55.79 -27.50
CA MET A 1456 -46.41 -55.79 -27.17
C MET A 1456 -46.14 -55.08 -25.84
N GLU A 1457 -44.95 -55.35 -25.33
CA GLU A 1457 -44.21 -54.57 -24.34
C GLU A 1457 -42.90 -54.15 -25.00
N VAL A 1458 -42.25 -53.12 -24.47
CA VAL A 1458 -40.90 -52.77 -24.90
C VAL A 1458 -39.97 -52.95 -23.71
N LEU A 1459 -38.75 -53.40 -23.99
CA LEU A 1459 -37.79 -53.75 -22.94
C LEU A 1459 -36.60 -52.82 -23.03
N GLY A 1460 -36.20 -52.25 -21.89
CA GLY A 1460 -35.10 -51.31 -21.81
C GLY A 1460 -35.18 -50.45 -20.55
N CYS A 1461 -34.69 -49.22 -20.69
CA CYS A 1461 -34.45 -48.31 -19.58
C CYS A 1461 -34.22 -46.92 -20.16
N GLU A 1462 -34.09 -45.95 -19.27
CA GLU A 1462 -33.97 -44.55 -19.64
C GLU A 1462 -32.51 -44.25 -20.03
N ALA A 1463 -32.32 -43.21 -20.84
CA ALA A 1463 -31.02 -42.93 -21.42
C ALA A 1463 -30.81 -41.42 -21.54
N GLN A 1464 -29.77 -41.05 -22.31
CA GLN A 1464 -29.48 -39.71 -22.90
C GLN A 1464 -28.37 -38.91 -22.21
N ALA B 20 28.06 27.37 -14.43
CA ALA B 20 28.59 28.36 -15.38
C ALA B 20 27.59 29.46 -15.75
N ILE B 21 27.21 29.49 -17.02
CA ILE B 21 26.20 30.42 -17.52
C ILE B 21 24.96 29.61 -17.83
N ARG B 22 23.80 30.24 -17.76
CA ARG B 22 22.57 29.50 -17.98
C ARG B 22 21.61 30.33 -18.80
N ARG B 23 21.19 29.78 -19.92
CA ARG B 23 20.30 30.47 -20.86
C ARG B 23 18.90 29.91 -20.71
N TYR B 24 17.94 30.80 -20.54
CA TYR B 24 16.54 30.45 -20.49
C TYR B 24 15.79 31.40 -21.39
N TYR B 25 14.82 30.88 -22.10
CA TYR B 25 14.00 31.67 -22.99
C TYR B 25 12.58 31.53 -22.51
N LEU B 26 12.00 32.62 -22.12
CA LEU B 26 10.65 32.58 -21.63
C LEU B 26 9.79 33.35 -22.62
N GLY B 27 8.53 33.54 -22.27
CA GLY B 27 7.67 34.26 -23.19
C GLY B 27 6.28 34.29 -22.64
N ALA B 28 5.78 35.49 -22.38
CA ALA B 28 4.45 35.62 -21.80
C ALA B 28 3.43 35.27 -22.87
N VAL B 29 2.79 34.12 -22.70
CA VAL B 29 1.84 33.57 -23.67
C VAL B 29 0.46 33.65 -23.07
N GLU B 30 -0.47 34.23 -23.83
CA GLU B 30 -1.85 34.25 -23.41
C GLU B 30 -2.48 32.89 -23.73
N LEU B 31 -3.26 32.35 -22.79
CA LEU B 31 -3.97 31.08 -22.98
C LEU B 31 -5.36 31.09 -22.32
N SER B 32 -6.23 30.21 -22.82
CA SER B 32 -7.55 29.99 -22.22
C SER B 32 -7.51 28.79 -21.28
N TRP B 33 -7.96 29.01 -20.04
CA TRP B 33 -7.74 28.10 -18.92
C TRP B 33 -8.99 27.95 -18.10
N ASP B 34 -9.34 26.71 -17.78
CA ASP B 34 -10.56 26.36 -17.07
C ASP B 34 -10.30 25.78 -15.69
N TYR B 35 -9.04 25.71 -15.27
CA TYR B 35 -8.62 25.30 -13.94
C TYR B 35 -8.80 23.81 -13.69
N ARG B 36 -9.16 23.02 -14.70
CA ARG B 36 -9.39 21.63 -14.39
C ARG B 36 -8.78 20.66 -15.40
N GLN B 37 -8.71 21.01 -16.69
CA GLN B 37 -8.28 20.07 -17.72
C GLN B 37 -6.83 20.35 -18.14
N SER B 38 -5.92 19.43 -17.84
CA SER B 38 -4.52 19.58 -18.20
C SER B 38 -4.30 19.52 -19.70
N GLU B 39 -5.37 19.29 -20.44
CA GLU B 39 -5.29 19.27 -21.88
C GLU B 39 -5.36 20.68 -22.48
N LEU B 40 -5.92 21.68 -21.79
CA LEU B 40 -5.79 23.05 -22.32
C LEU B 40 -4.40 23.60 -22.14
N LEU B 41 -3.45 22.77 -21.73
CA LEU B 41 -2.04 23.13 -21.72
C LEU B 41 -1.37 22.97 -23.07
N ARG B 42 -1.86 22.05 -23.91
CA ARG B 42 -1.16 21.78 -25.16
C ARG B 42 -1.08 23.03 -26.02
N GLU B 43 -2.11 23.88 -25.97
CA GLU B 43 -2.09 25.14 -26.71
C GLU B 43 -0.87 25.99 -26.37
N LEU B 44 -0.19 25.71 -25.27
CA LEU B 44 1.06 26.37 -24.92
C LEU B 44 2.26 25.71 -25.55
N HIS B 45 2.08 25.05 -26.68
CA HIS B 45 3.22 24.52 -27.40
C HIS B 45 3.58 25.51 -28.52
N VAL B 46 3.95 25.06 -29.70
CA VAL B 46 4.52 26.04 -30.64
C VAL B 46 4.64 25.52 -32.06
N ASP B 47 5.09 26.39 -32.97
CA ASP B 47 5.02 26.06 -34.39
C ASP B 47 6.10 25.07 -34.82
N THR B 48 7.14 25.59 -35.45
CA THR B 48 7.81 25.17 -36.68
C THR B 48 7.12 26.00 -37.76
N ARG B 49 5.93 25.59 -38.20
CA ARG B 49 5.08 26.35 -39.11
C ARG B 49 4.70 27.72 -38.56
N GLY B 61 -15.45 23.38 -23.13
CA GLY B 61 -16.46 22.50 -22.59
C GLY B 61 -15.86 21.30 -21.87
N PRO B 62 -16.32 21.06 -20.65
CA PRO B 62 -17.33 21.90 -20.04
C PRO B 62 -16.84 23.16 -19.39
N SER B 63 -17.28 24.20 -20.06
CA SER B 63 -17.08 25.59 -19.80
C SER B 63 -16.02 26.16 -18.87
N VAL B 64 -16.55 27.02 -18.05
CA VAL B 64 -15.84 27.91 -17.13
C VAL B 64 -14.79 28.76 -17.85
N LEU B 65 -13.80 28.15 -18.49
CA LEU B 65 -12.73 28.75 -19.30
C LEU B 65 -12.47 30.26 -19.14
N TYR B 66 -11.29 30.63 -18.64
CA TYR B 66 -10.86 32.01 -18.48
C TYR B 66 -9.70 32.33 -19.40
N LYS B 67 -9.56 33.61 -19.70
CA LYS B 67 -8.34 34.09 -20.35
C LYS B 67 -7.27 34.31 -19.30
N LYS B 68 -6.08 33.76 -19.53
CA LYS B 68 -4.97 33.90 -18.61
C LYS B 68 -3.71 34.25 -19.40
N THR B 69 -2.61 34.41 -18.70
CA THR B 69 -1.31 34.54 -19.33
C THR B 69 -0.24 34.03 -18.39
N VAL B 70 0.73 33.32 -18.97
CA VAL B 70 1.66 32.51 -18.20
C VAL B 70 3.06 32.69 -18.76
N PHE B 71 4.02 32.02 -18.15
CA PHE B 71 5.39 31.93 -18.63
C PHE B 71 5.59 30.57 -19.29
N VAL B 72 6.04 30.58 -20.54
CA VAL B 72 6.37 29.33 -21.24
C VAL B 72 7.85 29.36 -21.53
N GLU B 73 8.49 28.20 -21.46
CA GLU B 73 9.87 28.14 -21.92
C GLU B 73 9.88 28.25 -23.45
N PHE B 74 11.07 28.41 -24.02
CA PHE B 74 11.32 28.12 -25.42
C PHE B 74 12.73 27.55 -25.50
N THR B 75 13.19 27.23 -26.70
CA THR B 75 14.54 26.69 -26.78
C THR B 75 15.49 27.56 -27.60
N ASP B 76 15.01 28.25 -28.64
CA ASP B 76 15.81 29.20 -29.43
C ASP B 76 15.56 30.61 -28.91
N GLN B 77 16.27 31.55 -29.51
CA GLN B 77 15.87 32.95 -29.37
C GLN B 77 14.83 33.33 -30.40
N LEU B 78 14.62 32.49 -31.40
CA LEU B 78 13.57 32.71 -32.36
C LEU B 78 12.21 32.56 -31.73
N PHE B 79 12.14 31.87 -30.60
CA PHE B 79 10.90 31.71 -29.86
C PHE B 79 9.84 31.10 -30.77
N SER B 80 10.20 29.96 -31.37
CA SER B 80 9.31 29.17 -32.21
C SER B 80 9.31 27.70 -31.78
N VAL B 81 9.89 27.39 -30.63
CA VAL B 81 10.04 26.04 -30.10
C VAL B 81 9.68 26.11 -28.62
N ALA B 82 8.60 25.44 -28.22
CA ALA B 82 8.02 25.76 -26.92
C ALA B 82 8.63 25.03 -25.74
N ARG B 83 8.94 23.74 -25.88
CA ARG B 83 9.04 22.81 -24.75
C ARG B 83 7.67 22.66 -24.12
N PRO B 84 7.26 21.43 -23.84
CA PRO B 84 5.87 21.20 -23.45
C PRO B 84 5.71 21.47 -21.97
N ARG B 85 4.54 21.93 -21.64
CA ARG B 85 4.23 22.17 -20.25
C ARG B 85 4.08 20.82 -19.57
N PRO B 86 4.86 20.51 -18.54
CA PRO B 86 4.61 19.28 -17.80
C PRO B 86 3.26 19.36 -17.15
N PRO B 87 2.50 18.27 -17.15
CA PRO B 87 1.10 18.39 -16.74
C PRO B 87 0.98 18.87 -15.31
N TRP B 88 1.88 18.44 -14.44
CA TRP B 88 1.74 18.76 -13.03
C TRP B 88 2.12 20.18 -12.68
N MET B 89 2.82 20.90 -13.55
CA MET B 89 3.14 22.27 -13.23
C MET B 89 1.97 23.22 -13.41
N GLY B 90 0.97 22.89 -14.22
CA GLY B 90 -0.09 23.86 -14.45
C GLY B 90 0.45 25.17 -15.04
N LEU B 91 0.02 26.31 -14.48
CA LEU B 91 0.37 27.61 -15.02
C LEU B 91 1.74 28.08 -14.56
N LEU B 92 2.36 27.36 -13.63
CA LEU B 92 3.70 27.59 -13.15
C LEU B 92 4.63 27.91 -14.32
N GLY B 93 5.53 28.81 -14.10
CA GLY B 93 6.56 29.05 -15.07
C GLY B 93 7.61 27.99 -15.07
N PRO B 94 8.46 28.04 -16.10
CA PRO B 94 9.41 26.96 -16.42
C PRO B 94 10.42 26.53 -15.34
N THR B 95 10.48 27.20 -14.20
CA THR B 95 11.33 26.75 -13.08
C THR B 95 12.80 26.83 -13.47
N ILE B 96 13.34 28.04 -13.40
CA ILE B 96 14.75 28.31 -13.66
C ILE B 96 15.57 27.87 -12.47
N GLN B 97 16.69 27.21 -12.74
CA GLN B 97 17.66 26.84 -11.72
C GLN B 97 19.02 27.36 -12.15
N ALA B 98 19.82 27.80 -11.18
CA ALA B 98 21.24 28.08 -11.32
C ALA B 98 21.89 27.78 -9.98
N GLU B 99 23.16 27.44 -9.99
CA GLU B 99 23.83 27.24 -8.72
C GLU B 99 24.71 28.45 -8.42
N VAL B 100 25.35 28.44 -7.26
CA VAL B 100 26.12 29.59 -6.84
C VAL B 100 27.27 29.85 -7.81
N TYR B 101 27.49 31.12 -8.15
CA TYR B 101 28.49 31.63 -9.08
C TYR B 101 27.99 31.61 -10.49
N ASP B 102 26.83 31.05 -10.76
CA ASP B 102 26.32 31.00 -12.11
C ASP B 102 25.64 32.32 -12.45
N THR B 103 25.90 32.82 -13.65
CA THR B 103 25.11 33.90 -14.22
C THR B 103 23.93 33.28 -14.94
N VAL B 104 22.80 33.98 -14.94
CA VAL B 104 21.58 33.49 -15.56
C VAL B 104 21.15 34.47 -16.62
N VAL B 105 21.08 34.01 -17.87
CA VAL B 105 20.63 34.86 -18.96
C VAL B 105 19.23 34.39 -19.32
N VAL B 106 18.27 35.31 -19.26
CA VAL B 106 16.87 35.02 -19.52
C VAL B 106 16.38 36.06 -20.51
N THR B 107 15.55 35.64 -21.44
CA THR B 107 15.04 36.52 -22.48
C THR B 107 13.53 36.46 -22.48
N LEU B 108 12.89 37.50 -21.97
CA LEU B 108 11.46 37.58 -22.16
C LEU B 108 11.12 37.76 -23.62
N LYS B 109 9.89 37.43 -23.99
CA LYS B 109 9.29 37.98 -25.20
C LYS B 109 7.80 38.18 -24.94
N ASN B 110 7.36 39.42 -24.93
CA ASN B 110 5.98 39.69 -24.54
C ASN B 110 5.04 39.40 -25.70
N MET B 111 4.44 38.22 -25.71
CA MET B 111 3.44 37.91 -26.70
C MET B 111 2.04 38.03 -26.15
N ALA B 112 1.90 38.54 -24.95
CA ALA B 112 0.58 38.66 -24.38
C ALA B 112 -0.04 39.99 -24.79
N SER B 113 -1.34 40.11 -24.54
CA SER B 113 -2.05 41.34 -24.85
C SER B 113 -1.44 42.55 -24.16
N HIS B 114 -0.78 42.37 -23.02
CA HIS B 114 -0.42 43.44 -22.09
C HIS B 114 1.07 43.42 -21.80
N PRO B 115 1.60 44.43 -21.11
CA PRO B 115 3.04 44.44 -20.82
C PRO B 115 3.38 43.53 -19.65
N VAL B 116 4.63 43.06 -19.62
CA VAL B 116 5.04 42.18 -18.55
C VAL B 116 6.44 42.54 -18.09
N SER B 117 7.00 41.74 -17.19
CA SER B 117 8.32 42.00 -16.65
C SER B 117 8.92 40.69 -16.17
N LEU B 118 10.09 40.78 -15.53
CA LEU B 118 10.71 39.56 -15.02
C LEU B 118 11.53 39.90 -13.79
N HIS B 119 10.85 39.99 -12.67
CA HIS B 119 11.47 40.24 -11.37
C HIS B 119 11.85 38.93 -10.70
N ALA B 120 13.12 38.79 -10.32
CA ALA B 120 13.62 37.63 -9.58
C ALA B 120 13.69 37.97 -8.09
N VAL B 121 13.20 37.08 -7.26
CA VAL B 121 13.48 37.20 -5.84
C VAL B 121 14.54 36.15 -5.54
N GLY B 122 15.54 36.52 -4.77
CA GLY B 122 16.53 35.55 -4.36
C GLY B 122 17.90 35.70 -4.94
N VAL B 123 18.11 36.58 -5.93
CA VAL B 123 19.39 36.71 -6.62
C VAL B 123 19.67 38.18 -6.93
N SER B 124 20.91 38.43 -7.36
CA SER B 124 21.41 39.78 -7.62
C SER B 124 21.02 40.26 -9.02
N PHE B 125 20.82 41.56 -9.14
CA PHE B 125 20.60 42.22 -10.43
C PHE B 125 21.53 43.40 -10.62
N TRP B 126 21.19 44.25 -11.60
CA TRP B 126 21.87 45.51 -11.84
C TRP B 126 20.91 46.68 -12.09
N LYS B 127 19.59 46.50 -11.93
CA LYS B 127 18.56 47.52 -12.08
C LYS B 127 18.08 47.64 -13.51
N SER B 128 18.84 47.08 -14.43
CA SER B 128 18.38 46.84 -15.79
C SER B 128 18.05 45.37 -16.02
N SER B 129 18.59 44.48 -15.21
CA SER B 129 18.05 43.14 -15.16
C SER B 129 17.32 42.99 -13.83
N GLU B 130 16.44 43.93 -13.53
CA GLU B 130 15.65 43.91 -12.30
C GLU B 130 14.20 43.60 -12.62
N GLY B 131 13.47 44.54 -13.18
CA GLY B 131 12.13 44.30 -13.63
C GLY B 131 11.04 44.84 -12.75
N ALA B 132 11.28 45.94 -12.05
CA ALA B 132 10.21 46.71 -11.42
C ALA B 132 10.52 48.18 -11.62
N GLU B 133 9.49 48.98 -11.88
CA GLU B 133 9.67 50.39 -12.14
C GLU B 133 9.33 51.21 -10.91
N TYR B 134 10.21 52.13 -10.58
CA TYR B 134 9.93 53.13 -9.57
C TYR B 134 10.86 54.29 -9.81
N GLU B 135 10.84 55.27 -8.91
CA GLU B 135 11.82 56.35 -8.97
C GLU B 135 13.15 55.77 -8.51
N ASP B 136 13.89 55.15 -9.41
CA ASP B 136 15.23 54.69 -9.07
C ASP B 136 16.32 55.55 -9.68
N HIS B 137 15.97 56.68 -10.29
CA HIS B 137 16.94 57.61 -10.86
C HIS B 137 17.89 56.89 -11.80
N THR B 138 17.30 56.25 -12.81
CA THR B 138 18.07 55.42 -13.73
C THR B 138 17.77 55.78 -15.17
N SER B 139 18.65 55.31 -16.03
CA SER B 139 18.64 55.62 -17.45
C SER B 139 17.44 54.95 -18.13
N GLN B 140 16.90 55.62 -19.15
CA GLN B 140 15.69 55.13 -19.79
C GLN B 140 15.84 53.73 -20.37
N ARG B 141 17.06 53.29 -20.70
CA ARG B 141 17.24 51.86 -21.01
C ARG B 141 17.34 51.00 -19.76
N GLU B 142 17.65 51.58 -18.60
CA GLU B 142 17.54 50.84 -17.36
C GLU B 142 16.10 50.76 -16.87
N LYS B 143 15.16 51.31 -17.62
CA LYS B 143 13.73 51.09 -17.43
C LYS B 143 13.08 50.42 -18.64
N GLU B 144 13.84 49.57 -19.32
CA GLU B 144 13.27 48.64 -20.29
C GLU B 144 12.89 47.32 -19.62
N ASP B 145 13.76 46.82 -18.74
CA ASP B 145 13.42 45.72 -17.85
C ASP B 145 12.10 45.97 -17.16
N ASP B 146 12.03 47.06 -16.42
CA ASP B 146 10.78 47.56 -15.94
C ASP B 146 9.84 47.57 -17.14
N LYS B 147 8.80 46.74 -17.10
CA LYS B 147 7.78 46.77 -18.15
C LYS B 147 8.28 46.58 -19.60
N VAL B 148 8.23 45.31 -20.15
CA VAL B 148 8.44 45.09 -21.59
C VAL B 148 7.08 45.10 -22.26
N LEU B 149 7.07 45.44 -23.54
CA LEU B 149 5.81 45.72 -24.21
C LEU B 149 5.44 44.61 -25.19
N PRO B 150 4.14 44.46 -25.49
CA PRO B 150 3.72 43.38 -26.37
C PRO B 150 4.44 43.42 -27.69
N GLY B 151 4.81 42.25 -28.18
CA GLY B 151 5.61 42.14 -29.34
C GLY B 151 7.08 42.17 -29.02
N LYS B 152 7.46 42.85 -27.94
CA LYS B 152 8.86 43.10 -27.70
C LYS B 152 9.59 41.90 -27.14
N SER B 153 10.64 42.17 -26.39
CA SER B 153 11.50 41.15 -25.80
C SER B 153 12.59 41.90 -25.06
N GLN B 154 13.32 41.15 -24.22
CA GLN B 154 14.27 41.77 -23.30
C GLN B 154 15.19 40.73 -22.70
N THR B 155 16.49 40.93 -22.79
CA THR B 155 17.31 40.03 -22.03
C THR B 155 17.34 40.48 -20.57
N TYR B 156 17.61 39.53 -19.69
CA TYR B 156 17.86 39.76 -18.26
C TYR B 156 19.13 39.04 -17.86
N VAL B 157 19.84 39.58 -16.89
CA VAL B 157 21.05 38.93 -16.40
C VAL B 157 21.04 38.92 -14.88
N TRP B 158 20.88 37.75 -14.30
CA TRP B 158 20.88 37.54 -12.86
C TRP B 158 22.18 36.88 -12.42
N GLN B 159 22.75 37.40 -11.35
CA GLN B 159 23.99 36.89 -10.79
C GLN B 159 23.67 36.12 -9.51
N VAL B 160 24.25 34.95 -9.36
CA VAL B 160 24.16 34.18 -8.13
C VAL B 160 25.47 34.45 -7.38
N LEU B 161 25.44 35.41 -6.47
CA LEU B 161 26.61 35.81 -5.73
C LEU B 161 26.92 34.79 -4.65
N LYS B 162 28.10 34.89 -4.06
CA LYS B 162 28.52 33.93 -3.05
C LYS B 162 27.57 33.90 -1.87
N GLU B 163 26.97 35.05 -1.53
CA GLU B 163 26.04 35.12 -0.41
C GLU B 163 24.59 34.95 -0.86
N ASN B 164 24.37 34.44 -2.06
CA ASN B 164 23.02 34.12 -2.47
C ASN B 164 22.61 32.70 -2.05
N GLY B 165 23.54 31.94 -1.44
CA GLY B 165 23.41 30.51 -1.29
C GLY B 165 23.16 29.90 0.09
N PRO B 166 22.94 28.61 0.07
CA PRO B 166 22.32 27.86 1.20
C PRO B 166 22.65 28.13 2.67
N THR B 167 23.68 28.87 3.08
CA THR B 167 24.00 29.05 4.50
C THR B 167 24.31 27.76 5.24
N ALA B 168 24.51 26.65 4.52
CA ALA B 168 24.79 25.33 5.11
C ALA B 168 23.57 24.74 5.80
N SER B 169 23.01 25.44 6.78
CA SER B 169 21.87 24.91 7.52
C SER B 169 20.58 24.89 6.73
N ASP B 170 20.56 25.50 5.55
CA ASP B 170 19.43 25.41 4.63
C ASP B 170 19.58 24.18 3.74
N PRO B 171 18.59 23.86 2.92
CA PRO B 171 18.69 22.68 2.09
C PRO B 171 19.66 22.94 0.95
N PRO B 172 19.92 21.96 0.09
CA PRO B 172 20.87 22.22 -1.00
C PRO B 172 20.38 23.20 -2.05
N CYS B 173 19.09 23.50 -2.08
CA CYS B 173 18.55 24.46 -3.03
C CYS B 173 17.58 25.36 -2.28
N LEU B 174 17.52 26.63 -2.68
CA LEU B 174 16.57 27.54 -2.06
C LEU B 174 15.43 27.86 -3.01
N THR B 175 14.24 27.94 -2.47
CA THR B 175 13.04 28.13 -3.26
C THR B 175 12.76 29.61 -3.41
N TYR B 176 12.68 30.08 -4.64
CA TYR B 176 12.35 31.47 -4.85
C TYR B 176 11.41 31.59 -6.02
N SER B 177 11.41 32.73 -6.69
CA SER B 177 10.40 32.92 -7.72
C SER B 177 10.75 34.08 -8.60
N TYR B 178 10.49 33.93 -9.89
CA TYR B 178 10.30 35.08 -10.76
C TYR B 178 8.83 35.41 -10.87
N LEU B 179 8.54 36.66 -11.20
CA LEU B 179 7.19 37.03 -11.55
C LEU B 179 7.22 38.34 -12.33
N SER B 180 6.23 38.49 -13.22
CA SER B 180 5.99 39.76 -13.86
C SER B 180 5.63 40.80 -12.81
N HIS B 181 6.12 42.02 -13.00
CA HIS B 181 6.13 43.02 -11.94
C HIS B 181 5.87 44.41 -12.50
N VAL B 182 4.93 44.56 -13.41
CA VAL B 182 4.50 45.88 -13.83
C VAL B 182 3.26 46.33 -13.08
N ASP B 183 2.37 45.38 -12.81
CA ASP B 183 1.16 45.63 -12.04
C ASP B 183 0.99 44.33 -11.25
N LEU B 184 1.52 44.33 -10.03
CA LEU B 184 1.67 43.09 -9.27
C LEU B 184 0.35 42.37 -9.09
N VAL B 185 -0.72 43.10 -8.76
CA VAL B 185 -2.04 42.50 -8.63
C VAL B 185 -2.44 41.79 -9.91
N LYS B 186 -2.30 42.46 -11.05
CA LYS B 186 -2.72 41.82 -12.28
C LYS B 186 -1.73 40.74 -12.69
N ASP B 187 -0.43 41.02 -12.61
CA ASP B 187 0.56 40.05 -13.09
C ASP B 187 0.46 38.74 -12.34
N LEU B 188 0.30 38.79 -11.03
CA LEU B 188 0.16 37.56 -10.28
C LEU B 188 -1.16 36.87 -10.62
N ASN B 189 -2.28 37.59 -10.47
CA ASN B 189 -3.59 37.00 -10.74
C ASN B 189 -3.77 36.57 -12.18
N SER B 190 -2.94 37.01 -13.10
CA SER B 190 -3.10 36.54 -14.47
C SER B 190 -2.33 35.27 -14.72
N GLY B 191 -1.26 35.03 -13.97
CA GLY B 191 -0.58 33.77 -14.05
C GLY B 191 0.90 33.89 -14.25
N LEU B 192 1.44 35.09 -14.05
CA LEU B 192 2.85 35.30 -14.34
C LEU B 192 3.67 35.03 -13.09
N ILE B 193 3.84 33.75 -12.78
CA ILE B 193 4.74 33.34 -11.71
C ILE B 193 5.35 32.00 -12.06
N GLY B 194 6.62 31.80 -11.68
CA GLY B 194 7.28 30.51 -11.80
C GLY B 194 8.41 30.37 -10.79
N ALA B 195 8.84 29.13 -10.59
CA ALA B 195 9.79 28.78 -9.54
C ALA B 195 11.22 29.13 -9.92
N LEU B 196 12.07 29.22 -8.91
CA LEU B 196 13.45 29.66 -9.13
C LEU B 196 14.28 29.15 -7.97
N LEU B 197 15.29 28.33 -8.27
CA LEU B 197 15.98 27.61 -7.21
C LEU B 197 17.45 27.96 -7.23
N VAL B 198 17.86 28.84 -6.34
CA VAL B 198 19.28 29.01 -6.09
C VAL B 198 19.78 27.81 -5.30
N CYS B 199 20.87 27.22 -5.77
CA CYS B 199 21.38 25.98 -5.19
C CYS B 199 22.86 26.15 -4.86
N ARG B 200 23.36 25.29 -3.97
CA ARG B 200 24.78 25.21 -3.64
C ARG B 200 25.65 24.93 -4.86
N GLU B 201 26.86 24.43 -4.68
CA GLU B 201 27.67 23.95 -5.80
C GLU B 201 27.55 22.43 -5.89
N GLY B 202 27.23 21.94 -7.09
CA GLY B 202 26.87 20.54 -7.21
C GLY B 202 25.38 20.39 -7.49
N SER B 203 24.82 21.37 -8.21
CA SER B 203 23.54 21.19 -8.86
C SER B 203 23.55 19.92 -9.72
N LEU B 204 24.61 19.76 -10.52
CA LEU B 204 24.79 18.67 -11.46
C LEU B 204 25.27 17.35 -10.84
N THR B 205 25.34 17.25 -9.50
CA THR B 205 26.06 16.13 -8.89
C THR B 205 25.43 14.77 -9.20
N ARG B 206 24.10 14.73 -9.35
CA ARG B 206 23.32 13.51 -9.56
C ARG B 206 23.44 12.55 -8.37
N GLU B 207 22.36 11.86 -8.02
CA GLU B 207 22.44 10.85 -6.96
C GLU B 207 21.34 9.81 -7.07
N ARG B 208 20.09 10.24 -6.95
CA ARG B 208 18.94 9.33 -6.98
C ARG B 208 18.08 9.75 -8.17
N THR B 209 18.33 9.10 -9.32
CA THR B 209 17.48 9.27 -10.49
C THR B 209 16.05 8.93 -10.15
N GLN B 210 15.10 9.74 -10.64
CA GLN B 210 13.75 9.92 -10.09
C GLN B 210 13.32 8.84 -9.09
N ASN B 211 14.16 8.62 -8.08
CA ASN B 211 13.78 8.03 -6.80
C ASN B 211 13.30 9.12 -5.85
N LEU B 212 14.20 10.04 -5.52
CA LEU B 212 13.89 11.26 -4.78
C LEU B 212 13.31 12.26 -5.75
N HIS B 213 12.01 12.48 -5.67
CA HIS B 213 11.33 13.38 -6.57
C HIS B 213 11.31 14.77 -5.97
N GLU B 214 11.68 15.77 -6.76
CA GLU B 214 11.35 17.13 -6.41
C GLU B 214 10.09 17.52 -7.16
N PHE B 215 9.26 18.33 -6.51
CA PHE B 215 8.07 18.90 -7.12
C PHE B 215 7.93 20.33 -6.64
N VAL B 216 7.29 21.15 -7.45
CA VAL B 216 6.99 22.55 -7.13
C VAL B 216 5.51 22.63 -6.82
N LEU B 217 5.18 23.15 -5.65
CA LEU B 217 3.80 23.33 -5.23
C LEU B 217 3.55 24.81 -5.03
N LEU B 218 2.66 25.35 -5.84
CA LEU B 218 2.33 26.76 -5.94
C LEU B 218 0.93 26.91 -5.39
N PHE B 219 0.83 27.14 -4.09
CA PHE B 219 -0.46 27.31 -3.45
C PHE B 219 -0.85 28.75 -3.68
N ALA B 220 -1.87 28.95 -4.50
CA ALA B 220 -2.09 30.27 -5.04
C ALA B 220 -3.57 30.50 -5.26
N VAL B 221 -3.96 31.73 -5.03
CA VAL B 221 -5.32 32.17 -5.20
C VAL B 221 -5.30 33.14 -6.37
N PHE B 222 -5.68 32.65 -7.55
CA PHE B 222 -5.81 33.48 -8.74
C PHE B 222 -7.17 34.14 -8.72
N ASP B 223 -7.19 35.47 -8.70
CA ASP B 223 -8.44 36.20 -8.68
C ASP B 223 -8.78 36.53 -10.12
N GLU B 224 -9.46 35.59 -10.79
CA GLU B 224 -9.73 35.78 -12.20
C GLU B 224 -10.48 37.07 -12.47
N GLY B 225 -11.05 37.69 -11.43
CA GLY B 225 -11.66 39.01 -11.54
C GLY B 225 -10.71 40.19 -11.39
N LYS B 226 -9.50 39.97 -10.89
CA LYS B 226 -8.52 41.04 -10.73
C LYS B 226 -7.28 40.77 -11.57
N SER B 227 -7.47 40.19 -12.75
CA SER B 227 -6.43 39.98 -13.73
C SER B 227 -6.71 40.82 -14.97
N TRP B 228 -5.66 41.04 -15.76
CA TRP B 228 -5.68 41.84 -16.98
C TRP B 228 -6.85 41.54 -17.89
N HIS B 229 -7.74 40.66 -17.45
CA HIS B 229 -8.82 40.19 -18.28
C HIS B 229 -10.13 40.58 -17.60
N SER B 230 -10.84 41.51 -18.25
CA SER B 230 -12.11 42.15 -17.86
C SER B 230 -11.93 43.26 -16.83
N ALA B 231 -10.73 43.84 -16.73
CA ALA B 231 -10.43 44.92 -15.78
C ALA B 231 -11.10 46.23 -16.20
N ALA B 247 -17.97 40.49 -9.62
CA ALA B 247 -18.93 39.44 -9.96
C ALA B 247 -18.22 38.15 -10.43
N GLN B 248 -16.87 38.17 -10.49
CA GLN B 248 -16.08 37.05 -11.01
C GLN B 248 -15.58 36.17 -9.86
N PRO B 249 -14.58 35.23 -10.04
CA PRO B 249 -14.37 34.27 -8.95
C PRO B 249 -12.96 34.18 -8.38
N ALA B 250 -12.87 33.66 -7.17
CA ALA B 250 -11.61 33.38 -6.49
C ALA B 250 -11.24 31.92 -6.67
N MET B 251 -10.23 31.64 -7.48
CA MET B 251 -9.78 30.26 -7.64
C MET B 251 -8.70 29.93 -6.63
N HIS B 252 -8.90 28.86 -5.87
CA HIS B 252 -7.94 28.40 -4.88
C HIS B 252 -7.28 27.14 -5.41
N THR B 253 -6.07 27.28 -5.94
CA THR B 253 -5.48 26.26 -6.79
C THR B 253 -4.17 25.72 -6.26
N VAL B 254 -3.86 24.48 -6.62
CA VAL B 254 -2.49 23.97 -6.60
C VAL B 254 -2.02 24.00 -8.06
N ASN B 255 -0.92 24.72 -8.30
CA ASN B 255 -0.37 24.87 -9.64
C ASN B 255 -1.45 25.23 -10.67
N GLY B 256 -2.49 25.90 -10.24
CA GLY B 256 -3.51 26.35 -11.17
C GLY B 256 -4.64 25.38 -11.36
N TYR B 257 -4.56 24.20 -10.77
CA TYR B 257 -5.68 23.28 -10.77
C TYR B 257 -6.48 23.39 -9.48
N VAL B 258 -7.78 23.19 -9.61
CA VAL B 258 -8.70 23.17 -8.48
C VAL B 258 -8.94 21.73 -8.06
N ASN B 259 -10.17 21.47 -7.60
CA ASN B 259 -10.67 20.15 -7.25
C ASN B 259 -9.80 19.00 -7.73
N ARG B 260 -8.92 18.52 -6.85
CA ARG B 260 -8.22 17.27 -7.02
C ARG B 260 -7.79 16.98 -8.46
N SER B 261 -7.65 18.00 -9.31
CA SER B 261 -7.14 17.76 -10.65
C SER B 261 -5.66 17.51 -10.58
N LEU B 262 -4.90 18.15 -11.45
CA LEU B 262 -3.45 18.14 -11.34
C LEU B 262 -2.89 16.73 -11.41
N PRO B 263 -2.61 16.22 -12.60
CA PRO B 263 -1.96 14.93 -12.74
C PRO B 263 -0.56 14.93 -12.15
N GLY B 264 -0.03 13.75 -11.93
CA GLY B 264 1.39 13.55 -12.03
C GLY B 264 2.14 13.55 -10.72
N LEU B 265 1.50 13.83 -9.60
CA LEU B 265 2.23 13.86 -8.34
C LEU B 265 2.46 12.42 -7.89
N ILE B 266 3.51 11.81 -8.43
CA ILE B 266 3.90 10.43 -8.10
C ILE B 266 5.18 10.46 -7.27
N GLY B 267 5.35 9.45 -6.42
CA GLY B 267 6.56 9.35 -5.62
C GLY B 267 7.02 7.94 -5.32
N CYS B 268 8.33 7.70 -5.37
CA CYS B 268 8.86 6.36 -5.18
C CYS B 268 8.77 5.95 -3.71
N HIS B 269 8.22 4.75 -3.47
CA HIS B 269 7.72 4.27 -2.17
C HIS B 269 8.64 4.65 -1.03
N LYS B 270 9.47 3.72 -0.58
CA LYS B 270 10.22 3.94 0.66
C LYS B 270 11.40 4.90 0.42
N LYS B 271 11.06 6.10 -0.04
CA LYS B 271 12.02 7.18 -0.22
C LYS B 271 11.33 8.50 0.06
N SER B 272 12.12 9.57 0.02
CA SER B 272 11.66 10.92 0.31
C SER B 272 11.23 11.62 -0.96
N VAL B 273 10.35 12.61 -0.80
CA VAL B 273 10.03 13.54 -1.87
C VAL B 273 10.25 14.95 -1.34
N TYR B 274 10.85 15.81 -2.14
CA TYR B 274 11.18 17.18 -1.74
C TYR B 274 10.27 18.16 -2.45
N TRP B 275 9.45 18.88 -1.69
CA TRP B 275 8.58 19.89 -2.24
C TRP B 275 9.27 21.24 -2.22
N HIS B 276 9.18 21.96 -3.33
CA HIS B 276 9.58 23.35 -3.37
C HIS B 276 8.31 24.17 -3.39
N VAL B 277 8.17 25.03 -2.39
CA VAL B 277 6.88 25.57 -2.00
C VAL B 277 6.90 27.06 -2.20
N ILE B 278 5.85 27.57 -2.83
CA ILE B 278 5.62 28.99 -3.08
C ILE B 278 4.16 29.24 -2.77
N GLY B 279 3.88 30.20 -1.92
CA GLY B 279 2.51 30.63 -1.74
C GLY B 279 2.24 31.81 -2.63
N MET B 280 0.99 32.05 -2.96
CA MET B 280 0.79 33.22 -3.80
C MET B 280 -0.62 33.76 -3.68
N GLY B 281 -0.72 35.08 -3.63
CA GLY B 281 -1.98 35.77 -3.74
C GLY B 281 -1.70 37.25 -3.73
N THR B 282 -2.73 38.03 -4.07
CA THR B 282 -2.61 39.48 -4.02
C THR B 282 -3.38 40.12 -2.88
N SER B 283 -4.28 39.38 -2.22
CA SER B 283 -4.86 39.68 -0.91
C SER B 283 -4.08 38.92 0.17
N PRO B 284 -4.19 39.33 1.47
CA PRO B 284 -3.63 38.52 2.57
C PRO B 284 -3.91 37.02 2.48
N GLU B 285 -4.91 36.48 3.19
CA GLU B 285 -5.23 35.05 3.12
C GLU B 285 -4.10 34.15 3.63
N VAL B 286 -4.45 33.09 4.35
CA VAL B 286 -3.48 32.09 4.77
C VAL B 286 -4.02 30.73 4.37
N HIS B 287 -3.14 29.74 4.39
CA HIS B 287 -3.53 28.36 4.10
C HIS B 287 -2.76 27.39 5.00
N SER B 288 -3.51 26.52 5.67
CA SER B 288 -2.97 25.33 6.32
C SER B 288 -2.98 24.18 5.32
N ILE B 289 -1.82 23.59 5.04
CA ILE B 289 -1.63 22.66 3.93
C ILE B 289 -1.23 21.30 4.50
N PHE B 290 -2.19 20.41 4.62
CA PHE B 290 -1.95 19.08 5.14
C PHE B 290 -1.77 18.06 4.02
N LEU B 291 -1.02 17.02 4.33
CA LEU B 291 -0.95 15.82 3.51
C LEU B 291 -1.42 14.65 4.35
N GLU B 292 -2.52 14.04 3.95
CA GLU B 292 -3.07 12.88 4.63
C GLU B 292 -1.98 11.88 4.97
N GLY B 293 -2.04 11.34 6.18
CA GLY B 293 -1.11 10.31 6.60
C GLY B 293 0.33 10.75 6.76
N HIS B 294 0.64 12.04 6.58
CA HIS B 294 2.02 12.47 6.42
C HIS B 294 2.34 13.74 7.18
N THR B 295 3.56 13.80 7.71
CA THR B 295 4.14 15.00 8.27
C THR B 295 5.28 15.49 7.37
N PHE B 296 5.52 16.80 7.40
CA PHE B 296 6.56 17.45 6.61
C PHE B 296 7.85 17.58 7.42
N LEU B 297 8.88 18.15 6.80
CA LEU B 297 10.12 18.48 7.51
C LEU B 297 10.69 19.75 6.88
N VAL B 298 10.27 20.90 7.44
CA VAL B 298 10.78 22.23 7.05
C VAL B 298 11.72 22.72 8.13
N ARG B 299 12.65 23.60 7.75
CA ARG B 299 13.89 23.75 8.48
C ARG B 299 14.32 22.37 8.94
N HIS B 300 14.74 22.20 10.19
CA HIS B 300 14.97 20.86 10.70
C HIS B 300 13.96 20.51 11.77
N HIS B 301 12.74 20.98 11.55
CA HIS B 301 11.59 20.76 12.40
C HIS B 301 10.65 19.76 11.76
N ARG B 302 9.88 19.06 12.59
CA ARG B 302 8.79 18.25 12.06
C ARG B 302 7.55 19.12 12.02
N GLN B 303 7.34 19.80 10.90
CA GLN B 303 6.08 20.47 10.66
C GLN B 303 5.02 19.42 10.34
N ALA B 304 3.86 19.53 10.98
CA ALA B 304 2.71 18.77 10.55
C ALA B 304 1.71 19.61 9.79
N SER B 305 1.71 20.93 10.01
CA SER B 305 0.71 21.82 9.44
C SER B 305 1.09 22.28 8.05
N LEU B 306 2.31 22.79 7.90
CA LEU B 306 2.75 23.56 6.76
C LEU B 306 1.88 24.81 6.58
N GLU B 307 2.36 25.94 7.09
CA GLU B 307 1.59 27.16 7.27
C GLU B 307 2.06 28.19 6.24
N ILE B 308 1.17 28.62 5.33
CA ILE B 308 1.62 29.43 4.21
C ILE B 308 0.75 30.66 3.98
N SER B 309 1.38 31.68 3.38
CA SER B 309 0.78 32.95 3.02
C SER B 309 1.52 33.46 1.80
N PRO B 310 0.99 34.47 1.10
CA PRO B 310 1.61 34.91 -0.16
C PRO B 310 3.11 35.03 -0.10
N LEU B 311 3.78 34.34 -1.02
CA LEU B 311 5.23 34.40 -1.14
C LEU B 311 5.92 33.88 0.10
N THR B 312 5.30 32.91 0.76
CA THR B 312 6.07 31.99 1.58
C THR B 312 6.88 31.10 0.66
N PHE B 313 8.15 30.89 1.00
CA PHE B 313 9.03 30.03 0.22
C PHE B 313 9.55 28.95 1.16
N LEU B 314 9.09 27.73 0.97
CA LEU B 314 9.54 26.59 1.75
C LEU B 314 10.19 25.57 0.87
N THR B 315 11.14 24.86 1.46
CA THR B 315 11.55 23.55 1.02
C THR B 315 11.18 22.59 2.14
N ALA B 316 10.13 21.79 1.92
CA ALA B 316 9.71 20.75 2.83
C ALA B 316 10.08 19.39 2.27
N GLN B 317 10.56 18.49 3.13
CA GLN B 317 10.81 17.10 2.79
C GLN B 317 9.74 16.22 3.42
N THR B 318 9.40 15.13 2.72
CA THR B 318 8.36 14.19 3.13
C THR B 318 8.83 12.80 2.78
N PHE B 319 9.08 11.98 3.80
CA PHE B 319 9.39 10.58 3.57
C PHE B 319 8.11 9.81 3.36
N LEU B 320 8.11 8.94 2.35
CA LEU B 320 6.94 8.16 1.98
C LEU B 320 7.16 6.74 2.46
N MET B 321 6.26 6.24 3.30
CA MET B 321 6.38 4.85 3.71
C MET B 321 5.07 4.11 3.53
N ASP B 322 4.15 4.68 2.76
CA ASP B 322 2.83 4.09 2.58
C ASP B 322 2.45 4.14 1.10
N LEU B 323 2.22 2.98 0.51
CA LEU B 323 1.66 2.96 -0.83
C LEU B 323 0.27 3.56 -0.81
N GLY B 324 -0.17 4.09 -1.96
CA GLY B 324 -1.54 4.51 -2.05
C GLY B 324 -1.67 5.93 -2.52
N GLN B 325 -2.82 6.52 -2.22
CA GLN B 325 -3.14 7.90 -2.56
C GLN B 325 -3.36 8.68 -1.27
N PHE B 326 -2.89 9.91 -1.24
CA PHE B 326 -3.08 10.77 -0.10
C PHE B 326 -3.53 12.13 -0.60
N LEU B 327 -4.36 12.79 0.20
CA LEU B 327 -4.92 14.08 -0.22
C LEU B 327 -4.05 15.20 0.33
N LEU B 328 -3.55 16.03 -0.57
CA LEU B 328 -2.88 17.27 -0.22
C LEU B 328 -3.90 18.40 -0.38
N PHE B 329 -4.13 19.15 0.69
CA PHE B 329 -5.30 20.04 0.74
C PHE B 329 -5.10 21.10 1.82
N CYS B 330 -6.00 22.08 1.80
CA CYS B 330 -5.98 23.21 2.72
C CYS B 330 -7.15 23.04 3.69
N HIS B 331 -6.85 23.09 4.97
CA HIS B 331 -7.79 22.68 6.01
C HIS B 331 -8.67 23.83 6.49
N ILE B 332 -8.49 25.05 5.98
CA ILE B 332 -9.29 26.18 6.46
C ILE B 332 -10.76 25.94 6.14
N SER B 333 -11.60 26.13 7.15
CA SER B 333 -13.03 25.83 7.11
C SER B 333 -13.84 26.77 6.24
N SER B 334 -13.31 27.19 5.11
CA SER B 334 -14.14 27.94 4.18
C SER B 334 -14.63 27.10 3.02
N HIS B 335 -13.83 26.13 2.58
CA HIS B 335 -13.94 25.45 1.29
C HIS B 335 -13.91 26.45 0.15
N HIS B 336 -14.08 27.73 0.48
CA HIS B 336 -13.47 28.80 -0.31
C HIS B 336 -11.96 28.72 -0.23
N HIS B 337 -11.41 28.36 0.93
CA HIS B 337 -10.01 27.98 0.98
C HIS B 337 -9.79 26.54 0.58
N GLY B 338 -10.86 25.80 0.38
CA GLY B 338 -10.83 24.58 -0.39
C GLY B 338 -10.84 24.87 -1.88
N GLY B 339 -10.84 23.79 -2.64
CA GLY B 339 -10.41 23.86 -4.01
C GLY B 339 -8.92 23.71 -4.16
N MET B 340 -8.16 23.99 -3.10
CA MET B 340 -6.74 23.69 -3.02
C MET B 340 -6.49 22.22 -2.68
N GLU B 341 -7.07 21.33 -3.47
CA GLU B 341 -6.95 19.89 -3.25
C GLU B 341 -6.33 19.21 -4.46
N ALA B 342 -5.48 18.22 -4.21
CA ALA B 342 -4.69 17.62 -5.28
C ALA B 342 -4.12 16.28 -4.83
N HIS B 343 -4.38 15.21 -5.58
CA HIS B 343 -3.97 13.90 -5.11
C HIS B 343 -2.46 13.72 -5.20
N VAL B 344 -1.94 12.80 -4.39
CA VAL B 344 -0.52 12.47 -4.35
C VAL B 344 -0.36 10.96 -4.24
N ARG B 345 -0.01 10.31 -5.35
CA ARG B 345 0.17 8.88 -5.39
C ARG B 345 1.60 8.50 -5.02
N VAL B 346 1.74 7.52 -4.13
CA VAL B 346 3.01 6.83 -3.92
C VAL B 346 2.91 5.46 -4.56
N GLU B 347 3.95 5.08 -5.30
CA GLU B 347 4.04 3.79 -5.96
C GLU B 347 5.43 3.23 -5.72
N SER B 348 5.65 2.00 -6.15
CA SER B 348 6.91 1.32 -5.93
C SER B 348 7.67 1.25 -7.25
N CYS B 349 8.85 1.86 -7.26
CA CYS B 349 9.75 1.98 -8.41
C CYS B 349 10.83 0.89 -8.37
N ALA B 350 11.44 0.66 -9.53
CA ALA B 350 12.48 -0.34 -9.71
C ALA B 350 13.74 -0.09 -8.88
N GLU B 351 14.81 0.40 -9.50
CA GLU B 351 16.08 0.62 -8.78
C GLU B 351 16.71 1.98 -9.14
N LYS B 396 14.02 3.84 26.45
CA LYS B 396 14.42 2.82 27.43
C LYS B 396 13.30 1.79 27.63
N HIS B 397 12.90 1.18 26.51
CA HIS B 397 11.88 0.15 26.34
C HIS B 397 10.49 0.68 26.64
N PRO B 398 9.60 0.58 25.66
CA PRO B 398 8.40 1.43 25.64
C PRO B 398 7.42 1.10 26.74
N LYS B 399 6.46 2.02 26.89
CA LYS B 399 5.34 1.93 27.80
C LYS B 399 4.06 1.84 26.99
N THR B 400 3.03 1.21 27.56
CA THR B 400 1.72 1.21 26.92
C THR B 400 0.72 1.89 27.85
N TRP B 401 0.18 3.00 27.38
CA TRP B 401 -0.75 3.82 28.13
C TRP B 401 -2.18 3.37 27.85
N VAL B 402 -2.94 3.07 28.90
CA VAL B 402 -4.30 2.57 28.74
C VAL B 402 -5.25 3.66 29.18
N HIS B 403 -6.28 3.91 28.38
CA HIS B 403 -7.19 5.01 28.61
C HIS B 403 -8.62 4.59 28.36
N TYR B 404 -9.50 5.03 29.23
CA TYR B 404 -10.91 4.75 29.11
C TYR B 404 -11.58 6.11 28.93
N ILE B 405 -11.73 6.53 27.69
CA ILE B 405 -12.32 7.83 27.36
C ILE B 405 -13.75 7.62 26.91
N ALA B 406 -14.62 8.55 27.27
CA ALA B 406 -16.03 8.42 26.92
C ALA B 406 -16.55 9.72 26.35
N ALA B 407 -17.32 9.62 25.29
CA ALA B 407 -18.06 10.75 24.77
C ALA B 407 -19.36 10.80 25.55
N GLU B 408 -19.52 11.81 26.39
CA GLU B 408 -20.70 11.90 27.24
C GLU B 408 -21.16 13.34 27.36
N GLU B 409 -22.47 13.54 27.38
CA GLU B 409 -23.07 14.86 27.30
C GLU B 409 -23.24 15.48 28.68
N GLU B 410 -23.35 16.79 28.70
CA GLU B 410 -23.07 17.52 29.92
C GLU B 410 -23.55 18.95 29.72
N ASP B 411 -24.30 19.49 30.66
CA ASP B 411 -24.50 20.92 30.67
C ASP B 411 -23.13 21.57 30.79
N TRP B 412 -22.91 22.62 30.01
CA TRP B 412 -21.64 23.32 30.04
C TRP B 412 -21.89 24.81 29.87
N ASP B 413 -21.32 25.64 30.73
CA ASP B 413 -21.41 27.09 30.53
C ASP B 413 -20.02 27.69 30.48
N TYR B 414 -19.82 28.59 29.52
CA TYR B 414 -18.52 29.16 29.20
C TYR B 414 -18.16 30.33 30.11
N ALA B 415 -19.11 30.81 30.89
CA ALA B 415 -18.93 31.93 31.81
C ALA B 415 -19.19 31.45 33.21
N PRO B 416 -18.58 30.32 33.60
CA PRO B 416 -19.16 29.46 34.64
C PRO B 416 -19.70 30.21 35.83
N LEU B 417 -20.98 30.60 35.73
CA LEU B 417 -21.72 31.39 36.71
C LEU B 417 -20.77 32.13 37.64
N VAL B 418 -19.78 32.78 37.04
CA VAL B 418 -18.92 33.75 37.71
C VAL B 418 -18.91 35.09 37.00
N LEU B 419 -19.23 35.13 35.72
CA LEU B 419 -19.16 36.35 34.96
C LEU B 419 -20.33 37.24 35.32
N ALA B 420 -20.05 38.34 35.98
CA ALA B 420 -21.07 39.33 36.24
C ALA B 420 -21.41 40.04 34.94
N PRO B 421 -22.67 40.04 34.50
CA PRO B 421 -23.00 40.63 33.20
C PRO B 421 -23.12 42.14 33.22
N ASP B 422 -23.87 42.68 32.27
CA ASP B 422 -24.26 44.09 32.29
C ASP B 422 -25.64 44.17 31.65
N ASP B 423 -25.78 45.00 30.62
CA ASP B 423 -26.98 45.08 29.80
C ASP B 423 -26.70 45.71 28.45
N ARG B 424 -25.51 46.27 28.27
CA ARG B 424 -25.17 46.95 27.03
C ARG B 424 -25.10 45.96 25.88
N SER B 425 -24.03 45.17 25.81
CA SER B 425 -23.86 44.24 24.70
C SER B 425 -22.79 43.19 25.00
N TYR B 426 -21.90 42.93 24.03
CA TYR B 426 -20.82 41.94 24.09
C TYR B 426 -21.10 40.85 25.12
N LYS B 427 -20.41 40.91 26.26
CA LYS B 427 -20.69 39.97 27.34
C LYS B 427 -22.06 40.28 27.95
N SER B 428 -23.09 39.96 27.19
CA SER B 428 -24.49 40.09 27.58
C SER B 428 -25.26 39.56 26.39
N GLN B 429 -24.81 39.93 25.20
CA GLN B 429 -25.32 39.29 23.99
C GLN B 429 -24.85 37.85 23.91
N TYR B 430 -23.57 37.61 24.18
CA TYR B 430 -23.01 36.27 24.11
C TYR B 430 -23.46 35.45 25.32
N LEU B 431 -23.22 35.96 26.51
CA LEU B 431 -23.69 35.36 27.76
C LEU B 431 -25.12 35.85 28.05
N ASN B 432 -25.54 35.78 29.31
CA ASN B 432 -26.76 36.42 29.76
C ASN B 432 -28.01 35.94 29.01
N ASN B 433 -28.67 34.92 29.56
CA ASN B 433 -29.89 34.34 29.01
C ASN B 433 -30.82 35.43 28.52
N GLY B 434 -30.82 35.69 27.21
CA GLY B 434 -31.67 36.70 26.63
C GLY B 434 -32.98 36.16 26.07
N PRO B 435 -33.86 37.06 25.62
CA PRO B 435 -35.14 36.59 25.07
C PRO B 435 -34.98 35.82 23.77
N GLN B 436 -34.05 36.23 22.92
CA GLN B 436 -33.70 35.51 21.70
C GLN B 436 -32.24 35.08 21.78
N ARG B 437 -31.80 34.74 22.98
CA ARG B 437 -30.41 34.42 23.23
C ARG B 437 -30.36 33.24 24.19
N ILE B 438 -29.65 32.18 23.82
CA ILE B 438 -29.44 31.10 24.76
C ILE B 438 -28.62 31.58 25.93
N GLY B 439 -27.83 32.61 25.72
CA GLY B 439 -26.91 33.07 26.75
C GLY B 439 -25.65 32.24 26.83
N ARG B 440 -25.39 31.71 28.01
CA ARG B 440 -24.06 31.20 28.32
C ARG B 440 -24.01 29.73 28.64
N LYS B 441 -25.14 29.09 28.94
CA LYS B 441 -25.16 27.66 29.20
C LYS B 441 -25.63 26.95 27.94
N TYR B 442 -24.87 25.96 27.51
CA TYR B 442 -25.15 25.22 26.28
C TYR B 442 -24.93 23.74 26.56
N LYS B 443 -25.73 22.89 25.90
CA LYS B 443 -25.52 21.45 25.95
C LYS B 443 -24.41 21.07 25.00
N LYS B 444 -23.37 20.46 25.55
CA LYS B 444 -22.25 19.97 24.79
C LYS B 444 -22.09 18.48 25.04
N VAL B 445 -21.24 17.88 24.23
CA VAL B 445 -20.69 16.56 24.45
C VAL B 445 -19.18 16.74 24.50
N ARG B 446 -18.49 15.89 25.24
CA ARG B 446 -17.04 16.01 25.28
C ARG B 446 -16.41 14.69 25.69
N PHE B 447 -15.12 14.58 25.43
CA PHE B 447 -14.40 13.41 25.92
C PHE B 447 -14.18 13.53 27.41
N MET B 448 -14.28 12.39 28.10
CA MET B 448 -14.07 12.35 29.53
C MET B 448 -13.31 11.10 29.91
N ALA B 449 -12.40 11.24 30.85
CA ALA B 449 -11.65 10.11 31.37
C ALA B 449 -12.51 9.31 32.33
N TYR B 450 -12.21 8.01 32.42
CA TYR B 450 -12.75 7.09 33.42
C TYR B 450 -11.65 6.12 33.84
N THR B 451 -11.85 5.49 35.00
CA THR B 451 -10.76 4.73 35.61
C THR B 451 -10.67 3.30 35.08
N ASP B 452 -11.79 2.62 34.85
CA ASP B 452 -11.75 1.27 34.33
C ASP B 452 -12.84 1.10 33.28
N GLU B 453 -12.83 -0.08 32.67
CA GLU B 453 -13.76 -0.35 31.58
C GLU B 453 -15.21 -0.28 32.03
N THR B 454 -15.47 -0.16 33.33
CA THR B 454 -16.84 -0.06 33.83
C THR B 454 -17.53 1.20 33.32
N PHE B 455 -16.78 2.28 33.13
CA PHE B 455 -17.34 3.61 32.91
C PHE B 455 -18.42 3.92 33.94
N LYS B 456 -18.09 3.64 35.20
CA LYS B 456 -18.99 3.90 36.30
C LYS B 456 -18.25 4.59 37.44
N THR B 457 -17.22 5.36 37.10
CA THR B 457 -16.60 6.39 37.94
C THR B 457 -15.71 7.22 37.03
N ARG B 458 -16.00 8.52 36.91
CA ARG B 458 -15.15 9.42 36.13
C ARG B 458 -13.76 9.47 36.74
N GLU B 459 -12.94 10.44 36.36
CA GLU B 459 -11.59 10.50 36.91
C GLU B 459 -11.28 11.88 37.45
N ALA B 460 -10.01 12.17 37.73
CA ALA B 460 -9.64 13.51 38.13
C ALA B 460 -10.02 14.51 37.04
N ILE B 461 -9.84 15.79 37.35
CA ILE B 461 -10.25 16.82 36.41
C ILE B 461 -9.10 17.82 36.25
N GLN B 462 -8.96 18.72 37.23
CA GLN B 462 -8.19 19.96 37.14
C GLN B 462 -8.91 20.90 36.18
N HIS B 463 -9.42 22.00 36.71
CA HIS B 463 -10.37 22.77 35.94
C HIS B 463 -9.70 23.73 34.98
N GLU B 464 -8.39 23.93 35.10
CA GLU B 464 -7.64 24.76 34.17
C GLU B 464 -7.82 24.28 32.73
N SER B 465 -7.58 22.99 32.49
CA SER B 465 -7.79 22.38 31.17
C SER B 465 -9.27 22.12 30.98
N GLY B 466 -9.98 23.14 30.49
CA GLY B 466 -11.41 23.30 30.68
C GLY B 466 -12.34 22.30 30.04
N ILE B 467 -12.83 22.64 28.84
CA ILE B 467 -13.69 21.73 28.10
C ILE B 467 -12.92 20.53 27.60
N LEU B 468 -11.60 20.58 27.67
CA LEU B 468 -10.72 19.58 27.09
C LEU B 468 -11.02 18.18 27.59
N GLY B 469 -10.89 17.21 26.68
CA GLY B 469 -10.81 15.84 27.08
C GLY B 469 -9.47 15.54 27.73
N PRO B 470 -9.30 14.31 28.19
CA PRO B 470 -8.10 13.97 28.94
C PRO B 470 -6.84 14.25 28.14
N LEU B 471 -5.73 14.39 28.86
CA LEU B 471 -4.44 14.69 28.26
C LEU B 471 -3.77 13.36 27.92
N LEU B 472 -3.34 13.23 26.68
CA LEU B 472 -2.86 11.96 26.15
C LEU B 472 -1.38 12.11 25.81
N TYR B 473 -0.56 11.24 26.37
CA TYR B 473 0.89 11.34 26.25
C TYR B 473 1.44 10.06 25.64
N GLY B 474 2.53 10.19 24.90
CA GLY B 474 3.32 9.04 24.49
C GLY B 474 4.69 9.33 23.89
N GLU B 475 5.77 8.85 24.50
CA GLU B 475 7.09 9.05 23.94
C GLU B 475 7.24 8.19 22.69
N VAL B 476 8.25 8.50 21.88
CA VAL B 476 8.46 7.71 20.68
C VAL B 476 8.69 6.27 21.11
N GLY B 477 7.92 5.36 20.53
CA GLY B 477 8.01 3.95 20.84
C GLY B 477 6.88 3.42 21.69
N ASP B 478 6.12 4.29 22.33
CA ASP B 478 5.03 3.86 23.17
C ASP B 478 3.77 3.60 22.36
N THR B 479 2.93 2.71 22.87
CA THR B 479 1.59 2.46 22.35
C THR B 479 0.56 3.08 23.30
N LEU B 480 -0.52 3.62 22.74
CA LEU B 480 -1.66 4.11 23.51
C LEU B 480 -2.86 3.22 23.23
N LEU B 481 -3.43 2.63 24.30
CA LEU B 481 -4.64 1.81 24.21
C LEU B 481 -5.82 2.68 24.58
N ILE B 482 -6.68 2.97 23.63
CA ILE B 482 -7.78 3.88 23.85
C ILE B 482 -9.05 3.07 23.81
N ILE B 483 -9.54 2.66 24.98
CA ILE B 483 -10.85 2.04 25.10
C ILE B 483 -11.89 3.15 25.19
N PHE B 484 -12.65 3.35 24.12
CA PHE B 484 -13.51 4.51 23.99
C PHE B 484 -14.96 4.08 23.99
N LYS B 485 -15.71 4.55 24.98
CA LYS B 485 -17.16 4.36 25.00
C LYS B 485 -17.86 5.63 24.56
N ASN B 486 -18.89 5.45 23.75
CA ASN B 486 -19.79 6.53 23.36
C ASN B 486 -20.99 6.49 24.29
N GLN B 487 -21.11 7.51 25.13
CA GLN B 487 -22.26 7.60 26.02
C GLN B 487 -23.18 8.74 25.65
N ALA B 488 -23.21 9.14 24.38
CA ALA B 488 -24.00 10.27 23.93
C ALA B 488 -25.06 9.81 22.92
N SER B 489 -25.67 10.77 22.21
CA SER B 489 -26.76 10.44 21.31
C SER B 489 -26.25 9.96 19.95
N ARG B 490 -25.64 10.87 19.20
CA ARG B 490 -25.22 10.60 17.84
C ARG B 490 -24.02 9.65 17.84
N PRO B 491 -23.61 9.17 16.67
CA PRO B 491 -22.32 8.50 16.58
C PRO B 491 -21.16 9.47 16.67
N TYR B 492 -20.11 9.05 17.35
CA TYR B 492 -18.92 9.87 17.51
C TYR B 492 -17.72 8.96 17.30
N ASN B 493 -16.57 9.41 17.75
CA ASN B 493 -15.30 8.93 17.23
C ASN B 493 -14.20 9.41 18.13
N ILE B 494 -13.04 8.75 18.03
CA ILE B 494 -11.83 9.33 18.62
C ILE B 494 -10.67 9.02 17.69
N TYR B 495 -10.08 10.06 17.11
CA TYR B 495 -8.97 9.83 16.21
C TYR B 495 -7.84 10.79 16.55
N PRO B 496 -6.60 10.32 16.51
CA PRO B 496 -5.49 11.23 16.74
C PRO B 496 -5.10 11.97 15.48
N HIS B 497 -4.71 13.21 15.67
CA HIS B 497 -3.99 13.96 14.67
C HIS B 497 -2.52 13.95 15.07
N GLY B 498 -1.66 13.42 14.22
CA GLY B 498 -0.23 13.42 14.49
C GLY B 498 0.34 12.07 14.86
N ILE B 499 -0.50 11.11 15.19
CA ILE B 499 -0.16 9.71 15.23
C ILE B 499 -0.50 9.12 13.88
N THR B 500 0.39 8.31 13.33
CA THR B 500 0.11 7.79 12.00
C THR B 500 -0.38 6.37 12.00
N ASP B 501 0.00 5.58 12.98
CA ASP B 501 -0.16 4.14 12.98
C ASP B 501 -1.29 3.77 13.94
N VAL B 502 -2.50 4.09 13.56
CA VAL B 502 -3.66 3.74 14.36
C VAL B 502 -4.50 2.72 13.61
N ARG B 503 -5.01 1.76 14.38
CA ARG B 503 -5.83 0.67 13.91
C ARG B 503 -6.57 0.13 15.11
N PRO B 504 -7.57 -0.71 14.92
CA PRO B 504 -8.21 -1.35 16.07
C PRO B 504 -7.23 -2.26 16.78
N LEU B 505 -7.56 -2.58 18.03
CA LEU B 505 -6.58 -3.13 18.96
C LEU B 505 -6.12 -4.53 18.56
N TYR B 506 -7.03 -5.38 18.11
CA TYR B 506 -6.65 -6.77 17.88
C TYR B 506 -6.41 -7.11 16.42
N SER B 507 -6.88 -6.31 15.48
CA SER B 507 -6.78 -6.67 14.07
C SER B 507 -6.42 -5.44 13.26
N ARG B 508 -5.75 -5.64 12.15
CA ARG B 508 -5.42 -4.54 11.26
C ARG B 508 -6.55 -4.28 10.27
N ARG B 509 -7.61 -5.06 10.35
CA ARG B 509 -8.69 -5.03 9.37
C ARG B 509 -9.77 -4.09 9.87
N LEU B 510 -9.98 -2.99 9.16
CA LEU B 510 -11.10 -2.14 9.44
C LEU B 510 -12.38 -2.96 9.39
N PRO B 511 -13.42 -2.50 10.01
CA PRO B 511 -14.69 -3.24 10.01
C PRO B 511 -15.61 -2.91 8.85
N LYS B 512 -16.76 -3.59 8.83
CA LYS B 512 -17.90 -3.43 7.92
C LYS B 512 -17.48 -2.94 6.54
N GLY B 513 -18.15 -1.91 6.03
CA GLY B 513 -17.84 -1.44 4.70
C GLY B 513 -16.89 -0.26 4.70
N VAL B 514 -16.11 -0.12 5.75
CA VAL B 514 -15.40 1.11 6.05
C VAL B 514 -13.98 1.06 5.50
N LYS B 515 -13.56 2.17 4.90
CA LYS B 515 -12.29 2.31 4.21
C LYS B 515 -11.19 2.94 5.05
N HIS B 516 -11.53 3.59 6.15
CA HIS B 516 -10.54 4.20 7.04
C HIS B 516 -11.20 4.50 8.39
N LEU B 517 -10.45 4.24 9.47
CA LEU B 517 -11.00 4.31 10.82
C LEU B 517 -11.58 5.68 11.12
N LYS B 518 -10.92 6.75 10.67
CA LYS B 518 -11.42 8.05 11.03
C LYS B 518 -12.77 8.38 10.42
N ASP B 519 -13.29 7.53 9.53
CA ASP B 519 -14.65 7.67 9.02
C ASP B 519 -15.64 6.78 9.76
N PHE B 520 -15.14 5.83 10.53
CA PHE B 520 -15.91 4.75 11.14
C PHE B 520 -16.54 5.18 12.46
N PRO B 521 -17.84 5.41 12.45
CA PRO B 521 -18.53 5.97 13.61
C PRO B 521 -18.88 4.93 14.66
N ILE B 522 -18.98 5.41 15.89
CA ILE B 522 -19.26 4.56 17.04
C ILE B 522 -20.67 4.90 17.52
N LEU B 523 -21.56 3.94 17.44
CA LEU B 523 -22.95 4.21 17.77
C LEU B 523 -23.10 4.40 19.28
N PRO B 524 -24.11 5.16 19.69
CA PRO B 524 -24.37 5.33 21.12
C PRO B 524 -24.38 4.01 21.86
N GLY B 525 -23.63 3.94 22.95
CA GLY B 525 -23.64 2.79 23.82
C GLY B 525 -22.46 1.86 23.65
N GLU B 526 -21.77 1.92 22.54
CA GLU B 526 -20.79 0.90 22.19
C GLU B 526 -19.38 1.30 22.58
N ILE B 527 -18.55 0.30 22.86
CA ILE B 527 -17.12 0.48 23.07
C ILE B 527 -16.42 0.10 21.78
N PHE B 528 -15.27 0.73 21.53
CA PHE B 528 -14.35 0.30 20.50
C PHE B 528 -12.96 0.43 21.07
N LYS B 529 -12.06 -0.49 20.73
CA LYS B 529 -10.71 -0.46 21.27
C LYS B 529 -9.74 -0.08 20.17
N TYR B 530 -9.08 1.05 20.36
CA TYR B 530 -8.13 1.62 19.43
C TYR B 530 -6.71 1.42 19.94
N LYS B 531 -5.77 1.21 19.03
CA LYS B 531 -4.34 1.11 19.34
C LYS B 531 -3.59 2.17 18.55
N TRP B 532 -3.04 3.19 19.27
CA TRP B 532 -2.24 4.27 18.70
C TRP B 532 -0.76 3.98 18.92
N THR B 533 -0.04 3.77 17.82
CA THR B 533 1.36 3.34 17.84
C THR B 533 2.23 4.53 17.45
N VAL B 534 3.04 5.00 18.38
CA VAL B 534 3.91 6.15 18.16
C VAL B 534 5.22 5.62 17.57
N THR B 535 5.50 5.99 16.32
CA THR B 535 6.76 5.68 15.68
C THR B 535 7.67 6.91 15.78
N VAL B 536 8.82 6.86 15.10
CA VAL B 536 9.82 7.92 15.21
C VAL B 536 9.44 9.14 14.37
N GLU B 537 9.03 8.91 13.14
CA GLU B 537 8.59 9.95 12.21
C GLU B 537 7.31 10.64 12.66
N ASP B 538 6.83 10.27 13.85
CA ASP B 538 5.70 10.89 14.51
C ASP B 538 6.09 12.09 15.36
N GLY B 539 7.36 12.23 15.73
CA GLY B 539 7.73 13.09 16.81
C GLY B 539 8.96 13.96 16.61
N PRO B 540 9.48 14.50 17.73
CA PRO B 540 10.50 15.55 17.66
C PRO B 540 11.80 15.15 17.00
N THR B 541 12.45 16.15 16.42
CA THR B 541 13.54 15.95 15.47
C THR B 541 14.89 16.42 16.00
N LYS B 542 15.08 16.40 17.32
CA LYS B 542 16.29 16.95 17.94
C LYS B 542 16.35 18.47 17.79
N SER B 543 15.71 19.01 16.76
CA SER B 543 15.74 20.44 16.52
C SER B 543 14.45 21.14 16.90
N ASP B 544 13.36 20.41 17.14
CA ASP B 544 12.17 21.05 17.68
C ASP B 544 11.92 20.52 19.10
N PRO B 545 10.89 21.05 19.82
CA PRO B 545 10.71 20.72 21.24
C PRO B 545 10.88 19.25 21.62
N ARG B 546 10.85 18.98 22.91
CA ARG B 546 10.84 17.62 23.39
C ARG B 546 9.46 17.00 23.36
N CYS B 547 8.43 17.80 23.07
CA CYS B 547 7.04 17.36 23.01
C CYS B 547 6.34 18.15 21.92
N LEU B 548 5.92 17.46 20.86
CA LEU B 548 5.09 18.08 19.82
C LEU B 548 3.67 18.18 20.34
N THR B 549 3.07 19.36 20.27
CA THR B 549 1.70 19.50 20.73
C THR B 549 0.73 19.09 19.62
N ARG B 550 -0.16 18.15 19.92
CA ARG B 550 -1.15 17.65 18.97
C ARG B 550 -2.48 17.47 19.68
N TYR B 551 -3.56 17.36 18.89
CA TYR B 551 -4.91 17.16 19.42
C TYR B 551 -5.49 15.83 18.93
N TYR B 552 -6.55 15.38 19.61
CA TYR B 552 -7.44 14.35 19.10
C TYR B 552 -8.87 14.89 19.05
N SER B 553 -9.73 14.23 18.28
CA SER B 553 -11.16 14.56 18.26
C SER B 553 -12.01 13.63 17.39
N SER B 554 -13.29 13.95 17.28
CA SER B 554 -14.29 13.11 16.62
C SER B 554 -14.39 13.47 15.15
N PHE B 555 -14.39 12.46 14.28
CA PHE B 555 -14.33 12.72 12.85
C PHE B 555 -15.52 12.18 12.06
N VAL B 556 -16.56 11.67 12.71
CA VAL B 556 -17.74 11.35 11.92
C VAL B 556 -18.34 12.63 11.38
N ASN B 557 -18.00 13.76 11.97
CA ASN B 557 -18.33 15.06 11.41
C ASN B 557 -17.38 16.10 11.96
N MET B 558 -16.13 16.05 11.52
CA MET B 558 -15.07 16.99 11.88
C MET B 558 -15.59 18.30 12.43
N GLU B 559 -16.24 19.06 11.57
CA GLU B 559 -16.66 20.42 11.89
C GLU B 559 -17.68 20.44 13.03
N ARG B 560 -18.76 19.68 12.90
CA ARG B 560 -19.83 19.81 13.88
C ARG B 560 -19.51 19.08 15.18
N ASP B 561 -18.80 17.95 15.09
CA ASP B 561 -18.38 17.27 16.30
C ASP B 561 -17.45 18.16 17.11
N LEU B 562 -16.55 18.88 16.44
CA LEU B 562 -15.69 19.82 17.14
C LEU B 562 -16.52 20.94 17.77
N ALA B 563 -17.42 21.54 16.98
CA ALA B 563 -18.36 22.50 17.53
C ALA B 563 -18.99 21.97 18.80
N SER B 564 -19.45 20.72 18.76
CA SER B 564 -20.28 20.20 19.85
C SER B 564 -19.50 20.06 21.14
N GLY B 565 -18.18 19.96 21.08
CA GLY B 565 -17.36 19.98 22.28
C GLY B 565 -16.34 18.87 22.40
N LEU B 566 -16.02 18.21 21.30
CA LEU B 566 -15.18 17.02 21.33
C LEU B 566 -13.77 17.37 20.88
N ILE B 567 -12.86 17.55 21.84
CA ILE B 567 -11.50 17.99 21.57
C ILE B 567 -10.59 17.76 22.77
N GLY B 568 -9.36 17.33 22.52
CA GLY B 568 -8.47 16.92 23.58
C GLY B 568 -7.00 16.99 23.21
N PRO B 569 -6.15 17.28 24.18
CA PRO B 569 -4.72 17.45 23.89
C PRO B 569 -3.94 16.16 23.93
N LEU B 570 -2.94 16.10 23.06
CA LEU B 570 -2.15 14.89 22.88
C LEU B 570 -0.70 15.30 22.70
N LEU B 571 0.18 14.82 23.55
CA LEU B 571 1.59 15.15 23.46
C LEU B 571 2.38 13.93 23.01
N ILE B 572 3.42 14.19 22.21
CA ILE B 572 4.17 13.14 21.50
C ILE B 572 5.65 13.47 21.69
N CYS B 573 6.24 12.93 22.75
CA CYS B 573 7.51 13.40 23.26
C CYS B 573 8.66 12.47 22.87
N TYR B 574 9.82 12.61 23.54
CA TYR B 574 11.06 12.07 22.99
C TYR B 574 11.56 10.82 23.70
N LYS B 575 11.87 10.88 25.00
CA LYS B 575 12.75 9.89 25.65
C LYS B 575 12.33 8.44 25.43
N SER B 587 6.30 15.40 34.19
CA SER B 587 7.34 16.09 34.94
C SER B 587 6.89 17.51 35.33
N ASP B 588 5.70 17.90 34.88
CA ASP B 588 5.21 19.25 35.11
C ASP B 588 3.72 19.23 35.45
N LYS B 589 3.30 20.31 36.12
CA LYS B 589 1.89 20.60 36.39
C LYS B 589 1.04 20.49 35.13
N ARG B 590 1.61 20.85 33.97
CA ARG B 590 1.32 20.42 32.60
C ARG B 590 1.02 21.59 31.67
N ASN B 591 -0.08 22.32 31.90
CA ASN B 591 -0.35 23.59 31.22
C ASN B 591 -0.75 23.48 29.76
N VAL B 592 -2.03 23.31 29.46
CA VAL B 592 -2.48 23.19 28.08
C VAL B 592 -3.49 24.29 27.82
N ILE B 593 -3.31 25.02 26.72
CA ILE B 593 -4.24 26.07 26.32
C ILE B 593 -4.72 25.81 24.91
N LEU B 594 -6.00 26.05 24.69
CA LEU B 594 -6.68 25.78 23.43
C LEU B 594 -7.58 26.97 23.15
N PHE B 595 -7.29 27.70 22.09
CA PHE B 595 -8.16 28.78 21.67
C PHE B 595 -9.21 28.19 20.75
N SER B 596 -10.46 28.25 21.15
CA SER B 596 -11.52 27.54 20.43
C SER B 596 -12.78 28.39 20.33
N VAL B 597 -13.01 28.99 19.17
CA VAL B 597 -14.32 29.53 18.86
C VAL B 597 -15.28 28.36 18.71
N PHE B 598 -16.27 28.25 19.60
CA PHE B 598 -17.23 27.16 19.55
C PHE B 598 -18.51 27.65 18.89
N ASP B 599 -18.61 27.41 17.58
CA ASP B 599 -19.79 27.83 16.84
C ASP B 599 -21.01 27.05 17.26
N GLU B 600 -21.72 27.51 18.29
CA GLU B 600 -22.84 26.74 18.80
C GLU B 600 -23.94 26.57 17.74
N ASN B 601 -23.92 27.34 16.67
CA ASN B 601 -24.92 27.15 15.61
C ASN B 601 -24.69 25.86 14.85
N ARG B 602 -23.52 25.27 14.96
CA ARG B 602 -23.26 23.98 14.36
C ARG B 602 -23.45 22.83 15.33
N SER B 603 -23.31 23.09 16.63
CA SER B 603 -23.50 22.08 17.67
C SER B 603 -24.71 21.22 17.33
N TRP B 604 -24.52 19.89 17.35
CA TRP B 604 -25.63 18.97 17.11
C TRP B 604 -26.80 19.25 18.02
N TYR B 605 -26.53 19.94 19.11
CA TYR B 605 -27.46 20.11 20.20
C TYR B 605 -28.14 21.46 20.18
N LEU B 606 -27.70 22.37 19.31
CA LEU B 606 -28.34 23.67 19.13
C LEU B 606 -29.85 23.51 19.15
N THR B 607 -30.34 22.45 18.52
CA THR B 607 -31.78 22.21 18.52
C THR B 607 -32.30 21.98 19.92
N GLU B 608 -31.53 21.28 20.75
CA GLU B 608 -31.93 21.06 22.15
C GLU B 608 -31.84 22.36 22.95
N ASN B 609 -30.72 23.07 22.81
CA ASN B 609 -30.52 24.33 23.52
C ASN B 609 -31.56 25.38 23.13
N ILE B 610 -31.88 25.46 21.84
CA ILE B 610 -32.96 26.33 21.36
C ILE B 610 -34.24 26.07 22.14
N GLN B 611 -34.57 24.81 22.37
CA GLN B 611 -35.79 24.49 23.10
C GLN B 611 -35.62 24.72 24.59
N ARG B 612 -34.48 24.34 25.13
CA ARG B 612 -34.25 24.33 26.57
C ARG B 612 -33.76 25.67 27.11
N PHE B 613 -33.53 26.66 26.27
CA PHE B 613 -33.05 27.92 26.79
C PHE B 613 -33.68 29.17 26.18
N LEU B 614 -34.37 29.06 25.06
CA LEU B 614 -35.08 30.29 24.75
C LEU B 614 -36.48 30.25 25.35
N PRO B 615 -36.97 31.38 25.87
CA PRO B 615 -38.36 31.42 26.35
C PRO B 615 -39.35 31.37 25.21
N ASN B 616 -38.93 31.72 23.98
CA ASN B 616 -39.73 31.59 22.77
C ASN B 616 -39.23 30.44 21.92
N PRO B 617 -39.15 29.20 22.44
CA PRO B 617 -38.64 28.13 21.60
C PRO B 617 -39.50 27.96 20.38
N ALA B 618 -40.80 28.06 20.58
CA ALA B 618 -41.79 28.24 19.52
C ALA B 618 -41.26 29.19 18.46
N GLY B 619 -41.27 30.49 18.76
CA GLY B 619 -40.91 31.47 17.77
C GLY B 619 -39.47 31.93 17.88
N VAL B 620 -38.56 31.21 17.23
CA VAL B 620 -37.16 31.61 17.18
C VAL B 620 -36.76 31.78 15.73
N GLN B 621 -36.04 32.86 15.45
CA GLN B 621 -35.49 33.13 14.12
C GLN B 621 -34.06 32.61 14.11
N LEU B 622 -33.85 31.50 13.41
CA LEU B 622 -32.56 30.84 13.41
C LEU B 622 -31.53 31.55 12.53
N GLU B 623 -31.87 32.70 11.95
CA GLU B 623 -30.91 33.37 11.09
C GLU B 623 -30.69 34.84 11.45
N ASP B 624 -31.27 35.32 12.56
CA ASP B 624 -30.90 36.63 13.11
C ASP B 624 -29.39 36.64 13.31
N PRO B 625 -28.65 37.38 12.49
CA PRO B 625 -27.20 37.19 12.45
C PRO B 625 -26.49 37.58 13.74
N GLU B 626 -27.16 38.28 14.67
CA GLU B 626 -26.57 38.41 16.00
C GLU B 626 -27.05 37.32 16.94
N PHE B 627 -28.23 36.75 16.72
CA PHE B 627 -28.57 35.52 17.44
C PHE B 627 -27.48 34.50 17.23
N GLN B 628 -27.12 34.24 15.98
CA GLN B 628 -26.02 33.31 15.75
C GLN B 628 -24.69 33.90 16.19
N ALA B 629 -24.56 35.22 16.19
CA ALA B 629 -23.39 35.79 16.85
C ALA B 629 -23.39 35.47 18.33
N SER B 630 -24.58 35.42 18.95
CA SER B 630 -24.68 35.09 20.36
C SER B 630 -24.26 33.68 20.69
N ASN B 631 -23.90 32.89 19.68
CA ASN B 631 -23.56 31.49 19.90
C ASN B 631 -22.17 31.14 19.39
N ILE B 632 -21.36 32.12 19.00
CA ILE B 632 -19.95 31.88 18.72
C ILE B 632 -19.20 32.31 19.97
N MET B 633 -18.78 31.34 20.77
CA MET B 633 -18.14 31.60 22.06
C MET B 633 -16.64 31.59 21.85
N HIS B 634 -16.04 32.77 21.82
CA HIS B 634 -14.62 32.86 21.49
C HIS B 634 -13.83 32.47 22.72
N SER B 635 -13.54 31.18 22.81
CA SER B 635 -13.20 30.53 24.07
C SER B 635 -11.74 30.15 24.14
N ILE B 636 -11.14 30.41 25.29
CA ILE B 636 -9.83 29.91 25.65
C ILE B 636 -10.05 28.75 26.61
N ASN B 637 -9.35 27.64 26.36
CA ASN B 637 -9.73 26.32 26.87
C ASN B 637 -11.24 26.16 26.89
N GLY B 638 -11.87 26.29 28.04
CA GLY B 638 -13.30 26.12 28.00
C GLY B 638 -14.12 27.38 27.93
N TYR B 639 -13.56 28.51 28.42
CA TYR B 639 -14.32 29.62 28.96
C TYR B 639 -14.04 30.94 28.25
N VAL B 640 -15.12 31.68 27.90
CA VAL B 640 -15.01 33.04 27.36
C VAL B 640 -15.04 34.06 28.50
N PHE B 641 -14.44 35.22 28.23
CA PHE B 641 -14.21 36.29 29.18
C PHE B 641 -13.53 35.70 30.40
N ASP B 642 -12.91 36.53 31.23
CA ASP B 642 -11.77 36.02 31.99
C ASP B 642 -12.09 34.88 32.94
N SER B 643 -13.11 34.09 32.61
CA SER B 643 -13.53 32.98 33.46
C SER B 643 -12.43 31.97 33.68
N LEU B 644 -11.52 31.84 32.73
CA LEU B 644 -10.35 31.01 32.95
C LEU B 644 -9.31 31.78 33.74
N GLN B 645 -8.58 31.07 34.59
CA GLN B 645 -7.69 31.74 35.52
C GLN B 645 -6.61 30.75 35.94
N LEU B 646 -5.38 30.99 35.52
CA LEU B 646 -4.29 30.08 35.83
C LEU B 646 -3.57 30.53 37.08
N SER B 647 -3.25 29.59 37.94
CA SER B 647 -2.47 29.89 39.12
C SER B 647 -1.19 29.09 39.01
N VAL B 648 -0.09 29.77 38.71
CA VAL B 648 1.25 29.16 38.71
C VAL B 648 2.06 29.79 39.83
N CYS B 649 2.86 28.97 40.50
CA CYS B 649 3.80 29.49 41.48
C CYS B 649 4.81 30.40 40.80
N LEU B 650 5.07 31.55 41.41
CA LEU B 650 6.24 32.34 41.04
C LEU B 650 7.51 31.50 41.06
N HIS B 651 8.15 31.46 39.89
CA HIS B 651 9.39 30.75 39.59
C HIS B 651 9.11 29.38 38.99
N GLU B 652 7.91 28.82 39.19
CA GLU B 652 7.63 27.54 38.57
C GLU B 652 7.93 27.68 37.09
N VAL B 653 8.94 26.96 36.62
CA VAL B 653 9.45 27.12 35.27
C VAL B 653 8.69 26.17 34.36
N ALA B 654 7.81 26.71 33.52
CA ALA B 654 6.71 25.93 32.96
C ALA B 654 7.00 25.26 31.61
N TYR B 655 5.97 25.17 30.78
CA TYR B 655 5.92 24.41 29.53
C TYR B 655 4.49 24.48 29.06
N TRP B 656 4.20 25.16 27.97
CA TRP B 656 2.81 25.40 27.60
C TRP B 656 2.55 24.81 26.24
N TYR B 657 1.69 23.82 26.21
CA TYR B 657 1.22 23.22 24.99
C TYR B 657 -0.06 23.95 24.60
N ILE B 658 0.04 24.78 23.56
CA ILE B 658 -1.06 25.61 23.08
C ILE B 658 -1.49 25.12 21.70
N LEU B 659 -2.77 25.33 21.39
CA LEU B 659 -3.35 24.91 20.13
C LEU B 659 -4.45 25.89 19.73
N SER B 660 -4.61 26.08 18.43
CA SER B 660 -5.77 26.81 17.90
C SER B 660 -6.62 25.83 17.13
N ILE B 661 -7.76 25.45 17.69
CA ILE B 661 -8.59 24.43 17.07
C ILE B 661 -10.03 24.77 17.34
N GLY B 662 -10.79 25.04 16.28
CA GLY B 662 -12.16 25.43 16.47
C GLY B 662 -12.73 25.95 15.16
N ALA B 663 -13.81 26.71 15.29
CA ALA B 663 -14.48 27.26 14.11
C ALA B 663 -13.64 28.28 13.38
N GLN B 664 -12.44 28.56 13.85
CA GLN B 664 -11.61 29.62 13.31
C GLN B 664 -11.28 29.41 11.84
N THR B 665 -11.13 30.51 11.10
CA THR B 665 -10.46 30.51 9.79
C THR B 665 -9.25 31.42 9.73
N ASP B 666 -9.09 32.34 10.66
CA ASP B 666 -7.93 33.21 10.63
C ASP B 666 -6.90 32.68 11.62
N PHE B 667 -5.63 32.92 11.31
CA PHE B 667 -4.57 32.64 12.26
C PHE B 667 -4.76 33.46 13.53
N LEU B 668 -4.47 32.85 14.66
CA LEU B 668 -4.50 33.53 15.96
C LEU B 668 -3.09 33.94 16.32
N SER B 669 -2.84 35.23 16.39
CA SER B 669 -1.59 35.72 16.96
C SER B 669 -1.83 35.79 18.46
N VAL B 670 -0.93 35.23 19.27
CA VAL B 670 -1.26 34.95 20.66
C VAL B 670 -0.13 35.39 21.59
N PHE B 671 -0.51 35.94 22.75
CA PHE B 671 0.43 36.53 23.70
C PHE B 671 0.10 36.17 25.15
N PHE B 672 1.13 36.29 26.00
CA PHE B 672 1.02 36.33 27.46
C PHE B 672 1.44 37.74 27.89
N SER B 673 0.48 38.51 28.38
CA SER B 673 0.62 39.92 28.76
C SER B 673 1.89 40.31 29.49
N GLY B 674 2.52 39.38 30.17
CA GLY B 674 3.65 39.80 30.96
C GLY B 674 4.99 39.23 30.55
N TYR B 675 4.97 38.19 29.74
CA TYR B 675 6.12 37.30 29.58
C TYR B 675 6.55 37.19 28.12
N THR B 676 7.58 36.37 27.88
CA THR B 676 8.21 36.22 26.57
C THR B 676 8.21 34.80 26.00
N PHE B 677 8.49 33.78 26.79
CA PHE B 677 8.57 32.37 26.37
C PHE B 677 9.54 32.02 25.22
N LYS B 678 9.97 30.75 25.19
CA LYS B 678 11.11 30.27 24.40
C LYS B 678 10.59 29.38 23.28
N HIS B 679 10.65 29.88 22.05
CA HIS B 679 10.01 29.21 20.92
C HIS B 679 11.01 28.90 19.85
N LYS B 680 11.09 27.64 19.46
CA LYS B 680 11.99 27.23 18.41
C LYS B 680 13.37 27.78 18.70
N MET B 681 13.83 27.58 19.92
CA MET B 681 15.20 27.85 20.35
C MET B 681 15.51 29.33 20.57
N VAL B 682 14.63 30.25 20.19
CA VAL B 682 14.78 31.66 20.51
C VAL B 682 13.58 32.06 21.36
N TYR B 683 13.65 33.24 21.93
CA TYR B 683 12.49 33.80 22.62
C TYR B 683 11.70 34.65 21.65
N GLU B 684 10.40 34.73 21.88
CA GLU B 684 9.55 35.65 21.14
C GLU B 684 8.64 36.31 22.16
N ASP B 685 7.57 36.90 21.73
CA ASP B 685 6.53 37.31 22.66
C ASP B 685 5.18 37.34 21.97
N THR B 686 5.13 36.96 20.71
CA THR B 686 3.88 36.61 20.08
C THR B 686 4.09 35.25 19.43
N LEU B 687 3.08 34.41 19.53
CA LEU B 687 3.14 33.05 19.02
C LEU B 687 2.01 32.93 17.99
N THR B 688 2.36 32.84 16.73
CA THR B 688 1.32 32.82 15.70
C THR B 688 0.91 31.37 15.47
N LEU B 689 -0.40 31.14 15.42
CA LEU B 689 -1.00 29.80 15.27
C LEU B 689 -2.08 29.82 14.20
N PHE B 690 -1.86 29.09 13.12
CA PHE B 690 -2.89 28.84 12.14
C PHE B 690 -3.91 27.84 12.70
N PRO B 691 -5.10 27.78 12.11
CA PRO B 691 -6.09 26.80 12.60
C PRO B 691 -5.56 25.38 12.51
N PHE B 692 -5.90 24.57 13.50
CA PHE B 692 -5.54 23.16 13.57
C PHE B 692 -4.05 22.94 13.74
N SER B 693 -3.35 23.85 14.41
CA SER B 693 -1.92 23.72 14.58
C SER B 693 -1.54 24.08 16.00
N GLY B 694 -0.73 23.25 16.63
CA GLY B 694 -0.31 23.47 17.99
C GLY B 694 1.20 23.64 18.10
N GLU B 695 1.62 24.42 19.07
CA GLU B 695 3.03 24.66 19.31
C GLU B 695 3.32 24.57 20.79
N THR B 696 4.59 24.32 21.10
CA THR B 696 5.06 24.15 22.47
C THR B 696 6.04 25.27 22.75
N VAL B 697 5.67 26.18 23.64
CA VAL B 697 6.55 27.27 24.06
C VAL B 697 6.91 27.04 25.52
N PHE B 698 8.21 27.09 25.80
CA PHE B 698 8.73 26.85 27.14
C PHE B 698 8.92 28.19 27.85
N MET B 699 8.29 28.34 29.01
CA MET B 699 8.25 29.62 29.71
C MET B 699 8.71 29.48 31.15
N SER B 700 9.38 30.53 31.63
CA SER B 700 9.84 30.62 33.01
C SER B 700 9.14 31.80 33.67
N MET B 701 8.32 31.51 34.68
CA MET B 701 7.56 32.54 35.40
C MET B 701 8.51 33.32 36.31
N GLU B 702 8.71 34.59 36.02
CA GLU B 702 9.53 35.33 36.97
C GLU B 702 9.12 36.78 37.17
N ASN B 703 8.50 37.45 36.19
CA ASN B 703 8.04 38.62 36.92
C ASN B 703 6.58 38.40 37.34
N PRO B 704 6.13 39.02 38.45
CA PRO B 704 5.12 38.35 39.26
C PRO B 704 3.82 39.09 39.53
N GLY B 705 3.14 39.56 38.50
CA GLY B 705 1.83 40.14 38.66
C GLY B 705 0.67 39.18 38.42
N LEU B 706 -0.46 39.74 38.00
CA LEU B 706 -1.57 39.00 37.42
C LEU B 706 -1.81 39.57 36.04
N TRP B 707 -1.63 38.75 35.01
CA TRP B 707 -1.65 39.27 33.66
C TRP B 707 -2.89 38.79 32.90
N ILE B 708 -2.76 38.64 31.59
CA ILE B 708 -3.92 38.38 30.74
C ILE B 708 -3.45 37.46 29.63
N LEU B 709 -4.02 36.27 29.56
CA LEU B 709 -3.75 35.39 28.43
C LEU B 709 -4.81 35.67 27.37
N GLY B 710 -4.35 36.07 26.19
CA GLY B 710 -5.27 36.57 25.18
C GLY B 710 -4.66 36.44 23.80
N CYS B 711 -5.46 36.80 22.79
CA CYS B 711 -5.01 36.58 21.42
C CYS B 711 -4.09 37.71 21.02
N HIS B 712 -4.63 38.81 20.48
CA HIS B 712 -3.88 39.87 19.80
C HIS B 712 -4.81 40.46 18.74
N ASN B 713 -5.72 39.61 18.27
CA ASN B 713 -6.58 39.94 17.13
C ASN B 713 -7.87 40.56 17.66
N SER B 714 -7.68 41.74 18.25
CA SER B 714 -8.65 42.58 18.95
C SER B 714 -10.10 42.11 18.91
N ASP B 715 -10.71 42.02 17.73
CA ASP B 715 -12.13 41.69 17.62
C ASP B 715 -12.47 40.28 18.10
N PHE B 716 -11.47 39.44 18.32
CA PHE B 716 -11.68 38.22 19.09
C PHE B 716 -11.66 38.51 20.59
N ARG B 717 -10.69 39.31 21.04
CA ARG B 717 -10.54 39.69 22.46
C ARG B 717 -11.83 40.26 23.02
N ASN B 718 -12.46 41.16 22.26
CA ASN B 718 -13.65 41.86 22.73
C ASN B 718 -14.88 40.98 22.73
N ARG B 719 -14.77 39.77 22.16
CA ARG B 719 -15.83 38.78 22.19
C ARG B 719 -15.47 37.61 23.09
N GLY B 720 -14.60 37.84 24.07
CA GLY B 720 -14.36 36.83 25.08
C GLY B 720 -12.95 36.28 25.21
N MET B 721 -12.29 36.02 24.08
CA MET B 721 -11.10 35.16 24.06
C MET B 721 -9.97 35.64 24.96
N THR B 722 -10.09 35.40 26.27
CA THR B 722 -9.18 35.96 27.27
C THR B 722 -9.17 35.08 28.52
N ALA B 723 -7.98 34.74 29.01
CA ALA B 723 -7.79 34.02 30.27
C ALA B 723 -7.28 34.99 31.33
N LEU B 724 -6.66 34.47 32.39
CA LEU B 724 -6.18 35.39 33.41
C LEU B 724 -4.72 35.22 33.85
N LEU B 725 -4.26 34.01 34.15
CA LEU B 725 -2.89 33.80 34.63
C LEU B 725 -2.43 34.80 35.68
N LYS B 726 -2.62 34.48 36.94
CA LYS B 726 -1.98 35.18 38.03
C LYS B 726 -0.80 34.38 38.52
N VAL B 727 0.36 35.01 38.62
CA VAL B 727 1.51 34.39 39.25
C VAL B 727 1.77 35.11 40.57
N SER B 728 2.21 34.35 41.56
CA SER B 728 2.62 34.87 42.86
C SER B 728 3.44 33.78 43.54
N SER B 729 4.06 34.10 44.67
CA SER B 729 4.91 33.09 45.25
C SER B 729 4.12 32.23 46.24
N CYS B 730 4.79 31.26 46.83
CA CYS B 730 4.14 30.15 47.48
C CYS B 730 5.08 29.34 48.36
N LYS B 828 26.70 46.48 34.94
CA LYS B 828 27.35 47.61 34.30
C LYS B 828 26.28 48.61 33.91
N ARG B 829 26.65 49.87 33.70
CA ARG B 829 25.78 50.93 33.17
C ARG B 829 24.35 50.88 33.73
N THR B 830 23.42 51.53 33.02
CA THR B 830 21.99 51.64 33.35
C THR B 830 21.42 52.67 32.39
N ARG B 831 21.16 52.26 31.16
CA ARG B 831 20.78 53.19 30.12
C ARG B 831 19.43 53.83 30.42
N HIS B 832 19.39 55.17 30.44
CA HIS B 832 18.23 55.94 30.90
C HIS B 832 17.67 56.75 29.74
N TYR B 833 16.35 56.66 29.53
CA TYR B 833 15.68 57.23 28.38
C TYR B 833 14.52 58.11 28.85
N PHE B 834 14.07 59.04 28.00
CA PHE B 834 13.01 60.00 28.37
C PHE B 834 11.94 60.07 27.29
N ILE B 835 11.12 59.06 27.18
CA ILE B 835 10.12 59.04 26.14
C ILE B 835 8.94 59.90 26.57
N ALA B 836 8.25 60.49 25.59
CA ALA B 836 7.01 61.19 25.84
C ALA B 836 6.04 60.87 24.71
N ALA B 837 4.75 60.95 25.02
CA ALA B 837 3.72 60.65 24.03
C ALA B 837 3.07 61.94 23.54
N VAL B 838 3.87 62.70 22.81
CA VAL B 838 3.48 64.03 22.38
C VAL B 838 2.76 63.93 21.05
N GLU B 839 1.55 64.47 20.98
CA GLU B 839 0.78 64.50 19.75
C GLU B 839 1.44 65.41 18.72
N GLN B 840 1.15 65.15 17.46
CA GLN B 840 1.75 65.90 16.35
C GLN B 840 0.89 65.67 15.12
N LEU B 841 1.14 66.46 14.08
CA LEU B 841 0.36 66.29 12.87
C LEU B 841 1.08 65.34 11.92
N TRP B 842 0.30 64.75 11.00
CA TRP B 842 0.81 63.69 10.14
C TRP B 842 0.12 63.68 8.78
N ASP B 843 0.92 63.42 7.74
CA ASP B 843 0.56 63.60 6.32
C ASP B 843 0.74 62.37 5.46
N TYR B 844 1.79 61.58 5.70
CA TYR B 844 2.33 60.63 4.73
C TYR B 844 2.51 61.25 3.35
N GLY B 845 1.41 61.38 2.63
CA GLY B 845 1.43 61.66 1.20
C GLY B 845 1.37 63.13 0.88
N MET B 846 2.45 63.84 1.22
CA MET B 846 2.68 65.22 0.84
C MET B 846 3.90 65.31 -0.07
N SER B 847 4.22 64.21 -0.75
CA SER B 847 5.40 64.16 -1.59
C SER B 847 5.23 63.19 -2.75
N GLU B 848 4.01 63.11 -3.33
CA GLU B 848 3.83 62.38 -4.58
C GLU B 848 2.45 62.51 -5.23
N SER B 849 1.90 61.37 -5.66
CA SER B 849 0.77 61.33 -6.58
C SER B 849 -0.53 61.68 -5.87
N PRO B 850 -1.43 62.46 -6.49
CA PRO B 850 -2.71 62.88 -5.91
C PRO B 850 -3.71 61.74 -5.72
N GLY B 860 -4.03 71.25 -4.54
CA GLY B 860 -4.11 69.82 -4.31
C GLY B 860 -4.42 69.48 -2.87
N GLU B 861 -3.73 70.18 -1.96
CA GLU B 861 -3.95 70.22 -0.51
C GLU B 861 -4.07 68.86 0.15
N VAL B 862 -3.08 68.50 0.96
CA VAL B 862 -3.04 67.18 1.60
C VAL B 862 -3.93 67.15 2.84
N PRO B 863 -4.71 66.09 3.06
CA PRO B 863 -5.32 65.90 4.38
C PRO B 863 -4.27 65.66 5.44
N ARG B 864 -4.07 66.64 6.32
CA ARG B 864 -3.23 66.43 7.49
C ARG B 864 -4.04 65.65 8.53
N PHE B 865 -3.33 64.83 9.32
CA PHE B 865 -3.94 63.94 10.30
C PHE B 865 -3.30 64.14 11.66
N LYS B 866 -4.13 64.14 12.71
CA LYS B 866 -3.64 64.30 14.07
C LYS B 866 -3.49 62.93 14.72
N LYS B 867 -2.29 62.67 15.23
CA LYS B 867 -1.92 61.38 15.79
C LYS B 867 -1.14 61.62 17.07
N VAL B 868 -0.94 60.55 17.83
CA VAL B 868 -0.03 60.57 18.99
C VAL B 868 1.09 59.59 18.72
N VAL B 869 2.32 59.99 19.02
CA VAL B 869 3.51 59.20 18.73
C VAL B 869 4.48 59.35 19.90
N PHE B 870 5.46 58.45 19.97
CA PHE B 870 6.54 58.53 20.96
C PHE B 870 7.74 59.21 20.33
N ARG B 871 8.22 60.28 20.95
CA ARG B 871 9.48 60.88 20.52
C ARG B 871 10.37 61.10 21.74
N GLU B 872 11.68 61.06 21.54
CA GLU B 872 12.64 61.02 22.65
C GLU B 872 13.00 62.43 23.09
N PHE B 873 12.73 62.72 24.36
CA PHE B 873 13.05 64.00 24.97
C PHE B 873 14.38 63.93 25.71
N ALA B 874 15.00 65.09 25.87
CA ALA B 874 16.43 65.13 26.14
C ALA B 874 16.77 65.11 27.63
N ASP B 875 16.00 65.80 28.46
CA ASP B 875 16.29 65.88 29.88
C ASP B 875 15.00 65.79 30.68
N GLY B 876 15.17 65.61 31.98
CA GLY B 876 14.12 65.35 32.95
C GLY B 876 12.75 65.90 32.69
N SER B 877 12.63 67.16 32.32
CA SER B 877 11.34 67.83 32.38
C SER B 877 10.83 68.27 31.01
N PHE B 878 11.21 67.54 29.96
CA PHE B 878 10.45 67.48 28.72
C PHE B 878 10.23 68.87 28.12
N THR B 879 11.34 69.51 27.78
CA THR B 879 11.36 70.84 27.19
C THR B 879 12.07 70.85 25.85
N GLN B 880 13.25 70.23 25.77
CA GLN B 880 14.00 70.15 24.52
C GLN B 880 13.83 68.76 23.93
N PRO B 881 13.27 68.63 22.73
CA PRO B 881 12.86 67.32 22.23
C PRO B 881 13.91 66.52 21.48
N SER B 882 15.18 66.93 21.46
CA SER B 882 16.25 66.18 20.80
C SER B 882 15.80 65.48 19.52
N TYR B 883 15.78 66.21 18.39
CA TYR B 883 15.14 65.72 17.19
C TYR B 883 15.95 64.63 16.51
N ARG B 884 15.29 63.95 15.58
CA ARG B 884 15.89 62.90 14.76
C ARG B 884 16.25 63.51 13.42
N GLY B 885 17.54 63.61 13.16
CA GLY B 885 18.03 63.95 11.84
C GLY B 885 18.98 62.85 11.40
N GLU B 886 18.97 62.56 10.11
CA GLU B 886 19.88 61.57 9.54
C GLU B 886 19.62 60.20 10.14
N LEU B 887 20.56 59.71 10.96
CA LEU B 887 20.46 58.42 11.65
C LEU B 887 19.05 58.02 11.99
N ASN B 888 18.47 58.60 13.03
CA ASN B 888 17.10 58.28 13.40
C ASN B 888 16.06 58.95 12.52
N LYS B 889 16.44 59.53 11.37
CA LYS B 889 15.42 60.19 10.57
C LYS B 889 14.41 59.20 10.03
N HIS B 890 14.81 57.94 9.90
CA HIS B 890 13.97 56.95 9.22
C HIS B 890 12.83 56.46 10.09
N LEU B 891 12.96 56.55 11.42
CA LEU B 891 11.98 55.96 12.33
C LEU B 891 10.57 56.45 12.10
N GLY B 892 10.40 57.58 11.41
CA GLY B 892 9.06 58.02 11.04
C GLY B 892 8.14 58.05 12.22
N LEU B 893 6.95 57.46 12.05
CA LEU B 893 5.96 57.42 13.11
C LEU B 893 6.42 56.64 14.32
N LEU B 894 7.55 55.92 14.24
CA LEU B 894 8.00 55.14 15.37
C LEU B 894 8.56 56.02 16.48
N GLY B 895 8.56 55.46 17.68
CA GLY B 895 9.30 56.00 18.78
C GLY B 895 10.78 55.77 18.58
N PRO B 896 11.56 56.10 19.56
CA PRO B 896 13.01 55.98 19.42
C PRO B 896 13.57 54.68 19.98
N TYR B 897 14.76 54.34 19.51
CA TYR B 897 15.41 53.10 19.87
C TYR B 897 15.84 53.06 21.33
N ILE B 898 14.98 52.59 22.22
CA ILE B 898 15.47 52.24 23.54
C ILE B 898 16.44 51.07 23.39
N ARG B 899 17.73 51.31 23.57
CA ARG B 899 18.71 50.24 23.43
C ARG B 899 19.01 49.65 24.80
N ALA B 900 20.23 49.15 25.01
CA ALA B 900 20.81 48.57 26.23
C ALA B 900 21.19 47.12 26.08
N GLU B 901 22.42 46.78 26.43
CA GLU B 901 22.87 45.39 26.42
C GLU B 901 22.17 44.60 27.52
N VAL B 902 22.54 43.34 27.62
CA VAL B 902 21.94 42.43 28.60
C VAL B 902 22.58 42.68 29.96
N GLU B 903 21.79 42.49 31.01
CA GLU B 903 22.18 42.60 32.42
C GLU B 903 22.18 44.04 32.91
N ASP B 904 22.59 45.01 32.09
CA ASP B 904 22.48 46.37 32.61
C ASP B 904 21.02 46.78 32.66
N ASN B 905 20.75 47.89 33.32
CA ASN B 905 19.37 48.26 33.59
C ASN B 905 18.84 49.18 32.50
N ILE B 906 17.57 49.03 32.18
CA ILE B 906 16.82 50.01 31.39
C ILE B 906 15.92 50.77 32.36
N MET B 907 15.76 52.07 32.12
CA MET B 907 14.82 52.85 32.92
C MET B 907 14.14 53.86 32.02
N VAL B 908 12.83 53.89 31.98
CA VAL B 908 12.15 54.66 30.96
C VAL B 908 11.17 55.60 31.63
N THR B 909 11.65 56.79 32.00
CA THR B 909 10.72 57.78 32.51
C THR B 909 9.95 58.34 31.31
N PHE B 910 8.62 58.40 31.43
CA PHE B 910 7.74 58.56 30.28
C PHE B 910 6.62 59.54 30.61
N LYS B 911 6.62 60.72 30.02
CA LYS B 911 5.49 61.64 30.19
C LYS B 911 4.41 61.30 29.18
N ASN B 912 3.17 61.49 29.57
CA ASN B 912 2.13 61.61 28.56
C ASN B 912 2.04 63.09 28.19
N GLN B 913 1.36 63.36 27.08
CA GLN B 913 1.01 64.73 26.76
C GLN B 913 -0.39 64.86 26.21
N ALA B 914 -1.00 63.77 25.78
CA ALA B 914 -2.11 63.80 24.85
C ALA B 914 -3.42 64.03 25.58
N SER B 915 -4.46 64.28 24.77
CA SER B 915 -5.78 64.61 25.27
C SER B 915 -6.31 63.55 26.24
N ARG B 916 -5.93 62.29 26.04
CA ARG B 916 -6.44 61.21 26.88
C ARG B 916 -5.26 60.45 27.47
N PRO B 917 -5.48 59.44 28.31
CA PRO B 917 -4.34 58.70 28.86
C PRO B 917 -3.82 57.62 27.93
N TYR B 918 -2.56 57.30 28.12
CA TYR B 918 -1.89 56.24 27.38
C TYR B 918 -0.93 55.53 28.29
N SER B 919 -0.21 54.57 27.74
CA SER B 919 0.77 53.84 28.52
C SER B 919 2.03 53.62 27.72
N PHE B 920 3.04 53.13 28.41
CA PHE B 920 4.22 52.57 27.79
C PHE B 920 4.27 51.12 28.27
N TYR B 921 3.90 50.21 27.38
CA TYR B 921 3.94 48.78 27.65
C TYR B 921 5.08 48.14 26.88
N SER B 922 5.82 47.28 27.54
CA SER B 922 6.56 46.23 26.86
C SER B 922 6.23 44.92 27.54
N SER B 923 6.64 43.83 26.91
CA SER B 923 6.70 42.55 27.57
C SER B 923 8.03 42.33 28.27
N LEU B 924 8.98 43.25 28.12
CA LEU B 924 10.27 43.03 28.75
C LEU B 924 10.26 43.40 30.22
N ILE B 925 9.41 44.36 30.58
CA ILE B 925 9.27 44.89 31.93
C ILE B 925 9.16 43.75 32.94
N SER B 926 10.12 43.68 33.84
CA SER B 926 10.08 42.72 34.93
C SER B 926 9.82 43.47 36.22
N TYR B 927 8.78 43.06 36.93
CA TYR B 927 8.33 43.72 38.14
C TYR B 927 8.93 43.03 39.36
N PRO B 928 8.78 43.64 40.56
CA PRO B 928 9.34 43.02 41.76
C PRO B 928 8.32 42.27 42.59
N ASP B 929 8.79 41.41 43.50
CA ASP B 929 7.90 40.55 44.28
C ASP B 929 7.38 41.33 45.48
N ASP B 930 6.50 42.28 45.18
CA ASP B 930 5.75 42.96 46.23
C ASP B 930 4.27 42.65 46.12
N GLN B 931 3.44 43.54 46.68
CA GLN B 931 2.00 43.32 46.83
C GLN B 931 1.75 41.99 47.51
N GLU B 932 1.86 42.00 48.83
CA GLU B 932 1.75 40.81 49.66
C GLU B 932 0.31 40.49 50.05
N GLN B 933 -0.65 41.23 49.50
CA GLN B 933 -2.06 40.97 49.75
C GLN B 933 -2.77 40.43 48.50
N GLY B 934 -2.02 39.74 47.65
CA GLY B 934 -2.58 39.13 46.46
C GLY B 934 -1.51 38.91 45.41
N ALA B 935 -1.97 38.59 44.20
CA ALA B 935 -1.13 38.55 43.01
C ALA B 935 -1.37 39.84 42.24
N GLU B 936 -0.32 40.68 42.14
CA GLU B 936 -0.50 42.07 41.74
C GLU B 936 -1.12 42.20 40.35
N PRO B 937 -2.37 42.61 40.24
CA PRO B 937 -2.98 42.86 38.94
C PRO B 937 -2.71 44.29 38.46
N ARG B 938 -1.45 44.74 38.60
CA ARG B 938 -1.09 46.14 38.47
C ARG B 938 -0.52 46.41 37.08
N HIS B 939 -1.35 47.02 36.23
CA HIS B 939 -1.01 47.47 34.89
C HIS B 939 -0.11 48.70 34.98
N ASN B 940 -0.54 49.81 34.39
CA ASN B 940 0.08 51.12 34.58
C ASN B 940 -0.93 52.24 34.33
N PHE B 941 -1.26 52.56 33.07
CA PHE B 941 -2.35 53.48 32.78
C PHE B 941 -2.00 54.92 33.17
N VAL B 942 -1.29 55.68 32.30
CA VAL B 942 -0.79 57.01 32.63
C VAL B 942 -1.73 58.07 32.08
N GLN B 943 -1.98 59.16 32.89
CA GLN B 943 -2.90 60.28 32.76
C GLN B 943 -2.23 61.48 32.08
N PRO B 944 -3.01 62.33 31.37
CA PRO B 944 -2.42 63.52 30.73
C PRO B 944 -1.53 64.33 31.66
N ASN B 945 -0.25 64.40 31.32
CA ASN B 945 0.87 65.08 31.98
C ASN B 945 1.40 64.31 33.19
N GLU B 946 0.72 63.31 33.70
CA GLU B 946 1.38 62.42 34.65
C GLU B 946 2.61 61.83 33.97
N THR B 947 3.59 61.41 34.76
CA THR B 947 4.80 60.80 34.19
C THR B 947 5.22 59.59 35.00
N ARG B 948 4.88 58.39 34.52
CA ARG B 948 5.30 57.16 35.15
C ARG B 948 6.74 56.82 34.75
N THR B 949 7.42 56.09 35.62
CA THR B 949 8.79 55.65 35.38
C THR B 949 8.82 54.13 35.47
N TYR B 950 9.53 53.51 34.54
CA TYR B 950 9.70 52.06 34.55
C TYR B 950 11.19 51.77 34.70
N PHE B 951 11.52 50.82 35.56
CA PHE B 951 12.91 50.47 35.81
C PHE B 951 12.99 48.98 36.10
N TRP B 952 13.73 48.26 35.27
CA TRP B 952 13.93 46.83 35.41
C TRP B 952 15.34 46.48 34.94
N LYS B 953 15.88 45.38 35.44
CA LYS B 953 17.14 44.86 34.94
C LYS B 953 16.83 43.94 33.76
N VAL B 954 17.41 44.23 32.60
CA VAL B 954 17.20 43.37 31.43
C VAL B 954 17.96 42.07 31.63
N GLN B 955 17.26 40.95 31.62
CA GLN B 955 17.85 39.67 31.97
C GLN B 955 18.10 38.81 30.74
N HIS B 956 19.02 37.85 30.90
CA HIS B 956 19.44 36.85 29.93
C HIS B 956 18.44 36.59 28.83
N HIS B 957 17.20 36.32 29.21
CA HIS B 957 16.24 35.82 28.23
C HIS B 957 15.78 36.91 27.30
N MET B 958 15.71 38.14 27.79
CA MET B 958 15.35 39.28 26.97
C MET B 958 16.38 39.55 25.88
N ALA B 959 17.53 38.90 25.92
CA ALA B 959 18.65 39.17 25.04
C ALA B 959 18.89 38.04 24.05
N PRO B 960 19.70 38.27 23.02
CA PRO B 960 19.91 37.25 21.99
C PRO B 960 20.84 36.11 22.40
N THR B 961 20.42 34.91 22.06
CA THR B 961 21.15 33.69 22.33
C THR B 961 22.32 33.56 21.36
N GLU B 962 23.32 32.76 21.78
CA GLU B 962 24.60 32.69 21.07
C GLU B 962 24.44 32.36 19.59
N ASP B 963 23.28 31.87 19.16
CA ASP B 963 23.02 31.48 17.79
C ASP B 963 22.07 32.44 17.09
N GLU B 964 21.89 33.63 17.66
CA GLU B 964 21.20 34.73 17.01
C GLU B 964 22.23 35.77 16.58
N PHE B 965 21.80 37.02 16.44
CA PHE B 965 22.61 38.14 15.99
C PHE B 965 23.17 38.90 17.20
N ASP B 966 23.83 40.03 16.96
CA ASP B 966 24.37 40.77 18.10
C ASP B 966 23.28 41.47 18.87
N CYS B 967 22.11 41.66 18.28
CA CYS B 967 21.13 42.58 18.84
C CYS B 967 19.73 42.14 18.41
N LYS B 968 18.91 41.67 19.36
CA LYS B 968 17.51 41.31 19.13
C LYS B 968 16.67 42.56 18.90
N ALA B 969 15.35 42.50 19.18
CA ALA B 969 14.48 43.68 19.13
C ALA B 969 13.00 43.35 19.41
N TRP B 970 12.33 44.20 20.19
CA TRP B 970 10.95 43.99 20.67
C TRP B 970 10.14 45.26 20.53
N ALA B 971 8.82 45.12 20.67
CA ALA B 971 7.97 46.29 20.55
C ALA B 971 7.75 46.95 21.90
N TYR B 972 7.16 48.15 21.84
CA TYR B 972 6.61 48.85 22.99
C TYR B 972 5.55 49.80 22.46
N PHE B 973 4.50 49.96 23.25
CA PHE B 973 3.26 50.55 22.77
C PHE B 973 2.36 50.79 23.96
N SER B 974 1.39 51.66 23.75
CA SER B 974 0.39 51.92 24.78
C SER B 974 -0.56 50.74 24.85
N ASP B 975 -0.68 50.15 26.03
CA ASP B 975 -1.54 49.01 26.29
C ASP B 975 -2.95 49.40 26.69
N VAL B 976 -3.22 50.68 26.96
CA VAL B 976 -4.51 51.05 27.54
C VAL B 976 -5.62 50.93 26.52
N ASP B 977 -5.25 50.59 25.28
CA ASP B 977 -6.15 49.95 24.33
C ASP B 977 -5.22 49.27 23.33
N LEU B 978 -4.97 47.98 23.54
CA LEU B 978 -4.01 47.27 22.70
C LEU B 978 -4.27 47.53 21.23
N GLU B 979 -5.55 47.74 20.85
CA GLU B 979 -5.90 48.02 19.46
C GLU B 979 -5.68 49.48 19.08
N LYS B 980 -6.39 50.41 19.75
CA LYS B 980 -6.56 51.77 19.23
C LYS B 980 -5.39 52.70 19.49
N ASP B 981 -4.62 52.48 20.56
CA ASP B 981 -3.49 53.36 20.82
C ASP B 981 -2.34 53.12 19.86
N VAL B 982 -2.17 51.88 19.39
CA VAL B 982 -1.24 51.58 18.31
C VAL B 982 -1.76 52.02 16.95
N HIS B 983 -3.01 52.48 16.89
CA HIS B 983 -3.57 52.98 15.63
C HIS B 983 -3.42 54.48 15.49
N SER B 984 -3.56 55.20 16.61
CA SER B 984 -3.26 56.63 16.62
C SER B 984 -1.79 56.88 16.32
N GLY B 985 -0.90 56.12 16.93
CA GLY B 985 0.45 56.07 16.42
C GLY B 985 1.49 55.68 17.44
N LEU B 986 1.14 54.85 18.39
CA LEU B 986 1.99 54.67 19.56
C LEU B 986 2.69 53.32 19.49
N ILE B 987 3.88 53.30 18.88
CA ILE B 987 4.58 52.05 18.60
C ILE B 987 6.08 52.30 18.60
N GLY B 988 6.84 51.40 19.21
CA GLY B 988 8.23 51.71 19.42
C GLY B 988 9.23 50.55 19.46
N PRO B 989 10.38 50.74 18.82
CA PRO B 989 11.38 49.68 18.77
C PRO B 989 12.27 49.68 20.00
N LEU B 990 12.36 48.54 20.67
CA LEU B 990 13.16 48.42 21.88
C LEU B 990 14.20 47.35 21.63
N LEU B 991 15.44 47.74 21.36
CA LEU B 991 16.44 46.72 21.08
C LEU B 991 17.03 46.20 22.38
N ILE B 992 17.70 45.05 22.30
CA ILE B 992 18.50 44.51 23.39
C ILE B 992 19.68 43.80 22.74
N CYS B 993 20.89 44.30 22.94
CA CYS B 993 22.04 43.62 22.38
C CYS B 993 22.75 42.81 23.47
N ARG B 994 23.85 42.17 23.09
CA ARG B 994 24.59 41.32 24.00
C ARG B 994 25.99 41.86 24.21
N ALA B 995 26.77 41.14 25.02
CA ALA B 995 28.21 41.35 25.13
C ALA B 995 28.56 42.81 25.33
N ASN B 996 29.58 43.29 24.62
CA ASN B 996 29.97 44.69 24.74
C ASN B 996 29.74 45.40 23.42
N THR B 997 28.58 45.18 22.85
CA THR B 997 28.27 45.61 21.50
C THR B 997 27.71 47.03 21.46
N LEU B 998 27.39 47.61 22.60
CA LEU B 998 26.89 48.99 22.65
C LEU B 998 28.07 49.92 22.85
N ASN B 999 28.23 50.88 21.93
CA ASN B 999 29.39 51.76 21.93
C ASN B 999 29.34 52.69 23.12
N ALA B 1000 30.53 53.05 23.60
CA ALA B 1000 30.65 53.86 24.80
C ALA B 1000 29.99 55.22 24.62
N ALA B 1001 30.29 55.90 23.51
CA ALA B 1001 29.83 57.26 23.29
C ALA B 1001 28.42 57.32 22.70
N HIS B 1002 28.22 56.70 21.53
CA HIS B 1002 26.93 56.75 20.86
C HIS B 1002 25.89 55.86 21.53
N GLY B 1003 26.31 54.89 22.32
CA GLY B 1003 25.37 54.02 22.98
C GLY B 1003 24.59 53.16 22.01
N ARG B 1004 25.26 52.64 20.98
CA ARG B 1004 24.64 51.88 19.91
C ARG B 1004 25.66 50.90 19.36
N GLN B 1005 25.16 49.88 18.68
CA GLN B 1005 25.98 49.09 17.76
C GLN B 1005 26.43 49.98 16.61
N VAL B 1006 27.72 50.28 16.56
CA VAL B 1006 28.27 51.23 15.61
C VAL B 1006 29.11 50.54 14.54
N THR B 1007 29.54 49.30 14.76
CA THR B 1007 30.10 48.38 13.77
C THR B 1007 29.06 47.93 12.74
N VAL B 1008 27.82 48.42 12.85
CA VAL B 1008 26.72 47.98 12.00
C VAL B 1008 25.80 49.18 11.78
N GLN B 1009 25.03 49.13 10.70
CA GLN B 1009 23.93 50.06 10.51
C GLN B 1009 22.63 49.34 10.82
N GLU B 1010 21.84 49.93 11.71
CA GLU B 1010 20.54 49.42 12.14
C GLU B 1010 19.46 50.26 11.47
N PHE B 1011 18.40 49.59 11.00
CA PHE B 1011 17.23 50.28 10.50
C PHE B 1011 16.01 49.50 10.99
N ALA B 1012 14.94 50.20 11.35
CA ALA B 1012 13.78 49.55 11.94
C ALA B 1012 12.53 49.90 11.13
N LEU B 1013 12.02 48.91 10.42
CA LEU B 1013 10.86 49.08 9.55
C LEU B 1013 9.66 48.41 10.18
N PHE B 1014 8.49 49.03 10.03
CA PHE B 1014 7.30 48.63 10.73
C PHE B 1014 6.14 48.76 9.78
N PHE B 1015 5.45 47.66 9.52
CA PHE B 1015 4.48 47.60 8.43
C PHE B 1015 3.10 47.44 9.03
N THR B 1016 2.14 48.20 8.51
CA THR B 1016 0.77 48.06 8.97
C THR B 1016 -0.11 48.97 8.13
N ILE B 1017 -1.40 48.68 8.17
CA ILE B 1017 -2.42 49.52 7.58
C ILE B 1017 -3.00 50.36 8.69
N PHE B 1018 -2.90 51.67 8.55
CA PHE B 1018 -3.46 52.56 9.56
C PHE B 1018 -4.90 52.87 9.22
N ASP B 1019 -5.81 52.58 10.13
CA ASP B 1019 -7.22 52.87 9.94
C ASP B 1019 -7.53 54.13 10.75
N GLU B 1020 -7.23 55.30 10.17
CA GLU B 1020 -7.37 56.52 10.95
C GLU B 1020 -8.79 56.72 11.44
N THR B 1021 -9.73 55.88 10.98
CA THR B 1021 -11.05 55.80 11.59
C THR B 1021 -11.04 55.00 12.88
N LYS B 1022 -10.20 53.98 13.00
CA LYS B 1022 -10.10 53.30 14.29
C LYS B 1022 -9.32 54.13 15.31
N SER B 1023 -8.71 55.23 14.90
CA SER B 1023 -7.87 56.03 15.78
C SER B 1023 -8.72 56.82 16.77
N TRP B 1024 -8.04 57.37 17.77
CA TRP B 1024 -8.69 58.21 18.77
C TRP B 1024 -9.01 59.59 18.22
N TYR B 1025 -7.99 60.29 17.73
CA TYR B 1025 -8.17 61.63 17.19
C TYR B 1025 -8.81 61.56 15.79
N PHE B 1026 -9.98 60.91 15.74
CA PHE B 1026 -10.69 60.71 14.47
C PHE B 1026 -11.89 61.62 14.31
N THR B 1027 -12.64 61.88 15.38
CA THR B 1027 -13.69 62.87 15.29
C THR B 1027 -13.09 64.24 15.00
N GLU B 1028 -12.05 64.61 15.73
CA GLU B 1028 -11.27 65.81 15.46
C GLU B 1028 -10.87 65.82 14.00
N ASN B 1029 -10.05 64.86 13.59
CA ASN B 1029 -9.69 64.71 12.19
C ASN B 1029 -10.92 64.51 11.33
N VAL B 1030 -11.83 65.47 11.33
CA VAL B 1030 -12.81 65.62 10.26
C VAL B 1030 -12.85 67.12 9.92
N GLU B 1031 -12.26 67.49 8.78
CA GLU B 1031 -12.35 68.83 8.22
C GLU B 1031 -12.76 68.71 6.75
N ARG B 1032 -13.91 68.09 6.55
CA ARG B 1032 -14.53 67.95 5.24
C ARG B 1032 -15.66 68.97 5.10
N ASN B 1033 -16.79 68.54 4.56
CA ASN B 1033 -17.99 69.37 4.49
C ASN B 1033 -19.20 68.71 5.14
N CYS B 1034 -19.52 67.46 4.77
CA CYS B 1034 -20.63 66.73 5.40
C CYS B 1034 -20.11 65.67 6.37
N THR B 1046 -19.55 52.83 4.08
CA THR B 1046 -18.50 53.84 4.20
C THR B 1046 -17.44 53.61 3.12
N LEU B 1047 -16.93 54.68 2.54
CA LEU B 1047 -15.72 54.61 1.74
C LEU B 1047 -14.52 55.02 2.60
N LYS B 1048 -14.35 54.27 3.70
CA LYS B 1048 -13.18 54.34 4.57
C LYS B 1048 -11.95 54.62 3.74
N GLU B 1049 -11.46 53.57 3.07
CA GLU B 1049 -10.51 53.63 1.96
C GLU B 1049 -9.52 54.76 2.12
N ASN B 1050 -9.96 56.00 1.92
CA ASN B 1050 -9.04 57.10 2.02
C ASN B 1050 -8.70 57.45 3.46
N TYR B 1051 -9.20 56.69 4.43
CA TYR B 1051 -8.80 56.79 5.82
C TYR B 1051 -7.97 55.60 6.27
N ARG B 1052 -7.52 54.77 5.34
CA ARG B 1052 -6.65 53.62 5.60
C ARG B 1052 -5.36 53.81 4.82
N PHE B 1053 -4.22 53.58 5.47
CA PHE B 1053 -2.91 53.87 4.89
C PHE B 1053 -1.99 52.68 5.11
N HIS B 1054 -1.48 52.12 4.02
CA HIS B 1054 -0.61 50.95 4.10
C HIS B 1054 0.81 51.48 4.13
N ALA B 1055 1.39 51.59 5.33
CA ALA B 1055 2.46 52.54 5.58
C ALA B 1055 3.65 51.90 6.27
N ILE B 1056 4.83 52.04 5.66
CA ILE B 1056 6.06 51.66 6.33
C ILE B 1056 6.51 52.79 7.23
N ASN B 1057 6.70 52.49 8.51
CA ASN B 1057 6.97 53.47 9.56
C ASN B 1057 6.05 54.67 9.46
N GLY B 1058 4.87 54.48 8.90
CA GLY B 1058 3.91 55.54 8.79
C GLY B 1058 4.03 56.37 7.54
N TYR B 1059 4.60 55.81 6.47
CA TYR B 1059 4.77 56.51 5.22
C TYR B 1059 4.24 55.68 4.06
N VAL B 1060 3.61 56.34 3.11
CA VAL B 1060 2.88 55.71 2.03
C VAL B 1060 3.50 56.10 0.69
N MET B 1061 3.51 55.18 -0.26
CA MET B 1061 3.89 55.44 -1.67
C MET B 1061 5.33 55.91 -1.82
N ASP B 1062 6.26 55.18 -1.22
CA ASP B 1062 7.70 55.45 -1.36
C ASP B 1062 8.13 56.76 -0.71
N THR B 1063 7.36 57.24 0.25
CA THR B 1063 7.56 58.56 0.82
C THR B 1063 8.55 58.55 1.97
N LEU B 1064 8.61 57.46 2.71
CA LEU B 1064 9.51 57.36 3.85
C LEU B 1064 10.92 57.79 3.45
N PRO B 1065 11.57 58.67 4.23
CA PRO B 1065 12.95 59.08 3.94
C PRO B 1065 13.94 58.09 4.52
N GLY B 1066 14.96 58.63 5.19
CA GLY B 1066 15.75 57.90 6.16
C GLY B 1066 16.77 56.86 5.74
N LEU B 1067 16.51 56.16 4.65
CA LEU B 1067 17.15 54.87 4.42
C LEU B 1067 18.36 55.07 3.53
N VAL B 1068 19.54 55.10 4.14
CA VAL B 1068 20.77 55.37 3.41
C VAL B 1068 21.89 54.58 4.07
N MET B 1069 22.58 53.75 3.28
CA MET B 1069 23.56 52.84 3.86
C MET B 1069 24.75 52.65 2.94
N ALA B 1070 25.90 52.38 3.54
CA ALA B 1070 27.12 52.10 2.81
C ALA B 1070 27.15 50.66 2.35
N GLN B 1071 27.36 50.46 1.04
CA GLN B 1071 27.58 49.11 0.55
C GLN B 1071 28.71 48.47 1.32
N ASN B 1072 28.55 47.19 1.65
CA ASN B 1072 29.57 46.39 2.32
C ASN B 1072 29.74 46.77 3.78
N GLN B 1073 28.66 47.20 4.42
CA GLN B 1073 28.57 47.21 5.87
C GLN B 1073 27.45 46.27 6.26
N ARG B 1074 27.69 45.49 7.31
CA ARG B 1074 26.61 44.77 7.95
C ARG B 1074 25.42 45.70 8.15
N ILE B 1075 24.25 45.24 7.75
CA ILE B 1075 23.01 45.97 7.94
C ILE B 1075 22.00 45.04 8.60
N ARG B 1076 21.42 45.50 9.69
CA ARG B 1076 20.52 44.71 10.52
C ARG B 1076 19.15 45.35 10.45
N TRP B 1077 18.18 44.64 9.90
CA TRP B 1077 16.84 45.18 9.75
C TRP B 1077 15.97 44.66 10.89
N TYR B 1078 15.08 45.52 11.38
CA TYR B 1078 14.16 45.16 12.45
C TYR B 1078 12.74 45.38 11.93
N LEU B 1079 11.94 44.32 11.90
CA LEU B 1079 10.76 44.22 11.04
C LEU B 1079 9.51 43.82 11.83
N LEU B 1080 8.56 44.76 11.99
CA LEU B 1080 7.35 44.60 12.80
C LEU B 1080 6.11 44.69 11.92
N SER B 1081 5.10 43.91 12.27
CA SER B 1081 3.75 44.08 11.74
C SER B 1081 2.79 44.18 12.91
N MET B 1082 1.81 45.07 12.84
CA MET B 1082 0.92 45.24 13.99
C MET B 1082 -0.54 45.26 13.58
N GLY B 1083 -1.38 44.65 14.39
CA GLY B 1083 -2.79 44.93 14.30
C GLY B 1083 -3.62 43.81 13.73
N SER B 1084 -4.53 44.16 12.83
CA SER B 1084 -5.54 43.25 12.32
C SER B 1084 -4.94 42.04 11.62
N ASN B 1085 -5.76 41.14 11.11
CA ASN B 1085 -5.19 40.00 10.42
C ASN B 1085 -4.77 40.29 9.00
N GLU B 1086 -5.30 41.36 8.39
CA GLU B 1086 -4.83 41.75 7.08
C GLU B 1086 -3.36 42.12 7.11
N ASN B 1087 -2.82 42.37 8.29
CA ASN B 1087 -1.43 42.79 8.34
C ASN B 1087 -0.49 41.59 8.36
N ILE B 1088 -0.68 40.70 7.39
CA ILE B 1088 0.34 39.73 7.02
C ILE B 1088 1.13 40.33 5.88
N HIS B 1089 2.41 40.55 6.10
CA HIS B 1089 3.17 41.30 5.12
C HIS B 1089 4.40 40.50 4.73
N SER B 1090 4.68 40.51 3.42
CA SER B 1090 5.68 39.69 2.75
C SER B 1090 6.72 40.64 2.19
N ILE B 1091 7.77 40.87 2.94
CA ILE B 1091 8.64 42.02 2.75
C ILE B 1091 9.84 41.60 1.93
N HIS B 1092 9.96 42.21 0.75
CA HIS B 1092 10.98 41.88 -0.22
C HIS B 1092 11.95 43.05 -0.35
N PHE B 1093 13.24 42.77 -0.21
CA PHE B 1093 14.28 43.74 -0.49
C PHE B 1093 14.73 43.51 -1.92
N SER B 1094 14.21 44.31 -2.84
CA SER B 1094 14.31 44.02 -4.26
C SER B 1094 15.76 43.87 -4.68
N GLY B 1095 16.06 42.80 -5.38
CA GLY B 1095 17.44 42.59 -5.77
C GLY B 1095 18.37 42.26 -4.63
N HIS B 1096 17.84 42.08 -3.42
CA HIS B 1096 18.65 41.76 -2.25
C HIS B 1096 18.09 40.52 -1.58
N VAL B 1097 18.91 39.93 -0.69
CA VAL B 1097 18.51 38.81 0.16
C VAL B 1097 19.12 39.01 1.54
N PHE B 1098 18.52 38.36 2.54
CA PHE B 1098 18.97 38.50 3.92
C PHE B 1098 19.12 37.16 4.62
N SER B 1099 19.92 37.16 5.67
CA SER B 1099 19.92 36.04 6.60
C SER B 1099 18.87 36.26 7.68
N VAL B 1100 18.59 35.19 8.41
CA VAL B 1100 17.72 35.22 9.58
C VAL B 1100 18.21 34.08 10.47
N ARG B 1101 18.09 34.26 11.78
CA ARG B 1101 18.82 33.37 12.69
C ARG B 1101 17.96 32.95 13.87
N LYS B 1102 17.63 31.67 13.96
CA LYS B 1102 16.87 31.12 15.07
C LYS B 1102 17.47 29.75 15.37
N LYS B 1103 18.48 29.74 16.25
CA LYS B 1103 19.37 28.60 16.48
C LYS B 1103 20.30 28.37 15.29
N GLU B 1104 19.78 28.41 14.06
CA GLU B 1104 20.64 28.34 12.89
C GLU B 1104 20.28 29.44 11.90
N GLU B 1105 21.23 29.74 11.02
CA GLU B 1105 21.11 30.81 10.04
C GLU B 1105 20.58 30.26 8.72
N TYR B 1106 19.49 30.86 8.23
CA TYR B 1106 18.87 30.43 6.98
C TYR B 1106 18.64 31.64 6.09
N LYS B 1107 19.27 31.63 4.91
CA LYS B 1107 19.06 32.67 3.92
C LYS B 1107 17.61 32.73 3.48
N MET B 1108 17.15 33.94 3.17
CA MET B 1108 15.79 34.16 2.69
C MET B 1108 15.78 35.39 1.81
N ALA B 1109 14.60 35.73 1.32
CA ALA B 1109 14.54 36.85 0.41
C ALA B 1109 13.16 37.46 0.40
N VAL B 1110 12.23 36.81 1.07
CA VAL B 1110 10.98 37.44 1.51
C VAL B 1110 10.68 36.92 2.90
N TYR B 1111 10.44 37.82 3.84
CA TYR B 1111 10.08 37.42 5.19
C TYR B 1111 8.59 37.66 5.40
N ASN B 1112 7.85 36.60 5.70
CA ASN B 1112 6.44 36.74 6.00
C ASN B 1112 6.26 37.19 7.45
N LEU B 1113 5.53 38.28 7.63
CA LEU B 1113 5.40 38.93 8.93
C LEU B 1113 4.00 38.70 9.49
N TYR B 1114 3.93 38.30 10.75
CA TYR B 1114 2.63 38.17 11.38
C TYR B 1114 2.51 39.15 12.53
N PRO B 1115 1.32 39.69 12.77
CA PRO B 1115 1.17 40.67 13.85
C PRO B 1115 1.90 40.31 15.14
N GLY B 1116 2.68 41.26 15.68
CA GLY B 1116 3.34 41.08 16.93
C GLY B 1116 4.72 40.47 16.89
N VAL B 1117 5.16 39.90 15.77
CA VAL B 1117 6.44 39.22 15.71
C VAL B 1117 7.48 40.21 15.16
N PHE B 1118 8.30 40.74 16.06
CA PHE B 1118 9.47 41.54 15.73
C PHE B 1118 10.59 40.63 15.27
N GLU B 1119 11.12 40.85 14.07
CA GLU B 1119 12.16 39.98 13.56
C GLU B 1119 13.41 40.76 13.19
N THR B 1120 14.57 40.17 13.51
CA THR B 1120 15.88 40.75 13.29
C THR B 1120 16.63 39.97 12.21
N VAL B 1121 16.75 40.57 11.03
CA VAL B 1121 17.46 39.98 9.92
C VAL B 1121 18.66 40.87 9.61
N GLU B 1122 19.66 40.30 8.95
CA GLU B 1122 20.81 41.07 8.53
C GLU B 1122 21.05 40.93 7.04
N MET B 1123 21.47 42.01 6.40
CA MET B 1123 21.59 42.06 4.94
C MET B 1123 22.93 42.66 4.53
N LEU B 1124 23.66 41.97 3.68
CA LEU B 1124 24.78 42.70 3.13
C LEU B 1124 24.43 43.18 1.74
N PRO B 1125 24.62 44.45 1.43
CA PRO B 1125 24.29 44.94 0.09
C PRO B 1125 25.49 45.01 -0.82
N SER B 1126 25.55 44.10 -1.78
CA SER B 1126 26.64 44.16 -2.75
C SER B 1126 26.52 45.39 -3.62
N LYS B 1127 25.31 45.68 -4.09
CA LYS B 1127 25.10 46.48 -5.29
C LYS B 1127 24.62 47.88 -4.92
N VAL B 1128 25.32 48.89 -5.44
CA VAL B 1128 25.04 50.30 -5.20
C VAL B 1128 23.82 50.75 -6.00
N GLY B 1129 22.95 51.55 -5.40
CA GLY B 1129 21.92 52.20 -6.20
C GLY B 1129 20.72 52.60 -5.35
N ILE B 1130 19.56 52.67 -6.00
CA ILE B 1130 18.28 52.94 -5.35
C ILE B 1130 17.40 51.70 -5.54
N TRP B 1131 17.29 50.89 -4.50
CA TRP B 1131 16.50 49.67 -4.52
C TRP B 1131 15.18 49.91 -3.78
N ARG B 1132 14.48 48.86 -3.36
CA ARG B 1132 13.09 49.02 -2.93
C ARG B 1132 12.73 48.02 -1.85
N ILE B 1133 11.82 48.43 -0.97
CA ILE B 1133 11.21 47.53 -0.01
C ILE B 1133 9.72 47.51 -0.27
N GLU B 1134 9.16 46.30 -0.37
CA GLU B 1134 7.81 46.08 -0.85
C GLU B 1134 7.06 45.12 0.06
N CYS B 1135 5.75 45.15 -0.04
CA CYS B 1135 4.96 44.01 0.37
C CYS B 1135 4.46 43.34 -0.90
N LEU B 1136 5.06 42.20 -1.24
CA LEU B 1136 4.67 41.46 -2.42
C LEU B 1136 3.21 41.00 -2.41
N ILE B 1137 2.48 41.25 -1.33
CA ILE B 1137 1.04 41.14 -1.38
C ILE B 1137 0.55 42.26 -2.29
N GLY B 1138 0.12 41.89 -3.50
CA GLY B 1138 -0.09 42.90 -4.52
C GLY B 1138 -0.97 44.05 -4.07
N GLU B 1139 -2.11 43.72 -3.47
CA GLU B 1139 -3.08 44.75 -3.13
C GLU B 1139 -2.56 45.70 -2.05
N HIS B 1140 -1.55 45.32 -1.28
CA HIS B 1140 -0.95 46.27 -0.37
C HIS B 1140 0.07 47.15 -1.06
N LEU B 1141 0.95 46.54 -1.86
CA LEU B 1141 1.94 47.33 -2.58
C LEU B 1141 1.26 48.32 -3.52
N GLN B 1142 0.39 47.81 -4.41
CA GLN B 1142 -0.31 48.68 -5.35
C GLN B 1142 -1.16 49.73 -4.64
N ALA B 1143 -1.10 49.77 -3.30
CA ALA B 1143 -1.84 50.74 -2.50
C ALA B 1143 -0.99 51.58 -1.55
N GLY B 1144 0.33 51.44 -1.57
CA GLY B 1144 1.14 52.25 -0.69
C GLY B 1144 2.36 51.60 -0.09
N MET B 1145 2.22 50.40 0.45
CA MET B 1145 3.24 49.80 1.31
C MET B 1145 4.60 49.66 0.65
N SER B 1146 5.33 50.76 0.51
CA SER B 1146 6.55 50.65 -0.26
C SER B 1146 7.43 51.85 0.01
N THR B 1147 8.73 51.62 0.03
CA THR B 1147 9.71 52.69 0.07
C THR B 1147 10.91 52.28 -0.75
N THR B 1148 11.94 53.11 -0.72
CA THR B 1148 13.19 52.79 -1.39
C THR B 1148 14.33 53.03 -0.41
N PHE B 1149 15.54 52.67 -0.82
CA PHE B 1149 16.70 52.91 0.04
C PHE B 1149 17.95 53.06 -0.80
N LEU B 1150 18.84 53.95 -0.37
CA LEU B 1150 19.99 54.31 -1.16
C LEU B 1150 21.24 53.61 -0.65
N VAL B 1151 21.98 52.98 -1.56
CA VAL B 1151 23.27 52.40 -1.26
C VAL B 1151 24.34 53.29 -1.90
N TYR B 1152 25.45 53.47 -1.18
CA TYR B 1152 26.50 54.38 -1.63
C TYR B 1152 27.85 53.73 -1.41
N SER B 1153 28.86 54.25 -2.10
CA SER B 1153 30.25 53.80 -1.92
C SER B 1153 31.10 54.98 -1.48
N LYS B 1154 31.75 54.85 -0.32
CA LYS B 1154 32.67 55.87 0.15
C LYS B 1154 33.68 56.27 -0.91
N LYS B 1155 34.02 55.36 -1.81
CA LYS B 1155 35.11 55.57 -2.77
C LYS B 1155 34.75 56.54 -3.88
N CYS B 1156 33.50 56.96 -3.99
CA CYS B 1156 33.09 57.93 -5.00
C CYS B 1156 33.26 59.33 -4.43
N GLN B 1157 34.44 59.91 -4.61
CA GLN B 1157 34.76 61.23 -4.11
C GLN B 1157 35.35 62.07 -5.23
N THR B 1158 34.59 63.04 -5.72
CA THR B 1158 35.13 63.94 -6.72
C THR B 1158 34.50 65.31 -6.50
N PRO B 1159 35.29 66.37 -6.56
CA PRO B 1159 34.74 67.72 -6.51
C PRO B 1159 33.57 67.89 -7.47
N LEU B 1160 32.48 68.46 -6.97
CA LEU B 1160 31.25 68.57 -7.73
C LEU B 1160 31.17 69.86 -8.55
N GLY B 1161 32.27 70.56 -8.73
CA GLY B 1161 32.22 71.85 -9.39
C GLY B 1161 32.94 72.91 -8.61
N MET B 1162 32.27 74.03 -8.31
CA MET B 1162 32.84 75.06 -7.45
C MET B 1162 34.22 75.50 -7.91
N ALA B 1163 35.22 74.74 -7.47
CA ALA B 1163 36.61 75.12 -7.70
C ALA B 1163 36.88 75.44 -9.15
N SER B 1164 36.29 74.64 -10.04
CA SER B 1164 36.47 74.79 -11.47
C SER B 1164 35.37 75.63 -12.10
N GLY B 1165 34.12 75.31 -11.83
CA GLY B 1165 33.06 76.15 -12.32
C GLY B 1165 31.90 75.37 -12.86
N HIS B 1166 32.01 74.03 -12.90
CA HIS B 1166 30.96 73.11 -13.32
C HIS B 1166 29.62 73.55 -12.79
N ILE B 1167 29.65 74.16 -11.62
CA ILE B 1167 28.49 74.78 -11.00
C ILE B 1167 28.48 76.23 -11.43
N ARG B 1168 27.57 76.57 -12.34
CA ARG B 1168 27.51 77.92 -12.87
C ARG B 1168 27.09 78.91 -11.77
N ASP B 1169 26.98 80.17 -12.15
CA ASP B 1169 26.74 81.25 -11.20
C ASP B 1169 25.43 81.04 -10.46
N PHE B 1170 24.30 81.28 -11.15
CA PHE B 1170 22.96 81.30 -10.58
C PHE B 1170 22.71 80.18 -9.59
N GLN B 1171 23.45 79.08 -9.72
CA GLN B 1171 23.40 77.98 -8.79
C GLN B 1171 23.91 78.35 -7.40
N ILE B 1172 24.53 79.52 -7.22
CA ILE B 1172 25.10 79.92 -5.94
C ILE B 1172 24.44 81.22 -5.48
N THR B 1173 23.85 81.21 -4.28
CA THR B 1173 23.25 82.41 -3.72
C THR B 1173 23.56 82.47 -2.23
N ALA B 1174 23.20 83.58 -1.60
CA ALA B 1174 23.46 83.78 -0.19
C ALA B 1174 22.30 84.53 0.45
N SER B 1175 22.37 84.68 1.78
CA SER B 1175 21.51 85.62 2.49
C SER B 1175 21.65 87.01 1.89
N GLY B 1176 22.88 87.51 1.89
CA GLY B 1176 23.28 88.74 1.24
C GLY B 1176 24.80 88.81 1.24
N GLN B 1177 25.38 89.51 0.27
CA GLN B 1177 26.81 89.62 0.17
C GLN B 1177 27.32 90.81 0.98
N TYR B 1178 28.62 91.06 0.89
CA TYR B 1178 29.27 92.28 1.37
C TYR B 1178 29.69 93.08 0.15
N GLY B 1179 28.70 93.54 -0.63
CA GLY B 1179 28.89 94.30 -1.85
C GLY B 1179 30.22 94.16 -2.53
N GLN B 1180 30.27 93.35 -3.60
CA GLN B 1180 31.45 92.94 -4.36
C GLN B 1180 32.17 91.78 -3.68
N TRP B 1181 31.77 91.37 -2.48
CA TRP B 1181 32.14 90.07 -1.92
C TRP B 1181 30.98 89.10 -2.10
N ALA B 1182 30.73 88.81 -3.37
CA ALA B 1182 29.54 88.10 -3.81
C ALA B 1182 29.62 86.61 -3.50
N PRO B 1183 28.47 85.92 -3.42
CA PRO B 1183 28.50 84.46 -3.26
C PRO B 1183 29.26 83.78 -4.37
N LYS B 1184 29.03 84.22 -5.61
CA LYS B 1184 29.66 83.67 -6.80
C LYS B 1184 31.18 83.53 -6.69
N LEU B 1185 31.79 84.15 -5.68
CA LEU B 1185 33.22 83.97 -5.45
C LEU B 1185 33.55 82.77 -4.58
N ALA B 1186 32.55 82.16 -3.94
CA ALA B 1186 32.76 81.16 -2.91
C ALA B 1186 33.44 79.92 -3.44
N ARG B 1187 33.78 79.95 -4.72
CA ARG B 1187 34.52 78.88 -5.32
C ARG B 1187 35.87 78.72 -4.64
N LEU B 1188 36.39 77.51 -4.65
CA LEU B 1188 37.64 77.23 -3.96
C LEU B 1188 38.81 77.72 -4.78
N HIS B 1189 39.83 78.26 -4.09
CA HIS B 1189 41.10 78.69 -4.65
C HIS B 1189 41.01 79.91 -5.57
N TYR B 1190 39.98 80.72 -5.46
CA TYR B 1190 39.82 81.86 -6.37
C TYR B 1190 41.05 82.76 -6.36
N SER B 1191 41.85 82.68 -7.41
CA SER B 1191 43.05 83.46 -7.67
C SER B 1191 42.76 84.94 -7.86
N GLY B 1192 41.54 85.43 -7.66
CA GLY B 1192 41.26 86.85 -7.69
C GLY B 1192 41.46 87.51 -6.34
N SER B 1193 41.62 88.83 -6.34
CA SER B 1193 41.91 89.54 -5.10
C SER B 1193 40.67 89.75 -4.23
N ILE B 1194 39.47 89.55 -4.77
CA ILE B 1194 38.30 89.32 -3.95
C ILE B 1194 38.24 87.82 -3.69
N ASN B 1195 39.15 87.33 -2.84
CA ASN B 1195 39.48 85.90 -2.81
C ASN B 1195 38.26 84.99 -2.65
N ALA B 1196 37.10 85.49 -2.22
CA ALA B 1196 36.04 84.59 -1.77
C ALA B 1196 34.70 85.32 -1.63
N TRP B 1197 33.73 84.66 -0.98
CA TRP B 1197 32.48 85.24 -0.50
C TRP B 1197 32.71 85.94 0.82
N SER B 1198 31.83 86.88 1.16
CA SER B 1198 31.92 87.51 2.46
C SER B 1198 30.63 88.23 2.81
N THR B 1199 30.30 88.20 4.10
CA THR B 1199 29.31 89.10 4.66
C THR B 1199 29.69 89.35 6.12
N LYS B 1200 29.63 90.61 6.52
CA LYS B 1200 29.60 91.05 7.91
C LYS B 1200 28.25 90.91 8.58
N GLU B 1201 27.33 90.28 7.92
CA GLU B 1201 26.04 90.09 8.53
C GLU B 1201 26.13 88.99 9.57
N PRO B 1202 25.64 89.22 10.76
CA PRO B 1202 25.61 88.15 11.76
C PRO B 1202 24.87 86.94 11.23
N PHE B 1203 23.54 86.95 11.30
CA PHE B 1203 22.78 85.91 10.64
C PHE B 1203 23.03 85.98 9.14
N SER B 1204 23.36 84.85 8.53
CA SER B 1204 23.71 84.78 7.11
C SER B 1204 23.78 83.31 6.69
N TRP B 1205 23.99 83.10 5.40
CA TRP B 1205 24.12 81.77 4.81
C TRP B 1205 24.50 81.90 3.35
N ILE B 1206 24.52 80.77 2.64
CA ILE B 1206 24.93 80.73 1.23
C ILE B 1206 24.38 79.46 0.58
N LYS B 1207 23.47 79.60 -0.40
CA LYS B 1207 22.66 78.50 -0.91
C LYS B 1207 23.11 78.05 -2.30
N VAL B 1208 23.75 76.89 -2.36
CA VAL B 1208 24.13 76.22 -3.61
C VAL B 1208 22.97 75.35 -4.06
N ASP B 1209 22.76 75.29 -5.37
CA ASP B 1209 21.71 74.46 -5.97
C ASP B 1209 22.34 73.56 -7.02
N LEU B 1210 22.48 72.28 -6.70
CA LEU B 1210 23.04 71.30 -7.64
C LEU B 1210 22.15 71.05 -8.84
N LEU B 1211 20.92 71.58 -8.82
CA LEU B 1211 19.90 71.51 -9.86
C LEU B 1211 19.17 70.18 -9.82
N ALA B 1212 19.80 69.19 -9.20
CA ALA B 1212 19.29 67.84 -9.15
C ALA B 1212 19.95 67.11 -8.00
N PRO B 1213 19.22 66.28 -7.25
CA PRO B 1213 19.73 65.78 -5.97
C PRO B 1213 20.89 64.82 -6.13
N MET B 1214 21.85 64.90 -5.20
CA MET B 1214 23.09 64.14 -5.28
C MET B 1214 23.66 63.82 -3.90
N ILE B 1215 24.59 62.89 -3.88
CA ILE B 1215 25.31 62.52 -2.67
C ILE B 1215 26.34 63.59 -2.35
N ILE B 1216 26.35 64.09 -1.12
CA ILE B 1216 27.39 65.00 -0.65
C ILE B 1216 28.20 64.30 0.44
N HIS B 1217 29.40 63.90 0.10
CA HIS B 1217 30.25 63.13 1.00
C HIS B 1217 31.16 63.98 1.85
N GLY B 1218 31.17 65.29 1.66
CA GLY B 1218 32.16 66.10 2.31
C GLY B 1218 32.03 67.56 1.95
N ILE B 1219 32.93 68.36 2.51
CA ILE B 1219 32.96 69.79 2.29
C ILE B 1219 34.39 70.27 2.53
N LYS B 1220 34.98 70.89 1.53
CA LYS B 1220 36.27 71.54 1.66
C LYS B 1220 36.01 73.02 1.77
N THR B 1221 36.69 73.69 2.72
CA THR B 1221 36.34 75.04 3.09
C THR B 1221 37.60 75.88 3.27
N GLN B 1222 37.51 77.15 2.92
CA GLN B 1222 38.68 78.01 2.84
C GLN B 1222 38.33 79.43 3.26
N GLY B 1223 39.36 80.25 3.41
CA GLY B 1223 39.18 81.62 3.86
C GLY B 1223 39.95 82.62 3.02
N ALA B 1224 39.35 83.78 2.84
CA ALA B 1224 39.91 84.86 2.03
C ALA B 1224 41.00 85.61 2.78
N ARG B 1225 41.59 86.60 2.11
CA ARG B 1225 42.58 87.52 2.68
C ARG B 1225 42.36 88.90 2.09
N GLN B 1226 42.70 89.93 2.86
CA GLN B 1226 42.40 91.30 2.46
C GLN B 1226 43.49 92.25 2.97
N LYS B 1227 44.73 91.94 2.60
CA LYS B 1227 45.97 92.62 2.98
C LYS B 1227 46.35 92.25 4.40
N PHE B 1228 46.52 93.26 5.28
CA PHE B 1228 47.04 93.01 6.62
C PHE B 1228 46.21 91.94 7.32
N SER B 1229 44.89 92.07 7.26
CA SER B 1229 44.00 91.08 7.84
C SER B 1229 44.09 89.76 7.05
N SER B 1230 43.62 88.69 7.68
CA SER B 1230 43.37 87.42 7.01
C SER B 1230 42.05 86.90 7.57
N LEU B 1231 40.97 87.19 6.87
CA LEU B 1231 39.64 86.78 7.28
C LEU B 1231 39.42 85.29 7.07
N TYR B 1232 38.62 84.67 7.94
CA TYR B 1232 38.13 83.33 7.65
C TYR B 1232 36.80 83.01 8.33
N ILE B 1233 36.63 81.76 8.76
CA ILE B 1233 35.32 81.25 9.20
C ILE B 1233 35.53 79.90 9.85
N SER B 1234 35.11 79.76 11.11
CA SER B 1234 35.65 78.73 11.99
C SER B 1234 34.64 77.71 12.53
N GLN B 1235 33.38 78.07 12.77
CA GLN B 1235 32.33 77.06 12.76
C GLN B 1235 31.31 77.35 11.68
N PHE B 1236 30.68 76.27 11.23
CA PHE B 1236 29.49 76.36 10.41
C PHE B 1236 28.61 75.18 10.75
N ILE B 1237 27.33 75.32 10.42
CA ILE B 1237 26.40 74.20 10.34
C ILE B 1237 25.70 74.23 8.99
N ILE B 1238 25.30 73.03 8.51
CA ILE B 1238 24.73 72.83 7.17
C ILE B 1238 23.22 72.67 7.25
N MET B 1239 22.55 73.07 6.16
CA MET B 1239 21.14 72.80 5.96
C MET B 1239 20.94 72.40 4.50
N TYR B 1240 20.17 71.34 4.26
CA TYR B 1240 19.98 70.83 2.90
C TYR B 1240 18.49 70.64 2.61
N SER B 1241 18.17 70.47 1.33
CA SER B 1241 16.78 70.39 0.90
C SER B 1241 16.69 69.87 -0.53
N LEU B 1242 15.58 69.19 -0.82
CA LEU B 1242 15.28 68.66 -2.15
C LEU B 1242 14.26 69.52 -2.88
N ASP B 1243 13.10 69.72 -2.27
CA ASP B 1243 11.99 70.41 -2.92
C ASP B 1243 12.18 71.92 -2.96
N GLY B 1244 13.27 72.45 -2.39
CA GLY B 1244 13.56 73.87 -2.41
C GLY B 1244 13.32 74.57 -1.08
N LYS B 1245 12.30 74.13 -0.32
CA LYS B 1245 12.04 74.76 0.97
C LYS B 1245 11.53 73.81 2.05
N LYS B 1246 11.76 72.50 1.95
CA LYS B 1246 11.72 71.62 3.12
C LYS B 1246 13.17 71.50 3.55
N TRP B 1247 13.58 72.38 4.46
CA TRP B 1247 14.96 72.47 4.88
C TRP B 1247 15.20 71.62 6.10
N GLN B 1248 16.39 71.04 6.17
CA GLN B 1248 16.71 70.08 7.22
C GLN B 1248 18.11 70.34 7.71
N THR B 1249 18.24 70.67 8.99
CA THR B 1249 19.57 70.83 9.56
C THR B 1249 20.24 69.47 9.62
N TYR B 1250 21.42 69.38 9.02
CA TYR B 1250 22.20 68.16 9.17
C TYR B 1250 22.54 67.93 10.63
N ARG B 1251 21.68 67.23 11.36
CA ARG B 1251 21.95 66.96 12.77
C ARG B 1251 23.04 65.90 12.89
N GLY B 1252 24.02 65.96 11.98
CA GLY B 1252 25.12 65.02 11.97
C GLY B 1252 24.62 63.61 12.09
N ASN B 1253 25.16 62.90 13.05
CA ASN B 1253 24.56 61.64 13.40
C ASN B 1253 24.62 61.37 14.90
N SER B 1254 24.92 62.38 15.70
CA SER B 1254 25.19 62.18 17.11
C SER B 1254 24.90 63.46 17.87
N THR B 1255 24.24 63.30 19.02
CA THR B 1255 24.36 64.16 20.20
C THR B 1255 24.16 65.64 19.89
N GLY B 1256 22.95 65.99 19.49
CA GLY B 1256 22.55 67.37 19.34
C GLY B 1256 21.75 67.76 18.12
N THR B 1257 20.90 68.80 18.29
CA THR B 1257 20.14 69.40 17.19
C THR B 1257 21.00 69.67 15.96
N LEU B 1258 22.28 69.98 16.16
CA LEU B 1258 23.15 70.34 15.05
C LEU B 1258 24.42 69.51 15.08
N MET B 1259 25.09 69.46 13.92
CA MET B 1259 26.42 68.92 13.78
C MET B 1259 27.37 70.10 13.68
N VAL B 1260 28.32 70.17 14.61
CA VAL B 1260 29.14 71.35 14.72
C VAL B 1260 30.42 71.05 13.95
N PHE B 1261 30.63 71.78 12.86
CA PHE B 1261 31.79 71.60 11.99
C PHE B 1261 32.80 72.70 12.25
N PHE B 1262 34.05 72.31 12.42
CA PHE B 1262 35.14 73.27 12.48
C PHE B 1262 35.50 73.72 11.07
N GLY B 1263 35.72 75.02 10.91
CA GLY B 1263 36.19 75.56 9.65
C GLY B 1263 37.65 75.91 9.61
N ASN B 1264 37.96 77.16 9.34
CA ASN B 1264 39.33 77.55 9.06
C ASN B 1264 39.98 78.23 10.24
N VAL B 1265 41.30 78.23 10.22
CA VAL B 1265 42.10 78.69 11.33
C VAL B 1265 43.19 79.60 10.76
N ASP B 1266 42.97 80.07 9.52
CA ASP B 1266 43.86 80.90 8.73
C ASP B 1266 43.19 81.17 7.40
N SER B 1267 43.80 82.05 6.61
CA SER B 1267 43.45 82.23 5.21
C SER B 1267 44.14 81.13 4.42
N SER B 1268 43.41 80.55 3.45
CA SER B 1268 43.71 79.25 2.85
C SER B 1268 43.32 78.10 3.78
N GLY B 1269 44.27 77.26 4.12
CA GLY B 1269 43.99 76.17 5.04
C GLY B 1269 43.23 74.98 4.52
N ILE B 1270 42.14 75.21 3.79
CA ILE B 1270 41.28 74.13 3.31
C ILE B 1270 40.93 73.18 4.45
N LYS B 1271 39.83 73.44 5.14
CA LYS B 1271 39.31 72.43 6.05
C LYS B 1271 38.51 71.43 5.23
N HIS B 1272 38.71 70.15 5.47
CA HIS B 1272 37.93 69.11 4.82
C HIS B 1272 37.09 68.38 5.87
N ASN B 1273 35.81 68.73 5.96
CA ASN B 1273 34.83 68.03 6.77
C ASN B 1273 34.11 67.00 5.92
N ILE B 1274 33.63 65.93 6.57
CA ILE B 1274 33.06 64.77 5.89
C ILE B 1274 31.68 64.48 6.45
N PHE B 1275 30.76 64.04 5.59
CA PHE B 1275 29.39 63.78 6.00
C PHE B 1275 29.15 62.28 6.09
N ASN B 1276 29.76 61.64 7.08
CA ASN B 1276 29.32 60.29 7.36
C ASN B 1276 27.87 60.38 7.83
N PRO B 1277 27.06 59.36 7.57
CA PRO B 1277 25.74 59.59 7.03
C PRO B 1277 25.76 60.73 6.03
N PRO B 1278 25.96 60.41 4.75
CA PRO B 1278 26.00 61.46 3.73
C PRO B 1278 24.69 62.19 3.59
N ILE B 1279 24.80 63.37 3.06
CA ILE B 1279 23.67 64.24 2.78
C ILE B 1279 23.15 63.90 1.39
N ILE B 1280 21.86 64.08 1.21
CA ILE B 1280 21.19 63.86 -0.07
C ILE B 1280 20.23 65.00 -0.33
N ALA B 1281 20.65 66.03 -1.05
CA ALA B 1281 19.74 67.12 -1.36
C ALA B 1281 20.04 67.70 -2.74
N ARG B 1282 19.07 68.50 -3.23
CA ARG B 1282 19.25 69.34 -4.41
C ARG B 1282 19.79 70.72 -4.08
N TYR B 1283 19.61 71.17 -2.84
CA TYR B 1283 20.13 72.43 -2.35
C TYR B 1283 20.96 72.19 -1.09
N ILE B 1284 22.04 72.94 -0.93
CA ILE B 1284 22.84 72.95 0.28
C ILE B 1284 23.00 74.38 0.75
N ARG B 1285 23.05 74.54 2.08
CA ARG B 1285 23.26 75.84 2.74
C ARG B 1285 24.34 75.72 3.78
N LEU B 1286 25.31 76.62 3.72
CA LEU B 1286 26.25 76.78 4.82
C LEU B 1286 25.82 77.98 5.64
N HIS B 1287 25.57 77.75 6.93
CA HIS B 1287 25.27 78.81 7.86
C HIS B 1287 26.50 79.09 8.71
N PRO B 1288 27.11 80.27 8.61
CA PRO B 1288 28.33 80.52 9.37
C PRO B 1288 27.99 80.95 10.78
N THR B 1289 28.80 80.49 11.73
CA THR B 1289 28.57 80.81 13.14
C THR B 1289 29.78 81.29 13.91
N HIS B 1290 30.95 81.43 13.27
CA HIS B 1290 32.11 81.98 13.96
C HIS B 1290 32.99 82.66 12.91
N TYR B 1291 32.83 83.96 12.78
CA TYR B 1291 33.67 84.73 11.89
C TYR B 1291 35.07 84.84 12.47
N SER B 1292 35.95 85.50 11.71
CA SER B 1292 37.30 85.87 12.15
C SER B 1292 37.68 87.15 11.39
N ILE B 1293 37.18 88.29 11.91
CA ILE B 1293 37.15 89.62 11.29
C ILE B 1293 35.84 89.76 10.55
N ARG B 1294 35.47 88.71 9.81
CA ARG B 1294 34.37 88.79 8.86
C ARG B 1294 34.26 87.47 8.11
N SER B 1295 33.05 86.95 7.93
CA SER B 1295 32.89 85.66 7.27
C SER B 1295 33.35 85.73 5.83
N THR B 1296 34.27 84.84 5.46
CA THR B 1296 34.85 84.80 4.12
C THR B 1296 35.11 83.35 3.73
N LEU B 1297 34.47 82.87 2.67
CA LEU B 1297 34.41 81.44 2.42
C LEU B 1297 34.77 81.10 0.98
N ARG B 1298 35.86 80.36 0.81
CA ARG B 1298 36.09 79.57 -0.40
C ARG B 1298 35.83 78.11 -0.05
N MET B 1299 35.29 77.34 -1.01
CA MET B 1299 34.67 76.08 -0.64
C MET B 1299 34.57 75.12 -1.83
N GLU B 1300 34.35 73.84 -1.49
CA GLU B 1300 34.18 72.78 -2.47
C GLU B 1300 33.27 71.69 -1.92
N LEU B 1301 32.21 71.39 -2.67
CA LEU B 1301 31.39 70.21 -2.39
C LEU B 1301 32.10 68.98 -2.95
N MET B 1302 32.22 67.96 -2.10
CA MET B 1302 32.86 66.70 -2.47
C MET B 1302 31.81 65.61 -2.57
N GLY B 1303 32.11 64.60 -3.37
CA GLY B 1303 31.24 63.44 -3.44
C GLY B 1303 30.74 63.11 -4.83
N CYS B 1304 29.47 62.73 -4.99
CA CYS B 1304 28.98 62.36 -6.34
C CYS B 1304 27.48 62.22 -6.68
N ASP B 1305 27.13 61.25 -7.54
CA ASP B 1305 25.77 61.09 -8.05
C ASP B 1305 25.10 59.91 -7.39
N LEU B 1306 23.77 59.93 -7.33
CA LEU B 1306 22.98 58.92 -6.66
C LEU B 1306 23.41 57.48 -6.85
N ASN B 1307 23.80 57.15 -8.05
CA ASN B 1307 24.28 55.81 -8.31
C ASN B 1307 25.77 55.66 -8.10
N SER B 1308 26.44 56.68 -7.59
CA SER B 1308 27.85 56.62 -7.21
C SER B 1308 28.77 56.41 -8.41
N CYS B 1309 28.36 56.86 -9.61
CA CYS B 1309 29.17 56.73 -10.82
C CYS B 1309 29.15 58.04 -11.60
N SER B 1310 30.10 58.93 -11.30
CA SER B 1310 30.35 60.07 -12.20
C SER B 1310 31.67 60.76 -11.88
N MET B 1311 32.63 60.02 -11.39
CA MET B 1311 33.94 60.56 -11.06
C MET B 1311 34.88 60.43 -12.26
N PRO B 1312 35.79 61.37 -12.47
CA PRO B 1312 36.84 61.17 -13.49
C PRO B 1312 37.57 59.86 -13.26
N LEU B 1313 38.08 59.28 -14.34
CA LEU B 1313 38.67 57.96 -14.27
C LEU B 1313 40.19 57.95 -14.22
N GLY B 1314 40.83 59.00 -14.72
CA GLY B 1314 42.28 59.08 -14.67
C GLY B 1314 42.85 59.70 -15.93
N MET B 1315 42.02 60.43 -16.67
CA MET B 1315 42.47 61.11 -17.88
C MET B 1315 43.33 62.31 -17.52
N GLU B 1316 42.73 63.50 -17.48
CA GLU B 1316 43.45 64.68 -17.04
C GLU B 1316 44.16 64.42 -15.71
N SER B 1317 43.43 63.86 -14.75
CA SER B 1317 44.00 63.44 -13.48
C SER B 1317 44.88 62.21 -13.68
N LYS B 1318 46.04 62.39 -14.31
CA LYS B 1318 46.90 61.32 -14.80
C LYS B 1318 46.98 60.14 -13.85
N ALA B 1319 45.89 59.37 -13.75
CA ALA B 1319 45.83 58.10 -13.04
C ALA B 1319 45.67 56.92 -13.99
N ILE B 1320 44.87 57.08 -15.03
CA ILE B 1320 44.95 56.20 -16.21
C ILE B 1320 46.24 56.55 -16.94
N SER B 1321 47.23 55.67 -16.85
CA SER B 1321 48.57 55.91 -17.37
C SER B 1321 48.53 56.20 -18.88
N ASP B 1322 49.67 56.66 -19.40
CA ASP B 1322 49.81 56.82 -20.85
C ASP B 1322 49.80 55.47 -21.54
N ALA B 1323 50.45 54.48 -20.93
CA ALA B 1323 50.44 53.12 -21.47
C ALA B 1323 49.02 52.61 -21.67
N GLN B 1324 48.10 53.02 -20.82
CA GLN B 1324 46.72 52.60 -20.87
C GLN B 1324 45.90 53.33 -21.93
N ILE B 1325 46.53 54.13 -22.80
CA ILE B 1325 45.84 54.94 -23.81
C ILE B 1325 46.65 54.94 -25.10
N THR B 1326 46.17 54.22 -26.11
CA THR B 1326 46.75 54.25 -27.44
C THR B 1326 45.67 54.63 -28.44
N ALA B 1327 46.05 54.78 -29.71
CA ALA B 1327 45.12 55.19 -30.75
C ALA B 1327 45.63 54.67 -32.09
N SER B 1328 44.85 54.93 -33.15
CA SER B 1328 45.20 54.46 -34.48
C SER B 1328 46.54 55.02 -34.92
N SER B 1329 46.65 56.34 -34.98
CA SER B 1329 47.83 57.01 -35.49
C SER B 1329 47.88 58.41 -34.90
N TYR B 1330 49.09 58.92 -34.74
CA TYR B 1330 49.25 60.27 -34.21
C TYR B 1330 50.33 61.02 -34.98
N PHE B 1331 49.97 62.21 -35.47
CA PHE B 1331 50.89 63.02 -36.26
C PHE B 1331 52.03 63.54 -35.41
N THR B 1332 53.26 63.29 -35.87
CA THR B 1332 54.46 63.82 -35.21
C THR B 1332 55.47 64.22 -36.28
N ASN B 1333 55.74 65.52 -36.39
CA ASN B 1333 56.83 66.06 -37.20
C ASN B 1333 58.04 66.29 -36.30
N MET B 1334 59.05 66.97 -36.83
CA MET B 1334 60.30 67.14 -36.08
C MET B 1334 60.16 68.04 -34.85
N PHE B 1335 58.96 68.59 -34.57
CA PHE B 1335 58.81 69.46 -33.42
C PHE B 1335 57.45 69.32 -32.72
N ALA B 1336 56.69 68.26 -33.02
CA ALA B 1336 55.42 68.01 -32.35
C ALA B 1336 55.25 66.51 -32.11
N THR B 1337 54.62 66.14 -30.99
CA THR B 1337 54.31 64.74 -30.65
C THR B 1337 52.89 64.70 -30.10
N TRP B 1338 51.92 64.55 -31.01
CA TRP B 1338 50.50 64.55 -30.65
C TRP B 1338 50.02 63.16 -30.21
N SER B 1339 50.73 62.53 -29.26
CA SER B 1339 50.48 61.14 -28.92
C SER B 1339 49.18 60.99 -28.14
N PRO B 1340 48.54 59.82 -28.20
CA PRO B 1340 47.32 59.61 -27.40
C PRO B 1340 47.58 59.69 -25.92
N SER B 1341 48.83 59.48 -25.50
CA SER B 1341 49.23 59.82 -24.14
C SER B 1341 48.88 61.26 -23.80
N LYS B 1342 49.01 62.15 -24.78
CA LYS B 1342 48.68 63.56 -24.60
C LYS B 1342 47.24 63.89 -24.98
N ALA B 1343 46.35 62.90 -24.98
CA ALA B 1343 44.94 63.13 -25.28
C ALA B 1343 44.09 63.43 -24.06
N ARG B 1344 44.70 63.54 -22.89
CA ARG B 1344 43.98 63.86 -21.66
C ARG B 1344 43.30 65.22 -21.79
N LEU B 1345 42.29 65.43 -20.96
CA LEU B 1345 41.53 66.68 -21.00
C LEU B 1345 42.39 67.83 -20.47
N HIS B 1346 42.08 69.04 -20.94
CA HIS B 1346 42.52 70.28 -20.33
C HIS B 1346 44.04 70.42 -20.37
N LEU B 1347 44.73 69.63 -21.20
CA LEU B 1347 46.18 69.58 -21.17
C LEU B 1347 46.77 70.85 -21.76
N GLN B 1348 48.04 71.08 -21.47
CA GLN B 1348 48.67 72.39 -21.67
C GLN B 1348 50.10 72.23 -22.18
N GLY B 1349 50.46 73.05 -23.16
CA GLY B 1349 51.84 73.16 -23.61
C GLY B 1349 52.07 73.10 -25.11
N ARG B 1350 53.13 72.40 -25.51
CA ARG B 1350 53.41 72.12 -26.92
C ARG B 1350 52.61 70.90 -27.36
N SER B 1351 51.67 71.10 -28.28
CA SER B 1351 50.81 70.04 -28.79
C SER B 1351 50.10 69.32 -27.65
N ASN B 1352 48.98 69.87 -27.19
CA ASN B 1352 48.26 69.36 -26.03
C ASN B 1352 46.92 68.77 -26.50
N ALA B 1353 46.99 67.58 -27.10
CA ALA B 1353 45.84 66.82 -27.56
C ALA B 1353 46.30 65.49 -28.13
N TRP B 1354 45.46 64.85 -28.94
CA TRP B 1354 45.88 63.78 -29.83
C TRP B 1354 45.36 64.13 -31.21
N ARG B 1355 46.22 64.00 -32.23
CA ARG B 1355 45.82 64.31 -33.60
C ARG B 1355 46.41 63.21 -34.46
N PRO B 1356 45.64 62.61 -35.36
CA PRO B 1356 46.21 61.60 -36.26
C PRO B 1356 47.10 62.22 -37.32
N GLN B 1357 47.95 61.37 -37.90
CA GLN B 1357 48.78 61.77 -39.02
C GLN B 1357 47.97 61.91 -40.30
N VAL B 1358 46.80 61.30 -40.38
CA VAL B 1358 45.83 61.56 -41.44
C VAL B 1358 44.46 61.62 -40.79
N ASN B 1359 43.84 62.79 -40.82
CA ASN B 1359 42.48 62.93 -40.35
C ASN B 1359 41.54 62.32 -41.37
N ASN B 1360 41.02 61.14 -41.09
CA ASN B 1360 40.00 60.49 -41.89
C ASN B 1360 38.99 59.85 -40.93
N PRO B 1361 37.81 59.49 -41.41
CA PRO B 1361 36.75 59.02 -40.49
C PRO B 1361 37.05 57.70 -39.80
N LYS B 1362 38.19 57.08 -40.07
CA LYS B 1362 38.49 55.77 -39.52
C LYS B 1362 39.46 55.80 -38.35
N GLU B 1363 39.91 57.00 -37.94
CA GLU B 1363 40.79 57.10 -36.78
C GLU B 1363 40.02 56.85 -35.50
N TRP B 1364 40.75 56.66 -34.40
CA TRP B 1364 40.12 56.28 -33.14
C TRP B 1364 41.12 56.45 -32.01
N LEU B 1365 40.59 56.65 -30.81
CA LEU B 1365 41.39 56.81 -29.60
C LEU B 1365 40.90 55.81 -28.55
N GLN B 1366 41.82 55.00 -28.04
CA GLN B 1366 41.49 53.87 -27.17
C GLN B 1366 42.05 54.11 -25.78
N VAL B 1367 41.23 53.86 -24.77
CA VAL B 1367 41.68 53.79 -23.38
C VAL B 1367 41.55 52.35 -22.91
N ASP B 1368 42.56 51.87 -22.17
CA ASP B 1368 42.54 50.56 -21.51
C ASP B 1368 42.43 50.81 -20.01
N PHE B 1369 41.19 50.77 -19.49
CA PHE B 1369 40.98 50.86 -18.05
C PHE B 1369 41.74 49.75 -17.32
N GLN B 1370 41.93 48.61 -17.98
CA GLN B 1370 42.59 47.41 -17.48
C GLN B 1370 41.62 46.59 -16.63
N LYS B 1371 40.91 47.25 -15.72
CA LYS B 1371 39.79 46.70 -14.98
C LYS B 1371 38.49 47.10 -15.66
N THR B 1372 37.41 46.36 -15.40
CA THR B 1372 36.12 46.70 -15.98
C THR B 1372 35.48 47.85 -15.20
N MET B 1373 35.05 48.87 -15.91
CA MET B 1373 34.45 50.07 -15.34
C MET B 1373 33.07 50.31 -15.91
N LYS B 1374 32.32 51.19 -15.26
CA LYS B 1374 30.97 51.56 -15.68
C LYS B 1374 31.02 53.00 -16.16
N VAL B 1375 31.40 53.18 -17.42
CA VAL B 1375 31.47 54.51 -18.01
C VAL B 1375 30.08 55.07 -18.22
N THR B 1376 29.88 56.34 -17.86
CA THR B 1376 28.56 56.92 -17.94
C THR B 1376 28.54 58.36 -18.45
N GLY B 1377 29.67 59.04 -18.53
CA GLY B 1377 29.74 60.32 -19.21
C GLY B 1377 31.13 60.50 -19.80
N VAL B 1378 31.21 61.28 -20.88
CA VAL B 1378 32.46 61.59 -21.54
C VAL B 1378 32.58 63.10 -21.66
N THR B 1379 33.75 63.64 -21.29
CA THR B 1379 34.06 65.06 -21.43
C THR B 1379 35.04 65.23 -22.58
N THR B 1380 34.60 65.84 -23.67
CA THR B 1380 35.39 65.92 -24.90
C THR B 1380 35.75 67.37 -25.23
N GLN B 1381 36.88 67.55 -25.93
CA GLN B 1381 37.50 68.87 -26.07
C GLN B 1381 38.46 68.92 -27.26
N GLY B 1382 38.64 70.13 -27.81
CA GLY B 1382 39.65 70.41 -28.81
C GLY B 1382 40.78 71.26 -28.26
N VAL B 1383 41.62 71.78 -29.17
CA VAL B 1383 42.80 72.53 -28.72
C VAL B 1383 43.17 73.64 -29.70
N LYS B 1384 43.78 74.71 -29.15
CA LYS B 1384 44.51 75.72 -29.90
C LYS B 1384 45.96 75.28 -30.04
N SER B 1385 46.48 75.31 -31.26
CA SER B 1385 47.90 75.04 -31.49
C SER B 1385 48.32 75.79 -32.75
N LEU B 1386 49.28 76.72 -32.60
CA LEU B 1386 49.75 77.59 -33.67
C LEU B 1386 48.58 78.40 -34.25
N LEU B 1387 48.06 79.27 -33.39
CA LEU B 1387 47.08 80.32 -33.72
C LEU B 1387 45.88 79.80 -34.51
N THR B 1388 45.50 78.54 -34.33
CA THR B 1388 44.37 77.97 -35.07
C THR B 1388 43.57 77.04 -34.17
N SER B 1389 42.41 76.62 -34.68
CA SER B 1389 41.44 75.83 -33.94
C SER B 1389 41.29 74.46 -34.56
N MET B 1390 41.15 73.44 -33.71
CA MET B 1390 40.97 72.08 -34.19
C MET B 1390 40.06 71.36 -33.21
N TYR B 1391 39.16 70.53 -33.73
CA TYR B 1391 38.22 69.80 -32.89
C TYR B 1391 37.50 68.75 -33.74
N VAL B 1392 36.59 68.01 -33.09
CA VAL B 1392 35.84 66.92 -33.70
C VAL B 1392 34.35 67.20 -33.47
N LYS B 1393 33.67 67.75 -34.47
CA LYS B 1393 32.28 68.15 -34.31
C LYS B 1393 31.40 66.96 -33.91
N GLU B 1394 31.55 65.83 -34.59
CA GLU B 1394 30.72 64.65 -34.36
C GLU B 1394 31.60 63.42 -34.22
N PHE B 1395 31.32 62.62 -33.20
CA PHE B 1395 32.04 61.37 -32.98
C PHE B 1395 31.05 60.29 -32.63
N LEU B 1396 31.56 59.08 -32.39
CA LEU B 1396 30.77 58.04 -31.77
C LEU B 1396 31.70 57.13 -30.98
N ILE B 1397 31.11 56.26 -30.17
CA ILE B 1397 31.84 55.46 -29.21
C ILE B 1397 31.63 53.99 -29.53
N SER B 1398 32.71 53.21 -29.45
CA SER B 1398 32.62 51.75 -29.38
C SER B 1398 33.31 51.31 -28.11
N SER B 1399 33.07 50.06 -27.72
CA SER B 1399 33.63 49.54 -26.48
C SER B 1399 34.06 48.10 -26.68
N SER B 1400 34.90 47.60 -25.78
CA SER B 1400 35.43 46.25 -25.92
C SER B 1400 35.79 45.72 -24.54
N GLN B 1401 35.59 44.40 -24.38
CA GLN B 1401 35.96 43.70 -23.17
C GLN B 1401 37.24 42.89 -23.32
N ASP B 1402 37.54 42.42 -24.53
CA ASP B 1402 38.81 41.76 -24.78
C ASP B 1402 39.86 42.69 -25.36
N GLY B 1403 39.49 43.56 -26.29
CA GLY B 1403 40.42 44.53 -26.83
C GLY B 1403 40.47 44.55 -28.35
N HIS B 1404 40.30 43.39 -28.97
CA HIS B 1404 40.37 43.28 -30.42
C HIS B 1404 39.00 43.39 -31.10
N GLN B 1405 37.95 42.90 -30.45
CA GLN B 1405 36.59 42.82 -31.00
C GLN B 1405 35.70 43.84 -30.29
N TRP B 1406 35.03 44.69 -31.09
CA TRP B 1406 34.36 45.89 -30.58
C TRP B 1406 32.93 45.99 -31.07
N THR B 1407 32.09 46.65 -30.27
CA THR B 1407 30.70 46.96 -30.62
C THR B 1407 30.48 48.46 -30.57
N LEU B 1408 29.78 49.00 -31.56
CA LEU B 1408 29.43 50.41 -31.57
C LEU B 1408 28.41 50.72 -30.48
N PHE B 1409 28.22 52.01 -30.22
CA PHE B 1409 27.23 52.47 -29.25
C PHE B 1409 25.89 52.70 -29.94
N PHE B 1410 24.84 52.08 -29.41
CA PHE B 1410 23.51 52.04 -30.03
C PHE B 1410 22.49 52.68 -29.08
N GLN B 1411 22.08 53.90 -29.40
CA GLN B 1411 21.01 54.58 -28.67
C GLN B 1411 19.75 54.52 -29.54
N ASN B 1412 18.80 53.68 -29.13
CA ASN B 1412 17.49 53.57 -29.77
C ASN B 1412 17.61 53.32 -31.26
N GLY B 1413 18.17 52.16 -31.61
CA GLY B 1413 18.19 51.75 -32.99
C GLY B 1413 19.48 52.01 -33.74
N LYS B 1414 19.59 53.17 -34.38
CA LYS B 1414 20.54 53.37 -35.48
C LYS B 1414 21.84 54.05 -35.03
N VAL B 1415 22.48 53.52 -33.98
CA VAL B 1415 23.78 53.99 -33.49
C VAL B 1415 23.70 55.43 -32.99
N LYS B 1416 24.26 55.68 -31.81
CA LYS B 1416 24.34 57.05 -31.32
C LYS B 1416 25.50 57.75 -31.99
N VAL B 1417 25.21 58.89 -32.58
CA VAL B 1417 26.22 59.85 -32.99
C VAL B 1417 26.15 61.00 -32.00
N PHE B 1418 27.29 61.33 -31.41
CA PHE B 1418 27.33 62.23 -30.27
C PHE B 1418 27.67 63.65 -30.71
N GLN B 1419 27.12 64.61 -29.97
CA GLN B 1419 27.55 65.99 -30.10
C GLN B 1419 28.97 66.12 -29.55
N GLY B 1420 29.50 67.34 -29.53
CA GLY B 1420 30.82 67.52 -28.97
C GLY B 1420 31.71 68.51 -29.67
N ASN B 1421 32.30 69.41 -28.90
CA ASN B 1421 33.21 70.46 -29.35
C ASN B 1421 32.51 71.48 -30.26
N GLN B 1422 32.55 72.75 -29.87
CA GLN B 1422 32.22 73.85 -30.77
C GLN B 1422 33.35 74.87 -30.83
N ASP B 1423 34.51 74.60 -30.23
CA ASP B 1423 35.64 75.51 -30.29
C ASP B 1423 36.92 74.73 -30.02
N SER B 1424 37.94 75.41 -29.51
CA SER B 1424 39.21 74.81 -29.18
C SER B 1424 39.55 74.98 -27.71
N PHE B 1425 38.52 75.07 -26.85
CA PHE B 1425 38.75 75.08 -25.41
C PHE B 1425 37.60 74.46 -24.64
N THR B 1426 36.35 74.77 -24.99
CA THR B 1426 35.21 74.37 -24.16
C THR B 1426 35.04 72.85 -24.09
N PRO B 1427 35.16 72.25 -22.92
CA PRO B 1427 34.85 70.81 -22.80
C PRO B 1427 33.36 70.60 -22.60
N VAL B 1428 32.73 69.93 -23.56
CA VAL B 1428 31.33 69.55 -23.48
C VAL B 1428 31.24 68.09 -23.04
N VAL B 1429 30.34 67.83 -22.10
CA VAL B 1429 30.18 66.49 -21.54
C VAL B 1429 29.02 65.82 -22.26
N ASN B 1430 29.31 64.69 -22.91
CA ASN B 1430 28.29 63.80 -23.43
C ASN B 1430 27.85 62.83 -22.35
N SER B 1431 26.54 62.67 -22.20
CA SER B 1431 25.97 61.74 -21.25
C SER B 1431 25.66 60.42 -21.94
N LEU B 1432 25.86 59.31 -21.23
CA LEU B 1432 25.51 57.98 -21.72
C LEU B 1432 24.12 57.64 -21.22
N ASP B 1433 23.10 57.76 -22.09
CA ASP B 1433 21.69 57.56 -21.79
C ASP B 1433 21.41 56.09 -21.53
N PRO B 1434 22.22 55.18 -22.04
CA PRO B 1434 22.52 53.96 -21.31
C PRO B 1434 23.99 53.91 -20.93
N PRO B 1435 24.33 53.85 -19.62
CA PRO B 1435 25.72 53.71 -19.22
C PRO B 1435 26.37 52.47 -19.80
N LEU B 1436 27.66 52.30 -19.58
CA LEU B 1436 28.42 51.30 -20.32
C LEU B 1436 29.21 50.44 -19.34
N LEU B 1437 29.75 49.34 -19.86
CA LEU B 1437 30.75 48.57 -19.14
C LEU B 1437 32.01 48.54 -20.00
N THR B 1438 32.69 47.40 -20.03
CA THR B 1438 33.88 47.17 -20.85
C THR B 1438 35.08 47.92 -20.32
N ARG B 1439 36.27 47.31 -20.45
CA ARG B 1439 37.51 47.96 -20.07
C ARG B 1439 38.21 48.58 -21.27
N TYR B 1440 37.48 48.82 -22.36
CA TYR B 1440 38.06 49.47 -23.54
C TYR B 1440 37.05 50.46 -24.10
N LEU B 1441 37.53 51.66 -24.43
CA LEU B 1441 36.69 52.79 -24.83
C LEU B 1441 37.32 53.52 -26.00
N ARG B 1442 36.48 53.97 -26.95
CA ARG B 1442 36.95 54.61 -28.17
C ARG B 1442 36.04 55.75 -28.60
N ILE B 1443 36.65 56.84 -29.05
CA ILE B 1443 35.96 58.00 -29.64
C ILE B 1443 36.32 58.02 -31.12
N HIS B 1444 35.36 57.68 -31.98
CA HIS B 1444 35.61 57.62 -33.41
C HIS B 1444 35.27 58.96 -34.05
N PRO B 1445 36.24 59.76 -34.49
CA PRO B 1445 35.94 61.10 -35.02
C PRO B 1445 35.26 61.09 -36.39
N GLN B 1446 33.97 61.41 -36.44
CA GLN B 1446 33.22 61.43 -37.70
C GLN B 1446 33.52 62.68 -38.52
N SER B 1447 32.68 63.70 -38.38
CA SER B 1447 32.88 64.96 -39.08
C SER B 1447 33.63 65.93 -38.17
N TRP B 1448 34.70 66.52 -38.70
CA TRP B 1448 35.54 67.45 -37.95
C TRP B 1448 35.59 68.81 -38.66
N VAL B 1449 36.34 69.75 -38.07
CA VAL B 1449 36.56 71.08 -38.62
C VAL B 1449 38.06 71.34 -38.65
N HIS B 1450 38.58 71.66 -39.83
CA HIS B 1450 40.01 71.82 -40.06
C HIS B 1450 40.76 70.50 -39.84
N GLN B 1451 41.24 70.25 -38.62
CA GLN B 1451 41.93 69.02 -38.27
C GLN B 1451 41.21 68.31 -37.12
N ILE B 1452 41.78 67.19 -36.66
CA ILE B 1452 41.21 66.38 -35.59
C ILE B 1452 42.11 66.50 -34.36
N ALA B 1453 41.57 67.07 -33.27
CA ALA B 1453 42.26 67.21 -31.99
C ALA B 1453 41.34 66.78 -30.86
N LEU B 1454 41.89 66.08 -29.86
CA LEU B 1454 41.06 65.42 -28.85
C LEU B 1454 41.67 65.55 -27.46
N ARG B 1455 40.93 66.17 -26.55
CA ARG B 1455 41.19 66.13 -25.11
C ARG B 1455 39.94 65.55 -24.44
N MET B 1456 40.11 64.51 -23.61
CA MET B 1456 38.95 63.77 -23.14
C MET B 1456 39.02 63.51 -21.64
N GLU B 1457 37.84 63.42 -21.03
CA GLU B 1457 37.67 62.91 -19.68
C GLU B 1457 36.54 61.89 -19.65
N VAL B 1458 36.81 60.72 -19.05
CA VAL B 1458 35.83 59.64 -18.95
C VAL B 1458 35.24 59.65 -17.55
N LEU B 1459 33.93 59.72 -17.46
CA LEU B 1459 33.22 59.77 -16.18
C LEU B 1459 32.66 58.39 -15.88
N GLY B 1460 33.46 57.57 -15.20
CA GLY B 1460 33.01 56.24 -14.85
C GLY B 1460 33.00 55.96 -13.36
N CYS B 1461 33.37 54.73 -12.99
CA CYS B 1461 33.37 54.21 -11.63
C CYS B 1461 33.71 52.73 -11.67
N GLU B 1462 33.67 52.06 -10.53
CA GLU B 1462 33.90 50.63 -10.49
C GLU B 1462 32.56 49.90 -10.57
N ALA B 1463 32.60 48.57 -10.59
CA ALA B 1463 31.38 47.74 -10.56
C ALA B 1463 31.67 46.27 -10.26
N GLN B 1464 31.33 45.37 -11.18
CA GLN B 1464 31.68 43.94 -11.18
C GLN B 1464 31.08 43.12 -10.02
C1 NAG C . 12.95 -20.56 -15.73
C2 NAG C . 13.68 -20.78 -17.07
C3 NAG C . 14.76 -21.83 -16.92
C4 NAG C . 15.88 -21.31 -16.03
C5 NAG C . 15.35 -20.42 -14.89
C6 NAG C . 15.61 -18.93 -15.11
C7 NAG C . 12.02 -22.13 -18.45
C8 NAG C . 11.98 -23.22 -17.41
N2 NAG C . 12.80 -21.05 -18.21
O3 NAG C . 15.26 -22.20 -18.21
O4 NAG C . 16.56 -22.43 -15.47
O5 NAG C . 13.95 -20.58 -14.62
O6 NAG C . 15.69 -18.22 -13.88
O7 NAG C . 11.35 -22.21 -19.48
C1 NAG C . 17.83 -22.77 -16.10
C2 NAG C . 17.94 -24.29 -16.08
C3 NAG C . 19.31 -24.71 -16.61
C4 NAG C . 19.53 -24.14 -18.01
C5 NAG C . 19.28 -22.62 -18.01
C6 NAG C . 19.32 -22.02 -19.40
C7 NAG C . 16.86 -25.79 -14.46
C8 NAG C . 16.77 -26.19 -13.02
N2 NAG C . 17.73 -24.81 -14.73
O3 NAG C . 19.39 -26.13 -16.63
O4 NAG C . 20.89 -24.35 -18.39
O5 NAG C . 17.99 -22.30 -17.45
O6 NAG C . 19.02 -20.63 -19.39
O7 NAG C . 16.18 -26.33 -15.32
C1 BMA C . 21.15 -25.34 -19.43
C2 BMA C . 22.57 -25.94 -19.15
C3 BMA C . 22.94 -27.02 -20.19
C4 BMA C . 21.77 -28.03 -20.53
C5 BMA C . 20.39 -27.33 -20.66
C6 BMA C . 19.21 -28.34 -20.77
O2 BMA C . 22.62 -26.56 -17.88
O3 BMA C . 24.06 -27.81 -19.75
O4 BMA C . 22.06 -28.73 -21.74
O5 BMA C . 20.17 -26.40 -19.55
O6 BMA C . 19.41 -29.49 -19.90
C1 MAN C . 25.31 -27.08 -19.70
C2 MAN C . 25.67 -26.54 -21.12
C3 MAN C . 26.08 -27.69 -22.05
C4 MAN C . 27.13 -28.61 -21.38
C5 MAN C . 26.60 -29.10 -20.03
C6 MAN C . 27.57 -30.01 -19.27
O2 MAN C . 26.79 -25.63 -21.10
O3 MAN C . 26.54 -27.19 -23.31
O4 MAN C . 27.42 -29.72 -22.21
O5 MAN C . 26.32 -27.95 -19.20
O6 MAN C . 28.88 -29.81 -19.77
C1 MAN C . 18.45 -29.43 -18.82
C2 MAN C . 19.25 -29.38 -17.43
C3 MAN C . 19.37 -30.75 -16.75
C4 MAN C . 18.03 -31.45 -16.72
C5 MAN C . 17.66 -31.77 -18.15
C6 MAN C . 16.39 -32.60 -18.28
O2 MAN C . 18.57 -28.54 -16.47
O3 MAN C . 19.92 -30.65 -15.44
O4 MAN C . 18.10 -32.64 -15.94
O5 MAN C . 17.45 -30.52 -18.90
O6 MAN C . 16.44 -33.67 -17.34
C1 NAG D . 3.92 -75.88 14.69
C2 NAG D . 3.81 -76.27 13.23
C3 NAG D . 3.37 -77.72 13.08
C4 NAG D . 3.41 -78.51 14.39
C5 NAG D . 4.51 -78.10 15.37
C6 NAG D . 5.81 -78.85 15.17
C7 NAG D . 1.77 -74.88 12.80
C8 NAG D . 1.14 -73.95 11.81
N2 NAG D . 2.98 -75.36 12.45
O3 NAG D . 4.22 -78.34 12.11
O4 NAG D . 2.14 -78.52 15.02
O5 NAG D . 4.83 -76.70 15.32
O6 NAG D . 6.83 -78.38 16.04
O7 NAG D . 1.21 -75.19 13.85
C1 NAG D . 2.20 -79.14 16.34
C2 NAG D . 0.84 -78.94 17.00
C3 NAG D . 0.77 -79.65 18.37
C4 NAG D . 1.66 -80.91 18.50
C5 NAG D . 2.84 -81.00 17.53
C6 NAG D . 3.32 -82.42 17.31
C7 NAG D . -0.65 -77.00 17.34
C8 NAG D . -0.70 -75.51 17.51
N2 NAG D . 0.57 -77.51 17.17
O3 NAG D . -0.57 -80.02 18.63
O4 NAG D . 2.21 -80.95 19.82
O5 NAG D . 2.47 -80.49 16.25
O6 NAG D . 3.18 -83.22 18.47
O7 NAG D . -1.66 -77.69 17.33
C1 BMA D . 2.30 -79.63 20.43
C2 BMA D . 2.38 -79.74 22.01
C3 BMA D . 2.49 -78.32 22.61
C4 BMA D . 3.56 -77.42 21.90
C5 BMA D . 3.36 -77.44 20.35
C6 BMA D . 4.40 -76.61 19.57
O2 BMA D . 3.51 -80.49 22.45
O3 BMA D . 2.71 -78.36 24.04
O4 BMA D . 3.50 -76.09 22.39
O5 BMA D . 3.41 -78.83 19.92
O6 BMA D . 3.75 -75.91 18.49
C1 NAG E . -28.14 -59.85 3.63
C2 NAG E . -27.61 -58.47 3.20
C3 NAG E . -28.57 -57.36 3.68
C4 NAG E . -30.00 -57.66 3.28
C5 NAG E . -30.39 -59.08 3.70
C6 NAG E . -31.75 -59.51 3.25
C7 NAG E . -25.30 -57.61 3.11
C8 NAG E . -25.61 -57.18 1.71
N2 NAG E . -26.29 -58.25 3.76
O3 NAG E . -28.16 -56.09 3.20
O4 NAG E . -30.83 -56.78 4.03
O5 NAG E . -29.45 -60.02 3.16
O6 NAG E . -31.75 -60.88 2.85
O7 NAG E . -24.21 -57.42 3.62
C1 NAG E . -31.47 -55.64 3.35
C2 NAG E . -31.17 -54.44 4.24
C3 NAG E . -32.03 -53.24 3.85
C4 NAG E . -32.36 -53.23 2.36
C5 NAG E . -31.52 -54.17 1.44
C6 NAG E . -30.33 -53.49 0.80
C7 NAG E . -32.30 -55.19 6.40
C8 NAG E . -33.59 -55.45 5.67
N2 NAG E . -31.24 -54.73 5.67
O3 NAG E . -31.42 -52.03 4.24
O4 NAG E . -33.76 -53.43 2.22
O5 NAG E . -31.00 -55.37 2.05
O6 NAG E . -29.33 -54.42 0.41
O7 NAG E . -32.19 -55.39 7.59
C1 BMA E . -34.56 -52.18 2.12
C2 BMA E . -35.44 -51.86 3.42
C3 BMA E . -36.05 -50.40 3.31
C4 BMA E . -35.96 -49.78 1.88
C5 BMA E . -34.52 -49.95 1.23
C6 BMA E . -33.67 -48.67 1.25
O2 BMA E . -34.69 -51.90 4.63
O3 BMA E . -35.43 -49.51 4.23
O4 BMA E . -36.97 -50.28 0.99
O5 BMA E . -33.76 -51.03 1.86
O6 BMA E . -34.54 -47.55 1.11
C1 MAN E . -36.22 -48.99 5.35
C2 MAN E . -35.26 -49.11 6.60
C3 MAN E . -35.99 -49.81 7.76
C4 MAN E . -37.28 -49.04 8.04
C5 MAN E . -38.24 -49.21 6.81
C6 MAN E . -39.07 -47.96 6.51
O2 MAN E . -34.90 -47.82 7.07
O3 MAN E . -35.18 -49.96 8.94
O4 MAN E . -37.90 -49.49 9.26
O5 MAN E . -37.49 -49.63 5.58
O6 MAN E . -40.44 -48.25 6.74
C1 MAN E . -34.31 -46.67 2.24
C2 MAN E . -35.29 -45.47 2.11
C3 MAN E . -35.19 -44.63 3.38
C4 MAN E . -33.73 -44.66 3.95
C5 MAN E . -32.76 -44.87 2.80
C6 MAN E . -31.31 -44.65 3.18
O2 MAN E . -36.65 -45.89 2.01
O3 MAN E . -36.10 -45.08 4.34
O4 MAN E . -33.40 -43.47 4.62
O5 MAN E . -32.94 -46.24 2.32
O6 MAN E . -30.87 -43.44 2.57
C1 NAG F . -14.75 22.38 -7.76
C2 NAG F . -15.41 23.24 -8.79
C3 NAG F . -16.04 24.45 -8.11
C4 NAG F . -17.01 23.98 -7.03
C5 NAG F . -16.33 23.00 -6.08
C6 NAG F . -17.27 22.36 -5.07
C7 NAG F . -14.69 23.58 -11.13
C8 NAG F . -16.04 23.07 -11.53
N2 NAG F . -14.45 23.65 -9.82
O3 NAG F . -16.71 25.25 -9.09
O4 NAG F . -17.50 25.07 -6.27
O5 NAG F . -15.73 21.93 -6.83
O6 NAG F . -18.21 21.49 -5.68
O7 NAG F . -13.85 23.91 -11.96
C1 NAG F . -18.88 25.30 -6.65
C2 NAG F . -19.79 25.39 -5.42
C3 NAG F . -20.98 26.32 -5.68
C4 NAG F . -21.35 26.41 -7.17
C5 NAG F . -20.14 26.65 -8.07
C6 NAG F . -20.12 28.02 -8.71
C7 NAG F . -20.34 23.67 -3.72
C8 NAG F . -20.83 22.28 -3.50
N2 NAG F . -20.25 24.06 -5.00
O3 NAG F . -20.69 27.61 -5.16
O4 NAG F . -22.05 25.24 -7.61
O5 NAG F . -18.92 26.51 -7.34
O6 NAG F . -18.90 28.27 -9.39
O7 NAG F . -20.04 24.41 -2.80
C1 BMA F . -22.77 25.52 -8.84
C2 BMA F . -24.03 24.65 -8.97
C3 BMA F . -24.59 24.88 -10.42
C4 BMA F . -24.73 26.36 -10.83
C5 BMA F . -23.87 27.38 -10.01
C6 BMA F . -24.73 28.46 -9.47
O2 BMA F . -24.98 25.09 -8.01
O3 BMA F . -25.82 24.16 -10.83
O4 BMA F . -24.45 26.49 -12.24
O5 BMA F . -23.19 26.86 -8.84
O6 BMA F . -23.92 29.22 -8.60
C1 MAN F . -26.96 24.10 -9.91
C2 MAN F . -27.45 22.69 -10.10
C3 MAN F . -28.66 22.58 -11.07
C4 MAN F . -29.64 23.73 -11.26
C5 MAN F . -29.45 24.70 -10.23
C6 MAN F . -30.07 24.24 -8.89
O2 MAN F . -27.88 22.18 -8.86
O3 MAN F . -29.48 21.50 -10.64
O4 MAN F . -29.59 24.32 -12.59
O5 MAN F . -28.02 25.09 -10.11
O6 MAN F . -31.24 24.97 -8.66
C1 MAN F . -23.49 30.38 -9.33
C2 MAN F . -23.68 31.59 -8.38
C3 MAN F . -24.25 32.79 -9.13
C4 MAN F . -23.77 32.81 -10.57
C5 MAN F . -24.43 31.62 -11.29
C6 MAN F . -23.90 31.36 -12.69
O2 MAN F . -22.43 32.03 -7.81
O3 MAN F . -23.93 34.02 -8.47
O4 MAN F . -24.18 34.01 -11.19
O5 MAN F . -24.25 30.40 -10.55
O6 MAN F . -24.30 32.41 -13.52
C1 NAG G . 0.54 69.68 30.34
C2 NAG G . 1.48 69.48 29.13
C3 NAG G . 1.05 70.36 27.94
C4 NAG G . -0.42 70.16 27.63
C5 NAG G . -1.23 70.44 28.89
C6 NAG G . -2.73 70.29 28.74
C7 NAG G . 3.56 70.83 29.52
C8 NAG G . 5.01 70.73 29.88
N2 NAG G . 2.89 69.66 29.45
O3 NAG G . 1.85 70.03 26.80
O4 NAG G . -0.85 70.92 26.50
O5 NAG G . -0.83 69.53 29.92
O6 NAG G . -3.36 70.54 29.99
O7 NAG G . 3.02 71.91 29.32
C1 NAG G . -0.72 72.37 26.51
C2 NAG G . -0.18 72.88 25.15
C3 NAG G . -0.19 74.41 25.07
C4 NAG G . -1.56 74.96 25.45
C5 NAG G . -2.00 74.39 26.80
C6 NAG G . -3.38 74.82 27.21
C7 NAG G . 2.33 72.49 25.35
C8 NAG G . 2.39 73.32 26.61
N2 NAG G . 1.13 72.32 24.77
O3 NAG G . 0.18 74.79 23.75
O4 NAG G . -1.54 76.39 25.58
O5 NAG G . -1.99 72.97 26.77
O6 NAG G . -4.15 73.74 27.73
O7 NAG G . 3.34 71.97 24.89
C1 BMA G . -1.50 77.17 24.35
C2 BMA G . -2.48 78.39 24.37
C3 BMA G . -2.27 79.23 23.07
C4 BMA G . -0.78 79.63 22.93
C5 BMA G . 0.09 78.37 22.92
C6 BMA G . 1.59 78.68 22.83
O2 BMA G . -2.26 79.23 25.50
O3 BMA G . -3.14 80.38 22.97
O4 BMA G . -0.56 80.36 21.72
O5 BMA G . -0.15 77.63 24.14
O6 BMA G . 2.23 77.59 22.15
C1 MAN G . 2.77 78.08 20.92
C2 MAN G . 2.15 77.22 19.84
C3 MAN G . 2.71 75.81 19.89
C4 MAN G . 4.30 75.83 19.87
C5 MAN G . 4.77 76.67 21.04
C6 MAN G . 6.28 76.88 21.08
O2 MAN G . 2.48 77.72 18.54
O3 MAN G . 2.13 74.97 18.87
O4 MAN G . 4.85 74.58 20.09
O5 MAN G . 4.18 77.96 20.93
O6 MAN G . 6.92 75.67 21.52
C1 NAG G . 5.80 74.18 19.06
C2 NAG G . 4.88 73.42 18.12
C3 NAG G . 5.71 72.77 16.99
C4 NAG G . 6.60 73.83 16.34
C5 NAG G . 7.42 74.55 17.42
C6 NAG G . 8.35 75.62 16.91
C7 NAG G . 2.94 71.96 18.80
C8 NAG G . 2.42 71.14 19.95
N2 NAG G . 4.17 72.45 18.96
O3 NAG G . 4.90 72.19 15.95
O4 NAG G . 7.44 73.30 15.33
O5 NAG G . 6.50 75.18 18.32
O6 NAG G . 7.67 76.61 16.14
O7 NAG G . 2.33 72.05 17.74
C1 MAN G . -3.72 80.53 21.63
C2 MAN G . -5.24 80.89 21.82
C3 MAN G . -6.08 80.61 20.58
C4 MAN G . -5.23 80.33 19.34
C5 MAN G . -4.31 79.12 19.63
C6 MAN G . -3.37 78.81 18.46
O2 MAN G . -5.39 82.28 22.08
O3 MAN G . -6.95 81.70 20.31
O4 MAN G . -6.08 80.01 18.26
O5 MAN G . -3.49 79.35 20.82
O6 MAN G . -2.23 78.10 18.96
C1 FUC G . -2.98 71.86 30.52
C2 FUC G . -4.20 72.51 31.23
C3 FUC G . -3.78 73.65 32.19
C4 FUC G . -2.34 74.21 31.92
C5 FUC G . -1.30 73.06 31.78
C6 FUC G . -0.24 73.36 30.71
O2 FUC G . -5.00 71.56 31.91
O3 FUC G . -4.68 74.74 32.09
O4 FUC G . -2.32 75.05 30.77
O5 FUC G . -1.91 71.79 31.46
C1 NAG H . 27.99 57.98 13.08
C2 NAG H . 28.12 56.93 11.97
C3 NAG H . 29.35 56.07 12.18
C4 NAG H . 30.60 56.92 12.38
C5 NAG H . 30.31 57.96 13.46
C6 NAG H . 31.44 58.93 13.70
C7 NAG H . 26.50 55.29 12.84
C8 NAG H . 25.29 54.48 12.50
N2 NAG H . 26.93 56.09 11.86
O3 NAG H . 29.48 55.21 11.05
O4 NAG H . 31.68 56.14 12.89
O5 NAG H . 29.16 58.74 13.14
O6 NAG H . 30.93 60.04 14.42
O7 NAG H . 27.04 55.24 13.93
C1 NAG H . 32.22 54.94 12.28
C2 NAG H . 32.51 54.02 13.47
C3 NAG H . 33.13 52.70 13.01
C4 NAG H . 32.34 52.06 11.87
C5 NAG H . 32.03 53.06 10.76
C6 NAG H . 31.10 52.50 9.71
C7 NAG H . 33.00 55.47 15.42
C8 NAG H . 34.09 56.00 16.33
N2 NAG H . 33.40 54.65 14.44
O3 NAG H . 33.18 51.83 14.13
O4 NAG H . 33.05 50.94 11.33
O5 NAG H . 31.39 54.22 11.31
O6 NAG H . 30.50 53.51 8.91
O7 NAG H . 31.83 55.77 15.58
C1 BMA H . 34.48 50.89 11.63
C2 BMA H . 34.74 49.74 12.62
C3 BMA H . 36.19 49.69 13.00
C4 BMA H . 37.07 49.58 11.74
C5 BMA H . 36.69 50.61 10.63
C6 BMA H . 37.21 50.17 9.30
O2 BMA H . 34.45 48.51 12.01
O3 BMA H . 36.37 48.53 13.75
O4 BMA H . 38.46 49.70 12.08
O5 BMA H . 35.24 50.69 10.47
O6 BMA H . 36.51 48.97 8.99
C1 MAN H . 36.86 48.78 15.07
C2 MAN H . 38.25 48.18 15.04
C3 MAN H . 38.10 46.72 14.64
C4 MAN H . 37.23 46.00 15.70
C5 MAN H . 35.86 46.71 15.78
C6 MAN H . 34.93 46.13 16.84
O2 MAN H . 38.86 48.15 16.35
O3 MAN H . 39.38 46.08 14.43
O4 MAN H . 37.05 44.62 15.40
O5 MAN H . 36.06 48.15 16.03
O6 MAN H . 34.74 44.75 16.53
C1 MAN H . 39.92 49.13 16.49
C2 MAN H . 40.73 49.29 15.13
C3 MAN H . 41.66 48.10 14.89
C4 MAN H . 42.52 47.80 16.14
C5 MAN H . 41.57 47.59 17.38
C6 MAN H . 42.30 47.32 18.70
O2 MAN H . 41.56 50.47 15.11
O3 MAN H . 42.45 48.25 13.69
O4 MAN H . 43.30 46.64 15.93
O5 MAN H . 40.77 48.77 17.59
O6 MAN H . 42.28 45.90 18.94
C1 MAN H . 35.99 48.98 7.63
C2 MAN H . 34.63 48.19 7.59
C3 MAN H . 34.85 46.71 7.95
C4 MAN H . 35.98 46.10 7.09
C5 MAN H . 37.29 47.02 7.10
C6 MAN H . 38.40 46.60 6.14
O2 MAN H . 34.01 48.21 6.29
O3 MAN H . 33.65 45.94 7.83
O4 MAN H . 36.27 44.79 7.58
O5 MAN H . 36.93 48.39 6.78
O6 MAN H . 39.29 47.72 5.95
CA CA I . -19.07 -44.02 -22.39
ZN ZN J . 6.62 -27.41 -6.93
CU CU1 K . -1.94 -43.33 -7.56
CA CA L . 14.98 48.96 -13.81
ZN ZN M . -6.83 28.00 1.68
CU CU1 N . 1.05 43.83 3.11
#